data_8XJ6
#
_entry.id   8XJ6
#
_cell.length_a   1.00
_cell.length_b   1.00
_cell.length_c   1.00
_cell.angle_alpha   90.00
_cell.angle_beta   90.00
_cell.angle_gamma   90.00
#
_symmetry.space_group_name_H-M   'P 1'
#
loop_
_entity.id
_entity.type
_entity.pdbx_description
1 polymer 'Monkeypox virus E5'
2 non-polymer 'PHOSPHOAMINOPHOSPHONIC ACID-ADENYLATE ESTER'
3 non-polymer 'AMP PHOSPHORAMIDATE'
4 non-polymer 'ZINC ION'
#
_entity_poly.entity_id   1
_entity_poly.type   'polypeptide(L)'
_entity_poly.pdbx_seq_one_letter_code
;MDAAIRGNDVIFVLKTIGVPSACRQNEDPRFVEAFKCDELERYIDNNPECTLFESLRDEEAYSIVRIFMDVDLDACLDEI
DYLTAIQDFIIEVSNCVARFAFTECGAIHENVIKSMRSNFSLTKSTNRDKTSFHIIFLDTYTTMDTLIAMKRTLLELSRS
SENPLTRSIDTAVYRRKTTLRVVGTRKNPNCDTIHVMQPPHDNIEDYLFTYVDMNNNSYYFSLQRRLEDLVPDKLWEPGF
ISFEDAIKRVSKIFINSIINFNDLDENNFTTVPLVIDYVTPCALCKKRSHKHPHQLSLENGAIRIYKTGNPHSCKVKIVP
LDGNKLFNIAQRILDTNSVLLTERGDHIVWINNSWKFNSEEPLITKLILSIRHQLPKEYSSELLCPRKRKTVEANIRDML
VDSVETDTYPDKLPFKNGVLDLVDGMFYSGDDAKKYTCTVSTGFKFDDTKFVEDSPEMEELMNIINDIQPLTDENKKNRE
LYEKTLSSCLCGATKGCLTFFFGETATGKSTTKRLLKSAIGDLFVETGQTILTDVLDKGPNPFIANMHLKRSVFCSELPD
FACSGSKKIRSDNIKKLTEPCVIGRPCFSNKINNRNHATIIIDTNYKPVFDRIDNALMRRIAVVRFRTHFSQPSGREAAE
NNDAYDKVKLLDEGLDGKIQNNRYRFAFLYLLVKWYKKYHIPIMKLYPTPEEIPDFAFYLKIGTLLVSSSVKHIPLMTDL
SKKGYILYDNVVTLPLTTFQQKISKYFNSRLFGHDIESFINRHKKFANVSDEYLQYIFIEDISSP
;
_entity_poly.pdbx_strand_id   A,B,C,D,E,F
#
# COMPACT_ATOMS: atom_id res chain seq x y z
N ASN A 324 21.91 -32.54 3.48
CA ASN A 324 21.43 -31.88 2.27
C ASN A 324 22.61 -31.43 1.42
N LYS A 325 22.47 -31.58 0.10
CA LYS A 325 23.55 -31.23 -0.81
C LYS A 325 23.82 -29.74 -0.86
N LEU A 326 22.78 -28.92 -0.93
CA LEU A 326 22.93 -27.48 -1.04
C LEU A 326 23.30 -26.80 0.26
N PHE A 327 22.95 -27.38 1.41
CA PHE A 327 23.37 -26.79 2.68
C PHE A 327 24.87 -26.89 2.88
N ASN A 328 25.51 -27.98 2.46
CA ASN A 328 26.96 -28.05 2.56
C ASN A 328 27.62 -26.97 1.71
N ILE A 329 27.07 -26.70 0.52
CA ILE A 329 27.61 -25.62 -0.31
C ILE A 329 27.40 -24.27 0.36
N ALA A 330 26.21 -24.03 0.90
CA ALA A 330 25.92 -22.78 1.59
C ALA A 330 26.72 -22.64 2.87
N GLN A 331 27.29 -23.73 3.37
CA GLN A 331 28.20 -23.70 4.50
C GLN A 331 29.64 -23.45 4.10
N ARG A 332 30.12 -24.10 3.04
CA ARG A 332 31.48 -23.87 2.59
C ARG A 332 31.66 -22.48 2.01
N ILE A 333 30.64 -21.95 1.34
CA ILE A 333 30.72 -20.57 0.88
C ILE A 333 30.85 -19.61 2.05
N LEU A 334 30.08 -19.87 3.11
CA LEU A 334 30.12 -19.00 4.28
C LEU A 334 31.39 -19.19 5.10
N ASP A 335 32.07 -20.32 4.96
CA ASP A 335 33.31 -20.55 5.69
C ASP A 335 34.41 -19.61 5.25
N THR A 336 34.34 -19.10 4.01
CA THR A 336 35.38 -18.21 3.50
C THR A 336 35.18 -16.76 3.91
N ASN A 337 34.09 -16.46 4.62
CA ASN A 337 33.77 -15.09 5.05
C ASN A 337 33.70 -14.15 3.84
N SER A 338 33.18 -14.66 2.73
CA SER A 338 33.03 -13.84 1.54
C SER A 338 31.85 -12.88 1.62
N VAL A 339 30.80 -13.23 2.35
CA VAL A 339 29.60 -12.41 2.46
C VAL A 339 29.37 -12.09 3.92
N LEU A 340 29.04 -10.82 4.19
CA LEU A 340 28.84 -10.35 5.55
C LEU A 340 27.60 -9.48 5.63
N LEU A 341 27.05 -9.36 6.83
CA LEU A 341 25.86 -8.57 7.09
C LEU A 341 26.26 -7.27 7.77
N THR A 342 25.85 -6.14 7.18
CA THR A 342 26.10 -4.84 7.77
C THR A 342 25.11 -4.56 8.89
N GLU A 343 25.43 -3.55 9.71
CA GLU A 343 24.54 -3.16 10.78
C GLU A 343 23.22 -2.65 10.25
N ARG A 344 23.24 -1.92 9.13
CA ARG A 344 22.01 -1.37 8.59
C ARG A 344 21.04 -2.46 8.14
N GLY A 345 21.55 -3.55 7.61
CA GLY A 345 20.69 -4.64 7.18
C GLY A 345 20.88 -5.05 5.73
N ASP A 346 22.01 -4.65 5.14
CA ASP A 346 22.35 -5.03 3.78
C ASP A 346 23.63 -5.87 3.83
N HIS A 347 23.82 -6.68 2.80
CA HIS A 347 24.96 -7.61 2.82
C HIS A 347 26.06 -7.20 1.86
N ILE A 348 27.28 -7.16 2.32
CA ILE A 348 28.48 -6.88 1.54
C ILE A 348 29.05 -8.19 1.05
N VAL A 349 29.60 -8.18 -0.16
CA VAL A 349 30.14 -9.40 -0.76
C VAL A 349 31.51 -9.12 -1.34
N TRP A 350 32.43 -10.07 -1.15
CA TRP A 350 33.81 -9.92 -1.61
C TRP A 350 33.91 -10.47 -3.03
N ILE A 351 33.59 -9.62 -3.99
CA ILE A 351 33.62 -9.96 -5.41
C ILE A 351 34.73 -9.16 -6.08
N ASN A 352 35.58 -9.83 -6.84
CA ASN A 352 36.60 -9.18 -7.67
C ASN A 352 37.49 -8.27 -6.84
N ASN A 353 37.90 -8.75 -5.67
CA ASN A 353 38.85 -8.05 -4.81
C ASN A 353 38.36 -6.65 -4.44
N SER A 354 37.08 -6.55 -4.08
CA SER A 354 36.52 -5.29 -3.62
C SER A 354 35.21 -5.58 -2.90
N TRP A 355 35.03 -5.02 -1.71
CA TRP A 355 33.86 -5.32 -0.89
C TRP A 355 32.65 -4.62 -1.49
N LYS A 356 32.05 -5.26 -2.47
CA LYS A 356 30.93 -4.66 -3.16
C LYS A 356 29.68 -4.65 -2.27
N PHE A 357 28.81 -3.69 -2.56
CA PHE A 357 27.70 -3.33 -1.68
C PHE A 357 26.59 -2.75 -2.55
N ASN A 358 25.42 -3.40 -2.55
CA ASN A 358 24.30 -2.85 -3.29
C ASN A 358 23.01 -3.45 -2.75
N SER A 359 21.91 -2.71 -2.92
CA SER A 359 20.61 -3.13 -2.46
C SER A 359 19.57 -3.27 -3.57
N GLU A 360 19.67 -2.50 -4.64
CA GLU A 360 18.69 -2.60 -5.72
C GLU A 360 18.77 -3.96 -6.41
N GLU A 361 19.99 -4.45 -6.63
CA GLU A 361 20.21 -5.78 -7.20
C GLU A 361 21.13 -6.59 -6.28
N PRO A 362 20.68 -7.73 -5.79
CA PRO A 362 21.53 -8.54 -4.90
C PRO A 362 22.74 -9.09 -5.62
N LEU A 363 23.83 -9.30 -4.88
CA LEU A 363 25.07 -9.81 -5.43
C LEU A 363 25.47 -11.16 -4.88
N ILE A 364 24.73 -11.73 -3.93
CA ILE A 364 25.11 -13.04 -3.39
C ILE A 364 25.09 -14.09 -4.50
N THR A 365 24.14 -13.98 -5.42
CA THR A 365 24.07 -14.93 -6.53
C THR A 365 25.32 -14.83 -7.40
N LYS A 366 25.81 -13.62 -7.65
CA LYS A 366 27.04 -13.48 -8.41
C LYS A 366 28.21 -14.14 -7.71
N LEU A 367 28.31 -13.98 -6.39
CA LEU A 367 29.40 -14.62 -5.65
C LEU A 367 29.29 -16.14 -5.74
N ILE A 368 28.08 -16.68 -5.58
CA ILE A 368 27.89 -18.12 -5.62
C ILE A 368 28.29 -18.66 -6.99
N LEU A 369 27.88 -17.96 -8.05
CA LEU A 369 28.28 -18.40 -9.38
C LEU A 369 29.78 -18.22 -9.62
N SER A 370 30.39 -17.24 -8.96
CA SER A 370 31.79 -16.94 -9.23
C SER A 370 32.76 -17.77 -8.41
N ILE A 371 32.29 -18.54 -7.42
CA ILE A 371 33.22 -19.37 -6.66
C ILE A 371 32.93 -20.85 -6.86
N ARG A 372 32.46 -21.22 -8.05
CA ARG A 372 32.30 -22.64 -8.36
C ARG A 372 33.62 -23.38 -8.32
N HIS A 373 34.71 -22.72 -8.72
CA HIS A 373 35.98 -23.41 -8.91
C HIS A 373 36.59 -23.84 -7.59
N GLN A 374 36.43 -23.03 -6.54
CA GLN A 374 37.01 -23.39 -5.25
C GLN A 374 36.30 -24.59 -4.63
N LEU A 375 35.05 -24.82 -4.98
CA LEU A 375 34.31 -25.95 -4.47
C LEU A 375 34.70 -27.23 -5.22
N PRO A 376 34.46 -28.40 -4.61
CA PRO A 376 34.71 -29.65 -5.33
C PRO A 376 33.85 -29.76 -6.58
N LYS A 377 34.23 -30.69 -7.45
CA LYS A 377 33.59 -30.79 -8.75
C LYS A 377 32.12 -31.14 -8.63
N GLU A 378 31.78 -32.04 -7.72
CA GLU A 378 30.39 -32.45 -7.55
C GLU A 378 29.52 -31.27 -7.12
N TYR A 379 30.04 -30.43 -6.21
CA TYR A 379 29.31 -29.23 -5.85
C TYR A 379 29.31 -28.21 -6.98
N SER A 380 30.43 -28.08 -7.70
CA SER A 380 30.52 -27.05 -8.73
C SER A 380 29.53 -27.29 -9.85
N SER A 381 29.35 -28.54 -10.25
CA SER A 381 28.47 -28.83 -11.39
C SER A 381 27.01 -28.52 -11.09
N GLU A 382 26.65 -28.27 -9.83
CA GLU A 382 25.27 -28.01 -9.46
C GLU A 382 24.94 -26.52 -9.37
N LEU A 383 25.96 -25.66 -9.24
CA LEU A 383 25.71 -24.22 -9.16
C LEU A 383 25.57 -23.62 -10.55
N LEU A 384 24.70 -24.19 -11.37
CA LEU A 384 24.45 -23.66 -12.70
C LEU A 384 22.97 -23.43 -12.96
N CYS A 385 22.09 -23.95 -12.11
CA CYS A 385 20.66 -23.77 -12.28
C CYS A 385 20.21 -22.62 -11.39
N PRO A 386 19.66 -21.54 -11.94
CA PRO A 386 19.29 -20.41 -11.11
C PRO A 386 18.29 -20.74 -10.02
N ARG A 387 17.50 -21.80 -10.19
CA ARG A 387 16.68 -22.27 -9.08
C ARG A 387 17.50 -22.85 -7.95
N LYS A 388 18.79 -23.13 -8.19
CA LYS A 388 19.64 -23.74 -7.19
C LYS A 388 20.67 -22.78 -6.61
N ARG A 389 20.89 -21.61 -7.22
CA ARG A 389 21.65 -20.56 -6.59
C ARG A 389 20.76 -19.57 -5.86
N LYS A 390 19.45 -19.81 -5.87
CA LYS A 390 18.52 -19.04 -5.05
C LYS A 390 18.05 -19.80 -3.82
N THR A 391 18.31 -21.10 -3.76
CA THR A 391 18.15 -21.87 -2.54
C THR A 391 19.47 -22.10 -1.83
N VAL A 392 20.57 -21.59 -2.37
CA VAL A 392 21.83 -21.54 -1.66
C VAL A 392 22.02 -20.17 -1.00
N GLU A 393 21.68 -19.09 -1.70
CA GLU A 393 21.76 -17.77 -1.07
C GLU A 393 20.63 -17.57 -0.06
N ALA A 394 19.51 -18.27 -0.22
CA ALA A 394 18.50 -18.27 0.82
C ALA A 394 18.94 -19.00 2.06
N ASN A 395 19.80 -20.01 1.91
CA ASN A 395 20.43 -20.68 3.04
C ASN A 395 21.59 -19.89 3.62
N ILE A 396 22.16 -18.95 2.87
CA ILE A 396 23.23 -18.11 3.38
C ILE A 396 22.67 -16.94 4.19
N ARG A 397 21.66 -16.26 3.67
CA ARG A 397 21.10 -15.14 4.40
C ARG A 397 20.27 -15.58 5.60
N ASP A 398 20.14 -16.88 5.84
CA ASP A 398 19.58 -17.40 7.07
C ASP A 398 20.63 -17.87 8.06
N MET A 399 21.91 -17.77 7.71
CA MET A 399 22.99 -18.06 8.63
C MET A 399 23.68 -16.81 9.16
N LEU A 400 23.62 -15.70 8.41
CA LEU A 400 24.28 -14.46 8.80
C LEU A 400 23.35 -13.70 9.73
N VAL A 401 23.61 -13.80 11.02
CA VAL A 401 22.73 -13.18 12.01
C VAL A 401 23.41 -11.98 12.64
N ASP A 402 24.72 -12.07 12.85
CA ASP A 402 25.44 -11.01 13.54
C ASP A 402 25.95 -9.95 12.56
N SER A 403 25.93 -8.70 13.01
CA SER A 403 26.47 -7.59 12.23
C SER A 403 27.99 -7.57 12.33
N VAL A 404 28.63 -7.04 11.30
CA VAL A 404 30.08 -7.12 11.19
C VAL A 404 30.69 -5.72 11.27
N GLU A 405 29.85 -4.69 11.26
CA GLU A 405 30.20 -3.26 11.24
C GLU A 405 31.32 -2.87 10.27
N THR A 406 31.08 -1.81 9.49
CA THR A 406 31.96 -1.44 8.39
C THR A 406 32.58 -0.08 8.63
N ASP A 407 33.77 0.11 8.07
CA ASP A 407 34.45 1.41 8.02
C ASP A 407 34.69 1.98 9.41
N THR A 408 35.52 1.27 10.19
CA THR A 408 35.98 1.76 11.47
C THR A 408 37.51 1.76 11.60
N TYR A 409 38.24 1.63 10.50
CA TYR A 409 39.68 1.81 10.54
C TYR A 409 40.00 3.14 9.86
N PRO A 410 40.27 4.21 10.61
CA PRO A 410 40.47 5.52 9.99
C PRO A 410 41.86 5.72 9.40
N ASP A 411 42.79 4.80 9.64
CA ASP A 411 44.17 4.93 9.18
C ASP A 411 44.47 4.06 7.97
N LYS A 412 43.49 3.83 7.11
CA LYS A 412 43.65 3.02 5.91
C LYS A 412 43.05 3.75 4.72
N LEU A 413 43.71 3.66 3.57
CA LEU A 413 43.23 4.28 2.35
C LEU A 413 42.74 3.20 1.40
N PRO A 414 41.45 3.05 1.18
CA PRO A 414 40.96 1.98 0.32
C PRO A 414 40.92 2.35 -1.16
N PHE A 415 41.68 1.63 -1.97
CA PHE A 415 41.73 1.85 -3.40
C PHE A 415 40.83 0.83 -4.10
N LYS A 416 40.87 0.83 -5.44
CA LYS A 416 40.13 -0.13 -6.24
C LYS A 416 40.78 -1.50 -6.32
N ASN A 417 42.08 -1.60 -6.01
CA ASN A 417 42.78 -2.87 -6.08
C ASN A 417 43.47 -3.20 -4.77
N GLY A 418 42.99 -2.62 -3.67
CA GLY A 418 43.53 -2.96 -2.37
C GLY A 418 43.41 -1.79 -1.41
N VAL A 419 44.07 -1.96 -0.26
CA VAL A 419 44.05 -0.98 0.82
C VAL A 419 45.48 -0.63 1.17
N LEU A 420 45.78 0.66 1.26
CA LEU A 420 47.10 1.16 1.61
C LEU A 420 47.12 1.51 3.09
N ASP A 421 48.14 1.03 3.79
CA ASP A 421 48.33 1.39 5.19
C ASP A 421 48.91 2.80 5.28
N LEU A 422 48.48 3.54 6.30
CA LEU A 422 48.95 4.91 6.46
C LEU A 422 50.04 5.04 7.52
N VAL A 423 49.94 4.28 8.62
CA VAL A 423 51.00 4.29 9.62
C VAL A 423 52.30 3.77 9.01
N ASP A 424 52.21 2.71 8.22
CA ASP A 424 53.33 2.21 7.44
C ASP A 424 53.14 2.64 5.98
N GLY A 425 54.02 2.16 5.11
CA GLY A 425 53.86 2.42 3.69
C GLY A 425 53.41 1.17 2.94
N MET A 426 52.81 0.23 3.67
CA MET A 426 52.43 -1.05 3.09
C MET A 426 51.12 -0.95 2.34
N PHE A 427 51.08 -1.51 1.14
CA PHE A 427 49.87 -1.61 0.35
C PHE A 427 49.46 -3.08 0.25
N TYR A 428 48.21 -3.36 0.57
CA TYR A 428 47.69 -4.72 0.58
C TYR A 428 46.75 -4.91 -0.61
N SER A 429 46.93 -6.00 -1.33
CA SER A 429 46.12 -6.31 -2.52
C SER A 429 45.84 -7.81 -2.49
N GLY A 430 44.62 -8.18 -2.09
CA GLY A 430 44.23 -9.57 -2.01
C GLY A 430 43.40 -9.86 -0.78
N ASP A 431 43.54 -11.05 -0.21
CA ASP A 431 42.84 -11.37 1.02
C ASP A 431 43.31 -10.55 2.20
N ASP A 432 44.48 -9.91 2.11
CA ASP A 432 44.86 -8.95 3.14
C ASP A 432 44.01 -7.69 3.06
N ALA A 433 43.50 -7.37 1.88
CA ALA A 433 42.63 -6.21 1.72
C ALA A 433 41.21 -6.46 2.18
N LYS A 434 40.79 -7.72 2.31
CA LYS A 434 39.41 -7.98 2.72
C LYS A 434 39.25 -7.91 4.24
N LYS A 435 40.36 -7.90 4.98
CA LYS A 435 40.26 -7.82 6.44
C LYS A 435 39.62 -6.51 6.87
N TYR A 436 40.00 -5.41 6.22
CA TYR A 436 39.49 -4.09 6.56
C TYR A 436 38.19 -3.87 5.78
N THR A 437 37.08 -3.81 6.50
CA THR A 437 35.76 -3.71 5.88
C THR A 437 35.56 -2.29 5.35
N CYS A 438 36.06 -2.07 4.13
CA CYS A 438 35.97 -0.77 3.46
C CYS A 438 35.04 -0.88 2.27
N THR A 439 33.89 -0.22 2.35
CA THR A 439 32.92 -0.24 1.26
C THR A 439 33.04 0.97 0.34
N VAL A 440 33.98 1.87 0.60
CA VAL A 440 34.17 3.06 -0.24
C VAL A 440 35.60 3.03 -0.76
N SER A 441 35.78 3.58 -1.96
CA SER A 441 37.03 3.45 -2.68
C SER A 441 37.41 4.79 -3.29
N THR A 442 38.71 4.98 -3.52
CA THR A 442 39.17 6.21 -4.17
C THR A 442 38.68 6.29 -5.60
N GLY A 443 38.56 5.16 -6.29
CA GLY A 443 38.02 5.12 -7.63
C GLY A 443 39.02 4.86 -8.73
N PHE A 444 40.30 4.69 -8.41
CA PHE A 444 41.31 4.44 -9.42
C PHE A 444 42.30 3.38 -8.95
N LYS A 445 42.93 2.72 -9.91
CA LYS A 445 43.94 1.71 -9.61
C LYS A 445 45.12 2.35 -8.89
N PHE A 446 45.62 1.67 -7.87
CA PHE A 446 46.88 2.08 -7.26
C PHE A 446 48.04 1.48 -8.03
N ASP A 447 49.09 2.28 -8.25
CA ASP A 447 50.30 1.84 -8.91
C ASP A 447 51.50 2.11 -8.01
N ASP A 448 52.28 1.06 -7.72
CA ASP A 448 53.49 1.21 -6.94
C ASP A 448 54.64 1.80 -7.74
N THR A 449 54.55 1.82 -9.07
CA THR A 449 55.62 2.34 -9.90
C THR A 449 55.82 3.85 -9.77
N LYS A 450 54.73 4.63 -9.67
CA LYS A 450 54.83 6.06 -9.46
C LYS A 450 54.82 6.44 -7.98
N PHE A 451 54.48 5.53 -7.09
CA PHE A 451 54.50 5.76 -5.65
C PHE A 451 55.82 5.25 -5.09
N VAL A 452 56.90 5.95 -5.44
CA VAL A 452 58.26 5.52 -5.09
C VAL A 452 58.94 6.48 -4.10
N GLU A 453 59.22 7.72 -4.53
CA GLU A 453 60.08 8.66 -3.80
C GLU A 453 60.64 9.74 -4.71
N ASP A 454 61.19 9.37 -5.88
CA ASP A 454 61.80 10.38 -6.74
C ASP A 454 60.77 11.05 -7.63
N SER A 455 60.18 10.29 -8.56
CA SER A 455 59.20 10.74 -9.54
C SER A 455 59.72 11.87 -10.43
N PRO A 456 59.58 11.75 -11.75
CA PRO A 456 59.93 12.89 -12.62
C PRO A 456 59.05 14.10 -12.39
N GLU A 457 57.88 13.92 -11.78
CA GLU A 457 56.95 15.03 -11.55
C GLU A 457 56.91 15.48 -10.11
N MET A 458 57.57 14.76 -9.19
CA MET A 458 57.56 15.20 -7.80
C MET A 458 58.42 16.43 -7.61
N GLU A 459 59.48 16.59 -8.40
CA GLU A 459 60.23 17.83 -8.36
C GLU A 459 59.34 18.99 -8.81
N GLU A 460 58.53 18.76 -9.85
CA GLU A 460 57.59 19.77 -10.30
C GLU A 460 56.58 20.12 -9.22
N LEU A 461 56.07 19.11 -8.50
CA LEU A 461 55.16 19.38 -7.39
C LEU A 461 55.84 20.08 -6.22
N MET A 462 57.08 19.72 -5.93
CA MET A 462 57.83 20.39 -4.88
C MET A 462 58.08 21.85 -5.23
N ASN A 463 58.23 22.15 -6.50
CA ASN A 463 58.26 23.54 -6.98
C ASN A 463 56.91 24.23 -6.85
N ILE A 464 55.83 23.54 -7.25
CA ILE A 464 54.52 24.18 -7.25
C ILE A 464 54.06 24.49 -5.83
N ILE A 465 54.37 23.59 -4.88
CA ILE A 465 53.99 23.82 -3.49
C ILE A 465 54.82 24.93 -2.88
N ASN A 466 56.13 24.91 -3.11
CA ASN A 466 57.01 25.95 -2.61
C ASN A 466 56.71 27.31 -3.22
N ASP A 467 56.10 27.36 -4.40
CA ASP A 467 55.67 28.61 -4.99
C ASP A 467 54.31 29.05 -4.47
N ILE A 468 53.38 28.12 -4.27
CA ILE A 468 52.11 28.47 -3.64
C ILE A 468 52.33 28.77 -2.16
N GLN A 469 53.08 27.91 -1.47
CA GLN A 469 53.36 28.07 -0.04
C GLN A 469 54.87 27.98 0.17
N PRO A 470 55.55 29.13 0.25
CA PRO A 470 56.99 29.11 0.51
C PRO A 470 57.34 28.48 1.85
N LEU A 471 58.42 27.72 1.85
CA LEU A 471 58.98 27.13 3.08
C LEU A 471 59.98 28.11 3.67
N THR A 472 59.48 29.28 4.02
CA THR A 472 60.29 30.36 4.54
C THR A 472 59.88 30.67 5.98
N ASP A 473 60.59 31.61 6.60
CA ASP A 473 60.30 32.01 7.97
C ASP A 473 59.06 32.88 8.08
N GLU A 474 58.67 33.56 7.01
CA GLU A 474 57.48 34.40 7.03
C GLU A 474 56.21 33.58 6.81
N ASN A 475 56.18 32.76 5.76
CA ASN A 475 55.13 31.77 5.58
C ASN A 475 55.56 30.46 6.22
N LYS A 476 55.72 30.50 7.54
CA LYS A 476 56.22 29.34 8.27
C LYS A 476 55.12 28.62 9.02
N LYS A 477 54.43 29.25 9.98
CA LYS A 477 53.39 28.56 10.72
C LYS A 477 52.19 28.20 9.86
N ASN A 478 51.78 29.11 8.97
CA ASN A 478 50.75 28.79 8.00
C ASN A 478 51.11 27.56 7.19
N ARG A 479 52.41 27.31 7.00
CA ARG A 479 52.81 26.15 6.21
C ARG A 479 52.47 24.84 6.92
N GLU A 480 52.79 24.73 8.22
CA GLU A 480 52.39 23.52 8.93
C GLU A 480 50.89 23.44 9.08
N LEU A 481 50.21 24.58 9.21
CA LEU A 481 48.75 24.54 9.24
C LEU A 481 48.19 23.98 7.94
N TYR A 482 48.72 24.43 6.80
CA TYR A 482 48.35 23.91 5.50
C TYR A 482 48.63 22.41 5.40
N GLU A 483 49.80 21.98 5.87
CA GLU A 483 50.15 20.57 5.80
C GLU A 483 49.22 19.71 6.64
N LYS A 484 48.91 20.16 7.87
CA LYS A 484 47.99 19.39 8.71
C LYS A 484 46.59 19.36 8.13
N THR A 485 46.12 20.47 7.58
CA THR A 485 44.79 20.49 6.98
C THR A 485 44.73 19.51 5.80
N LEU A 486 45.78 19.47 4.98
CA LEU A 486 45.81 18.50 3.89
C LEU A 486 45.90 17.07 4.40
N SER A 487 46.70 16.83 5.44
CA SER A 487 46.84 15.47 5.95
C SER A 487 45.57 14.97 6.62
N SER A 488 44.72 15.88 7.09
CA SER A 488 43.49 15.46 7.74
C SER A 488 42.51 14.80 6.78
N CYS A 489 42.73 14.87 5.48
CA CYS A 489 41.83 14.28 4.49
C CYS A 489 42.04 12.79 4.28
N LEU A 490 43.14 12.22 4.77
CA LEU A 490 43.38 10.80 4.63
C LEU A 490 42.92 9.97 5.81
N CYS A 491 42.48 10.61 6.90
CA CYS A 491 42.04 9.89 8.09
C CYS A 491 40.54 9.68 8.03
N GLY A 492 40.12 8.43 8.15
CA GLY A 492 38.71 8.09 8.08
C GLY A 492 37.99 8.22 9.39
N ALA A 493 38.16 9.36 10.06
CA ALA A 493 37.50 9.64 11.32
C ALA A 493 36.89 11.04 11.27
N THR A 494 36.17 11.38 12.32
CA THR A 494 35.55 12.70 12.41
C THR A 494 36.56 13.71 12.95
N LYS A 495 36.72 14.82 12.25
CA LYS A 495 37.66 15.87 12.62
C LYS A 495 36.95 16.92 13.47
N GLY A 496 37.70 17.54 14.37
CA GLY A 496 37.16 18.46 15.34
C GLY A 496 37.23 19.93 15.02
N CYS A 497 37.74 20.32 13.85
CA CYS A 497 37.85 21.73 13.50
C CYS A 497 37.62 21.91 12.01
N LEU A 498 37.26 23.13 11.64
CA LEU A 498 36.96 23.49 10.25
C LEU A 498 37.97 24.53 9.80
N THR A 499 38.52 24.34 8.59
CA THR A 499 39.61 25.17 8.08
C THR A 499 39.19 25.95 6.85
N PHE A 500 39.75 27.15 6.71
CA PHE A 500 39.60 28.00 5.52
C PHE A 500 40.92 28.09 4.78
N PHE A 501 40.85 28.08 3.45
CA PHE A 501 41.93 28.57 2.60
C PHE A 501 41.54 29.96 2.13
N PHE A 502 41.93 30.99 2.90
CA PHE A 502 41.58 32.37 2.61
C PHE A 502 42.71 33.04 1.85
N GLY A 503 42.40 33.59 0.69
CA GLY A 503 43.38 34.25 -0.14
C GLY A 503 42.72 34.98 -1.28
N GLU A 504 43.54 35.66 -2.08
CA GLU A 504 43.04 36.42 -3.20
C GLU A 504 42.92 35.54 -4.43
N THR A 505 42.52 36.14 -5.55
CA THR A 505 42.41 35.41 -6.80
C THR A 505 43.79 35.11 -7.38
N ALA A 506 43.86 34.07 -8.21
CA ALA A 506 45.10 33.64 -8.85
C ALA A 506 46.20 33.37 -7.82
N THR A 507 45.83 32.66 -6.75
CA THR A 507 46.75 32.33 -5.67
C THR A 507 47.04 30.84 -5.58
N GLY A 508 46.49 30.03 -6.47
CA GLY A 508 46.75 28.61 -6.49
C GLY A 508 45.84 27.76 -5.63
N LYS A 509 44.79 28.33 -5.04
CA LYS A 509 43.87 27.54 -4.23
C LYS A 509 43.13 26.51 -5.09
N SER A 510 42.67 26.91 -6.27
CA SER A 510 42.00 25.96 -7.16
C SER A 510 42.95 24.87 -7.64
N THR A 511 44.23 25.19 -7.81
CA THR A 511 45.20 24.15 -8.14
C THR A 511 45.29 23.12 -7.03
N THR A 512 45.34 23.57 -5.78
CA THR A 512 45.35 22.63 -4.67
C THR A 512 44.07 21.80 -4.62
N LYS A 513 42.92 22.43 -4.88
CA LYS A 513 41.67 21.70 -4.92
C LYS A 513 41.70 20.60 -5.97
N ARG A 514 42.06 20.96 -7.20
CA ARG A 514 42.08 19.98 -8.28
C ARG A 514 43.15 18.91 -8.05
N LEU A 515 44.26 19.29 -7.42
CA LEU A 515 45.32 18.32 -7.14
C LEU A 515 44.91 17.32 -6.08
N LEU A 516 44.24 17.80 -5.02
CA LEU A 516 43.67 16.90 -4.02
C LEU A 516 42.63 15.97 -4.65
N LYS A 517 41.78 16.52 -5.52
CA LYS A 517 40.81 15.69 -6.23
C LYS A 517 41.49 14.61 -7.05
N SER A 518 42.50 14.98 -7.84
CA SER A 518 43.21 14.01 -8.66
C SER A 518 44.00 13.01 -7.81
N ALA A 519 44.31 13.36 -6.56
CA ALA A 519 45.05 12.46 -5.70
C ALA A 519 44.17 11.47 -4.94
N ILE A 520 42.97 11.87 -4.54
CA ILE A 520 42.13 11.01 -3.70
C ILE A 520 40.87 10.52 -4.41
N GLY A 521 40.65 10.87 -5.66
CA GLY A 521 39.57 10.26 -6.41
C GLY A 521 38.20 10.54 -5.83
N ASP A 522 37.42 9.47 -5.61
CA ASP A 522 36.03 9.58 -5.23
C ASP A 522 35.81 10.13 -3.82
N LEU A 523 36.85 10.16 -2.99
CA LEU A 523 36.71 10.60 -1.61
C LEU A 523 36.48 12.10 -1.48
N PHE A 524 36.65 12.86 -2.56
CA PHE A 524 36.47 14.30 -2.57
C PHE A 524 35.13 14.65 -3.18
N VAL A 525 34.40 15.56 -2.54
CA VAL A 525 33.09 15.98 -3.03
C VAL A 525 33.02 17.50 -2.99
N GLU A 526 32.56 18.10 -4.08
CA GLU A 526 32.29 19.53 -4.16
C GLU A 526 30.79 19.77 -4.02
N THR A 527 30.42 20.57 -3.02
CA THR A 527 29.02 20.85 -2.72
C THR A 527 28.79 22.35 -2.77
N GLY A 528 27.51 22.74 -2.67
CA GLY A 528 27.12 24.12 -2.67
C GLY A 528 27.18 24.75 -1.29
N GLN A 529 26.82 26.03 -1.24
CA GLN A 529 26.88 26.79 0.00
C GLN A 529 25.70 26.54 0.91
N THR A 530 24.68 25.83 0.44
CA THR A 530 23.47 25.60 1.25
C THR A 530 23.76 24.87 2.54
N ILE A 531 24.79 24.01 2.57
CA ILE A 531 25.18 23.35 3.81
C ILE A 531 25.79 24.30 4.82
N LEU A 532 26.08 25.55 4.40
CA LEU A 532 26.52 26.60 5.31
C LEU A 532 25.39 27.55 5.67
N THR A 533 24.67 28.07 4.67
CA THR A 533 23.69 29.13 4.88
C THR A 533 22.30 28.61 5.24
N ASP A 534 22.06 27.31 5.14
CA ASP A 534 20.74 26.76 5.38
C ASP A 534 20.84 25.45 6.16
N PRO A 542 20.13 16.66 -0.93
CA PRO A 542 21.23 15.87 -1.53
C PRO A 542 22.61 16.38 -1.18
N PHE A 543 22.74 17.66 -0.83
CA PHE A 543 24.04 18.24 -0.49
C PHE A 543 24.60 17.71 0.83
N ILE A 544 23.80 17.01 1.62
CA ILE A 544 24.27 16.45 2.90
C ILE A 544 24.19 14.94 2.94
N ALA A 545 23.30 14.30 2.17
CA ALA A 545 23.23 12.85 2.15
C ALA A 545 24.32 12.21 1.31
N ASN A 546 24.96 12.97 0.42
CA ASN A 546 25.96 12.43 -0.48
C ASN A 546 27.38 12.55 0.05
N MET A 547 27.57 13.18 1.21
CA MET A 547 28.88 13.24 1.84
C MET A 547 29.13 12.04 2.74
N HIS A 548 28.20 11.10 2.79
CA HIS A 548 28.29 9.97 3.70
C HIS A 548 29.49 9.11 3.30
N LEU A 549 30.39 8.87 4.25
CA LEU A 549 31.67 8.16 4.06
C LEU A 549 32.62 8.87 3.11
N LYS A 550 32.56 10.19 3.00
CA LYS A 550 33.55 10.94 2.25
C LYS A 550 34.58 11.52 3.20
N ARG A 551 35.78 11.78 2.69
CA ARG A 551 36.88 12.24 3.52
C ARG A 551 37.29 13.68 3.24
N SER A 552 36.67 14.34 2.27
CA SER A 552 36.99 15.74 2.00
C SER A 552 35.85 16.37 1.22
N VAL A 553 35.32 17.49 1.73
CA VAL A 553 34.24 18.21 1.10
C VAL A 553 34.68 19.65 0.91
N PHE A 554 34.45 20.19 -0.29
CA PHE A 554 34.86 21.53 -0.65
C PHE A 554 33.63 22.37 -1.02
N CYS A 555 33.56 23.58 -0.47
CA CYS A 555 32.63 24.61 -0.90
C CYS A 555 33.47 25.79 -1.37
N SER A 556 32.91 26.61 -2.26
CA SER A 556 33.68 27.68 -2.87
C SER A 556 32.84 28.94 -3.05
N GLU A 557 33.54 30.07 -3.12
CA GLU A 557 32.97 31.35 -3.55
C GLU A 557 31.81 31.79 -2.66
N LEU A 558 32.16 32.09 -1.41
CA LEU A 558 31.19 32.70 -0.52
C LEU A 558 30.86 34.09 -1.03
N PRO A 559 29.59 34.39 -1.33
CA PRO A 559 29.23 35.61 -2.06
C PRO A 559 29.24 36.86 -1.19
N ASP A 560 30.41 37.18 -0.63
CA ASP A 560 30.64 38.42 0.11
C ASP A 560 29.60 38.61 1.21
N PHE A 561 29.60 37.68 2.17
CA PHE A 561 28.64 37.75 3.26
C PHE A 561 28.88 38.94 4.18
N SER A 566 23.42 39.56 1.07
CA SER A 566 24.03 38.26 1.31
C SER A 566 23.49 37.67 2.60
N LYS A 567 23.53 36.35 2.70
CA LYS A 567 22.98 35.62 3.84
C LYS A 567 24.13 35.17 4.74
N LYS A 568 24.00 35.42 6.04
CA LYS A 568 25.08 35.19 6.99
C LYS A 568 25.44 33.70 7.07
N ILE A 569 26.55 33.43 7.76
CA ILE A 569 27.02 32.06 7.93
C ILE A 569 25.98 31.23 8.68
N ARG A 570 25.33 31.85 9.67
CA ARG A 570 24.27 31.20 10.45
C ARG A 570 24.88 29.97 11.11
N SER A 571 25.77 30.20 12.08
CA SER A 571 26.82 29.28 12.51
C SER A 571 26.31 27.95 13.08
N ASP A 572 24.99 27.72 13.13
CA ASP A 572 24.51 26.39 13.49
C ASP A 572 25.11 25.34 12.56
N ASN A 573 25.18 25.65 11.26
CA ASN A 573 25.78 24.74 10.31
C ASN A 573 27.26 24.52 10.61
N ILE A 574 27.92 25.49 11.24
CA ILE A 574 29.29 25.25 11.68
C ILE A 574 29.31 24.33 12.89
N LYS A 575 28.37 24.54 13.83
CA LYS A 575 28.47 23.84 15.11
C LYS A 575 28.03 22.38 15.00
N LYS A 576 27.14 22.07 14.05
CA LYS A 576 26.59 20.72 14.04
C LYS A 576 27.35 19.77 13.12
N LEU A 577 28.40 20.23 12.45
CA LEU A 577 29.15 19.36 11.54
C LEU A 577 30.39 18.74 12.17
N THR A 578 30.74 19.07 13.40
CA THR A 578 31.82 18.36 14.08
C THR A 578 31.32 17.14 14.84
N GLU A 579 30.05 17.11 15.20
CA GLU A 579 29.46 15.94 15.83
C GLU A 579 29.62 14.73 14.92
N PRO A 580 29.94 13.55 15.46
CA PRO A 580 30.27 12.41 14.61
C PRO A 580 29.16 12.00 13.66
N CYS A 581 27.90 12.33 13.95
CA CYS A 581 26.79 11.98 13.10
C CYS A 581 26.02 13.24 12.75
N VAL A 582 25.52 13.31 11.51
CA VAL A 582 24.71 14.42 11.04
C VAL A 582 23.35 13.89 10.61
N ASN A 593 20.77 9.52 8.90
CA ASN A 593 21.99 9.67 9.66
C ASN A 593 23.20 9.41 8.77
N ASN A 594 24.12 10.36 8.75
CA ASN A 594 25.34 10.28 7.95
C ASN A 594 26.55 10.36 8.87
N ARG A 595 27.52 9.48 8.63
CA ARG A 595 28.76 9.47 9.40
C ARG A 595 29.71 10.51 8.85
N ASN A 596 30.35 11.25 9.75
CA ASN A 596 31.22 12.35 9.37
C ASN A 596 32.67 11.86 9.37
N HIS A 597 33.25 11.75 8.18
CA HIS A 597 34.66 11.41 8.03
C HIS A 597 35.38 12.42 7.14
N ALA A 598 34.74 13.54 6.85
CA ALA A 598 35.21 14.47 5.84
C ALA A 598 35.85 15.70 6.48
N THR A 599 36.92 16.19 5.85
CA THR A 599 37.47 17.50 6.16
C THR A 599 36.65 18.53 5.39
N ILE A 600 36.03 19.45 6.10
CA ILE A 600 35.14 20.43 5.50
C ILE A 600 35.94 21.70 5.24
N ILE A 601 36.03 22.10 3.98
CA ILE A 601 36.84 23.24 3.57
C ILE A 601 35.98 24.20 2.75
N ILE A 602 36.07 25.48 3.07
CA ILE A 602 35.40 26.52 2.30
C ILE A 602 36.46 27.47 1.76
N ASP A 603 36.56 27.55 0.43
CA ASP A 603 37.48 28.46 -0.24
C ASP A 603 36.84 29.83 -0.34
N THR A 604 37.49 30.83 0.26
CA THR A 604 36.94 32.18 0.30
C THR A 604 38.00 33.18 -0.15
N ASN A 605 37.52 34.24 -0.79
CA ASN A 605 38.33 35.42 -1.08
C ASN A 605 38.20 36.49 -0.01
N TYR A 606 37.15 36.44 0.80
CA TYR A 606 36.84 37.46 1.78
C TYR A 606 36.64 36.82 3.14
N LYS A 607 36.95 37.57 4.20
CA LYS A 607 36.72 37.06 5.54
C LYS A 607 35.23 37.12 5.88
N PRO A 608 34.62 36.00 6.23
CA PRO A 608 33.16 35.99 6.47
C PRO A 608 32.80 36.67 7.78
N VAL A 609 31.51 36.96 7.92
CA VAL A 609 30.95 37.53 9.15
C VAL A 609 29.93 36.55 9.71
N PHE A 610 29.86 36.47 11.03
CA PHE A 610 29.09 35.46 11.73
C PHE A 610 27.94 36.11 12.50
N ASP A 611 26.87 35.34 12.69
CA ASP A 611 25.73 35.85 13.45
C ASP A 611 26.09 36.02 14.92
N ARG A 612 26.69 34.99 15.53
CA ARG A 612 26.97 34.97 16.95
C ARG A 612 28.36 34.39 17.17
N ILE A 613 29.11 35.02 18.07
CA ILE A 613 30.46 34.61 18.39
C ILE A 613 30.43 34.01 19.79
N ASP A 614 30.54 32.69 19.88
CA ASP A 614 30.43 31.97 21.14
C ASP A 614 31.69 31.14 21.36
N ASN A 615 31.90 30.75 22.63
CA ASN A 615 33.07 29.96 23.00
C ASN A 615 33.15 28.63 22.27
N ALA A 616 32.02 28.09 21.81
CA ALA A 616 32.03 26.90 20.98
C ALA A 616 32.43 27.18 19.55
N LEU A 617 32.59 28.44 19.17
CA LEU A 617 32.92 28.79 17.80
C LEU A 617 34.41 29.05 17.60
N MET A 618 35.07 29.72 18.56
CA MET A 618 36.50 29.97 18.42
C MET A 618 37.31 28.68 18.49
N ARG A 619 36.75 27.62 19.05
CA ARG A 619 37.47 26.37 19.24
C ARG A 619 37.46 25.49 17.99
N ARG A 620 36.80 25.92 16.91
CA ARG A 620 36.57 25.06 15.77
C ARG A 620 36.74 25.77 14.43
N ILE A 621 37.55 26.82 14.37
CA ILE A 621 37.76 27.57 13.15
C ILE A 621 39.26 27.71 12.91
N ALA A 622 39.70 27.41 11.69
CA ALA A 622 41.07 27.61 11.26
C ALA A 622 41.08 28.26 9.89
N VAL A 623 42.16 28.98 9.59
CA VAL A 623 42.30 29.69 8.33
C VAL A 623 43.72 29.50 7.80
N VAL A 624 43.82 29.08 6.54
CA VAL A 624 45.08 29.00 5.83
C VAL A 624 45.12 30.14 4.81
N ARG A 625 46.20 30.91 4.82
CA ARG A 625 46.28 32.14 4.07
C ARG A 625 47.14 31.95 2.81
N PHE A 626 46.78 32.66 1.75
CA PHE A 626 47.55 32.69 0.51
C PHE A 626 48.04 34.11 0.27
N ARG A 627 49.34 34.25 0.02
CA ARG A 627 49.90 35.58 -0.23
C ARG A 627 50.75 35.61 -1.50
N THR A 628 50.58 34.66 -2.41
CA THR A 628 51.39 34.54 -3.61
C THR A 628 50.50 34.70 -4.83
N HIS A 629 50.91 35.57 -5.75
CA HIS A 629 50.14 35.86 -6.95
C HIS A 629 50.72 35.13 -8.16
N PHE A 630 49.83 34.66 -9.03
CA PHE A 630 50.20 33.95 -10.25
C PHE A 630 49.60 34.75 -11.42
N SER A 631 50.42 35.57 -12.05
CA SER A 631 49.94 36.53 -13.04
C SER A 631 50.58 36.28 -14.40
N GLN A 632 49.96 36.86 -15.43
CA GLN A 632 50.50 36.87 -16.77
C GLN A 632 51.66 37.87 -16.86
N PRO A 633 52.47 37.78 -17.92
CA PRO A 633 53.55 38.77 -18.09
C PRO A 633 53.03 40.20 -18.18
N SER A 634 51.83 40.41 -18.72
CA SER A 634 51.32 41.75 -18.92
C SER A 634 51.06 42.46 -17.59
N GLY A 635 50.17 41.90 -16.78
CA GLY A 635 49.74 42.57 -15.56
C GLY A 635 50.60 42.26 -14.34
N ARG A 636 51.90 42.06 -14.54
CA ARG A 636 52.78 41.76 -13.43
C ARG A 636 53.00 42.97 -12.54
N GLU A 637 53.28 44.13 -13.13
CA GLU A 637 53.58 45.33 -12.35
C GLU A 637 52.40 45.72 -11.46
N ALA A 638 51.18 45.65 -11.99
CA ALA A 638 50.00 45.97 -11.20
C ALA A 638 49.86 45.09 -9.98
N ALA A 639 50.49 43.91 -9.97
CA ALA A 639 50.46 43.04 -8.80
C ALA A 639 51.66 43.21 -7.89
N GLU A 640 52.69 43.94 -8.33
CA GLU A 640 53.89 44.10 -7.52
C GLU A 640 53.75 45.18 -6.45
N ASN A 641 52.75 46.06 -6.56
CA ASN A 641 52.54 47.13 -5.61
C ASN A 641 51.41 46.84 -4.63
N ASN A 642 50.86 45.63 -4.64
CA ASN A 642 49.75 45.28 -3.78
C ASN A 642 50.26 44.57 -2.53
N ASP A 643 49.75 44.99 -1.38
CA ASP A 643 50.13 44.38 -0.10
C ASP A 643 49.47 43.02 0.11
N ALA A 644 48.49 42.65 -0.72
CA ALA A 644 47.81 41.37 -0.60
C ALA A 644 48.59 40.23 -1.22
N TYR A 645 49.72 40.52 -1.86
CA TYR A 645 50.57 39.51 -2.48
C TYR A 645 51.99 39.69 -1.98
N ASP A 646 52.60 38.60 -1.52
CA ASP A 646 53.99 38.60 -1.10
C ASP A 646 54.95 38.30 -2.23
N LYS A 647 54.56 37.44 -3.16
CA LYS A 647 55.34 37.17 -4.36
C LYS A 647 54.39 37.12 -5.55
N VAL A 648 54.92 37.54 -6.71
CA VAL A 648 54.18 37.47 -7.96
C VAL A 648 54.98 36.61 -8.94
N LYS A 649 54.34 35.60 -9.50
CA LYS A 649 55.01 34.68 -10.40
C LYS A 649 54.26 34.62 -11.72
N LEU A 650 54.99 34.27 -12.77
CA LEU A 650 54.40 34.16 -14.10
C LEU A 650 53.41 33.00 -14.13
N LEU A 651 52.19 33.28 -14.59
CA LEU A 651 51.16 32.24 -14.66
C LEU A 651 51.55 31.19 -15.70
N ASP A 652 51.34 29.93 -15.35
CA ASP A 652 51.61 28.81 -16.23
C ASP A 652 50.29 28.30 -16.79
N GLU A 653 50.04 28.58 -18.06
CA GLU A 653 48.74 28.30 -18.68
C GLU A 653 48.44 26.82 -18.83
N GLY A 654 49.43 26.01 -19.19
CA GLY A 654 49.21 24.60 -19.47
C GLY A 654 49.23 23.68 -18.28
N LEU A 655 49.43 24.19 -17.08
CA LEU A 655 49.50 23.33 -15.90
C LEU A 655 48.15 22.77 -15.51
N ASP A 656 47.07 23.52 -15.74
CA ASP A 656 45.73 23.02 -15.44
C ASP A 656 45.40 21.79 -16.27
N GLY A 657 45.74 21.79 -17.55
CA GLY A 657 45.53 20.64 -18.41
C GLY A 657 46.38 19.47 -17.99
N LYS A 658 47.52 19.75 -17.36
CA LYS A 658 48.38 18.69 -16.84
C LYS A 658 47.78 18.05 -15.60
N ILE A 659 47.28 18.86 -14.65
CA ILE A 659 46.76 18.30 -13.41
C ILE A 659 45.42 17.61 -13.65
N GLN A 660 44.59 18.13 -14.56
CA GLN A 660 43.34 17.46 -14.84
C GLN A 660 43.55 16.17 -15.61
N ASN A 661 44.77 15.93 -16.11
CA ASN A 661 45.11 14.69 -16.79
C ASN A 661 45.69 13.65 -15.85
N ASN A 662 45.60 13.89 -14.53
CA ASN A 662 46.12 12.97 -13.52
C ASN A 662 47.62 12.77 -13.67
N ARG A 663 48.31 13.80 -14.13
CA ARG A 663 49.76 13.74 -14.27
C ARG A 663 50.44 13.58 -12.90
N TYR A 664 49.97 14.32 -11.90
CA TYR A 664 50.53 14.28 -10.55
C TYR A 664 49.67 13.44 -9.62
N ARG A 665 49.07 12.37 -10.13
CA ARG A 665 48.10 11.61 -9.36
C ARG A 665 48.74 10.91 -8.18
N PHE A 666 49.95 10.35 -8.37
CA PHE A 666 50.57 9.52 -7.35
C PHE A 666 51.55 10.29 -6.47
N ALA A 667 52.31 11.22 -7.03
CA ALA A 667 53.30 11.94 -6.24
C ALA A 667 52.67 12.83 -5.17
N PHE A 668 51.53 13.46 -5.48
CA PHE A 668 50.84 14.26 -4.46
C PHE A 668 50.39 13.39 -3.30
N LEU A 669 49.81 12.23 -3.61
CA LEU A 669 49.38 11.32 -2.54
C LEU A 669 50.58 10.81 -1.76
N TYR A 670 51.71 10.59 -2.44
CA TYR A 670 52.92 10.15 -1.74
C TYR A 670 53.40 11.23 -0.77
N LEU A 671 53.38 12.48 -1.20
CA LEU A 671 53.73 13.58 -0.32
C LEU A 671 52.75 13.65 0.85
N LEU A 672 51.46 13.44 0.57
CA LEU A 672 50.46 13.49 1.63
C LEU A 672 50.66 12.38 2.65
N VAL A 673 51.04 11.18 2.21
CA VAL A 673 51.25 10.10 3.16
C VAL A 673 52.52 10.37 3.98
N LYS A 674 53.53 10.97 3.35
CA LYS A 674 54.69 11.41 4.14
C LYS A 674 54.28 12.43 5.19
N TRP A 675 53.40 13.36 4.82
CA TRP A 675 52.91 14.36 5.77
C TRP A 675 52.12 13.70 6.89
N TYR A 676 51.30 12.71 6.55
CA TYR A 676 50.50 12.00 7.54
C TYR A 676 51.37 11.24 8.52
N LYS A 677 52.42 10.58 8.02
CA LYS A 677 53.27 9.78 8.89
C LYS A 677 54.07 10.63 9.87
N LYS A 678 54.11 11.95 9.66
CA LYS A 678 54.84 12.82 10.56
C LYS A 678 53.92 13.69 11.42
N TYR A 679 52.71 13.98 10.95
CA TYR A 679 51.82 14.88 11.69
C TYR A 679 50.79 14.16 12.54
N HIS A 680 49.90 13.37 11.95
CA HIS A 680 48.76 12.82 12.67
C HIS A 680 49.04 11.44 13.25
N ILE A 681 50.28 11.18 13.66
CA ILE A 681 50.66 9.96 14.35
C ILE A 681 51.14 10.36 15.74
N PRO A 682 50.70 9.67 16.82
CA PRO A 682 49.72 8.59 16.83
C PRO A 682 48.29 9.09 17.01
N ILE A 683 48.13 10.40 17.06
CA ILE A 683 46.83 11.03 17.28
C ILE A 683 46.50 11.92 16.09
N MET A 684 45.26 11.88 15.64
CA MET A 684 44.79 12.74 14.56
C MET A 684 43.91 13.83 15.17
N LYS A 685 44.40 15.07 15.15
CA LYS A 685 43.62 16.21 15.61
C LYS A 685 44.20 17.46 14.97
N LEU A 686 43.31 18.36 14.55
CA LEU A 686 43.69 19.63 13.98
C LEU A 686 43.26 20.75 14.91
N TYR A 687 44.13 21.71 15.12
CA TYR A 687 43.86 22.73 16.12
C TYR A 687 43.30 23.99 15.45
N PRO A 688 42.42 24.70 16.14
CA PRO A 688 41.88 25.95 15.59
C PRO A 688 42.88 27.09 15.70
N THR A 689 42.56 28.18 15.03
CA THR A 689 43.37 29.41 15.07
C THR A 689 42.45 30.57 15.39
N PRO A 690 42.02 30.70 16.65
CA PRO A 690 41.13 31.81 17.02
C PRO A 690 41.77 33.18 16.88
N GLU A 691 43.10 33.25 16.84
CA GLU A 691 43.83 34.51 16.79
C GLU A 691 43.92 35.09 15.38
N GLU A 692 43.38 34.40 14.38
CA GLU A 692 43.48 34.87 12.99
C GLU A 692 42.19 35.50 12.49
N ILE A 693 41.03 35.00 12.93
CA ILE A 693 39.75 35.55 12.49
C ILE A 693 39.56 36.93 13.12
N PRO A 694 39.32 37.97 12.31
CA PRO A 694 39.07 39.30 12.90
C PRO A 694 37.83 39.37 13.77
N ASP A 695 36.76 38.65 13.40
CA ASP A 695 35.52 38.72 14.17
C ASP A 695 35.70 38.15 15.57
N PHE A 696 36.64 37.22 15.75
CA PHE A 696 36.96 36.69 17.07
C PHE A 696 37.74 37.68 17.92
N ALA A 697 38.38 38.69 17.31
CA ALA A 697 39.25 39.57 18.06
C ALA A 697 38.46 40.39 19.08
N PHE A 698 37.29 40.90 18.69
CA PHE A 698 36.53 41.78 19.59
C PHE A 698 36.19 41.07 20.88
N TYR A 699 35.68 39.84 20.80
CA TYR A 699 35.44 39.06 22.00
C TYR A 699 36.74 38.75 22.72
N LEU A 700 37.81 38.49 21.98
CA LEU A 700 39.12 38.35 22.61
C LEU A 700 39.49 39.64 23.34
N LYS A 701 39.04 40.78 22.84
CA LYS A 701 39.18 42.03 23.57
C LYS A 701 38.27 42.06 24.79
N ILE A 702 37.02 41.60 24.64
CA ILE A 702 36.06 41.66 25.73
C ILE A 702 36.57 40.91 26.95
N GLY A 703 37.15 39.72 26.73
CA GLY A 703 37.68 38.93 27.83
C GLY A 703 38.76 39.63 28.62
N ASN B 324 22.33 -26.68 -17.22
CA ASN B 324 23.66 -26.83 -17.78
C ASN B 324 23.72 -26.33 -19.22
N LYS B 325 22.81 -26.83 -20.06
CA LYS B 325 22.77 -26.37 -21.44
C LYS B 325 22.43 -24.89 -21.54
N LEU B 326 21.47 -24.43 -20.75
CA LEU B 326 21.16 -23.01 -20.73
C LEU B 326 22.35 -22.19 -20.24
N PHE B 327 23.18 -22.76 -19.36
CA PHE B 327 24.42 -22.09 -19.00
C PHE B 327 25.34 -21.94 -20.20
N ASN B 328 25.43 -22.99 -21.03
CA ASN B 328 26.25 -22.88 -22.24
C ASN B 328 25.72 -21.81 -23.17
N ILE B 329 24.39 -21.73 -23.31
CA ILE B 329 23.80 -20.70 -24.16
C ILE B 329 24.11 -19.31 -23.61
N ALA B 330 24.03 -19.14 -22.29
CA ALA B 330 24.37 -17.86 -21.70
C ALA B 330 25.83 -17.51 -21.94
N GLN B 331 26.71 -18.49 -21.82
CA GLN B 331 28.12 -18.25 -22.09
C GLN B 331 28.34 -17.81 -23.53
N ARG B 332 27.67 -18.49 -24.47
CA ARG B 332 27.81 -18.12 -25.87
C ARG B 332 27.31 -16.70 -26.13
N ILE B 333 26.19 -16.33 -25.51
CA ILE B 333 25.66 -14.98 -25.71
C ILE B 333 26.61 -13.95 -25.14
N LEU B 334 27.21 -14.23 -23.99
CA LEU B 334 28.17 -13.29 -23.43
C LEU B 334 29.43 -13.19 -24.28
N ASP B 335 29.81 -14.29 -24.94
CA ASP B 335 31.04 -14.27 -25.73
C ASP B 335 30.98 -13.25 -26.86
N THR B 336 29.78 -12.91 -27.32
CA THR B 336 29.64 -11.92 -28.39
C THR B 336 29.75 -10.50 -27.89
N ASN B 337 29.79 -10.28 -26.57
CA ASN B 337 29.81 -8.95 -25.98
C ASN B 337 28.62 -8.11 -26.43
N SER B 338 27.46 -8.74 -26.60
CA SER B 338 26.27 -8.04 -27.03
C SER B 338 25.51 -7.39 -25.88
N VAL B 339 25.86 -7.70 -24.64
CA VAL B 339 25.21 -7.13 -23.47
C VAL B 339 26.29 -6.67 -22.49
N LEU B 340 26.11 -5.48 -21.94
CA LEU B 340 27.10 -4.92 -21.02
C LEU B 340 26.38 -4.30 -19.84
N LEU B 341 27.13 -4.13 -18.74
CA LEU B 341 26.62 -3.54 -17.52
C LEU B 341 27.18 -2.14 -17.37
N THR B 342 26.29 -1.17 -17.15
CA THR B 342 26.73 0.21 -16.94
C THR B 342 27.04 0.46 -15.47
N GLU B 343 27.84 1.50 -15.23
CA GLU B 343 28.24 1.82 -13.87
C GLU B 343 27.05 2.29 -13.03
N ARG B 344 26.03 2.86 -13.66
CA ARG B 344 24.87 3.36 -12.93
C ARG B 344 23.99 2.24 -12.38
N GLY B 345 24.18 1.00 -12.84
CA GLY B 345 23.40 -0.12 -12.37
C GLY B 345 22.39 -0.69 -13.35
N ASP B 346 22.52 -0.40 -14.64
CA ASP B 346 21.60 -0.92 -15.64
C ASP B 346 22.39 -1.52 -16.79
N HIS B 347 21.71 -2.39 -17.54
CA HIS B 347 22.39 -3.15 -18.62
C HIS B 347 21.98 -2.65 -19.99
N ILE B 348 22.94 -2.50 -20.88
CA ILE B 348 22.76 -1.99 -22.23
C ILE B 348 22.96 -3.14 -23.20
N VAL B 349 22.04 -3.28 -24.15
CA VAL B 349 22.05 -4.41 -25.07
C VAL B 349 22.22 -3.90 -26.50
N TRP B 350 22.71 -4.79 -27.35
CA TRP B 350 23.02 -4.46 -28.75
C TRP B 350 21.96 -5.12 -29.64
N ILE B 351 20.89 -4.40 -29.90
CA ILE B 351 19.80 -4.88 -30.74
C ILE B 351 19.63 -3.91 -31.90
N ASN B 352 19.61 -4.45 -33.11
CA ASN B 352 19.38 -3.65 -34.33
C ASN B 352 20.37 -2.51 -34.43
N ASN B 353 21.65 -2.84 -34.24
CA ASN B 353 22.76 -1.90 -34.44
C ASN B 353 22.59 -0.65 -33.58
N SER B 354 22.17 -0.83 -32.33
CA SER B 354 21.97 0.29 -31.43
C SER B 354 22.11 -0.19 -30.00
N TRP B 355 22.83 0.58 -29.19
CA TRP B 355 23.04 0.25 -27.79
C TRP B 355 21.81 0.68 -27.00
N LYS B 356 20.76 -0.13 -27.10
CA LYS B 356 19.52 0.18 -26.42
C LYS B 356 19.68 0.00 -24.91
N PHE B 357 18.87 0.74 -24.17
CA PHE B 357 19.03 0.87 -22.73
C PHE B 357 17.70 1.27 -22.12
N ASN B 358 17.17 0.44 -21.23
CA ASN B 358 15.91 0.74 -20.58
C ASN B 358 15.87 0.04 -19.24
N SER B 359 15.20 0.67 -18.28
CA SER B 359 15.06 0.12 -16.93
C SER B 359 13.67 -0.42 -16.64
N GLU B 360 12.63 0.19 -17.22
CA GLU B 360 11.28 -0.29 -16.97
C GLU B 360 11.05 -1.66 -17.61
N GLU B 361 11.43 -1.82 -18.87
CA GLU B 361 11.28 -3.08 -19.59
C GLU B 361 12.65 -3.60 -19.97
N PRO B 362 13.20 -4.57 -19.22
CA PRO B 362 14.51 -5.11 -19.57
C PRO B 362 14.50 -5.74 -20.96
N LEU B 363 15.61 -5.54 -21.68
CA LEU B 363 15.69 -5.95 -23.07
C LEU B 363 16.54 -7.19 -23.28
N ILE B 364 17.02 -7.84 -22.23
CA ILE B 364 17.89 -8.99 -22.41
C ILE B 364 17.15 -10.11 -23.14
N THR B 365 15.85 -10.24 -22.85
CA THR B 365 15.05 -11.26 -23.53
C THR B 365 14.93 -10.98 -25.02
N LYS B 366 14.72 -9.71 -25.38
CA LYS B 366 14.69 -9.34 -26.79
C LYS B 366 16.03 -9.62 -27.44
N LEU B 367 17.13 -9.38 -26.72
CA LEU B 367 18.45 -9.71 -27.24
C LEU B 367 18.59 -11.20 -27.47
N ILE B 368 18.05 -12.02 -26.57
CA ILE B 368 18.16 -13.47 -26.73
C ILE B 368 17.42 -13.93 -27.98
N LEU B 369 16.19 -13.43 -28.18
CA LEU B 369 15.49 -13.78 -29.41
C LEU B 369 16.21 -13.25 -30.65
N SER B 370 16.83 -12.08 -30.55
CA SER B 370 17.57 -11.57 -31.70
C SER B 370 18.76 -12.46 -32.02
N ILE B 371 19.45 -12.96 -31.00
CA ILE B 371 20.72 -13.66 -31.19
C ILE B 371 20.52 -15.15 -31.44
N ARG B 372 19.32 -15.68 -31.24
CA ARG B 372 19.11 -17.11 -31.43
C ARG B 372 19.50 -17.60 -32.82
N HIS B 373 19.49 -16.73 -33.83
CA HIS B 373 19.85 -17.16 -35.18
C HIS B 373 21.33 -17.50 -35.30
N GLN B 374 22.18 -16.93 -34.44
CA GLN B 374 23.61 -17.18 -34.48
C GLN B 374 24.04 -18.33 -33.58
N LEU B 375 23.16 -19.28 -33.34
CA LEU B 375 23.41 -20.42 -32.46
C LEU B 375 23.06 -21.70 -33.19
N PRO B 376 23.67 -22.82 -32.79
CA PRO B 376 23.28 -24.11 -33.38
C PRO B 376 21.82 -24.41 -33.12
N LYS B 377 21.21 -25.15 -34.05
CA LYS B 377 19.77 -25.40 -33.99
C LYS B 377 19.37 -26.07 -32.69
N GLU B 378 20.24 -26.92 -32.13
CA GLU B 378 19.97 -27.56 -30.85
C GLU B 378 20.04 -26.59 -29.68
N TYR B 379 20.19 -25.29 -29.95
CA TYR B 379 19.98 -24.23 -28.98
C TYR B 379 18.83 -23.32 -29.36
N SER B 380 18.68 -23.05 -30.66
CA SER B 380 17.57 -22.23 -31.12
C SER B 380 16.24 -22.91 -30.81
N SER B 381 16.22 -24.24 -30.73
CA SER B 381 15.00 -24.93 -30.34
C SER B 381 14.57 -24.56 -28.92
N GLU B 382 15.53 -24.49 -28.00
CA GLU B 382 15.22 -24.17 -26.62
C GLU B 382 14.96 -22.68 -26.41
N LEU B 383 15.59 -21.81 -27.20
CA LEU B 383 15.43 -20.39 -26.96
C LEU B 383 14.01 -19.90 -27.25
N LEU B 384 13.16 -20.72 -27.85
CA LEU B 384 11.81 -20.31 -28.20
C LEU B 384 10.86 -20.34 -27.01
N CYS B 385 11.28 -20.86 -25.86
CA CYS B 385 10.35 -21.00 -24.75
C CYS B 385 10.58 -19.91 -23.73
N PRO B 386 9.55 -19.14 -23.36
CA PRO B 386 9.78 -18.00 -22.46
C PRO B 386 10.40 -18.37 -21.12
N ARG B 387 10.06 -19.54 -20.57
CA ARG B 387 10.67 -19.93 -19.30
C ARG B 387 12.16 -20.15 -19.45
N LYS B 388 12.57 -20.91 -20.47
CA LYS B 388 13.98 -21.15 -20.69
C LYS B 388 14.72 -19.88 -21.03
N ARG B 389 14.08 -18.97 -21.77
CA ARG B 389 14.75 -17.73 -22.15
C ARG B 389 14.88 -16.79 -20.96
N LYS B 390 13.91 -16.82 -20.04
CA LYS B 390 14.09 -16.10 -18.79
C LYS B 390 15.21 -16.71 -17.94
N THR B 391 15.34 -18.04 -17.96
CA THR B 391 16.46 -18.67 -17.26
C THR B 391 17.80 -18.22 -17.84
N VAL B 392 17.89 -18.17 -19.17
CA VAL B 392 19.12 -17.70 -19.79
C VAL B 392 19.40 -16.25 -19.42
N GLU B 393 18.35 -15.43 -19.35
CA GLU B 393 18.54 -14.04 -18.91
C GLU B 393 19.07 -14.00 -17.48
N ALA B 394 18.54 -14.85 -16.60
CA ALA B 394 19.02 -14.86 -15.23
C ALA B 394 20.50 -15.24 -15.16
N ASN B 395 20.90 -16.25 -15.94
CA ASN B 395 22.30 -16.62 -15.97
C ASN B 395 23.17 -15.48 -16.49
N ILE B 396 22.72 -14.79 -17.54
CA ILE B 396 23.49 -13.67 -18.07
C ILE B 396 23.64 -12.57 -17.03
N ARG B 397 22.56 -12.26 -16.31
CA ARG B 397 22.65 -11.27 -15.25
C ARG B 397 23.64 -11.70 -14.19
N ASP B 398 23.66 -12.97 -13.84
CA ASP B 398 24.55 -13.44 -12.79
C ASP B 398 25.99 -13.56 -13.25
N MET B 399 26.25 -13.55 -14.56
CA MET B 399 27.63 -13.62 -15.04
C MET B 399 28.28 -12.26 -15.19
N LEU B 400 27.51 -11.18 -15.26
CA LEU B 400 28.07 -9.85 -15.48
C LEU B 400 28.56 -9.30 -14.16
N VAL B 401 29.87 -9.21 -14.00
CA VAL B 401 30.49 -8.96 -12.72
C VAL B 401 31.04 -7.54 -12.60
N ASP B 402 31.61 -7.00 -13.68
CA ASP B 402 32.27 -5.71 -13.66
C ASP B 402 31.57 -4.75 -14.62
N SER B 403 31.43 -3.50 -14.18
CA SER B 403 30.73 -2.49 -14.97
C SER B 403 31.67 -1.88 -16.00
N VAL B 404 31.10 -1.50 -17.14
CA VAL B 404 31.85 -0.84 -18.21
C VAL B 404 31.36 0.60 -18.33
N GLU B 405 32.28 1.51 -18.64
CA GLU B 405 31.99 2.94 -18.72
C GLU B 405 31.46 3.27 -20.11
N THR B 406 30.54 4.24 -20.16
CA THR B 406 29.85 4.59 -21.39
C THR B 406 30.20 6.00 -21.81
N ASP B 407 30.21 6.22 -23.14
CA ASP B 407 30.41 7.54 -23.72
C ASP B 407 31.75 8.15 -23.30
N THR B 408 32.82 7.51 -23.73
CA THR B 408 34.17 8.01 -23.50
C THR B 408 34.78 8.69 -24.72
N TYR B 409 34.16 8.56 -25.88
CA TYR B 409 34.72 9.09 -27.11
C TYR B 409 34.02 10.38 -27.49
N PRO B 410 34.70 11.53 -27.48
CA PRO B 410 34.04 12.78 -27.89
C PRO B 410 34.03 13.00 -29.39
N ASP B 411 34.72 12.17 -30.17
CA ASP B 411 34.89 12.39 -31.60
C ASP B 411 34.03 11.46 -32.45
N LYS B 412 32.82 11.14 -31.99
CA LYS B 412 31.90 10.28 -32.72
C LYS B 412 30.49 10.85 -32.64
N LEU B 413 29.84 11.00 -33.80
CA LEU B 413 28.41 11.26 -33.82
C LEU B 413 27.66 9.95 -33.96
N PRO B 414 26.88 9.55 -32.98
CA PRO B 414 26.11 8.31 -33.11
C PRO B 414 24.82 8.53 -33.87
N PHE B 415 24.66 7.85 -34.99
CA PHE B 415 23.43 7.94 -35.76
C PHE B 415 22.55 6.74 -35.43
N LYS B 416 21.31 6.78 -35.91
CA LYS B 416 20.38 5.71 -35.63
C LYS B 416 20.76 4.40 -36.32
N ASN B 417 21.66 4.45 -37.31
CA ASN B 417 22.08 3.26 -38.04
C ASN B 417 23.60 3.14 -38.07
N GLY B 418 24.29 3.71 -37.09
CA GLY B 418 25.72 3.58 -37.03
C GLY B 418 26.34 4.78 -36.33
N VAL B 419 27.66 4.89 -36.49
CA VAL B 419 28.45 5.95 -35.88
C VAL B 419 29.35 6.57 -36.93
N LEU B 420 29.38 7.90 -36.98
CA LEU B 420 30.24 8.62 -37.90
C LEU B 420 31.43 9.20 -37.15
N ASP B 421 32.63 8.99 -37.68
CA ASP B 421 33.85 9.47 -37.05
C ASP B 421 34.11 10.92 -37.43
N LEU B 422 34.91 11.61 -36.62
CA LEU B 422 35.20 13.01 -36.84
C LEU B 422 36.57 13.26 -37.46
N VAL B 423 37.53 12.36 -37.20
CA VAL B 423 38.86 12.51 -37.80
C VAL B 423 38.75 12.48 -39.31
N ASP B 424 38.24 11.38 -39.85
CA ASP B 424 37.92 11.28 -41.27
C ASP B 424 36.39 11.33 -41.43
N GLY B 425 35.92 11.25 -42.66
CA GLY B 425 34.50 11.36 -42.91
C GLY B 425 33.82 10.04 -43.22
N MET B 426 34.50 8.93 -42.97
CA MET B 426 33.94 7.62 -43.28
C MET B 426 33.03 7.15 -42.17
N PHE B 427 32.08 6.30 -42.51
CA PHE B 427 30.97 5.94 -41.63
C PHE B 427 31.11 4.48 -41.19
N TYR B 428 30.79 4.23 -39.93
CA TYR B 428 30.75 2.89 -39.37
C TYR B 428 29.32 2.38 -39.36
N SER B 429 29.12 1.18 -39.87
CA SER B 429 27.77 0.59 -39.96
C SER B 429 27.90 -0.90 -39.63
N GLY B 430 27.63 -1.24 -38.37
CA GLY B 430 27.67 -2.62 -37.94
C GLY B 430 28.43 -2.82 -36.64
N ASP B 431 29.25 -3.86 -36.59
CA ASP B 431 30.06 -4.12 -35.41
C ASP B 431 31.13 -3.07 -35.19
N ASP B 432 31.48 -2.30 -36.21
CA ASP B 432 32.43 -1.21 -36.05
C ASP B 432 31.89 -0.13 -35.12
N ALA B 433 30.57 0.03 -35.07
CA ALA B 433 29.95 0.99 -34.17
C ALA B 433 29.72 0.45 -32.77
N LYS B 434 29.79 -0.87 -32.59
CA LYS B 434 29.56 -1.44 -31.26
C LYS B 434 30.71 -1.12 -30.32
N LYS B 435 31.92 -0.96 -30.85
CA LYS B 435 33.08 -0.69 -30.00
C LYS B 435 32.90 0.60 -29.22
N TYR B 436 32.39 1.65 -29.88
CA TYR B 436 32.16 2.94 -29.24
C TYR B 436 30.81 2.86 -28.53
N THR B 437 30.84 2.82 -27.20
CA THR B 437 29.62 2.67 -26.40
C THR B 437 28.83 3.97 -26.45
N CYS B 438 28.08 4.12 -27.53
CA CYS B 438 27.23 5.29 -27.75
C CYS B 438 25.79 4.92 -27.39
N THR B 439 25.34 5.35 -26.22
CA THR B 439 23.99 5.03 -25.76
C THR B 439 22.94 6.00 -26.28
N VAL B 440 23.34 7.07 -26.96
CA VAL B 440 22.42 8.04 -27.51
C VAL B 440 22.59 8.06 -29.03
N SER B 441 21.73 8.82 -29.69
CA SER B 441 21.80 8.92 -31.14
C SER B 441 21.14 10.23 -31.58
N THR B 442 21.45 10.62 -32.82
CA THR B 442 20.84 11.82 -33.38
C THR B 442 19.36 11.60 -33.67
N GLY B 443 18.91 10.35 -33.69
CA GLY B 443 17.51 10.03 -33.91
C GLY B 443 17.12 9.79 -35.35
N PHE B 444 18.03 10.00 -36.30
CA PHE B 444 17.73 9.78 -37.72
C PHE B 444 18.86 8.99 -38.35
N LYS B 445 18.51 8.25 -39.40
CA LYS B 445 19.47 7.41 -40.10
C LYS B 445 20.46 8.26 -40.88
N PHE B 446 21.67 7.72 -41.05
CA PHE B 446 22.67 8.39 -41.88
C PHE B 446 22.37 8.16 -43.35
N ASP B 447 22.45 9.22 -44.15
CA ASP B 447 22.23 9.15 -45.59
C ASP B 447 23.51 9.64 -46.30
N ASP B 448 24.25 8.70 -46.86
CA ASP B 448 25.44 9.05 -47.64
C ASP B 448 25.10 9.58 -49.03
N THR B 449 23.88 9.34 -49.51
CA THR B 449 23.46 9.84 -50.81
C THR B 449 23.40 11.36 -50.86
N LYS B 450 22.96 12.01 -49.79
CA LYS B 450 22.93 13.46 -49.72
C LYS B 450 24.17 14.06 -49.07
N PHE B 451 24.98 13.25 -48.41
CA PHE B 451 26.19 13.73 -47.74
C PHE B 451 27.37 13.64 -48.71
N VAL B 452 27.31 14.48 -49.74
CA VAL B 452 28.33 14.51 -50.78
C VAL B 452 29.13 15.82 -50.75
N GLU B 453 28.49 16.95 -51.04
CA GLU B 453 29.06 18.28 -51.20
C GLU B 453 28.26 19.08 -52.22
N ASP B 454 27.88 18.44 -53.33
CA ASP B 454 27.15 19.14 -54.38
C ASP B 454 25.83 19.69 -53.83
N SER B 455 24.92 18.79 -53.44
CA SER B 455 23.77 19.11 -52.59
C SER B 455 23.02 20.35 -53.06
N PRO B 456 22.21 20.26 -54.11
CA PRO B 456 21.54 21.47 -54.64
C PRO B 456 20.98 22.41 -53.57
N GLU B 457 20.76 21.92 -52.35
CA GLU B 457 20.43 22.79 -51.23
C GLU B 457 21.65 23.37 -50.53
N MET B 458 22.85 22.89 -50.86
CA MET B 458 24.06 23.46 -50.27
C MET B 458 24.26 24.90 -50.69
N GLU B 459 23.93 25.22 -51.96
CA GLU B 459 24.02 26.59 -52.41
C GLU B 459 23.05 27.48 -51.63
N GLU B 460 21.83 26.99 -51.39
CA GLU B 460 20.88 27.73 -50.58
C GLU B 460 21.42 27.93 -49.17
N LEU B 461 22.01 26.89 -48.58
CA LEU B 461 22.56 27.01 -47.23
C LEU B 461 23.71 28.01 -47.17
N MET B 462 24.59 27.99 -48.17
CA MET B 462 25.67 28.96 -48.23
C MET B 462 25.17 30.38 -48.41
N ASN B 463 24.10 30.58 -49.17
CA ASN B 463 23.49 31.90 -49.26
C ASN B 463 22.87 32.34 -47.94
N ILE B 464 22.20 31.41 -47.25
CA ILE B 464 21.57 31.75 -45.97
C ILE B 464 22.62 32.14 -44.94
N ILE B 465 23.69 31.35 -44.82
CA ILE B 465 24.71 31.65 -43.81
C ILE B 465 25.43 32.95 -44.16
N ASN B 466 25.57 33.24 -45.45
CA ASN B 466 26.23 34.47 -45.89
C ASN B 466 25.36 35.70 -45.70
N ASP B 467 24.03 35.56 -45.76
CA ASP B 467 23.18 36.73 -45.53
C ASP B 467 22.87 36.96 -44.06
N ILE B 468 22.64 35.89 -43.27
CA ILE B 468 22.47 36.07 -41.83
C ILE B 468 23.74 36.62 -41.21
N GLN B 469 24.89 36.23 -41.76
CA GLN B 469 26.19 36.65 -41.28
C GLN B 469 27.03 36.98 -42.50
N PRO B 470 27.21 38.27 -42.80
CA PRO B 470 27.99 38.64 -43.99
C PRO B 470 29.43 38.14 -43.91
N LEU B 471 29.93 37.68 -45.06
CA LEU B 471 31.35 37.37 -45.21
C LEU B 471 32.07 38.63 -45.67
N THR B 472 32.19 39.57 -44.74
CA THR B 472 32.82 40.86 -45.00
C THR B 472 34.04 41.02 -44.10
N ASP B 473 34.97 41.87 -44.54
CA ASP B 473 36.26 42.04 -43.89
C ASP B 473 36.14 42.40 -42.41
N GLU B 474 35.10 43.12 -42.01
CA GLU B 474 34.89 43.41 -40.60
C GLU B 474 34.26 42.23 -39.87
N ASN B 475 33.49 41.40 -40.59
CA ASN B 475 32.79 40.27 -39.98
C ASN B 475 33.59 38.98 -40.18
N LYS B 476 34.78 38.98 -39.58
CA LYS B 476 35.67 37.82 -39.60
C LYS B 476 35.81 37.18 -38.22
N LYS B 477 36.17 37.97 -37.21
CA LYS B 477 36.27 37.46 -35.86
C LYS B 477 34.94 36.93 -35.34
N ASN B 478 33.86 37.69 -35.53
CA ASN B 478 32.52 37.15 -35.30
C ASN B 478 32.29 35.89 -36.12
N ARG B 479 32.77 35.88 -37.37
CA ARG B 479 32.58 34.70 -38.21
C ARG B 479 33.30 33.49 -37.65
N GLU B 480 34.59 33.62 -37.32
CA GLU B 480 35.36 32.48 -36.83
C GLU B 480 34.80 31.99 -35.49
N LEU B 481 34.42 32.91 -34.61
CA LEU B 481 33.77 32.49 -33.38
C LEU B 481 32.44 31.80 -33.68
N TYR B 482 31.80 32.17 -34.78
CA TYR B 482 30.55 31.52 -35.18
C TYR B 482 30.79 30.08 -35.60
N GLU B 483 31.82 29.82 -36.43
CA GLU B 483 32.10 28.43 -36.75
C GLU B 483 32.47 27.63 -35.50
N LYS B 484 33.32 28.19 -34.63
CA LYS B 484 33.70 27.43 -33.44
C LYS B 484 32.50 27.13 -32.56
N THR B 485 31.63 28.13 -32.35
CA THR B 485 30.47 27.95 -31.49
C THR B 485 29.50 26.93 -32.08
N LEU B 486 29.31 26.96 -33.40
CA LEU B 486 28.41 25.98 -34.00
C LEU B 486 29.01 24.58 -33.96
N SER B 487 30.30 24.43 -34.24
CA SER B 487 30.91 23.11 -34.27
C SER B 487 31.13 22.55 -32.88
N SER B 488 31.06 23.40 -31.85
CA SER B 488 31.20 22.90 -30.49
C SER B 488 30.06 22.00 -30.06
N CYS B 489 28.99 21.92 -30.83
CA CYS B 489 27.88 21.03 -30.52
C CYS B 489 28.11 19.62 -31.05
N LEU B 490 29.22 19.37 -31.73
CA LEU B 490 29.52 18.06 -32.28
C LEU B 490 30.58 17.29 -31.50
N CYS B 491 31.19 17.90 -30.49
CA CYS B 491 32.19 17.22 -29.67
C CYS B 491 31.55 16.74 -28.38
N GLY B 492 31.72 15.45 -28.09
CA GLY B 492 31.16 14.88 -26.89
C GLY B 492 32.08 15.02 -25.69
N ALA B 493 32.56 16.24 -25.45
CA ALA B 493 33.43 16.53 -24.33
C ALA B 493 32.76 17.58 -23.45
N THR B 494 33.43 17.91 -22.35
CA THR B 494 32.91 18.91 -21.44
C THR B 494 33.25 20.31 -21.95
N LYS B 495 32.22 21.16 -22.04
CA LYS B 495 32.39 22.53 -22.48
C LYS B 495 32.56 23.46 -21.30
N GLY B 496 33.62 24.27 -21.34
CA GLY B 496 33.97 25.16 -20.26
C GLY B 496 33.69 26.63 -20.48
N CYS B 497 32.89 26.99 -21.48
CA CYS B 497 32.61 28.39 -21.76
C CYS B 497 31.16 28.57 -22.15
N LEU B 498 30.66 29.78 -21.96
CA LEU B 498 29.30 30.17 -22.34
C LEU B 498 29.40 31.17 -23.49
N THR B 499 28.62 30.93 -24.54
CA THR B 499 28.60 31.82 -25.69
C THR B 499 27.20 32.39 -25.89
N PHE B 500 27.15 33.61 -26.43
CA PHE B 500 25.92 34.38 -26.54
C PHE B 500 25.63 34.69 -28.00
N PHE B 501 24.40 34.44 -28.43
CA PHE B 501 23.91 34.98 -29.70
C PHE B 501 23.03 36.19 -29.40
N PHE B 502 23.62 37.37 -29.47
CA PHE B 502 22.94 38.63 -29.18
C PHE B 502 22.61 39.35 -30.48
N GLY B 503 21.33 39.68 -30.66
CA GLY B 503 20.91 40.41 -31.83
C GLY B 503 19.49 40.88 -31.65
N GLU B 504 19.07 41.78 -32.54
CA GLU B 504 17.74 42.35 -32.47
C GLU B 504 16.73 41.41 -33.12
N THR B 505 15.51 41.90 -33.30
CA THR B 505 14.47 41.11 -33.94
C THR B 505 14.80 40.91 -35.43
N ALA B 506 14.48 39.71 -35.91
CA ALA B 506 14.66 39.33 -37.32
C ALA B 506 16.14 39.40 -37.72
N THR B 507 17.00 38.84 -36.87
CA THR B 507 18.42 38.72 -37.16
C THR B 507 18.82 37.29 -37.52
N GLY B 508 17.91 36.33 -37.39
CA GLY B 508 18.18 34.96 -37.77
C GLY B 508 18.67 34.03 -36.68
N LYS B 509 18.73 34.50 -35.42
CA LYS B 509 19.15 33.61 -34.34
C LYS B 509 18.22 32.42 -34.20
N SER B 510 16.91 32.65 -34.26
CA SER B 510 15.96 31.54 -34.27
C SER B 510 16.09 30.71 -35.54
N THR B 511 16.48 31.33 -36.66
CA THR B 511 16.75 30.57 -37.87
C THR B 511 17.91 29.60 -37.66
N THR B 512 18.98 30.06 -37.02
CA THR B 512 20.10 29.18 -36.71
C THR B 512 19.66 28.09 -35.73
N LYS B 513 18.84 28.46 -34.75
CA LYS B 513 18.27 27.46 -33.84
C LYS B 513 17.57 26.34 -34.60
N ARG B 514 16.65 26.72 -35.49
CA ARG B 514 15.85 25.73 -36.20
C ARG B 514 16.72 24.87 -37.13
N LEU B 515 17.66 25.48 -37.84
CA LEU B 515 18.48 24.70 -38.76
C LEU B 515 19.42 23.77 -38.00
N LEU B 516 19.97 24.21 -36.86
CA LEU B 516 20.79 23.33 -36.05
C LEU B 516 19.99 22.17 -35.50
N LYS B 517 18.78 22.42 -35.01
CA LYS B 517 17.93 21.34 -34.55
C LYS B 517 17.65 20.35 -35.67
N SER B 518 17.28 20.85 -36.85
CA SER B 518 17.03 19.98 -37.98
C SER B 518 18.27 19.20 -38.40
N ALA B 519 19.45 19.79 -38.23
CA ALA B 519 20.69 19.13 -38.62
C ALA B 519 21.13 18.04 -37.66
N ILE B 520 20.99 18.24 -36.36
CA ILE B 520 21.54 17.29 -35.39
C ILE B 520 20.48 16.44 -34.70
N GLY B 521 19.19 16.63 -35.02
CA GLY B 521 18.18 15.71 -34.54
C GLY B 521 18.09 15.65 -33.02
N ASP B 522 18.05 14.43 -32.49
CA ASP B 522 17.72 14.18 -31.09
C ASP B 522 18.76 14.71 -30.12
N LEU B 523 19.99 14.95 -30.56
CA LEU B 523 21.04 15.41 -29.66
C LEU B 523 20.85 16.86 -29.22
N PHE B 524 19.75 17.50 -29.62
CA PHE B 524 19.46 18.89 -29.30
C PHE B 524 18.29 18.99 -28.34
N VAL B 525 18.28 20.03 -27.51
CA VAL B 525 17.13 20.35 -26.68
C VAL B 525 17.08 21.85 -26.39
N GLU B 526 15.87 22.39 -26.34
CA GLU B 526 15.58 23.73 -25.86
C GLU B 526 14.94 23.62 -24.49
N THR B 527 15.52 24.31 -23.51
CA THR B 527 15.06 24.24 -22.12
C THR B 527 14.68 25.64 -21.64
N GLY B 528 14.16 25.69 -20.43
CA GLY B 528 13.68 26.93 -19.84
C GLY B 528 14.80 27.78 -19.27
N GLN B 529 14.42 28.98 -18.85
CA GLN B 529 15.38 29.96 -18.33
C GLN B 529 15.73 29.73 -16.87
N THR B 530 15.00 28.85 -16.18
CA THR B 530 15.25 28.64 -14.76
C THR B 530 16.62 28.03 -14.50
N ILE B 531 17.24 27.40 -15.50
CA ILE B 531 18.58 26.85 -15.33
C ILE B 531 19.63 27.92 -15.13
N LEU B 532 19.29 29.19 -15.32
CA LEU B 532 20.18 30.31 -15.01
C LEU B 532 19.75 31.08 -13.77
N THR B 533 18.47 31.46 -13.68
CA THR B 533 17.99 32.30 -12.59
C THR B 533 17.46 31.51 -11.40
N ASP B 534 17.55 30.18 -11.42
CA ASP B 534 17.06 29.36 -10.32
C ASP B 534 18.08 28.29 -9.99
N VAL B 535 18.03 27.82 -8.74
CA VAL B 535 18.95 26.78 -8.29
C VAL B 535 18.72 25.50 -9.06
N PRO B 542 13.27 18.99 -13.70
CA PRO B 542 13.40 18.39 -15.04
C PRO B 542 14.31 19.15 -15.98
N PHE B 543 14.45 20.46 -15.80
CA PHE B 543 15.28 21.25 -16.71
C PHE B 543 16.78 21.05 -16.47
N ILE B 544 17.18 20.33 -15.43
CA ILE B 544 18.59 20.05 -15.18
C ILE B 544 18.95 18.59 -15.44
N ALA B 545 17.99 17.67 -15.42
CA ALA B 545 18.29 16.26 -15.61
C ALA B 545 18.09 15.79 -17.04
N ASN B 546 17.38 16.55 -17.87
CA ASN B 546 17.13 16.17 -19.25
C ASN B 546 18.24 16.59 -20.20
N MET B 547 19.27 17.28 -19.71
CA MET B 547 20.39 17.67 -20.54
C MET B 547 21.48 16.60 -20.58
N HIS B 548 21.33 15.53 -19.83
CA HIS B 548 22.37 14.52 -19.71
C HIS B 548 22.62 13.87 -21.06
N LEU B 549 23.90 13.69 -21.40
CA LEU B 549 24.36 13.09 -22.64
C LEU B 549 23.95 13.87 -23.89
N LYS B 550 23.38 15.05 -23.71
CA LYS B 550 23.02 15.91 -24.84
C LYS B 550 24.26 16.66 -25.32
N ARG B 551 24.21 17.12 -26.57
CA ARG B 551 25.33 17.86 -27.16
C ARG B 551 24.97 19.28 -27.55
N SER B 552 23.72 19.70 -27.38
CA SER B 552 23.32 21.07 -27.72
C SER B 552 22.10 21.45 -26.92
N VAL B 553 22.20 22.53 -26.14
CA VAL B 553 21.10 23.03 -25.34
C VAL B 553 20.96 24.53 -25.62
N PHE B 554 19.72 24.96 -25.86
CA PHE B 554 19.46 26.37 -26.13
C PHE B 554 18.50 26.93 -25.08
N CYS B 555 18.64 28.23 -24.80
CA CYS B 555 17.64 29.02 -24.10
C CYS B 555 17.48 30.31 -24.86
N SER B 556 16.30 30.92 -24.79
CA SER B 556 15.99 32.08 -25.62
C SER B 556 15.10 33.08 -24.89
N GLU B 557 15.13 34.32 -25.39
CA GLU B 557 14.20 35.37 -25.01
C GLU B 557 14.26 35.69 -23.51
N LEU B 558 15.42 36.17 -23.10
CA LEU B 558 15.57 36.67 -21.74
C LEU B 558 14.77 37.96 -21.59
N PRO B 559 13.83 38.05 -20.65
CA PRO B 559 12.90 39.18 -20.59
C PRO B 559 13.50 40.43 -19.94
N ASP B 560 14.57 40.94 -20.55
CA ASP B 560 15.16 42.22 -20.18
C ASP B 560 15.49 42.29 -18.69
N PHE B 561 16.44 41.45 -18.28
CA PHE B 561 16.86 41.42 -16.89
C PHE B 561 17.43 42.74 -16.41
N ALA B 562 17.89 43.61 -17.33
CA ALA B 562 18.43 44.90 -16.92
C ALA B 562 17.34 45.82 -16.38
N CYS B 563 16.10 45.60 -16.77
CA CYS B 563 14.98 46.42 -16.31
C CYS B 563 14.58 45.97 -14.91
N SER B 564 13.65 46.71 -14.29
CA SER B 564 13.21 46.40 -12.94
C SER B 564 12.26 45.21 -12.94
N GLY B 565 12.08 44.63 -11.74
CA GLY B 565 11.19 43.48 -11.60
C GLY B 565 11.66 42.26 -12.36
N SER B 566 12.98 42.07 -12.44
CA SER B 566 13.54 40.95 -13.20
C SER B 566 14.62 40.28 -12.36
N LYS B 567 14.74 38.96 -12.55
CA LYS B 567 15.75 38.16 -11.86
C LYS B 567 17.00 38.10 -12.72
N LYS B 568 18.09 38.66 -12.22
CA LYS B 568 19.33 38.67 -12.98
C LYS B 568 19.94 37.26 -13.04
N ILE B 569 21.08 37.17 -13.72
CA ILE B 569 21.59 35.86 -14.15
C ILE B 569 21.98 35.00 -12.95
N ARG B 570 22.52 35.64 -11.90
CA ARG B 570 23.02 34.93 -10.73
C ARG B 570 24.12 33.96 -11.15
N SER B 571 25.26 34.51 -11.56
CA SER B 571 26.33 33.81 -12.26
C SER B 571 26.81 32.55 -11.57
N ASP B 572 26.39 32.28 -10.33
CA ASP B 572 26.70 31.00 -9.71
C ASP B 572 26.30 29.85 -10.61
N ASN B 573 25.15 29.96 -11.28
CA ASN B 573 24.77 28.97 -12.28
C ASN B 573 25.73 28.98 -13.46
N ILE B 574 26.25 30.15 -13.84
CA ILE B 574 27.22 30.21 -14.92
C ILE B 574 28.45 29.35 -14.59
N LYS B 575 28.92 29.43 -13.34
CA LYS B 575 29.98 28.51 -12.94
C LYS B 575 29.47 27.07 -12.89
N LYS B 576 28.24 26.85 -12.44
CA LYS B 576 27.78 25.49 -12.22
C LYS B 576 27.49 24.75 -13.53
N LEU B 577 27.32 25.47 -14.63
CA LEU B 577 27.15 24.83 -15.93
C LEU B 577 28.47 24.60 -16.65
N THR B 578 29.60 24.75 -15.97
CA THR B 578 30.90 24.56 -16.59
C THR B 578 31.52 23.20 -16.28
N GLU B 579 31.30 22.69 -15.06
CA GLU B 579 31.94 21.44 -14.57
C GLU B 579 31.77 20.26 -15.54
N PRO B 580 32.70 19.27 -15.53
CA PRO B 580 32.58 18.06 -16.35
C PRO B 580 31.45 17.15 -15.88
N CYS B 581 30.68 17.58 -14.88
CA CYS B 581 29.50 16.80 -14.43
C CYS B 581 28.71 17.70 -13.47
N VAL B 582 27.40 17.82 -13.64
CA VAL B 582 26.67 18.78 -12.77
C VAL B 582 26.75 18.28 -11.31
N ILE B 592 23.76 8.23 -13.00
CA ILE B 592 23.08 9.19 -12.08
C ILE B 592 23.84 10.52 -12.14
N ASN B 593 24.54 10.76 -13.24
CA ASN B 593 25.38 11.99 -13.32
C ASN B 593 24.92 12.88 -14.48
N ASN B 594 24.62 14.15 -14.22
CA ASN B 594 24.28 15.02 -15.37
C ASN B 594 25.60 15.32 -16.09
N ARG B 595 26.07 14.37 -16.89
CA ARG B 595 27.32 14.60 -17.61
C ARG B 595 27.17 15.84 -18.50
N ASN B 596 28.18 16.70 -18.48
CA ASN B 596 28.19 17.89 -19.32
C ASN B 596 28.86 17.57 -20.65
N HIS B 597 28.05 17.45 -21.70
CA HIS B 597 28.54 17.28 -23.06
C HIS B 597 27.82 18.20 -24.03
N ALA B 598 26.99 19.11 -23.53
CA ALA B 598 26.15 19.96 -24.35
C ALA B 598 26.67 21.38 -24.37
N THR B 599 26.72 21.98 -25.56
CA THR B 599 27.07 23.38 -25.72
C THR B 599 25.84 24.20 -25.34
N ILE B 600 26.02 25.20 -24.48
CA ILE B 600 24.93 26.04 -24.01
C ILE B 600 24.90 27.29 -24.86
N ILE B 601 23.75 27.58 -25.46
CA ILE B 601 23.58 28.79 -26.25
C ILE B 601 22.42 29.60 -25.68
N ILE B 602 22.61 30.91 -25.62
CA ILE B 602 21.60 31.83 -25.09
C ILE B 602 21.28 32.83 -26.18
N ASP B 603 19.99 32.94 -26.52
CA ASP B 603 19.53 33.90 -27.50
C ASP B 603 18.82 35.05 -26.80
N THR B 604 19.34 36.26 -26.96
CA THR B 604 18.78 37.42 -26.29
C THR B 604 18.69 38.58 -27.27
N ASN B 605 17.80 39.53 -26.96
CA ASN B 605 17.71 40.78 -27.68
C ASN B 605 18.40 41.93 -26.95
N TYR B 606 18.70 41.76 -25.66
CA TYR B 606 19.38 42.77 -24.87
C TYR B 606 20.59 42.14 -24.20
N LYS B 607 21.61 42.96 -23.95
CA LYS B 607 22.81 42.46 -23.29
C LYS B 607 22.48 42.04 -21.87
N PRO B 608 22.92 40.85 -21.45
CA PRO B 608 22.57 40.35 -20.12
C PRO B 608 23.27 41.13 -19.01
N VAL B 609 22.66 41.08 -17.83
CA VAL B 609 23.20 41.71 -16.63
C VAL B 609 23.30 40.65 -15.55
N PHE B 610 24.37 40.73 -14.74
CA PHE B 610 24.70 39.67 -13.80
C PHE B 610 24.55 40.16 -12.37
N ASP B 611 24.16 39.24 -11.48
CA ASP B 611 24.07 39.58 -10.06
C ASP B 611 25.43 39.96 -9.50
N ARG B 612 26.48 39.22 -9.86
CA ARG B 612 27.83 39.50 -9.40
C ARG B 612 28.79 39.31 -10.55
N ILE B 613 29.76 40.22 -10.66
CA ILE B 613 30.81 40.14 -11.67
C ILE B 613 32.11 39.80 -10.95
N ASP B 614 32.70 38.66 -11.30
CA ASP B 614 33.95 38.20 -10.72
C ASP B 614 34.86 37.66 -11.82
N ASN B 615 36.08 37.29 -11.43
CA ASN B 615 37.05 36.77 -12.38
C ASN B 615 36.64 35.43 -12.99
N ALA B 616 35.67 34.74 -12.39
CA ALA B 616 35.20 33.48 -12.93
C ALA B 616 34.33 33.64 -14.17
N LEU B 617 33.98 34.86 -14.54
CA LEU B 617 33.06 35.09 -15.65
C LEU B 617 33.77 35.45 -16.94
N MET B 618 34.81 36.30 -16.87
CA MET B 618 35.51 36.70 -18.08
C MET B 618 36.14 35.52 -18.80
N ARG B 619 36.43 34.44 -18.09
CA ARG B 619 37.04 33.26 -18.68
C ARG B 619 36.01 32.25 -19.18
N ARG B 620 34.72 32.57 -19.10
CA ARG B 620 33.68 31.60 -19.46
C ARG B 620 32.55 32.23 -20.27
N ILE B 621 32.71 33.46 -20.75
CA ILE B 621 31.63 34.17 -21.42
C ILE B 621 32.09 34.58 -22.82
N ALA B 622 31.30 34.22 -23.83
CA ALA B 622 31.53 34.64 -25.21
C ALA B 622 30.21 35.13 -25.81
N VAL B 623 30.32 35.87 -26.91
CA VAL B 623 29.15 36.43 -27.58
C VAL B 623 29.41 36.45 -29.09
N VAL B 624 28.39 36.11 -29.86
CA VAL B 624 28.44 36.19 -31.32
C VAL B 624 27.38 37.20 -31.76
N ARG B 625 27.80 38.17 -32.55
CA ARG B 625 26.96 39.32 -32.90
C ARG B 625 26.27 39.09 -34.24
N PHE B 626 25.00 39.46 -34.31
CA PHE B 626 24.18 39.33 -35.52
C PHE B 626 23.70 40.71 -35.91
N ARG B 627 23.94 41.10 -37.17
CA ARG B 627 23.56 42.43 -37.62
C ARG B 627 22.96 42.46 -39.02
N THR B 628 22.01 41.58 -39.32
CA THR B 628 21.29 41.60 -40.59
C THR B 628 19.79 41.56 -40.29
N HIS B 629 19.02 42.35 -41.03
CA HIS B 629 17.57 42.43 -40.86
C HIS B 629 16.86 41.85 -42.07
N PHE B 630 15.89 40.98 -41.82
CA PHE B 630 15.02 40.40 -42.84
C PHE B 630 13.60 40.87 -42.55
N SER B 631 13.20 41.97 -43.17
CA SER B 631 11.92 42.61 -42.89
C SER B 631 11.04 42.60 -44.13
N GLN B 632 9.77 42.94 -43.92
CA GLN B 632 8.79 43.03 -44.99
C GLN B 632 9.10 44.22 -45.89
N PRO B 633 8.67 44.16 -47.16
CA PRO B 633 8.97 45.28 -48.08
C PRO B 633 8.41 46.61 -47.62
N SER B 634 7.28 46.61 -46.90
CA SER B 634 6.67 47.88 -46.48
C SER B 634 7.58 48.65 -45.53
N GLY B 635 8.19 47.95 -44.57
CA GLY B 635 8.99 48.60 -43.56
C GLY B 635 10.49 48.45 -43.75
N ARG B 636 10.94 48.39 -45.01
CA ARG B 636 12.36 48.27 -45.26
C ARG B 636 13.11 49.56 -44.91
N GLU B 637 12.63 50.70 -45.39
CA GLU B 637 13.33 51.96 -45.18
C GLU B 637 13.43 52.31 -43.70
N ALA B 638 12.35 52.08 -42.94
CA ALA B 638 12.38 52.31 -41.50
C ALA B 638 13.43 51.45 -40.80
N ALA B 639 13.85 50.35 -41.41
CA ALA B 639 14.94 49.55 -40.87
C ALA B 639 16.30 49.94 -41.43
N GLU B 640 16.34 50.63 -42.57
CA GLU B 640 17.61 51.03 -43.17
C GLU B 640 18.23 52.24 -42.51
N ASN B 641 17.47 52.98 -41.69
CA ASN B 641 17.98 54.11 -40.95
C ASN B 641 18.29 53.76 -39.50
N ASN B 642 18.27 52.48 -39.16
CA ASN B 642 18.55 52.02 -37.81
C ASN B 642 20.03 51.69 -37.68
N ASP B 643 20.62 52.06 -36.55
CA ASP B 643 22.02 51.78 -36.27
C ASP B 643 22.25 50.34 -35.82
N ALA B 644 21.19 49.58 -35.59
CA ALA B 644 21.29 48.21 -35.07
C ALA B 644 21.37 47.17 -36.18
N TYR B 645 21.38 47.60 -37.45
CA TYR B 645 21.44 46.68 -38.57
C TYR B 645 22.49 47.15 -39.57
N ASP B 646 23.12 46.19 -40.25
CA ASP B 646 24.08 46.51 -41.30
C ASP B 646 23.52 46.31 -42.70
N LYS B 647 22.79 45.22 -42.93
CA LYS B 647 22.14 44.99 -44.21
C LYS B 647 20.69 44.57 -43.96
N VAL B 648 19.81 44.96 -44.88
CA VAL B 648 18.39 44.61 -44.83
C VAL B 648 18.07 43.81 -46.09
N LYS B 649 17.45 42.65 -45.91
CA LYS B 649 17.14 41.75 -47.00
C LYS B 649 15.68 41.37 -46.95
N LEU B 650 15.14 40.99 -48.11
CA LEU B 650 13.75 40.58 -48.21
C LEU B 650 13.52 39.30 -47.41
N LEU B 651 12.43 39.26 -46.65
CA LEU B 651 12.09 38.08 -45.87
C LEU B 651 11.59 36.95 -46.77
N ASP B 652 11.97 35.73 -46.44
CA ASP B 652 11.45 34.54 -47.11
C ASP B 652 10.44 33.87 -46.17
N GLU B 653 9.16 33.94 -46.53
CA GLU B 653 8.12 33.39 -45.67
C GLU B 653 8.07 31.87 -45.70
N GLY B 654 8.67 31.23 -46.71
CA GLY B 654 8.74 29.78 -46.76
C GLY B 654 9.97 29.19 -46.13
N LEU B 655 10.86 30.01 -45.57
CA LEU B 655 12.08 29.52 -44.94
C LEU B 655 11.80 28.65 -43.73
N ASP B 656 10.89 29.07 -42.85
CA ASP B 656 10.57 28.27 -41.68
C ASP B 656 9.96 26.93 -42.06
N GLY B 657 9.05 26.91 -43.02
CA GLY B 657 8.42 25.68 -43.46
C GLY B 657 9.40 24.73 -44.12
N LYS B 658 10.33 25.26 -44.92
CA LYS B 658 11.29 24.40 -45.60
C LYS B 658 12.36 23.90 -44.64
N ILE B 659 12.71 24.70 -43.63
CA ILE B 659 13.62 24.23 -42.59
C ILE B 659 12.95 23.12 -41.78
N GLN B 660 11.69 23.32 -41.40
CA GLN B 660 10.94 22.27 -40.71
C GLN B 660 10.80 21.02 -41.57
N ASN B 661 10.99 21.14 -42.88
CA ASN B 661 10.95 19.99 -43.78
C ASN B 661 12.27 19.24 -43.79
N ASN B 662 13.28 19.73 -43.06
CA ASN B 662 14.54 19.01 -42.86
C ASN B 662 15.30 18.83 -44.18
N ARG B 663 15.11 19.77 -45.10
CA ARG B 663 15.71 19.62 -46.42
C ARG B 663 17.18 20.06 -46.41
N TYR B 664 17.60 20.78 -45.38
CA TYR B 664 19.00 21.17 -45.21
C TYR B 664 19.67 20.36 -44.11
N ARG B 665 19.11 19.20 -43.80
CA ARG B 665 19.54 18.44 -42.63
C ARG B 665 20.98 17.97 -42.76
N PHE B 666 21.36 17.46 -43.93
CA PHE B 666 22.64 16.80 -44.11
C PHE B 666 23.74 17.74 -44.58
N ALA B 667 23.43 18.70 -45.44
CA ALA B 667 24.44 19.63 -45.93
C ALA B 667 25.03 20.49 -44.83
N PHE B 668 24.18 20.98 -43.92
CA PHE B 668 24.70 21.81 -42.82
C PHE B 668 25.56 20.99 -41.87
N LEU B 669 25.21 19.72 -41.66
CA LEU B 669 26.05 18.86 -40.83
C LEU B 669 27.39 18.60 -41.53
N TYR B 670 27.35 18.44 -42.85
CA TYR B 670 28.58 18.37 -43.64
C TYR B 670 29.45 19.60 -43.41
N LEU B 671 28.83 20.78 -43.46
CA LEU B 671 29.57 22.02 -43.23
C LEU B 671 30.12 22.07 -41.81
N LEU B 672 29.33 21.62 -40.83
CA LEU B 672 29.77 21.62 -39.44
C LEU B 672 30.97 20.72 -39.23
N VAL B 673 30.95 19.51 -39.79
CA VAL B 673 32.07 18.61 -39.62
C VAL B 673 33.30 19.14 -40.35
N LYS B 674 33.09 19.79 -41.50
CA LYS B 674 34.21 20.44 -42.17
C LYS B 674 34.84 21.51 -41.28
N TRP B 675 34.01 22.36 -40.67
CA TRP B 675 34.53 23.38 -39.76
C TRP B 675 35.25 22.75 -38.57
N TYR B 676 34.69 21.66 -38.03
CA TYR B 676 35.34 20.96 -36.93
C TYR B 676 36.70 20.45 -37.34
N LYS B 677 36.85 20.07 -38.61
CA LYS B 677 38.16 19.67 -39.11
C LYS B 677 39.17 20.81 -39.09
N LYS B 678 38.76 22.04 -39.44
CA LYS B 678 39.70 23.14 -39.39
C LYS B 678 40.00 23.64 -37.98
N TYR B 679 39.00 23.71 -37.11
CA TYR B 679 39.15 24.48 -35.88
C TYR B 679 39.40 23.64 -34.65
N HIS B 680 38.68 22.52 -34.48
CA HIS B 680 38.73 21.75 -33.25
C HIS B 680 39.66 20.54 -33.34
N ILE B 681 40.50 20.49 -34.36
CA ILE B 681 41.49 19.43 -34.52
C ILE B 681 42.86 20.01 -34.18
N PRO B 682 43.62 19.41 -33.26
CA PRO B 682 43.23 18.21 -32.51
C PRO B 682 42.71 18.51 -31.11
N ILE B 683 42.66 19.79 -30.75
CA ILE B 683 42.31 20.23 -29.40
C ILE B 683 40.94 20.86 -29.44
N MET B 684 40.07 20.46 -28.51
CA MET B 684 38.72 21.00 -28.39
C MET B 684 38.70 22.04 -27.27
N LYS B 685 38.53 23.31 -27.64
CA LYS B 685 38.38 24.36 -26.66
C LYS B 685 37.80 25.60 -27.34
N LEU B 686 36.86 26.25 -26.65
CA LEU B 686 36.25 27.49 -27.10
C LEU B 686 36.62 28.60 -26.14
N TYR B 687 37.06 29.75 -26.69
CA TYR B 687 37.66 30.80 -25.87
C TYR B 687 36.66 31.93 -25.63
N PRO B 688 36.77 32.60 -24.48
CA PRO B 688 35.85 33.70 -24.18
C PRO B 688 36.30 35.02 -24.81
N THR B 689 35.37 35.98 -24.81
CA THR B 689 35.61 37.33 -25.32
C THR B 689 35.19 38.33 -24.25
N PRO B 690 36.05 38.58 -23.26
CA PRO B 690 35.68 39.53 -22.20
C PRO B 690 35.45 40.95 -22.67
N GLU B 691 36.02 41.33 -23.82
CA GLU B 691 36.03 42.73 -24.26
C GLU B 691 34.73 43.15 -24.93
N GLU B 692 33.78 42.25 -25.11
CA GLU B 692 32.50 42.58 -25.75
C GLU B 692 31.35 42.70 -24.76
N ILE B 693 31.49 42.13 -23.58
CA ILE B 693 30.46 42.28 -22.54
C ILE B 693 30.64 43.64 -21.88
N PRO B 694 29.63 44.51 -21.91
CA PRO B 694 29.75 45.80 -21.23
C PRO B 694 29.93 45.68 -19.72
N ASP B 695 29.34 44.66 -19.09
CA ASP B 695 29.46 44.52 -17.64
C ASP B 695 30.91 44.40 -17.20
N LYS C 325 4.62 -24.56 -30.01
CA LYS C 325 3.99 -24.00 -31.20
C LYS C 325 3.35 -22.65 -30.89
N LEU C 326 3.42 -22.23 -29.62
CA LEU C 326 2.95 -20.91 -29.27
C LEU C 326 3.80 -19.83 -29.93
N PHE C 327 5.06 -20.14 -30.24
CA PHE C 327 5.87 -19.21 -31.01
C PHE C 327 5.28 -18.98 -32.38
N ASN C 328 4.76 -20.04 -33.01
CA ASN C 328 4.10 -19.86 -34.31
C ASN C 328 2.88 -18.96 -34.19
N ILE C 329 2.11 -19.11 -33.11
CA ILE C 329 0.95 -18.26 -32.91
C ILE C 329 1.36 -16.81 -32.74
N ALA C 330 2.41 -16.56 -31.95
CA ALA C 330 2.88 -15.19 -31.79
C ALA C 330 3.38 -14.63 -33.12
N GLN C 331 4.06 -15.47 -33.91
CA GLN C 331 4.51 -15.03 -35.23
C GLN C 331 3.34 -14.64 -36.11
N ARG C 332 2.28 -15.44 -36.11
CA ARG C 332 1.10 -15.11 -36.92
C ARG C 332 0.44 -13.83 -36.44
N ILE C 333 0.33 -13.65 -35.12
CA ILE C 333 -0.32 -12.46 -34.60
C ILE C 333 0.47 -11.21 -34.96
N LEU C 334 1.80 -11.28 -34.92
CA LEU C 334 2.58 -10.16 -35.42
C LEU C 334 2.44 -10.01 -36.94
N ASP C 335 2.25 -11.12 -37.64
CA ASP C 335 2.05 -11.03 -39.09
C ASP C 335 0.80 -10.24 -39.42
N THR C 336 -0.26 -10.42 -38.64
CA THR C 336 -1.45 -9.59 -38.83
C THR C 336 -1.19 -8.14 -38.49
N ASN C 337 -0.12 -7.84 -37.75
CA ASN C 337 0.27 -6.48 -37.41
C ASN C 337 -0.83 -5.74 -36.67
N SER C 338 -1.35 -6.37 -35.62
CA SER C 338 -2.39 -5.75 -34.81
C SER C 338 -1.84 -5.06 -33.57
N VAL C 339 -0.68 -5.48 -33.07
CA VAL C 339 -0.09 -4.93 -31.87
C VAL C 339 1.17 -4.17 -32.24
N LEU C 340 1.36 -3.01 -31.63
CA LEU C 340 2.45 -2.11 -32.00
C LEU C 340 3.02 -1.47 -30.75
N LEU C 341 4.26 -1.00 -30.86
CA LEU C 341 4.99 -0.41 -29.75
C LEU C 341 5.23 1.07 -30.01
N THR C 342 5.14 1.88 -28.96
CA THR C 342 5.34 3.31 -29.06
C THR C 342 6.58 3.75 -28.28
N GLU C 343 7.08 4.93 -28.63
CA GLU C 343 8.25 5.48 -27.95
C GLU C 343 7.98 5.79 -26.49
N ARG C 344 6.71 5.90 -26.10
CA ARG C 344 6.38 6.12 -24.69
C ARG C 344 6.63 4.88 -23.84
N GLY C 345 6.93 3.74 -24.45
CA GLY C 345 7.15 2.51 -23.71
C GLY C 345 5.92 1.68 -23.48
N ASP C 346 4.84 1.95 -24.23
CA ASP C 346 3.58 1.25 -24.04
C ASP C 346 3.11 0.67 -25.36
N HIS C 347 2.28 -0.35 -25.24
CA HIS C 347 1.87 -1.07 -26.46
C HIS C 347 0.43 -0.72 -26.79
N ILE C 348 0.13 -0.60 -28.06
CA ILE C 348 -1.21 -0.25 -28.57
C ILE C 348 -1.71 -1.41 -29.41
N VAL C 349 -2.99 -1.74 -29.25
CA VAL C 349 -3.55 -2.93 -29.87
C VAL C 349 -4.79 -2.55 -30.67
N TRP C 350 -4.97 -3.20 -31.82
CA TRP C 350 -6.07 -2.92 -32.74
C TRP C 350 -7.26 -3.80 -32.37
N ILE C 351 -8.11 -3.30 -31.48
CA ILE C 351 -9.30 -4.02 -31.05
C ILE C 351 -10.53 -3.25 -31.48
N ASN C 352 -11.46 -3.94 -32.13
CA ASN C 352 -12.75 -3.38 -32.50
C ASN C 352 -12.61 -2.08 -33.29
N ASN C 353 -11.76 -2.13 -34.31
CA ASN C 353 -11.56 -1.02 -35.24
C ASN C 353 -11.19 0.26 -34.50
N SER C 354 -10.18 0.15 -33.63
CA SER C 354 -9.68 1.29 -32.88
C SER C 354 -8.33 0.92 -32.28
N TRP C 355 -7.40 1.88 -32.33
CA TRP C 355 -6.05 1.65 -31.80
C TRP C 355 -6.07 1.88 -30.29
N LYS C 356 -6.64 0.90 -29.59
CA LYS C 356 -6.82 1.01 -28.15
C LYS C 356 -5.45 1.01 -27.46
N PHE C 357 -5.36 1.77 -26.37
CA PHE C 357 -4.11 2.01 -25.69
C PHE C 357 -4.36 2.02 -24.19
N ASN C 358 -3.49 1.33 -23.43
CA ASN C 358 -3.67 1.30 -21.99
C ASN C 358 -2.34 0.99 -21.33
N SER C 359 -2.15 1.53 -20.12
CA SER C 359 -0.95 1.32 -19.33
C SER C 359 -1.21 0.54 -18.05
N GLU C 360 -2.32 0.82 -17.37
CA GLU C 360 -2.65 0.10 -16.14
C GLU C 360 -2.95 -1.36 -16.44
N GLU C 361 -3.81 -1.62 -17.41
CA GLU C 361 -4.19 -2.99 -17.77
C GLU C 361 -3.75 -3.27 -19.20
N PRO C 362 -2.68 -4.03 -19.42
CA PRO C 362 -2.28 -4.36 -20.80
C PRO C 362 -3.36 -5.17 -21.50
N LEU C 363 -3.51 -4.91 -22.80
CA LEU C 363 -4.61 -5.44 -23.58
C LEU C 363 -4.19 -6.46 -24.62
N ILE C 364 -2.96 -6.97 -24.55
CA ILE C 364 -2.52 -7.94 -25.55
C ILE C 364 -3.34 -9.21 -25.47
N THR C 365 -3.69 -9.62 -24.25
CA THR C 365 -4.48 -10.84 -24.06
C THR C 365 -5.86 -10.72 -24.69
N LYS C 366 -6.50 -9.55 -24.53
CA LYS C 366 -7.79 -9.33 -25.17
C LYS C 366 -7.65 -9.41 -26.68
N LEU C 367 -6.55 -8.89 -27.23
CA LEU C 367 -6.31 -8.99 -28.65
C LEU C 367 -6.18 -10.45 -29.09
N ILE C 368 -5.50 -11.27 -28.27
CA ILE C 368 -5.32 -12.67 -28.63
C ILE C 368 -6.66 -13.39 -28.68
N LEU C 369 -7.51 -13.17 -27.67
CA LEU C 369 -8.85 -13.74 -27.76
C LEU C 369 -9.63 -13.21 -28.95
N SER C 370 -9.49 -11.91 -29.24
CA SER C 370 -10.27 -11.32 -30.32
C SER C 370 -9.90 -11.96 -31.65
N ILE C 371 -8.62 -12.18 -31.91
CA ILE C 371 -8.19 -12.68 -33.20
C ILE C 371 -7.92 -14.18 -33.19
N ARG C 372 -8.33 -14.88 -32.13
CA ARG C 372 -8.23 -16.34 -32.17
C ARG C 372 -9.03 -16.95 -33.30
N HIS C 373 -10.02 -16.24 -33.86
CA HIS C 373 -10.82 -16.81 -34.93
C HIS C 373 -10.05 -16.88 -36.24
N GLN C 374 -9.13 -15.95 -36.47
CA GLN C 374 -8.43 -15.84 -37.75
C GLN C 374 -7.22 -16.74 -37.85
N LEU C 375 -7.16 -17.79 -37.05
CA LEU C 375 -6.06 -18.74 -37.02
C LEU C 375 -6.57 -20.14 -37.31
N PRO C 376 -5.73 -21.04 -37.80
CA PRO C 376 -6.16 -22.42 -38.01
C PRO C 376 -6.62 -23.05 -36.70
N LYS C 377 -7.63 -23.91 -36.81
CA LYS C 377 -8.35 -24.39 -35.63
C LYS C 377 -7.42 -25.08 -34.63
N GLU C 378 -6.33 -25.69 -35.10
CA GLU C 378 -5.38 -26.30 -34.18
C GLU C 378 -4.75 -25.29 -33.24
N TYR C 379 -4.78 -24.00 -33.60
CA TYR C 379 -4.31 -22.95 -32.72
C TYR C 379 -5.45 -22.32 -31.93
N SER C 380 -6.62 -22.19 -32.56
CA SER C 380 -7.77 -21.61 -31.89
C SER C 380 -8.17 -22.46 -30.68
N SER C 381 -7.96 -23.77 -30.76
CA SER C 381 -8.21 -24.62 -29.60
C SER C 381 -7.26 -24.27 -28.45
N GLU C 382 -6.00 -24.02 -28.77
CA GLU C 382 -5.01 -23.78 -27.72
C GLU C 382 -5.11 -22.40 -27.11
N LEU C 383 -5.63 -21.42 -27.85
CA LEU C 383 -5.65 -20.04 -27.34
C LEU C 383 -6.62 -19.83 -26.20
N LEU C 384 -7.38 -20.86 -25.79
CA LEU C 384 -8.38 -20.65 -24.75
C LEU C 384 -7.76 -20.59 -23.36
N CYS C 385 -6.78 -21.43 -23.09
CA CYS C 385 -6.24 -21.53 -21.73
C CYS C 385 -5.45 -20.28 -21.39
N PRO C 386 -5.77 -19.59 -20.28
CA PRO C 386 -5.08 -18.33 -19.97
C PRO C 386 -3.58 -18.45 -19.81
N ARG C 387 -3.08 -19.59 -19.32
CA ARG C 387 -1.63 -19.75 -19.23
C ARG C 387 -0.98 -19.72 -20.60
N LYS C 388 -1.57 -20.44 -21.56
CA LYS C 388 -1.03 -20.46 -22.92
C LYS C 388 -1.15 -19.08 -23.56
N ARG C 389 -2.23 -18.37 -23.28
CA ARG C 389 -2.41 -17.06 -23.88
C ARG C 389 -1.43 -16.05 -23.29
N LYS C 390 -1.12 -16.17 -21.99
CA LYS C 390 -0.09 -15.35 -21.40
C LYS C 390 1.30 -15.69 -21.94
N THR C 391 1.57 -16.96 -22.20
CA THR C 391 2.83 -17.31 -22.85
C THR C 391 2.92 -16.70 -24.23
N VAL C 392 1.80 -16.71 -24.97
CA VAL C 392 1.79 -16.11 -26.31
C VAL C 392 2.07 -14.62 -26.23
N GLU C 393 1.45 -13.92 -25.27
CA GLU C 393 1.66 -12.48 -25.21
C GLU C 393 3.06 -12.16 -24.69
N ALA C 394 3.63 -13.04 -23.88
CA ALA C 394 5.03 -12.86 -23.49
C ALA C 394 5.95 -12.98 -24.70
N ASN C 395 5.69 -13.96 -25.56
CA ASN C 395 6.46 -14.06 -26.80
C ASN C 395 6.28 -12.82 -27.66
N ILE C 396 5.06 -12.30 -27.74
CA ILE C 396 4.81 -11.10 -28.53
C ILE C 396 5.59 -9.92 -27.97
N ARG C 397 5.57 -9.74 -26.65
CA ARG C 397 6.32 -8.67 -26.02
C ARG C 397 7.80 -8.79 -26.34
N ASP C 398 8.34 -10.00 -26.30
CA ASP C 398 9.76 -10.19 -26.54
C ASP C 398 10.13 -10.10 -28.01
N MET C 399 9.16 -10.27 -28.93
CA MET C 399 9.46 -10.11 -30.35
C MET C 399 9.62 -8.65 -30.72
N LEU C 400 8.73 -7.79 -30.24
CA LEU C 400 8.72 -6.39 -30.65
C LEU C 400 9.95 -5.66 -30.14
N VAL C 401 10.64 -4.96 -31.02
CA VAL C 401 11.84 -4.24 -30.65
C VAL C 401 11.70 -2.76 -30.97
N ASP C 402 11.54 -2.45 -32.25
CA ASP C 402 11.50 -1.06 -32.67
C ASP C 402 10.14 -0.43 -32.34
N SER C 403 10.16 0.76 -31.75
CA SER C 403 8.87 1.48 -31.53
C SER C 403 8.40 1.99 -32.90
N VAL C 404 7.12 2.40 -33.02
CA VAL C 404 6.61 2.78 -34.37
C VAL C 404 5.88 4.13 -34.29
N GLU C 405 6.43 5.11 -33.57
CA GLU C 405 5.85 6.47 -33.50
C GLU C 405 4.36 6.41 -33.15
N THR C 406 3.63 7.50 -33.40
CA THR C 406 2.17 7.55 -33.12
C THR C 406 1.60 8.94 -33.43
N ASP C 407 0.48 8.99 -34.15
CA ASP C 407 -0.23 10.25 -34.40
C ASP C 407 0.63 11.24 -35.20
N THR C 408 0.92 10.86 -36.44
CA THR C 408 1.69 11.70 -37.34
C THR C 408 0.85 12.38 -38.41
N TYR C 409 -0.45 12.13 -38.46
CA TYR C 409 -1.28 12.71 -39.51
C TYR C 409 -2.11 13.82 -38.92
N PRO C 410 -1.91 15.07 -39.33
CA PRO C 410 -2.73 16.17 -38.80
C PRO C 410 -4.07 16.35 -39.50
N ASP C 411 -4.24 15.84 -40.72
CA ASP C 411 -5.45 16.09 -41.48
C ASP C 411 -6.41 14.90 -41.45
N LYS C 412 -6.50 14.22 -40.31
CA LYS C 412 -7.40 13.09 -40.14
C LYS C 412 -8.20 13.28 -38.86
N LEU C 413 -9.49 12.99 -38.93
CA LEU C 413 -10.34 13.02 -37.74
C LEU C 413 -10.55 11.59 -37.26
N PRO C 414 -10.01 11.21 -36.13
CA PRO C 414 -10.26 9.85 -35.65
C PRO C 414 -11.58 9.76 -34.91
N PHE C 415 -12.52 9.01 -35.47
CA PHE C 415 -13.82 8.82 -34.85
C PHE C 415 -13.81 7.50 -34.07
N LYS C 416 -14.91 7.20 -33.40
CA LYS C 416 -15.00 5.99 -32.61
C LYS C 416 -15.16 4.74 -33.48
N ASN C 417 -15.59 4.89 -34.72
CA ASN C 417 -15.80 3.75 -35.61
C ASN C 417 -14.99 3.88 -36.89
N GLY C 418 -13.95 4.70 -36.88
CA GLY C 418 -13.12 4.87 -38.05
C GLY C 418 -12.43 6.23 -38.04
N VAL C 419 -11.90 6.59 -39.19
CA VAL C 419 -11.19 7.85 -39.38
C VAL C 419 -11.72 8.53 -40.63
N LEU C 420 -11.87 9.84 -40.55
CA LEU C 420 -12.36 10.65 -41.67
C LEU C 420 -11.24 11.47 -42.26
N ASP C 421 -11.11 11.45 -43.57
CA ASP C 421 -10.11 12.25 -44.26
C ASP C 421 -10.59 13.68 -44.36
N LEU C 422 -9.64 14.62 -44.40
CA LEU C 422 -9.96 16.03 -44.56
C LEU C 422 -9.79 16.51 -45.99
N VAL C 423 -8.78 16.02 -46.70
CA VAL C 423 -8.62 16.37 -48.11
C VAL C 423 -9.81 15.88 -48.92
N ASP C 424 -10.21 14.63 -48.68
CA ASP C 424 -11.42 14.08 -49.27
C ASP C 424 -12.49 13.99 -48.18
N GLY C 425 -13.67 13.50 -48.54
CA GLY C 425 -14.71 13.26 -47.56
C GLY C 425 -14.90 11.77 -47.32
N MET C 426 -13.95 10.97 -47.76
CA MET C 426 -14.04 9.51 -47.65
C MET C 426 -13.80 9.08 -46.20
N PHE C 427 -14.63 8.14 -45.74
CA PHE C 427 -14.57 7.64 -44.38
C PHE C 427 -14.19 6.17 -44.39
N TYR C 428 -13.26 5.80 -43.51
CA TYR C 428 -12.73 4.45 -43.44
C TYR C 428 -13.26 3.76 -42.19
N SER C 429 -13.58 2.47 -42.33
CA SER C 429 -14.03 1.66 -41.19
C SER C 429 -13.50 0.24 -41.41
N GLY C 430 -12.37 -0.07 -40.77
CA GLY C 430 -11.75 -1.36 -40.93
C GLY C 430 -10.24 -1.29 -40.87
N ASP C 431 -9.56 -2.21 -41.56
CA ASP C 431 -8.10 -2.18 -41.61
C ASP C 431 -7.57 -0.94 -42.32
N ASP C 432 -8.43 -0.23 -43.07
CA ASP C 432 -8.00 1.00 -43.71
C ASP C 432 -7.61 2.06 -42.69
N ALA C 433 -8.35 2.15 -41.59
CA ALA C 433 -8.08 3.15 -40.56
C ALA C 433 -6.87 2.81 -39.71
N LYS C 434 -6.41 1.57 -39.72
CA LYS C 434 -5.32 1.20 -38.82
C LYS C 434 -3.98 1.75 -39.32
N LYS C 435 -3.90 2.11 -40.60
CA LYS C 435 -2.65 2.70 -41.10
C LYS C 435 -2.33 4.00 -40.37
N TYR C 436 -3.34 4.81 -40.13
CA TYR C 436 -3.17 6.07 -39.40
C TYR C 436 -3.24 5.76 -37.92
N THR C 437 -2.08 5.77 -37.25
CA THR C 437 -2.00 5.42 -35.83
C THR C 437 -2.60 6.55 -35.00
N CYS C 438 -3.93 6.58 -34.94
CA CYS C 438 -4.67 7.59 -34.21
C CYS C 438 -5.12 7.02 -32.88
N THR C 439 -4.53 7.52 -31.80
CA THR C 439 -4.83 7.02 -30.45
C THR C 439 -6.01 7.72 -29.80
N VAL C 440 -6.26 8.99 -30.13
CA VAL C 440 -7.38 9.72 -29.57
C VAL C 440 -8.55 9.58 -30.52
N SER C 441 -9.74 9.90 -30.03
CA SER C 441 -10.94 9.76 -30.83
C SER C 441 -11.95 10.81 -30.41
N THR C 442 -12.89 11.10 -31.31
CA THR C 442 -13.95 12.06 -30.98
C THR C 442 -14.89 11.50 -29.92
N GLY C 443 -14.86 10.19 -29.69
CA GLY C 443 -15.65 9.58 -28.65
C GLY C 443 -17.04 9.15 -29.05
N PHE C 444 -17.48 9.47 -30.27
CA PHE C 444 -18.79 9.09 -30.74
C PHE C 444 -18.70 8.45 -32.12
N LYS C 445 -19.61 7.53 -32.38
CA LYS C 445 -19.65 6.85 -33.66
C LYS C 445 -20.06 7.82 -34.76
N PHE C 446 -19.37 7.74 -35.88
CA PHE C 446 -19.70 8.59 -37.03
C PHE C 446 -20.97 8.09 -37.71
N ASP C 447 -21.76 9.02 -38.23
CA ASP C 447 -23.03 8.72 -38.89
C ASP C 447 -22.93 9.10 -40.37
N ASP C 448 -23.24 8.15 -41.24
CA ASP C 448 -23.23 8.42 -42.69
C ASP C 448 -24.50 9.09 -43.17
N THR C 449 -25.64 8.86 -42.52
CA THR C 449 -26.91 9.36 -42.98
C THR C 449 -27.14 10.83 -42.60
N LYS C 450 -26.28 11.41 -41.77
CA LYS C 450 -26.42 12.81 -41.40
C LYS C 450 -25.34 13.70 -42.00
N PHE C 451 -24.15 13.17 -42.26
CA PHE C 451 -23.07 13.92 -42.87
C PHE C 451 -23.25 13.92 -44.39
N VAL C 452 -24.35 14.51 -44.82
CA VAL C 452 -24.72 14.53 -46.23
C VAL C 452 -24.47 15.90 -46.86
N GLU C 453 -25.21 16.92 -46.41
CA GLU C 453 -25.13 18.31 -46.88
C GLU C 453 -26.44 19.05 -46.58
N ASP C 454 -27.56 18.50 -47.04
CA ASP C 454 -28.80 19.27 -47.03
C ASP C 454 -29.33 19.44 -45.60
N SER C 455 -29.74 18.32 -44.97
CA SER C 455 -30.16 18.20 -43.59
C SER C 455 -31.25 19.18 -43.15
N PRO C 456 -32.33 18.68 -42.54
CA PRO C 456 -33.24 19.60 -41.85
C PRO C 456 -32.55 20.43 -40.79
N GLU C 457 -31.49 19.89 -40.20
CA GLU C 457 -30.70 20.59 -39.19
C GLU C 457 -29.78 21.65 -39.78
N MET C 458 -29.23 21.40 -40.98
CA MET C 458 -28.23 22.30 -41.53
C MET C 458 -28.83 23.66 -41.87
N GLU C 459 -30.09 23.68 -42.31
CA GLU C 459 -30.74 24.95 -42.62
C GLU C 459 -30.75 25.87 -41.41
N GLU C 460 -31.26 25.37 -40.28
CA GLU C 460 -31.32 26.20 -39.08
C GLU C 460 -29.93 26.46 -38.51
N LEU C 461 -29.00 25.51 -38.66
CA LEU C 461 -27.64 25.77 -38.21
C LEU C 461 -26.98 26.88 -38.99
N MET C 462 -27.14 26.90 -40.31
CA MET C 462 -26.59 27.96 -41.15
C MET C 462 -27.26 29.29 -40.87
N ASN C 463 -28.56 29.29 -40.57
CA ASN C 463 -29.19 30.52 -40.11
C ASN C 463 -28.62 31.01 -38.78
N ILE C 464 -28.34 30.08 -37.85
CA ILE C 464 -27.74 30.45 -36.57
C ILE C 464 -26.37 31.06 -36.80
N ILE C 465 -25.56 30.44 -37.66
CA ILE C 465 -24.22 30.97 -37.94
C ILE C 465 -24.32 32.33 -38.61
N ASN C 466 -25.28 32.50 -39.51
CA ASN C 466 -25.52 33.80 -40.14
C ASN C 466 -25.92 34.87 -39.13
N ASP C 467 -26.75 34.51 -38.14
CA ASP C 467 -27.16 35.43 -37.09
C ASP C 467 -26.02 35.81 -36.15
N ILE C 468 -25.24 34.82 -35.70
CA ILE C 468 -24.11 35.11 -34.82
C ILE C 468 -23.11 35.99 -35.53
N GLN C 469 -22.79 35.68 -36.79
CA GLN C 469 -21.87 36.47 -37.59
C GLN C 469 -22.54 36.74 -38.93
N PRO C 470 -23.02 37.96 -39.15
CA PRO C 470 -23.61 38.30 -40.45
C PRO C 470 -22.60 38.17 -41.57
N LEU C 471 -23.08 37.72 -42.73
CA LEU C 471 -22.26 37.60 -43.92
C LEU C 471 -22.37 38.90 -44.71
N THR C 472 -21.83 39.97 -44.14
CA THR C 472 -21.90 41.30 -44.71
C THR C 472 -20.50 41.76 -45.11
N ASP C 473 -20.45 42.89 -45.80
CA ASP C 473 -19.20 43.46 -46.28
C ASP C 473 -18.28 43.89 -45.13
N GLU C 474 -18.82 44.53 -44.10
CA GLU C 474 -18.03 44.86 -42.93
C GLU C 474 -17.60 43.60 -42.18
N ASN C 475 -18.51 42.63 -42.04
CA ASN C 475 -18.19 41.35 -41.40
C ASN C 475 -17.66 40.39 -42.46
N LYS C 476 -16.54 40.78 -43.05
CA LYS C 476 -15.86 39.96 -44.05
C LYS C 476 -14.53 39.43 -43.53
N LYS C 477 -13.64 40.32 -43.10
CA LYS C 477 -12.38 39.87 -42.52
C LYS C 477 -12.58 39.21 -41.16
N ASN C 478 -13.43 39.78 -40.30
CA ASN C 478 -13.74 39.15 -39.04
C ASN C 478 -14.38 37.78 -39.23
N ARG C 479 -15.35 37.68 -40.15
CA ARG C 479 -15.99 36.40 -40.42
C ARG C 479 -14.99 35.38 -40.96
N GLU C 480 -14.11 35.81 -41.86
CA GLU C 480 -13.18 34.85 -42.45
C GLU C 480 -12.15 34.38 -41.43
N LEU C 481 -11.67 35.28 -40.57
CA LEU C 481 -10.74 34.83 -39.54
C LEU C 481 -11.45 33.95 -38.52
N TYR C 482 -12.72 34.22 -38.25
CA TYR C 482 -13.51 33.31 -37.42
C TYR C 482 -13.56 31.92 -38.03
N GLU C 483 -13.85 31.84 -39.33
CA GLU C 483 -13.89 30.55 -40.00
C GLU C 483 -12.54 29.86 -39.98
N LYS C 484 -11.46 30.62 -40.18
CA LYS C 484 -10.12 30.02 -40.15
C LYS C 484 -9.81 29.44 -38.78
N THR C 485 -10.14 30.19 -37.72
CA THR C 485 -9.87 29.71 -36.37
C THR C 485 -10.68 28.46 -36.07
N LEU C 486 -11.96 28.44 -36.46
CA LEU C 486 -12.77 27.24 -36.24
C LEU C 486 -12.28 26.06 -37.06
N SER C 487 -11.82 26.30 -38.30
CA SER C 487 -11.26 25.23 -39.11
C SER C 487 -10.02 24.64 -38.48
N SER C 488 -9.14 25.48 -37.95
CA SER C 488 -7.90 24.98 -37.38
C SER C 488 -8.10 24.14 -36.13
N CYS C 489 -9.33 23.95 -35.68
CA CYS C 489 -9.62 23.02 -34.58
C CYS C 489 -9.69 21.57 -35.04
N LEU C 490 -9.66 21.33 -36.35
CA LEU C 490 -9.71 19.97 -36.89
C LEU C 490 -8.33 19.40 -37.20
N CYS C 491 -7.34 20.24 -37.49
CA CYS C 491 -6.02 19.78 -37.90
C CYS C 491 -5.21 19.40 -36.67
N GLY C 492 -4.57 18.23 -36.73
CA GLY C 492 -3.84 17.70 -35.60
C GLY C 492 -2.37 18.04 -35.60
N ALA C 493 -2.05 19.33 -35.66
CA ALA C 493 -0.67 19.80 -35.58
C ALA C 493 -0.60 20.95 -34.56
N THR C 494 0.60 21.44 -34.34
CA THR C 494 0.79 22.56 -33.43
C THR C 494 0.51 23.87 -34.15
N LYS C 495 -0.29 24.73 -33.52
CA LYS C 495 -0.75 25.96 -34.13
C LYS C 495 0.19 27.11 -33.77
N GLY C 496 0.28 28.09 -34.66
CA GLY C 496 1.23 29.18 -34.51
C GLY C 496 0.68 30.50 -34.00
N CYS C 497 -0.60 30.58 -33.65
CA CYS C 497 -1.18 31.83 -33.20
C CYS C 497 -2.29 31.56 -32.20
N LEU C 498 -2.61 32.58 -31.41
CA LEU C 498 -3.73 32.57 -30.48
C LEU C 498 -4.64 33.75 -30.78
N THR C 499 -5.95 33.50 -30.79
CA THR C 499 -6.91 34.58 -30.91
C THR C 499 -7.80 34.64 -29.68
N PHE C 500 -8.42 35.80 -29.46
CA PHE C 500 -9.31 36.01 -28.34
C PHE C 500 -10.71 36.29 -28.87
N PHE C 501 -11.70 35.56 -28.35
CA PHE C 501 -13.10 35.88 -28.60
C PHE C 501 -13.46 37.10 -27.75
N PHE C 502 -13.27 38.29 -28.31
CA PHE C 502 -13.57 39.53 -27.61
C PHE C 502 -14.90 40.07 -28.09
N GLY C 503 -15.83 40.22 -27.16
CA GLY C 503 -17.16 40.74 -27.48
C GLY C 503 -17.93 40.97 -26.21
N GLU C 504 -19.04 41.70 -26.35
CA GLU C 504 -19.85 42.02 -25.19
C GLU C 504 -20.72 40.81 -24.84
N THR C 505 -21.56 40.98 -23.82
CA THR C 505 -22.38 39.88 -23.34
C THR C 505 -23.48 39.53 -24.35
N ALA C 506 -24.00 38.32 -24.22
CA ALA C 506 -25.09 37.82 -25.06
C ALA C 506 -24.74 37.91 -26.55
N THR C 507 -23.53 37.47 -26.88
CA THR C 507 -23.03 37.52 -28.25
C THR C 507 -22.73 36.15 -28.84
N GLY C 508 -22.97 35.07 -28.09
CA GLY C 508 -22.84 33.74 -28.63
C GLY C 508 -21.52 33.04 -28.45
N LYS C 509 -20.62 33.60 -27.62
CA LYS C 509 -19.34 32.94 -27.37
C LYS C 509 -19.54 31.58 -26.71
N SER C 510 -20.41 31.52 -25.69
CA SER C 510 -20.77 30.23 -25.12
C SER C 510 -21.46 29.33 -26.13
N THR C 511 -22.29 29.92 -27.01
CA THR C 511 -22.90 29.15 -28.08
C THR C 511 -21.85 28.56 -29.00
N THR C 512 -20.84 29.35 -29.35
CA THR C 512 -19.77 28.84 -30.20
C THR C 512 -19.02 27.71 -29.51
N LYS C 513 -18.71 27.86 -28.22
CA LYS C 513 -18.06 26.79 -27.48
C LYS C 513 -18.88 25.52 -27.51
N ARG C 514 -20.18 25.65 -27.23
CA ARG C 514 -21.05 24.48 -27.18
C ARG C 514 -21.15 23.81 -28.54
N LEU C 515 -21.30 24.59 -29.61
CA LEU C 515 -21.36 24.01 -30.95
C LEU C 515 -20.05 23.30 -31.29
N LEU C 516 -18.91 23.92 -30.96
CA LEU C 516 -17.63 23.31 -31.30
C LEU C 516 -17.44 21.99 -30.58
N LYS C 517 -17.77 21.93 -29.28
CA LYS C 517 -17.57 20.67 -28.59
C LYS C 517 -18.60 19.63 -29.05
N SER C 518 -19.83 20.06 -29.34
CA SER C 518 -20.81 19.13 -29.89
C SER C 518 -20.36 18.57 -31.23
N ALA C 519 -19.61 19.35 -32.02
CA ALA C 519 -19.16 18.90 -33.32
C ALA C 519 -17.92 18.01 -33.26
N ILE C 520 -16.98 18.28 -32.34
CA ILE C 520 -15.73 17.53 -32.31
C ILE C 520 -15.67 16.50 -31.19
N GLY C 521 -16.75 16.34 -30.42
CA GLY C 521 -16.77 15.24 -29.46
C GLY C 521 -15.71 15.38 -28.40
N ASP C 522 -14.95 14.31 -28.18
CA ASP C 522 -13.99 14.23 -27.09
C ASP C 522 -12.75 15.11 -27.30
N LEU C 523 -12.49 15.54 -28.52
CA LEU C 523 -11.27 16.30 -28.81
C LEU C 523 -11.29 17.70 -28.22
N PHE C 524 -12.36 18.11 -27.56
CA PHE C 524 -12.47 19.43 -26.96
C PHE C 524 -12.16 19.34 -25.47
N VAL C 525 -11.66 20.44 -24.91
CA VAL C 525 -11.44 20.53 -23.46
C VAL C 525 -11.59 21.98 -23.03
N GLU C 526 -12.23 22.17 -21.88
CA GLU C 526 -12.34 23.46 -21.23
C GLU C 526 -11.42 23.49 -20.02
N THR C 527 -10.57 24.51 -19.94
CA THR C 527 -9.60 24.66 -18.88
C THR C 527 -9.72 26.07 -18.31
N GLY C 528 -9.34 26.22 -17.04
CA GLY C 528 -9.46 27.49 -16.34
C GLY C 528 -8.37 28.46 -16.73
N GLN C 529 -8.29 29.55 -15.97
CA GLN C 529 -7.37 30.64 -16.29
C GLN C 529 -6.01 30.46 -15.63
N THR C 530 -5.80 29.36 -14.90
CA THR C 530 -4.54 29.14 -14.21
C THR C 530 -3.37 28.99 -15.17
N ILE C 531 -3.57 28.31 -16.30
CA ILE C 531 -2.49 28.10 -17.26
C ILE C 531 -2.04 29.38 -17.96
N LEU C 532 -2.66 30.52 -17.65
CA LEU C 532 -2.31 31.80 -18.26
C LEU C 532 -1.58 32.72 -17.30
N THR C 533 -2.08 32.86 -16.07
CA THR C 533 -1.52 33.78 -15.10
C THR C 533 -0.57 33.12 -14.11
N ASP C 534 -0.27 31.83 -14.29
CA ASP C 534 0.57 31.10 -13.36
C ASP C 534 1.62 30.30 -14.12
N VAL C 535 2.66 29.89 -13.39
CA VAL C 535 3.71 29.09 -13.99
C VAL C 535 3.17 27.71 -14.34
N ASN C 541 0.74 19.81 -11.98
CA ASN C 541 -0.06 20.74 -12.77
C ASN C 541 -0.94 19.94 -13.72
N PRO C 542 -2.02 19.35 -13.21
CA PRO C 542 -2.92 18.57 -14.08
C PRO C 542 -3.58 19.40 -15.17
N PHE C 543 -3.66 20.73 -14.98
CA PHE C 543 -4.34 21.57 -15.96
C PHE C 543 -3.57 21.74 -17.25
N ILE C 544 -2.30 21.34 -17.30
CA ILE C 544 -1.49 21.44 -18.51
C ILE C 544 -1.15 20.08 -19.11
N ALA C 545 -1.08 19.02 -18.32
CA ALA C 545 -0.76 17.70 -18.84
C ALA C 545 -1.98 16.94 -19.33
N ASN C 546 -3.18 17.46 -19.07
CA ASN C 546 -4.42 16.82 -19.49
C ASN C 546 -4.77 17.09 -20.95
N MET C 547 -4.15 18.09 -21.57
CA MET C 547 -4.45 18.48 -22.94
C MET C 547 -3.63 17.71 -23.97
N HIS C 548 -3.05 16.58 -23.58
CA HIS C 548 -2.18 15.81 -24.48
C HIS C 548 -2.99 15.30 -25.66
N LEU C 549 -2.56 15.65 -26.87
CA LEU C 549 -3.15 15.24 -28.15
C LEU C 549 -4.56 15.77 -28.37
N LYS C 550 -5.02 16.73 -27.57
CA LYS C 550 -6.32 17.34 -27.80
C LYS C 550 -6.22 18.28 -28.99
N ARG C 551 -7.38 18.66 -29.53
CA ARG C 551 -7.41 19.55 -30.69
C ARG C 551 -8.17 20.84 -30.44
N SER C 552 -8.58 21.11 -29.20
CA SER C 552 -9.19 22.39 -28.87
C SER C 552 -9.18 22.58 -27.36
N VAL C 553 -8.66 23.73 -26.91
CA VAL C 553 -8.67 24.11 -25.51
C VAL C 553 -9.31 25.48 -25.41
N PHE C 554 -10.27 25.62 -24.49
CA PHE C 554 -10.97 26.88 -24.29
C PHE C 554 -10.71 27.41 -22.89
N CYS C 555 -10.41 28.70 -22.80
CA CYS C 555 -10.32 29.44 -21.54
C CYS C 555 -11.42 30.47 -21.53
N SER C 556 -12.06 30.65 -20.37
CA SER C 556 -13.31 31.37 -20.28
C SER C 556 -13.34 32.34 -19.10
N GLU C 557 -14.02 33.46 -19.30
CA GLU C 557 -14.22 34.50 -18.28
C GLU C 557 -12.91 34.97 -17.66
N LEU C 558 -12.11 35.65 -18.49
CA LEU C 558 -11.00 36.42 -17.95
C LEU C 558 -11.57 37.59 -17.14
N PRO C 559 -11.30 37.67 -15.83
CA PRO C 559 -12.01 38.62 -14.96
C PRO C 559 -11.41 40.02 -14.97
N ASP C 560 -11.56 40.71 -16.10
CA ASP C 560 -11.27 42.13 -16.22
C ASP C 560 -9.87 42.47 -15.70
N PHE C 561 -8.87 42.02 -16.45
CA PHE C 561 -7.48 42.34 -16.14
C PHE C 561 -7.14 43.80 -16.38
N ALA C 562 -7.96 44.53 -17.16
CA ALA C 562 -7.66 45.93 -17.44
C ALA C 562 -7.83 46.80 -16.21
N CYS C 563 -8.70 46.40 -15.28
CA CYS C 563 -8.93 47.17 -14.06
C CYS C 563 -8.01 46.67 -12.95
N SER C 564 -8.14 47.25 -11.76
CA SER C 564 -7.29 46.91 -10.63
C SER C 564 -7.72 45.58 -10.01
N GLY C 565 -6.85 45.06 -9.15
CA GLY C 565 -7.12 43.80 -8.48
C GLY C 565 -7.16 42.61 -9.41
N SER C 566 -6.25 42.56 -10.38
CA SER C 566 -6.19 41.46 -11.33
C SER C 566 -4.74 41.13 -11.64
N LYS C 567 -4.50 39.85 -11.96
CA LYS C 567 -3.18 39.38 -12.34
C LYS C 567 -3.04 39.48 -13.86
N LYS C 568 -2.00 40.20 -14.30
CA LYS C 568 -1.82 40.45 -15.73
C LYS C 568 -1.53 39.15 -16.49
N ILE C 569 -1.47 39.28 -17.82
CA ILE C 569 -1.46 38.11 -18.70
C ILE C 569 -0.21 37.27 -18.51
N ARG C 570 0.95 37.92 -18.34
CA ARG C 570 2.26 37.25 -18.30
C ARG C 570 2.45 36.40 -19.55
N SER C 571 2.65 37.07 -20.69
CA SER C 571 2.68 36.42 -22.01
C SER C 571 3.78 35.38 -22.19
N ASP C 572 4.63 35.15 -21.17
CA ASP C 572 5.61 34.07 -21.31
C ASP C 572 4.91 32.72 -21.48
N ASN C 573 3.76 32.55 -20.83
CA ASN C 573 2.93 31.38 -21.08
C ASN C 573 2.46 31.33 -22.53
N ILE C 574 2.05 32.48 -23.08
CA ILE C 574 1.64 32.52 -24.48
C ILE C 574 2.76 32.08 -25.39
N LYS C 575 4.00 32.47 -25.07
CA LYS C 575 5.14 31.93 -25.80
C LYS C 575 5.26 30.43 -25.60
N LYS C 576 5.03 29.95 -24.37
CA LYS C 576 5.19 28.52 -24.10
C LYS C 576 4.07 27.70 -24.74
N LEU C 577 2.86 28.23 -24.81
CA LEU C 577 1.74 27.47 -25.36
C LEU C 577 1.78 27.33 -26.87
N THR C 578 2.64 28.08 -27.56
CA THR C 578 2.73 28.00 -29.01
C THR C 578 3.77 26.99 -29.48
N GLU C 579 4.88 26.86 -28.76
CA GLU C 579 5.90 25.89 -29.14
C GLU C 579 5.36 24.47 -29.02
N PRO C 580 5.76 23.57 -29.92
CA PRO C 580 5.07 22.27 -30.04
C PRO C 580 5.10 21.40 -28.78
N CYS C 581 6.18 21.40 -28.01
CA CYS C 581 6.35 20.43 -26.94
C CYS C 581 6.28 21.13 -25.60
N VAL C 582 5.14 20.98 -24.91
CA VAL C 582 4.84 21.73 -23.70
C VAL C 582 5.34 20.95 -22.50
N ILE C 583 5.96 21.66 -21.56
CA ILE C 583 6.53 21.06 -20.36
C ILE C 583 5.49 21.11 -19.24
N GLY C 584 5.20 19.95 -18.66
CA GLY C 584 4.25 19.87 -17.58
C GLY C 584 3.89 18.46 -17.17
N LYS C 591 6.58 11.91 -16.63
CA LYS C 591 6.19 12.49 -17.90
C LYS C 591 6.13 14.01 -17.82
N ILE C 592 7.13 14.67 -18.39
CA ILE C 592 7.20 16.13 -18.35
C ILE C 592 6.86 16.78 -19.69
N ASN C 593 6.81 16.02 -20.77
CA ASN C 593 6.61 16.57 -22.11
C ASN C 593 5.27 16.10 -22.68
N ASN C 594 4.55 17.02 -23.32
CA ASN C 594 3.29 16.72 -23.99
C ASN C 594 3.28 17.36 -25.37
N ARG C 595 2.60 16.72 -26.31
CA ARG C 595 2.50 17.20 -27.68
C ARG C 595 1.31 18.14 -27.79
N ASN C 596 1.55 19.35 -28.30
CA ASN C 596 0.50 20.34 -28.47
C ASN C 596 -0.08 20.21 -29.87
N HIS C 597 -1.27 19.64 -29.97
CA HIS C 597 -2.04 19.60 -31.21
C HIS C 597 -3.34 20.38 -31.05
N ALA C 598 -3.46 21.19 -30.01
CA ALA C 598 -4.70 21.85 -29.66
C ALA C 598 -4.61 23.34 -29.88
N THR C 599 -5.65 23.90 -30.49
CA THR C 599 -5.76 25.35 -30.67
C THR C 599 -6.22 25.93 -29.35
N ILE C 600 -5.51 26.96 -28.88
CA ILE C 600 -5.82 27.62 -27.61
C ILE C 600 -6.69 28.83 -27.92
N ILE C 601 -7.91 28.86 -27.37
CA ILE C 601 -8.83 29.95 -27.61
C ILE C 601 -9.34 30.46 -26.27
N ILE C 602 -9.37 31.78 -26.11
CA ILE C 602 -9.86 32.41 -24.90
C ILE C 602 -11.03 33.33 -25.28
N ASP C 603 -12.18 33.13 -24.66
CA ASP C 603 -13.30 34.02 -24.87
C ASP C 603 -13.44 35.00 -23.70
N THR C 604 -13.49 36.29 -24.01
CA THR C 604 -13.47 37.34 -23.02
C THR C 604 -14.53 38.38 -23.32
N ASN C 605 -14.88 39.16 -22.31
CA ASN C 605 -15.72 40.33 -22.47
C ASN C 605 -14.95 41.64 -22.45
N TYR C 606 -13.73 41.64 -21.92
CA TYR C 606 -12.92 42.85 -21.82
C TYR C 606 -11.55 42.59 -22.41
N LYS C 607 -10.93 43.65 -22.95
CA LYS C 607 -9.63 43.49 -23.56
C LYS C 607 -8.56 43.39 -22.48
N PRO C 608 -7.82 42.28 -22.43
CA PRO C 608 -6.82 42.10 -21.36
C PRO C 608 -5.62 43.02 -21.54
N VAL C 609 -4.86 43.17 -20.45
CA VAL C 609 -3.66 44.01 -20.43
C VAL C 609 -2.44 43.10 -20.29
N PHE C 610 -1.38 43.42 -21.01
CA PHE C 610 -0.19 42.59 -21.10
C PHE C 610 0.94 43.16 -20.25
N ASP C 611 1.76 42.28 -19.70
CA ASP C 611 2.90 42.73 -18.91
C ASP C 611 3.91 43.49 -19.74
N ARG C 612 4.35 42.93 -20.86
CA ARG C 612 5.26 43.61 -21.77
C ARG C 612 4.86 43.31 -23.20
N ILE C 613 5.22 44.20 -24.11
CA ILE C 613 4.91 44.05 -25.52
C ILE C 613 6.24 43.91 -26.25
N ASP C 614 6.56 42.71 -26.69
CA ASP C 614 7.76 42.45 -27.47
C ASP C 614 7.39 42.04 -28.89
N ASN C 615 8.37 42.11 -29.79
CA ASN C 615 8.11 41.89 -31.21
C ASN C 615 7.67 40.46 -31.50
N ALA C 616 8.00 39.50 -30.63
CA ALA C 616 7.53 38.13 -30.78
C ALA C 616 6.07 37.96 -30.37
N LEU C 617 5.53 38.86 -29.54
CA LEU C 617 4.12 38.79 -29.15
C LEU C 617 3.20 39.24 -30.27
N MET C 618 3.70 40.12 -31.15
CA MET C 618 2.90 40.61 -32.27
C MET C 618 2.47 39.50 -33.21
N ARG C 619 3.28 38.45 -33.36
CA ARG C 619 3.00 37.41 -34.33
C ARG C 619 2.18 36.26 -33.76
N ARG C 620 1.70 36.35 -32.52
CA ARG C 620 0.97 35.26 -31.89
C ARG C 620 -0.30 35.72 -31.19
N ILE C 621 -0.87 36.85 -31.59
CA ILE C 621 -2.12 37.35 -31.02
C ILE C 621 -3.06 37.71 -32.16
N ALA C 622 -4.30 37.24 -32.07
CA ALA C 622 -5.35 37.58 -33.03
C ALA C 622 -6.63 37.92 -32.27
N VAL C 623 -7.60 38.49 -32.98
CA VAL C 623 -8.80 39.03 -32.37
C VAL C 623 -10.02 38.51 -33.11
N VAL C 624 -11.01 38.02 -32.36
CA VAL C 624 -12.32 37.67 -32.89
C VAL C 624 -13.35 38.59 -32.24
N ARG C 625 -14.22 39.17 -33.06
CA ARG C 625 -15.18 40.16 -32.60
C ARG C 625 -16.60 39.63 -32.77
N PHE C 626 -17.46 39.89 -31.78
CA PHE C 626 -18.88 39.59 -31.85
C PHE C 626 -19.66 40.88 -31.64
N ARG C 627 -20.66 41.12 -32.50
CA ARG C 627 -21.44 42.34 -32.41
C ARG C 627 -22.93 42.08 -32.48
N THR C 628 -23.37 40.83 -32.32
CA THR C 628 -24.77 40.47 -32.39
C THR C 628 -25.27 40.19 -30.97
N HIS C 629 -26.33 40.89 -30.57
CA HIS C 629 -26.89 40.78 -29.23
C HIS C 629 -28.19 39.98 -29.28
N PHE C 630 -28.22 38.88 -28.54
CA PHE C 630 -29.42 38.03 -28.45
C PHE C 630 -30.11 38.38 -27.14
N SER C 631 -30.97 39.40 -27.20
CA SER C 631 -31.53 40.02 -26.00
C SER C 631 -33.01 39.70 -25.88
N GLN C 632 -33.55 39.98 -24.71
CA GLN C 632 -34.97 39.85 -24.44
C GLN C 632 -35.73 41.02 -25.05
N PRO C 633 -37.02 40.84 -25.34
CA PRO C 633 -37.81 41.95 -25.90
C PRO C 633 -37.86 43.16 -24.98
N SER C 634 -37.86 42.96 -23.66
CA SER C 634 -37.99 44.08 -22.73
C SER C 634 -36.82 45.04 -22.85
N GLY C 635 -35.60 44.53 -22.79
CA GLY C 635 -34.43 45.37 -22.88
C GLY C 635 -33.86 45.48 -24.27
N ARG C 636 -34.65 45.12 -25.28
CA ARG C 636 -34.17 45.14 -26.66
C ARG C 636 -33.84 46.55 -27.11
N GLU C 637 -34.68 47.53 -26.78
CA GLU C 637 -34.42 48.90 -27.18
C GLU C 637 -33.11 49.42 -26.59
N ALA C 638 -32.86 49.15 -25.31
CA ALA C 638 -31.59 49.51 -24.70
C ALA C 638 -30.40 48.84 -25.40
N ALA C 639 -30.63 47.74 -26.09
CA ALA C 639 -29.59 47.10 -26.89
C ALA C 639 -29.42 47.73 -28.26
N GLU C 640 -30.44 48.40 -28.78
CA GLU C 640 -30.33 49.07 -30.07
C GLU C 640 -29.67 50.45 -29.95
N ASN C 641 -29.48 50.95 -28.72
CA ASN C 641 -28.82 52.21 -28.48
C ASN C 641 -27.38 52.03 -28.02
N ASN C 642 -26.85 50.81 -28.07
CA ASN C 642 -25.51 50.50 -27.61
C ASN C 642 -24.55 50.49 -28.79
N ASP C 643 -23.39 51.13 -28.61
CA ASP C 643 -22.40 51.24 -29.67
C ASP C 643 -21.56 49.99 -29.84
N ALA C 644 -21.65 49.02 -28.93
CA ALA C 644 -20.88 47.79 -29.00
C ALA C 644 -21.61 46.68 -29.73
N TYR C 645 -22.81 46.96 -30.25
CA TYR C 645 -23.61 45.97 -30.95
C TYR C 645 -23.96 46.46 -32.34
N ASP C 646 -23.84 45.57 -33.32
CA ASP C 646 -24.27 45.86 -34.69
C ASP C 646 -25.72 45.51 -34.93
N LYS C 647 -26.12 44.28 -34.61
CA LYS C 647 -27.51 43.87 -34.73
C LYS C 647 -27.94 43.21 -33.43
N VAL C 648 -29.24 43.31 -33.14
CA VAL C 648 -29.83 42.68 -31.98
C VAL C 648 -30.95 41.76 -32.45
N LYS C 649 -30.93 40.51 -31.98
CA LYS C 649 -31.89 39.50 -32.39
C LYS C 649 -32.60 38.94 -31.16
N LEU C 650 -33.77 38.37 -31.40
CA LEU C 650 -34.55 37.80 -30.30
C LEU C 650 -33.89 36.53 -29.78
N LEU C 651 -33.75 36.45 -28.46
CA LEU C 651 -33.17 35.28 -27.83
C LEU C 651 -34.06 34.05 -28.02
N ASP C 652 -33.44 32.92 -28.30
CA ASP C 652 -34.14 31.64 -28.35
C ASP C 652 -33.74 30.82 -27.12
N GLU C 653 -34.70 30.64 -26.21
CA GLU C 653 -34.44 29.99 -24.93
C GLU C 653 -34.13 28.51 -25.06
N GLY C 654 -34.73 27.82 -26.03
CA GLY C 654 -34.55 26.40 -26.21
C GLY C 654 -33.34 25.99 -27.02
N LEU C 655 -32.62 26.95 -27.62
CA LEU C 655 -31.46 26.61 -28.43
C LEU C 655 -30.36 25.94 -27.61
N ASP C 656 -30.12 26.42 -26.38
CA ASP C 656 -29.13 25.79 -25.53
C ASP C 656 -29.44 24.33 -25.24
N GLY C 657 -30.69 24.03 -24.91
CA GLY C 657 -31.09 22.65 -24.68
C GLY C 657 -30.97 21.82 -25.94
N LYS C 658 -31.21 22.46 -27.10
CA LYS C 658 -31.05 21.78 -28.38
C LYS C 658 -29.60 21.39 -28.62
N ILE C 659 -28.67 22.31 -28.38
CA ILE C 659 -27.26 22.03 -28.70
C ILE C 659 -26.65 21.11 -27.65
N GLN C 660 -27.16 21.14 -26.41
CA GLN C 660 -26.73 20.12 -25.46
C GLN C 660 -27.29 18.75 -25.82
N ASN C 661 -28.30 18.68 -26.69
CA ASN C 661 -28.78 17.42 -27.23
C ASN C 661 -27.97 16.97 -28.44
N ASN C 662 -27.01 17.79 -28.88
CA ASN C 662 -26.10 17.44 -29.97
C ASN C 662 -26.87 17.14 -31.25
N ARG C 663 -27.95 17.89 -31.50
CA ARG C 663 -28.69 17.71 -32.75
C ARG C 663 -27.94 18.33 -33.92
N TYR C 664 -27.13 19.36 -33.66
CA TYR C 664 -26.32 20.01 -34.68
C TYR C 664 -24.96 19.34 -34.82
N ARG C 665 -24.85 18.10 -34.37
CA ARG C 665 -23.55 17.47 -34.18
C ARG C 665 -22.81 17.33 -35.50
N PHE C 666 -23.50 16.93 -36.56
CA PHE C 666 -22.84 16.61 -37.81
C PHE C 666 -22.92 17.72 -38.84
N ALA C 667 -23.95 18.57 -38.79
CA ALA C 667 -24.00 19.70 -39.70
C ALA C 667 -22.89 20.70 -39.44
N PHE C 668 -22.61 21.00 -38.16
CA PHE C 668 -21.49 21.87 -37.85
C PHE C 668 -20.17 21.24 -38.24
N LEU C 669 -20.06 19.92 -38.10
CA LEU C 669 -18.87 19.24 -38.58
C LEU C 669 -18.73 19.38 -40.09
N TYR C 670 -19.86 19.31 -40.80
CA TYR C 670 -19.83 19.54 -42.24
C TYR C 670 -19.33 20.93 -42.57
N LEU C 671 -19.84 21.94 -41.86
CA LEU C 671 -19.38 23.31 -42.08
C LEU C 671 -17.90 23.45 -41.78
N LEU C 672 -17.43 22.84 -40.68
CA LEU C 672 -16.01 22.92 -40.34
C LEU C 672 -15.14 22.26 -41.40
N VAL C 673 -15.57 21.10 -41.90
CA VAL C 673 -14.80 20.43 -42.94
C VAL C 673 -14.74 21.30 -44.19
N LYS C 674 -15.88 21.88 -44.58
CA LYS C 674 -15.88 22.70 -45.79
C LYS C 674 -15.01 23.94 -45.65
N TRP C 675 -15.05 24.59 -44.48
CA TRP C 675 -14.19 25.74 -44.28
C TRP C 675 -12.71 25.35 -44.24
N TYR C 676 -12.39 24.23 -43.60
CA TYR C 676 -11.00 23.78 -43.55
C TYR C 676 -10.48 23.43 -44.93
N LYS C 677 -11.29 22.75 -45.73
CA LYS C 677 -10.91 22.45 -47.10
C LYS C 677 -10.78 23.72 -47.94
N LYS C 678 -11.46 24.79 -47.53
CA LYS C 678 -11.36 26.07 -48.20
C LYS C 678 -10.10 26.84 -47.81
N TYR C 679 -9.65 26.73 -46.57
CA TYR C 679 -8.57 27.59 -46.07
C TYR C 679 -7.23 26.88 -45.93
N HIS C 680 -7.15 25.80 -45.16
CA HIS C 680 -5.87 25.26 -44.73
C HIS C 680 -5.36 24.12 -45.63
N ILE C 681 -5.68 24.15 -46.92
CA ILE C 681 -5.12 23.25 -47.90
C ILE C 681 -4.34 24.07 -48.91
N PRO C 682 -3.09 23.70 -49.24
CA PRO C 682 -2.40 22.51 -48.72
C PRO C 682 -1.56 22.80 -47.48
N ILE C 683 -1.59 24.03 -46.99
CA ILE C 683 -0.76 24.46 -45.88
C ILE C 683 -1.65 24.97 -44.76
N MET C 684 -1.32 24.62 -43.53
CA MET C 684 -2.02 25.12 -42.35
C MET C 684 -1.09 26.07 -41.60
N LYS C 685 -1.46 27.34 -41.57
CA LYS C 685 -0.73 28.33 -40.78
C LYS C 685 -1.68 29.46 -40.45
N LEU C 686 -1.58 29.99 -39.24
CA LEU C 686 -2.45 31.04 -38.76
C LEU C 686 -1.75 32.38 -38.89
N TYR C 687 -2.44 33.34 -39.51
CA TYR C 687 -1.89 34.68 -39.63
C TYR C 687 -2.35 35.57 -38.48
N PRO C 688 -1.42 36.13 -37.71
CA PRO C 688 -1.80 37.01 -36.62
C PRO C 688 -2.34 38.34 -37.13
N THR C 689 -3.05 39.03 -36.25
CA THR C 689 -3.68 40.32 -36.58
C THR C 689 -3.30 41.32 -35.49
N PRO C 690 -2.06 41.83 -35.52
CA PRO C 690 -1.66 42.84 -34.52
C PRO C 690 -2.39 44.16 -34.66
N GLU C 691 -2.99 44.44 -35.82
CA GLU C 691 -3.64 45.71 -36.08
C GLU C 691 -4.97 45.88 -35.35
N GLU C 692 -5.51 44.81 -34.80
CA GLU C 692 -6.77 44.87 -34.05
C GLU C 692 -6.55 45.12 -32.57
N ILE C 693 -5.38 44.78 -32.05
CA ILE C 693 -5.07 44.98 -30.64
C ILE C 693 -4.84 46.48 -30.40
N PRO C 694 -5.55 47.11 -29.46
CA PRO C 694 -5.22 48.49 -29.11
C PRO C 694 -3.92 48.62 -28.34
N ASP C 695 -3.60 47.67 -27.45
CA ASP C 695 -2.41 47.77 -26.64
C ASP C 695 -1.13 47.75 -27.48
N PHE C 696 -1.17 47.06 -28.62
CA PHE C 696 -0.03 47.03 -29.53
C PHE C 696 0.14 48.32 -30.30
N ALA C 697 -0.88 49.19 -30.30
CA ALA C 697 -0.83 50.40 -31.11
C ALA C 697 0.29 51.32 -30.67
N PHE C 698 0.55 51.39 -29.37
CA PHE C 698 1.52 52.37 -28.85
C PHE C 698 2.91 52.15 -29.45
N TYR C 699 3.40 50.91 -29.40
CA TYR C 699 4.68 50.63 -30.07
C TYR C 699 4.53 50.72 -31.58
N LEU C 700 3.33 50.47 -32.10
CA LEU C 700 3.06 50.76 -33.50
C LEU C 700 3.26 52.24 -33.80
N MET D 1 -47.86 -13.11 17.86
CA MET D 1 -47.95 -14.42 18.51
C MET D 1 -49.31 -14.59 19.17
N ASP D 2 -50.13 -15.47 18.61
CA ASP D 2 -51.48 -15.72 19.10
C ASP D 2 -51.49 -17.01 19.92
N ALA D 3 -52.67 -17.43 20.38
CA ALA D 3 -52.76 -18.65 21.18
C ALA D 3 -52.34 -19.87 20.38
N ALA D 4 -52.76 -19.96 19.11
CA ALA D 4 -52.30 -21.04 18.26
C ALA D 4 -50.81 -20.95 18.00
N ILE D 5 -50.29 -19.73 17.88
CA ILE D 5 -48.85 -19.52 17.81
C ILE D 5 -48.19 -19.76 19.16
N ARG D 6 -48.89 -19.48 20.27
CA ARG D 6 -48.32 -19.74 21.58
C ARG D 6 -48.10 -21.24 21.80
N GLY D 7 -49.06 -22.06 21.41
CA GLY D 7 -48.94 -23.49 21.55
C GLY D 7 -50.13 -24.19 20.93
N ASN D 8 -49.95 -25.49 20.69
CA ASN D 8 -51.01 -26.30 20.09
C ASN D 8 -50.96 -27.68 20.73
N ASP D 9 -51.78 -27.87 21.77
CA ASP D 9 -51.79 -29.10 22.54
C ASP D 9 -52.64 -30.20 21.91
N VAL D 10 -53.47 -29.88 20.93
CA VAL D 10 -54.31 -30.86 20.26
C VAL D 10 -53.58 -31.36 19.02
N ILE D 11 -53.59 -32.67 18.83
CA ILE D 11 -52.83 -33.30 17.75
C ILE D 11 -53.80 -34.01 16.81
N PHE D 12 -53.35 -34.20 15.57
CA PHE D 12 -54.14 -34.84 14.52
C PHE D 12 -53.34 -35.99 13.94
N VAL D 13 -53.98 -37.11 13.72
CA VAL D 13 -53.28 -38.34 13.32
C VAL D 13 -54.08 -39.06 12.24
N LEU D 14 -53.37 -39.70 11.33
CA LEU D 14 -53.89 -40.57 10.29
C LEU D 14 -53.67 -42.02 10.70
N LYS D 15 -54.28 -42.93 9.94
CA LYS D 15 -54.21 -44.34 10.26
C LYS D 15 -53.56 -45.20 9.18
N THR D 16 -53.25 -44.65 8.01
CA THR D 16 -52.63 -45.41 6.94
C THR D 16 -51.90 -44.45 6.01
N ILE D 17 -51.49 -44.96 4.85
CA ILE D 17 -50.74 -44.19 3.86
C ILE D 17 -51.64 -43.89 2.67
N GLY D 18 -51.42 -42.74 2.04
CA GLY D 18 -52.10 -42.41 0.81
C GLY D 18 -53.54 -41.98 0.97
N VAL D 19 -53.90 -41.41 2.11
CA VAL D 19 -55.28 -40.92 2.31
C VAL D 19 -55.49 -39.67 1.44
N PRO D 20 -56.52 -39.63 0.60
CA PRO D 20 -56.74 -38.43 -0.21
C PRO D 20 -57.15 -37.25 0.65
N SER D 21 -56.80 -36.06 0.16
CA SER D 21 -57.11 -34.83 0.89
C SER D 21 -58.61 -34.59 1.02
N ALA D 22 -59.41 -35.12 0.08
CA ALA D 22 -60.86 -34.97 0.18
C ALA D 22 -61.39 -35.65 1.44
N CYS D 23 -60.90 -36.85 1.74
CA CYS D 23 -61.31 -37.53 2.97
C CYS D 23 -60.83 -36.77 4.20
N ARG D 24 -59.62 -36.22 4.14
CA ARG D 24 -59.09 -35.49 5.28
C ARG D 24 -59.91 -34.24 5.58
N GLN D 25 -60.27 -33.48 4.55
CA GLN D 25 -61.09 -32.30 4.75
C GLN D 25 -62.54 -32.66 5.05
N ASN D 26 -62.95 -33.90 4.80
CA ASN D 26 -64.25 -34.40 5.18
C ASN D 26 -64.23 -35.10 6.54
N GLU D 27 -63.13 -34.96 7.28
CA GLU D 27 -62.92 -35.59 8.59
C GLU D 27 -63.46 -37.03 8.62
N ASP D 28 -62.94 -37.83 7.70
CA ASP D 28 -63.36 -39.22 7.59
C ASP D 28 -62.90 -40.00 8.80
N PRO D 29 -63.81 -40.60 9.58
CA PRO D 29 -63.37 -41.34 10.78
C PRO D 29 -62.51 -42.54 10.47
N ARG D 30 -62.58 -43.09 9.26
CA ARG D 30 -61.77 -44.26 8.93
C ARG D 30 -60.29 -43.93 8.81
N PHE D 31 -59.95 -42.68 8.48
CA PHE D 31 -58.56 -42.30 8.27
C PHE D 31 -58.04 -41.29 9.28
N VAL D 32 -58.70 -40.16 9.42
CA VAL D 32 -58.20 -39.06 10.25
C VAL D 32 -58.84 -39.15 11.62
N GLU D 33 -58.17 -38.54 12.61
CA GLU D 33 -58.73 -38.44 13.94
C GLU D 33 -57.95 -37.38 14.71
N ALA D 34 -58.58 -36.87 15.77
CA ALA D 34 -58.00 -35.86 16.63
C ALA D 34 -57.85 -36.40 18.04
N PHE D 35 -56.69 -36.15 18.65
CA PHE D 35 -56.38 -36.69 19.96
C PHE D 35 -55.63 -35.65 20.78
N LYS D 36 -55.43 -35.98 22.05
CA LYS D 36 -54.50 -35.31 22.93
C LYS D 36 -53.40 -36.30 23.32
N CYS D 37 -52.43 -35.81 24.09
CA CYS D 37 -51.30 -36.65 24.50
C CYS D 37 -51.78 -37.86 25.28
N ASP D 38 -52.63 -37.63 26.29
CA ASP D 38 -53.13 -38.72 27.12
C ASP D 38 -54.04 -39.66 26.33
N GLU D 39 -54.90 -39.09 25.48
CA GLU D 39 -55.80 -39.90 24.68
C GLU D 39 -55.03 -40.82 23.74
N LEU D 40 -54.04 -40.26 23.04
CA LEU D 40 -53.21 -41.09 22.16
C LEU D 40 -52.39 -42.09 22.97
N GLU D 41 -52.02 -41.73 24.21
CA GLU D 41 -51.28 -42.67 25.04
C GLU D 41 -52.09 -43.93 25.31
N ARG D 42 -53.32 -43.77 25.81
CA ARG D 42 -54.16 -44.96 25.99
C ARG D 42 -54.53 -45.61 24.66
N TYR D 43 -54.66 -44.83 23.58
CA TYR D 43 -55.00 -45.45 22.30
C TYR D 43 -53.89 -46.39 21.85
N ILE D 44 -52.64 -45.93 21.91
CA ILE D 44 -51.53 -46.75 21.44
C ILE D 44 -51.24 -47.88 22.41
N ASP D 45 -51.58 -47.68 23.69
CA ASP D 45 -51.36 -48.75 24.68
C ASP D 45 -52.38 -49.86 24.44
N ASN D 46 -53.64 -49.47 24.19
CA ASN D 46 -54.72 -50.43 24.03
C ASN D 46 -54.70 -51.11 22.67
N ASN D 47 -54.29 -50.40 21.62
CA ASN D 47 -54.38 -50.89 20.25
C ASN D 47 -53.01 -50.79 19.59
N PRO D 48 -52.06 -51.64 19.99
CA PRO D 48 -50.72 -51.56 19.39
C PRO D 48 -50.70 -51.90 17.91
N GLU D 49 -51.67 -52.69 17.44
CA GLU D 49 -51.65 -53.18 16.07
C GLU D 49 -51.90 -52.07 15.05
N CYS D 50 -52.52 -50.97 15.46
CA CYS D 50 -52.84 -49.89 14.53
C CYS D 50 -51.57 -49.14 14.11
N THR D 51 -51.67 -48.46 12.97
CA THR D 51 -50.61 -47.62 12.45
C THR D 51 -51.06 -46.17 12.53
N LEU D 52 -50.24 -45.32 13.17
CA LEU D 52 -50.61 -43.95 13.49
C LEU D 52 -49.60 -43.01 12.87
N PHE D 53 -50.07 -42.03 12.09
CA PHE D 53 -49.20 -41.08 11.39
C PHE D 53 -49.62 -39.66 11.77
N GLU D 54 -48.89 -39.06 12.69
CA GLU D 54 -49.25 -37.75 13.21
C GLU D 54 -48.87 -36.66 12.21
N SER D 55 -49.71 -35.62 12.12
CA SER D 55 -49.46 -34.51 11.21
C SER D 55 -50.29 -33.31 11.66
N LEU D 56 -50.36 -32.30 10.81
CA LEU D 56 -51.11 -31.07 11.07
C LEU D 56 -52.54 -31.18 10.56
N ARG D 57 -53.42 -30.39 11.16
CA ARG D 57 -54.75 -30.21 10.59
C ARG D 57 -54.68 -29.47 9.27
N ASP D 58 -53.98 -28.34 9.24
CA ASP D 58 -53.82 -27.54 8.03
C ASP D 58 -52.60 -26.66 8.21
N GLU D 59 -52.01 -26.26 7.09
CA GLU D 59 -50.81 -25.44 7.10
C GLU D 59 -51.10 -23.95 7.25
N GLU D 60 -52.37 -23.55 7.28
CA GLU D 60 -52.69 -22.13 7.29
C GLU D 60 -52.43 -21.49 8.66
N ALA D 61 -52.77 -22.16 9.75
CA ALA D 61 -52.67 -21.58 11.07
C ALA D 61 -51.67 -22.26 11.98
N TYR D 62 -51.33 -23.53 11.73
CA TYR D 62 -50.46 -24.28 12.62
C TYR D 62 -49.13 -24.60 11.96
N SER D 63 -48.56 -23.64 11.24
CA SER D 63 -47.30 -23.89 10.56
C SER D 63 -46.14 -24.11 11.53
N ILE D 64 -46.29 -23.74 12.80
CA ILE D 64 -45.21 -23.89 13.75
C ILE D 64 -45.08 -25.35 14.15
N VAL D 65 -43.86 -25.89 14.06
CA VAL D 65 -43.55 -27.27 14.39
C VAL D 65 -42.16 -27.32 15.01
N ARG D 66 -41.93 -28.35 15.82
CA ARG D 66 -40.58 -28.63 16.29
C ARG D 66 -39.72 -29.12 15.14
N ILE D 67 -38.45 -28.73 15.14
CA ILE D 67 -37.55 -29.20 14.09
C ILE D 67 -37.27 -30.68 14.27
N PHE D 68 -37.43 -31.45 13.20
CA PHE D 68 -37.33 -32.90 13.26
C PHE D 68 -36.62 -33.41 12.01
N MET D 69 -36.05 -34.60 12.13
CA MET D 69 -35.35 -35.24 11.02
C MET D 69 -35.50 -36.74 11.13
N ASP D 70 -35.39 -37.41 9.98
CA ASP D 70 -35.46 -38.86 9.88
C ASP D 70 -34.15 -39.35 9.27
N VAL D 71 -33.50 -40.29 9.94
CA VAL D 71 -32.23 -40.84 9.48
C VAL D 71 -32.40 -42.33 9.24
N ASP D 72 -31.98 -42.79 8.07
CA ASP D 72 -32.17 -44.18 7.64
C ASP D 72 -30.87 -44.65 6.98
N LEU D 73 -30.13 -45.50 7.68
CA LEU D 73 -28.89 -46.07 7.17
C LEU D 73 -29.03 -47.58 7.07
N ASP D 74 -28.68 -48.14 5.91
CA ASP D 74 -28.79 -49.57 5.67
C ASP D 74 -27.59 -50.32 6.23
N ALA D 75 -27.42 -50.20 7.54
CA ALA D 75 -26.30 -50.84 8.23
C ALA D 75 -26.58 -50.83 9.73
N CYS D 76 -25.68 -51.45 10.48
CA CYS D 76 -25.73 -51.47 11.93
C CYS D 76 -24.39 -51.05 12.50
N LEU D 77 -24.42 -50.33 13.61
CA LEU D 77 -23.22 -49.81 14.25
C LEU D 77 -23.18 -50.24 15.70
N ASP D 78 -21.97 -50.52 16.20
CA ASP D 78 -21.79 -50.78 17.61
C ASP D 78 -21.96 -49.49 18.41
N GLU D 79 -22.17 -49.65 19.73
CA GLU D 79 -22.65 -48.56 20.54
C GLU D 79 -21.68 -47.38 20.57
N ILE D 80 -20.39 -47.65 20.70
CA ILE D 80 -19.42 -46.56 20.85
C ILE D 80 -19.28 -45.78 19.54
N ASP D 81 -19.18 -46.49 18.41
CA ASP D 81 -19.14 -45.82 17.12
C ASP D 81 -20.46 -45.09 16.86
N TYR D 82 -21.57 -45.68 17.27
CA TYR D 82 -22.85 -45.02 17.14
C TYR D 82 -22.88 -43.70 17.91
N LEU D 83 -22.33 -43.70 19.13
CA LEU D 83 -22.29 -42.48 19.92
C LEU D 83 -21.42 -41.43 19.26
N THR D 84 -20.25 -41.82 18.76
CA THR D 84 -19.38 -40.86 18.08
C THR D 84 -20.09 -40.25 16.87
N ALA D 85 -20.74 -41.11 16.07
CA ALA D 85 -21.44 -40.64 14.89
C ALA D 85 -22.59 -39.70 15.26
N ILE D 86 -23.33 -40.03 16.32
CA ILE D 86 -24.45 -39.18 16.70
C ILE D 86 -23.96 -37.84 17.23
N GLN D 87 -22.83 -37.81 17.94
CA GLN D 87 -22.31 -36.53 18.41
C GLN D 87 -21.88 -35.65 17.24
N ASP D 88 -21.14 -36.22 16.29
CA ASP D 88 -20.75 -35.44 15.12
C ASP D 88 -21.97 -35.00 14.32
N PHE D 89 -22.95 -35.88 14.18
CA PHE D 89 -24.17 -35.53 13.46
C PHE D 89 -24.89 -34.37 14.12
N ILE D 90 -25.01 -34.41 15.45
CA ILE D 90 -25.78 -33.37 16.13
C ILE D 90 -25.04 -32.04 16.06
N ILE D 91 -23.71 -32.04 16.18
CA ILE D 91 -23.01 -30.76 16.09
C ILE D 91 -23.12 -30.18 14.69
N GLU D 92 -22.94 -31.01 13.65
CA GLU D 92 -23.03 -30.48 12.29
C GLU D 92 -24.43 -29.97 11.98
N VAL D 93 -25.47 -30.72 12.36
CA VAL D 93 -26.82 -30.30 12.02
C VAL D 93 -27.22 -29.06 12.80
N SER D 94 -26.90 -29.02 14.09
CA SER D 94 -27.23 -27.83 14.86
C SER D 94 -26.56 -26.60 14.26
N ASN D 95 -25.28 -26.72 13.90
CA ASN D 95 -24.60 -25.61 13.25
C ASN D 95 -25.31 -25.21 11.97
N CYS D 96 -25.64 -26.18 11.12
CA CYS D 96 -26.19 -25.87 9.81
C CYS D 96 -27.54 -25.17 9.92
N VAL D 97 -28.43 -25.69 10.77
CA VAL D 97 -29.74 -25.09 10.94
C VAL D 97 -29.60 -23.68 11.53
N ALA D 98 -28.72 -23.51 12.51
CA ALA D 98 -28.53 -22.19 13.10
C ALA D 98 -28.01 -21.19 12.07
N ARG D 99 -27.06 -21.63 11.23
CA ARG D 99 -26.53 -20.72 10.22
C ARG D 99 -27.58 -20.34 9.19
N PHE D 100 -28.40 -21.31 8.77
CA PHE D 100 -29.49 -20.98 7.85
C PHE D 100 -30.44 -19.98 8.48
N ALA D 101 -30.80 -20.18 9.75
CA ALA D 101 -31.69 -19.25 10.42
C ALA D 101 -31.07 -17.86 10.52
N PHE D 102 -29.77 -17.79 10.82
CA PHE D 102 -29.11 -16.51 10.93
C PHE D 102 -29.07 -15.78 9.59
N THR D 103 -28.78 -16.50 8.51
CA THR D 103 -28.61 -15.85 7.22
C THR D 103 -29.92 -15.56 6.52
N GLU D 104 -31.01 -16.25 6.87
CA GLU D 104 -32.30 -16.01 6.24
C GLU D 104 -33.32 -15.44 7.21
N CYS D 105 -33.58 -16.13 8.31
CA CYS D 105 -34.61 -15.70 9.26
C CYS D 105 -34.16 -14.53 10.12
N GLY D 106 -32.88 -14.17 10.08
CA GLY D 106 -32.41 -13.05 10.89
C GLY D 106 -32.39 -13.31 12.37
N ALA D 107 -32.40 -14.56 12.79
CA ALA D 107 -32.38 -14.89 14.20
C ALA D 107 -30.96 -14.85 14.76
N ILE D 108 -30.84 -15.03 16.06
CA ILE D 108 -29.55 -15.10 16.72
C ILE D 108 -28.99 -16.51 16.54
N HIS D 109 -27.77 -16.60 16.01
CA HIS D 109 -27.16 -17.90 15.78
C HIS D 109 -26.98 -18.66 17.09
N GLU D 110 -26.48 -17.98 18.13
CA GLU D 110 -26.15 -18.67 19.37
C GLU D 110 -27.40 -19.13 20.09
N ASN D 111 -28.49 -18.35 20.00
CA ASN D 111 -29.74 -18.78 20.60
C ASN D 111 -30.23 -20.07 19.97
N VAL D 112 -30.15 -20.17 18.64
CA VAL D 112 -30.58 -21.38 17.95
C VAL D 112 -29.69 -22.56 18.35
N ILE D 113 -28.38 -22.34 18.40
CA ILE D 113 -27.47 -23.42 18.78
C ILE D 113 -27.78 -23.92 20.18
N LYS D 114 -27.96 -23.00 21.12
CA LYS D 114 -28.25 -23.40 22.50
C LYS D 114 -29.57 -24.16 22.57
N SER D 115 -30.61 -23.62 21.93
CA SER D 115 -31.93 -24.25 22.02
C SER D 115 -31.93 -25.64 21.42
N MET D 116 -31.21 -25.82 20.30
CA MET D 116 -31.23 -27.12 19.63
C MET D 116 -30.31 -28.13 20.30
N ARG D 117 -29.06 -27.76 20.53
CA ARG D 117 -28.12 -28.71 21.12
C ARG D 117 -28.43 -28.98 22.58
N SER D 118 -29.23 -28.14 23.25
CA SER D 118 -29.51 -28.38 24.66
C SER D 118 -30.44 -29.56 24.86
N ASN D 119 -31.51 -29.65 24.07
CA ASN D 119 -32.55 -30.64 24.32
C ASN D 119 -33.02 -31.22 22.99
N PHE D 120 -32.91 -32.54 22.85
CA PHE D 120 -33.43 -33.25 21.69
C PHE D 120 -33.76 -34.67 22.10
N SER D 121 -34.61 -35.31 21.30
CA SER D 121 -35.10 -36.65 21.59
C SER D 121 -34.81 -37.56 20.41
N LEU D 122 -34.37 -38.78 20.73
CA LEU D 122 -34.00 -39.78 19.75
C LEU D 122 -34.89 -41.01 19.89
N THR D 123 -35.33 -41.57 18.76
CA THR D 123 -36.06 -42.81 18.75
C THR D 123 -35.10 -43.96 18.39
N LYS D 124 -35.64 -45.16 18.32
CA LYS D 124 -34.83 -46.34 18.04
C LYS D 124 -35.69 -47.39 17.36
N SER D 125 -35.26 -47.85 16.18
CA SER D 125 -36.03 -48.82 15.43
C SER D 125 -35.66 -50.24 15.85
N THR D 126 -36.68 -51.10 15.94
CA THR D 126 -36.48 -52.49 16.32
C THR D 126 -35.77 -53.30 15.25
N ASN D 127 -35.65 -52.79 14.03
CA ASN D 127 -34.95 -53.49 12.96
C ASN D 127 -33.46 -53.50 13.30
N ARG D 128 -32.96 -54.66 13.70
CA ARG D 128 -31.56 -54.77 14.10
C ARG D 128 -30.61 -54.48 12.94
N ASP D 129 -30.94 -54.95 11.74
CA ASP D 129 -30.01 -54.90 10.62
C ASP D 129 -29.91 -53.51 9.99
N LYS D 130 -30.75 -52.56 10.38
CA LYS D 130 -30.68 -51.20 9.85
C LYS D 130 -30.68 -50.20 10.98
N THR D 131 -30.03 -49.06 10.75
CA THR D 131 -29.97 -47.98 11.72
C THR D 131 -30.96 -46.91 11.29
N SER D 132 -32.14 -46.93 11.89
CA SER D 132 -33.21 -46.00 11.55
C SER D 132 -33.67 -45.30 12.82
N PHE D 133 -33.75 -43.98 12.76
CA PHE D 133 -34.24 -43.25 13.93
C PHE D 133 -34.80 -41.90 13.51
N HIS D 134 -35.54 -41.30 14.43
CA HIS D 134 -36.12 -39.97 14.25
C HIS D 134 -35.61 -39.08 15.36
N ILE D 135 -35.05 -37.93 15.00
CA ILE D 135 -34.56 -36.96 15.97
C ILE D 135 -35.50 -35.76 15.98
N ILE D 136 -35.93 -35.37 17.17
CA ILE D 136 -36.86 -34.25 17.32
C ILE D 136 -36.25 -33.25 18.29
N PHE D 137 -36.04 -32.03 17.84
CA PHE D 137 -35.54 -30.97 18.71
C PHE D 137 -36.71 -30.39 19.47
N LEU D 138 -36.72 -30.59 20.79
CA LEU D 138 -37.89 -30.27 21.59
C LEU D 138 -38.14 -28.77 21.65
N ASP D 139 -37.10 -27.99 21.92
CA ASP D 139 -37.27 -26.60 22.33
C ASP D 139 -37.22 -25.60 21.18
N THR D 140 -37.01 -26.06 19.95
CA THR D 140 -36.88 -25.15 18.81
C THR D 140 -38.11 -25.28 17.93
N TYR D 141 -38.76 -24.16 17.65
CA TYR D 141 -39.99 -24.13 16.88
C TYR D 141 -39.79 -23.26 15.64
N THR D 142 -40.34 -23.72 14.52
CA THR D 142 -40.16 -23.03 13.25
C THR D 142 -41.37 -23.29 12.36
N THR D 143 -41.68 -22.33 11.49
CA THR D 143 -42.80 -22.50 10.59
C THR D 143 -42.48 -23.51 9.49
N MET D 144 -43.52 -24.12 8.94
CA MET D 144 -43.35 -25.20 7.98
C MET D 144 -42.67 -24.71 6.71
N ASP D 145 -43.05 -23.53 6.21
CA ASP D 145 -42.45 -23.02 4.99
C ASP D 145 -40.95 -22.80 5.14
N THR D 146 -40.50 -22.47 6.36
CA THR D 146 -39.06 -22.36 6.60
C THR D 146 -38.37 -23.69 6.40
N LEU D 147 -38.97 -24.78 6.89
CA LEU D 147 -38.38 -26.10 6.67
C LEU D 147 -38.37 -26.44 5.19
N ILE D 148 -39.44 -26.06 4.49
CA ILE D 148 -39.50 -26.28 3.04
C ILE D 148 -38.38 -25.54 2.35
N ALA D 149 -38.02 -24.35 2.85
CA ALA D 149 -36.89 -23.63 2.29
C ALA D 149 -35.56 -24.27 2.68
N MET D 150 -35.48 -24.84 3.87
CA MET D 150 -34.23 -25.37 4.42
C MET D 150 -33.90 -26.76 3.86
N LYS D 151 -34.85 -27.43 3.22
CA LYS D 151 -34.57 -28.76 2.69
C LYS D 151 -33.37 -28.75 1.76
N ARG D 152 -33.18 -27.66 1.00
CA ARG D 152 -32.02 -27.59 0.12
C ARG D 152 -30.74 -27.63 0.92
N THR D 153 -30.56 -26.67 1.83
CA THR D 153 -29.32 -26.62 2.61
C THR D 153 -29.06 -27.94 3.29
N LEU D 154 -30.11 -28.62 3.74
CA LEU D 154 -29.91 -29.96 4.29
C LEU D 154 -29.46 -30.95 3.21
N LEU D 155 -29.94 -30.79 1.97
CA LEU D 155 -29.51 -31.69 0.90
C LEU D 155 -28.03 -31.55 0.61
N GLU D 156 -27.53 -30.31 0.44
CA GLU D 156 -26.09 -30.14 0.29
C GLU D 156 -25.32 -30.56 1.54
N LEU D 157 -25.86 -30.36 2.74
CA LEU D 157 -25.16 -30.83 3.93
C LEU D 157 -25.00 -32.33 3.91
N SER D 158 -26.05 -33.06 3.56
CA SER D 158 -25.95 -34.51 3.49
C SER D 158 -25.00 -34.95 2.39
N ARG D 159 -25.07 -34.31 1.22
CA ARG D 159 -24.18 -34.67 0.12
C ARG D 159 -22.73 -34.31 0.41
N SER D 160 -22.48 -33.43 1.37
CA SER D 160 -21.13 -32.97 1.67
C SER D 160 -20.45 -33.75 2.78
N SER D 161 -21.14 -33.99 3.89
CA SER D 161 -20.50 -34.62 5.04
C SER D 161 -20.18 -36.07 4.76
N GLU D 162 -19.23 -36.60 5.54
CA GLU D 162 -18.82 -37.99 5.43
C GLU D 162 -19.42 -38.88 6.50
N ASN D 163 -19.87 -38.29 7.60
CA ASN D 163 -20.47 -39.07 8.69
C ASN D 163 -21.65 -39.88 8.17
N PRO D 164 -21.71 -41.19 8.41
CA PRO D 164 -22.82 -41.98 7.87
C PRO D 164 -24.18 -41.52 8.31
N LEU D 165 -24.34 -41.11 9.57
CA LEU D 165 -25.63 -40.62 10.03
C LEU D 165 -26.02 -39.35 9.31
N THR D 166 -25.09 -38.42 9.15
CA THR D 166 -25.38 -37.19 8.42
C THR D 166 -25.55 -37.48 6.94
N ARG D 167 -24.75 -38.38 6.38
CA ARG D 167 -24.87 -38.75 4.97
C ARG D 167 -26.21 -39.42 4.67
N SER D 168 -26.84 -40.02 5.69
CA SER D 168 -28.10 -40.74 5.49
C SER D 168 -29.31 -39.91 5.94
N ILE D 169 -29.21 -38.58 5.86
CA ILE D 169 -30.35 -37.74 6.18
C ILE D 169 -31.37 -37.84 5.06
N ASP D 170 -32.63 -38.07 5.42
CA ASP D 170 -33.73 -38.18 4.47
C ASP D 170 -34.43 -36.82 4.44
N THR D 171 -34.17 -36.04 3.39
CA THR D 171 -34.76 -34.72 3.25
C THR D 171 -36.10 -34.75 2.53
N ALA D 172 -36.54 -35.91 2.05
CA ALA D 172 -37.80 -35.97 1.30
C ALA D 172 -39.01 -35.74 2.18
N VAL D 173 -38.88 -35.92 3.50
CA VAL D 173 -40.03 -35.77 4.38
C VAL D 173 -40.49 -34.32 4.48
N TYR D 174 -39.67 -33.37 4.05
CA TYR D 174 -40.01 -31.95 4.16
C TYR D 174 -40.88 -31.57 2.97
N ARG D 175 -42.18 -31.71 3.12
CA ARG D 175 -43.13 -31.25 2.11
C ARG D 175 -44.52 -31.17 2.76
N ARG D 176 -45.44 -30.54 2.03
CA ARG D 176 -46.76 -30.27 2.58
C ARG D 176 -47.47 -31.56 2.96
N LYS D 177 -48.26 -31.48 4.04
CA LYS D 177 -48.97 -32.64 4.58
C LYS D 177 -48.00 -33.76 4.94
N THR D 178 -47.04 -33.44 5.80
CA THR D 178 -46.02 -34.39 6.19
C THR D 178 -46.50 -35.22 7.38
N THR D 179 -46.49 -36.55 7.22
CA THR D 179 -46.88 -37.48 8.26
C THR D 179 -45.65 -38.27 8.70
N LEU D 180 -45.49 -38.43 10.02
CA LEU D 180 -44.37 -39.15 10.58
C LEU D 180 -44.87 -40.27 11.48
N ARG D 181 -44.25 -41.44 11.36
CA ARG D 181 -44.72 -42.59 12.17
C ARG D 181 -44.56 -42.24 13.64
N VAL D 182 -45.64 -42.34 14.40
CA VAL D 182 -45.62 -42.13 15.84
C VAL D 182 -44.91 -43.30 16.51
N VAL D 183 -44.01 -43.00 17.44
CA VAL D 183 -43.20 -44.03 18.08
C VAL D 183 -44.11 -45.01 18.81
N GLY D 184 -43.85 -46.31 18.62
CA GLY D 184 -44.66 -47.35 19.19
C GLY D 184 -45.60 -48.04 18.23
N THR D 185 -45.75 -47.52 17.01
CA THR D 185 -46.65 -48.09 16.02
C THR D 185 -45.85 -48.75 14.90
N ARG D 186 -46.50 -49.68 14.21
CA ARG D 186 -45.89 -50.34 13.06
C ARG D 186 -45.95 -49.44 11.83
N LYS D 187 -44.95 -49.59 10.96
CA LYS D 187 -44.97 -48.86 9.70
C LYS D 187 -46.14 -49.30 8.83
N ASN D 188 -46.33 -50.60 8.70
CA ASN D 188 -47.49 -51.18 8.02
C ASN D 188 -47.90 -52.42 8.78
N PRO D 189 -49.15 -52.86 8.64
CA PRO D 189 -49.60 -54.05 9.39
C PRO D 189 -48.77 -55.29 9.13
N ASN D 190 -48.18 -55.44 7.95
CA ASN D 190 -47.36 -56.60 7.63
C ASN D 190 -45.92 -56.49 8.12
N CYS D 191 -45.51 -55.31 8.59
CA CYS D 191 -44.16 -55.10 9.09
C CYS D 191 -44.20 -55.00 10.61
N ASP D 192 -43.35 -55.78 11.29
CA ASP D 192 -43.30 -55.82 12.74
C ASP D 192 -42.19 -54.96 13.31
N THR D 193 -41.55 -54.13 12.49
CA THR D 193 -40.47 -53.26 12.95
C THR D 193 -41.06 -51.93 13.38
N ILE D 194 -40.95 -51.64 14.68
CA ILE D 194 -41.49 -50.39 15.23
C ILE D 194 -40.35 -49.56 15.79
N HIS D 195 -40.68 -48.39 16.32
CA HIS D 195 -39.71 -47.50 16.94
C HIS D 195 -39.84 -47.57 18.46
N VAL D 196 -38.71 -47.42 19.14
CA VAL D 196 -38.64 -47.53 20.59
C VAL D 196 -38.17 -46.21 21.16
N MET D 197 -38.84 -45.76 22.22
CA MET D 197 -38.47 -44.52 22.88
C MET D 197 -37.13 -44.72 23.61
N GLN D 198 -36.50 -43.59 23.95
CA GLN D 198 -35.16 -43.65 24.53
C GLN D 198 -35.09 -42.78 25.78
N PRO D 199 -34.19 -43.12 26.71
CA PRO D 199 -33.97 -42.27 27.88
C PRO D 199 -33.24 -41.00 27.49
N PRO D 200 -33.34 -39.93 28.29
CA PRO D 200 -34.12 -39.85 29.53
C PRO D 200 -35.56 -39.45 29.31
N HIS D 201 -35.96 -39.36 28.04
CA HIS D 201 -37.30 -38.91 27.69
C HIS D 201 -38.26 -40.07 27.79
N ASP D 202 -38.93 -40.21 28.93
CA ASP D 202 -39.88 -41.27 29.16
C ASP D 202 -41.32 -40.88 28.84
N ASN D 203 -41.57 -39.62 28.48
CA ASN D 203 -42.91 -39.16 28.17
C ASN D 203 -43.10 -39.06 26.67
N ILE D 204 -44.28 -39.53 26.21
CA ILE D 204 -44.58 -39.50 24.78
C ILE D 204 -44.63 -38.08 24.25
N GLU D 205 -44.91 -37.10 25.14
CA GLU D 205 -44.97 -35.71 24.70
C GLU D 205 -43.66 -35.22 24.10
N ASP D 206 -42.55 -35.86 24.42
CA ASP D 206 -41.25 -35.49 23.89
C ASP D 206 -40.98 -36.09 22.52
N TYR D 207 -41.97 -36.72 21.90
CA TYR D 207 -41.75 -37.46 20.66
C TYR D 207 -42.74 -37.05 19.58
N LEU D 208 -43.26 -35.83 19.64
CA LEU D 208 -44.14 -35.30 18.61
C LEU D 208 -43.61 -33.95 18.18
N PHE D 209 -43.48 -33.76 16.87
CA PHE D 209 -42.93 -32.53 16.32
C PHE D 209 -43.96 -31.43 16.16
N THR D 210 -45.25 -31.73 16.31
CA THR D 210 -46.28 -30.71 16.22
C THR D 210 -46.72 -30.18 17.57
N TYR D 211 -46.46 -30.91 18.65
CA TYR D 211 -46.82 -30.47 19.99
C TYR D 211 -45.97 -29.25 20.35
N VAL D 212 -46.59 -28.07 20.31
CA VAL D 212 -45.89 -26.82 20.58
C VAL D 212 -46.18 -26.42 22.02
N ASP D 213 -45.12 -26.34 22.83
CA ASP D 213 -45.20 -25.85 24.20
C ASP D 213 -43.96 -24.98 24.41
N MET D 214 -44.10 -23.69 24.14
CA MET D 214 -42.97 -22.77 24.16
C MET D 214 -42.74 -22.26 25.57
N ASN D 215 -41.57 -22.54 26.11
CA ASN D 215 -41.19 -22.12 27.45
C ASN D 215 -39.97 -21.20 27.37
N ASN D 216 -39.41 -20.88 28.53
CA ASN D 216 -38.32 -19.91 28.60
C ASN D 216 -37.09 -20.40 27.85
N ASN D 217 -36.90 -21.72 27.73
CA ASN D 217 -35.75 -22.28 27.04
C ASN D 217 -35.96 -22.38 25.53
N SER D 218 -37.13 -22.00 25.03
CA SER D 218 -37.45 -22.18 23.63
C SER D 218 -37.13 -20.93 22.82
N TYR D 219 -36.86 -21.14 21.54
CA TYR D 219 -36.58 -20.07 20.60
C TYR D 219 -37.40 -20.29 19.33
N TYR D 220 -37.81 -19.20 18.69
CA TYR D 220 -38.63 -19.27 17.49
C TYR D 220 -38.04 -18.39 16.40
N PHE D 221 -38.12 -18.87 15.17
CA PHE D 221 -37.71 -18.09 14.00
C PHE D 221 -38.51 -18.57 12.80
N SER D 222 -38.57 -17.73 11.78
CA SER D 222 -39.30 -18.07 10.56
C SER D 222 -38.69 -17.32 9.39
N LEU D 223 -38.91 -17.85 8.19
CA LEU D 223 -38.34 -17.26 6.99
C LEU D 223 -39.01 -15.93 6.70
N GLN D 224 -38.19 -14.88 6.55
CA GLN D 224 -38.72 -13.53 6.43
C GLN D 224 -39.39 -13.31 5.07
N ARG D 225 -38.68 -13.71 4.01
CA ARG D 225 -39.20 -13.59 2.63
C ARG D 225 -39.96 -14.87 2.26
N ARG D 226 -41.25 -14.80 2.05
CA ARG D 226 -42.06 -15.99 1.84
C ARG D 226 -41.75 -16.62 0.47
N ASN D 324 -11.14 -25.24 -21.72
CA ASN D 324 -12.23 -25.42 -22.66
C ASN D 324 -13.57 -25.28 -21.97
N LYS D 325 -13.87 -26.19 -21.04
CA LYS D 325 -15.13 -26.09 -20.30
C LYS D 325 -15.16 -24.85 -19.41
N LEU D 326 -14.01 -24.44 -18.88
CA LEU D 326 -13.96 -23.19 -18.13
C LEU D 326 -14.28 -22.00 -19.02
N PHE D 327 -13.87 -22.06 -20.29
CA PHE D 327 -14.25 -21.00 -21.21
C PHE D 327 -15.75 -21.00 -21.46
N ASN D 328 -16.37 -22.17 -21.55
CA ASN D 328 -17.82 -22.22 -21.69
C ASN D 328 -18.50 -21.63 -20.46
N ILE D 329 -17.95 -21.89 -19.27
CA ILE D 329 -18.48 -21.28 -18.07
C ILE D 329 -18.35 -19.77 -18.14
N ALA D 330 -17.22 -19.27 -18.63
CA ALA D 330 -17.03 -17.83 -18.73
C ALA D 330 -18.03 -17.21 -19.69
N GLN D 331 -18.27 -17.86 -20.83
CA GLN D 331 -19.27 -17.35 -21.77
C GLN D 331 -20.66 -17.38 -21.14
N ARG D 332 -20.98 -18.44 -20.41
CA ARG D 332 -22.28 -18.51 -19.76
C ARG D 332 -22.46 -17.39 -18.76
N ILE D 333 -21.41 -17.08 -17.99
CA ILE D 333 -21.49 -16.00 -17.01
C ILE D 333 -21.67 -14.66 -17.73
N LEU D 334 -20.93 -14.44 -18.82
CA LEU D 334 -21.09 -13.20 -19.56
C LEU D 334 -22.47 -13.07 -20.19
N ASP D 335 -23.09 -14.20 -20.51
CA ASP D 335 -24.43 -14.15 -21.09
C ASP D 335 -25.44 -13.57 -20.11
N THR D 336 -25.26 -13.82 -18.82
CA THR D 336 -26.15 -13.23 -17.82
C THR D 336 -25.99 -11.72 -17.71
N ASN D 337 -24.94 -11.16 -18.31
CA ASN D 337 -24.67 -9.73 -18.27
C ASN D 337 -24.56 -9.23 -16.83
N SER D 338 -23.86 -10.01 -15.99
CA SER D 338 -23.75 -9.69 -14.58
C SER D 338 -22.52 -8.88 -14.24
N VAL D 339 -21.52 -8.84 -15.11
CA VAL D 339 -20.29 -8.10 -14.85
C VAL D 339 -20.03 -7.19 -16.04
N LEU D 340 -19.61 -5.95 -15.75
CA LEU D 340 -19.42 -4.94 -16.77
C LEU D 340 -18.13 -4.19 -16.50
N LEU D 341 -17.59 -3.57 -17.54
CA LEU D 341 -16.39 -2.76 -17.46
C LEU D 341 -16.75 -1.30 -17.57
N THR D 342 -16.26 -0.49 -16.63
CA THR D 342 -16.52 0.94 -16.63
C THR D 342 -15.33 1.71 -17.19
N GLU D 343 -15.56 3.00 -17.45
CA GLU D 343 -14.52 3.84 -18.04
C GLU D 343 -13.32 4.01 -17.10
N ARG D 344 -13.55 3.98 -15.80
CA ARG D 344 -12.48 4.20 -14.83
C ARG D 344 -11.50 3.04 -14.75
N GLY D 345 -11.65 2.02 -15.59
CA GLY D 345 -10.76 0.87 -15.55
C GLY D 345 -11.12 -0.17 -14.52
N ASP D 346 -12.25 -0.03 -13.84
CA ASP D 346 -12.68 -0.99 -12.83
C ASP D 346 -13.94 -1.70 -13.29
N HIS D 347 -14.19 -2.86 -12.71
CA HIS D 347 -15.31 -3.69 -13.16
C HIS D 347 -16.42 -3.67 -12.12
N ILE D 348 -17.66 -3.55 -12.54
CA ILE D 348 -18.84 -3.53 -11.69
C ILE D 348 -19.54 -4.87 -11.80
N VAL D 349 -19.88 -5.46 -10.66
CA VAL D 349 -20.51 -6.77 -10.63
C VAL D 349 -21.86 -6.66 -9.97
N TRP D 350 -22.72 -7.61 -10.29
CA TRP D 350 -24.13 -7.61 -9.90
C TRP D 350 -24.34 -8.68 -8.83
N ILE D 351 -24.15 -8.29 -7.57
CA ILE D 351 -24.31 -9.18 -6.43
C ILE D 351 -25.34 -8.57 -5.48
N ASN D 352 -26.22 -9.40 -4.95
CA ASN D 352 -27.27 -8.98 -4.02
C ASN D 352 -28.14 -7.89 -4.63
N ASN D 353 -28.46 -8.06 -5.92
CA ASN D 353 -29.34 -7.14 -6.64
C ASN D 353 -28.81 -5.70 -6.57
N SER D 354 -27.51 -5.56 -6.81
CA SER D 354 -26.88 -4.25 -6.78
C SER D 354 -25.58 -4.31 -7.58
N TRP D 355 -25.14 -3.15 -8.04
CA TRP D 355 -23.89 -3.02 -8.76
C TRP D 355 -22.81 -2.50 -7.82
N LYS D 356 -21.73 -3.24 -7.70
CA LYS D 356 -20.66 -2.87 -6.78
C LYS D 356 -19.38 -2.60 -7.55
N PHE D 357 -18.34 -2.17 -6.84
CA PHE D 357 -17.04 -1.91 -7.44
C PHE D 357 -16.07 -3.03 -7.14
N ASN D 358 -15.16 -3.26 -8.07
CA ASN D 358 -14.04 -4.17 -7.89
C ASN D 358 -12.87 -3.53 -7.17
N SER D 359 -12.96 -2.24 -6.83
CA SER D 359 -11.86 -1.57 -6.14
C SER D 359 -11.61 -2.17 -4.77
N GLU D 360 -12.62 -2.78 -4.17
CA GLU D 360 -12.46 -3.49 -2.91
C GLU D 360 -11.81 -4.85 -3.20
N GLU D 361 -11.85 -5.75 -2.22
CA GLU D 361 -11.40 -7.12 -2.48
C GLU D 361 -12.19 -7.69 -3.64
N PRO D 362 -11.53 -8.37 -4.59
CA PRO D 362 -12.19 -8.68 -5.86
C PRO D 362 -13.52 -9.42 -5.69
N LEU D 363 -14.51 -8.99 -6.46
CA LEU D 363 -15.86 -9.53 -6.37
C LEU D 363 -16.23 -10.45 -7.51
N ILE D 364 -15.42 -10.54 -8.57
CA ILE D 364 -15.75 -11.43 -9.67
C ILE D 364 -15.81 -12.87 -9.19
N THR D 365 -14.87 -13.25 -8.33
CA THR D 365 -14.86 -14.60 -7.78
C THR D 365 -16.10 -14.85 -6.92
N LYS D 366 -16.52 -13.84 -6.15
CA LYS D 366 -17.76 -13.96 -5.39
C LYS D 366 -18.94 -14.21 -6.30
N LEU D 367 -18.99 -13.51 -7.44
CA LEU D 367 -20.05 -13.75 -8.40
C LEU D 367 -20.00 -15.18 -8.94
N ILE D 368 -18.79 -15.67 -9.23
CA ILE D 368 -18.65 -16.99 -9.82
C ILE D 368 -19.16 -18.06 -8.86
N LEU D 369 -18.84 -17.93 -7.57
CA LEU D 369 -19.49 -18.83 -6.61
C LEU D 369 -20.98 -18.60 -6.52
N SER D 370 -21.42 -17.34 -6.59
CA SER D 370 -22.83 -17.04 -6.37
C SER D 370 -23.72 -17.70 -7.41
N ILE D 371 -23.28 -17.72 -8.66
CA ILE D 371 -24.13 -18.21 -9.74
C ILE D 371 -23.83 -19.66 -10.11
N ARG D 372 -23.22 -20.43 -9.20
CA ARG D 372 -22.99 -21.83 -9.50
C ARG D 372 -24.27 -22.65 -9.41
N HIS D 373 -25.30 -22.14 -8.73
CA HIS D 373 -26.53 -22.92 -8.60
C HIS D 373 -27.37 -22.89 -9.88
N GLN D 374 -27.45 -21.75 -10.54
CA GLN D 374 -28.27 -21.63 -11.74
C GLN D 374 -27.55 -22.11 -12.99
N LEU D 375 -26.55 -22.95 -12.82
CA LEU D 375 -25.69 -23.43 -13.89
C LEU D 375 -25.64 -24.94 -13.84
N PRO D 376 -25.45 -25.61 -14.98
CA PRO D 376 -25.50 -27.07 -14.99
C PRO D 376 -24.50 -27.68 -14.02
N LYS D 377 -24.91 -28.78 -13.40
CA LYS D 377 -24.15 -29.34 -12.27
C LYS D 377 -22.83 -29.94 -12.72
N GLU D 378 -22.75 -30.45 -13.95
CA GLU D 378 -21.49 -31.02 -14.43
C GLU D 378 -20.39 -29.97 -14.52
N TYR D 379 -20.74 -28.69 -14.57
CA TYR D 379 -19.76 -27.63 -14.40
C TYR D 379 -19.71 -27.12 -12.97
N SER D 380 -20.85 -27.13 -12.27
CA SER D 380 -20.88 -26.65 -10.89
C SER D 380 -19.94 -27.45 -10.01
N SER D 381 -19.71 -28.73 -10.36
CA SER D 381 -18.71 -29.49 -9.63
C SER D 381 -17.32 -28.89 -9.81
N GLU D 382 -17.01 -28.44 -11.02
CA GLU D 382 -15.68 -27.90 -11.30
C GLU D 382 -15.51 -26.50 -10.73
N LEU D 383 -16.61 -25.76 -10.57
CA LEU D 383 -16.51 -24.33 -10.29
C LEU D 383 -16.02 -24.00 -8.89
N LEU D 384 -15.92 -24.98 -8.00
CA LEU D 384 -15.66 -24.70 -6.58
C LEU D 384 -14.23 -25.00 -6.14
N CYS D 385 -13.25 -24.87 -7.04
CA CYS D 385 -11.85 -24.89 -6.66
C CYS D 385 -11.23 -23.53 -6.92
N PRO D 386 -10.56 -22.91 -5.95
CA PRO D 386 -10.14 -21.51 -6.12
C PRO D 386 -9.25 -21.27 -7.33
N ARG D 387 -8.39 -22.21 -7.69
CA ARG D 387 -7.57 -22.04 -8.88
C ARG D 387 -8.42 -21.99 -10.14
N LYS D 388 -9.36 -22.92 -10.27
CA LYS D 388 -10.23 -22.91 -11.44
C LYS D 388 -11.14 -21.68 -11.44
N ARG D 389 -11.53 -21.22 -10.26
CA ARG D 389 -12.37 -20.03 -10.19
C ARG D 389 -11.60 -18.79 -10.63
N LYS D 390 -10.33 -18.69 -10.24
CA LYS D 390 -9.50 -17.60 -10.73
C LYS D 390 -9.24 -17.71 -12.23
N THR D 391 -9.14 -18.94 -12.75
CA THR D 391 -9.00 -19.10 -14.19
C THR D 391 -10.23 -18.57 -14.92
N VAL D 392 -11.43 -18.93 -14.43
CA VAL D 392 -12.65 -18.41 -15.02
C VAL D 392 -12.69 -16.89 -14.91
N GLU D 393 -12.20 -16.36 -13.79
CA GLU D 393 -12.17 -14.91 -13.60
C GLU D 393 -11.25 -14.23 -14.60
N ALA D 394 -10.11 -14.85 -14.89
CA ALA D 394 -9.20 -14.31 -15.89
C ALA D 394 -9.83 -14.34 -17.28
N ASN D 395 -10.55 -15.43 -17.59
CA ASN D 395 -11.27 -15.48 -18.86
C ASN D 395 -12.30 -14.36 -18.96
N ILE D 396 -13.04 -14.12 -17.88
CA ILE D 396 -14.05 -13.06 -17.90
C ILE D 396 -13.39 -11.70 -18.10
N ARG D 397 -12.29 -11.44 -17.39
CA ARG D 397 -11.59 -10.18 -17.58
C ARG D 397 -11.13 -10.01 -19.01
N ASP D 398 -10.60 -11.07 -19.60
CA ASP D 398 -10.03 -10.97 -20.94
C ASP D 398 -11.10 -10.96 -22.03
N MET D 399 -12.34 -11.30 -21.71
CA MET D 399 -13.40 -11.21 -22.69
C MET D 399 -14.14 -9.88 -22.66
N LEU D 400 -13.95 -9.07 -21.62
CA LEU D 400 -14.62 -7.78 -21.51
C LEU D 400 -13.74 -6.71 -22.12
N VAL D 401 -14.14 -6.20 -23.28
CA VAL D 401 -13.39 -5.19 -24.00
C VAL D 401 -14.12 -3.85 -24.04
N ASP D 402 -15.45 -3.87 -24.14
CA ASP D 402 -16.22 -2.64 -24.29
C ASP D 402 -16.49 -2.04 -22.91
N SER D 403 -16.13 -0.77 -22.74
CA SER D 403 -16.33 -0.06 -21.48
C SER D 403 -17.65 0.69 -21.56
N VAL D 404 -18.52 0.47 -20.58
CA VAL D 404 -19.83 1.12 -20.55
C VAL D 404 -19.81 2.22 -19.50
N GLU D 405 -20.34 3.38 -19.88
CA GLU D 405 -20.51 4.50 -18.96
C GLU D 405 -21.57 4.16 -17.90
N THR D 406 -21.39 4.69 -16.69
CA THR D 406 -22.26 4.36 -15.57
C THR D 406 -23.09 5.59 -15.18
N ASP D 407 -24.25 5.31 -14.58
CA ASP D 407 -25.17 6.35 -14.11
C ASP D 407 -25.59 7.27 -15.25
N THR D 408 -26.30 6.69 -16.21
CA THR D 408 -26.75 7.43 -17.38
C THR D 408 -28.15 7.99 -17.25
N TYR D 409 -28.91 7.60 -16.23
CA TYR D 409 -30.29 8.04 -16.08
C TYR D 409 -30.37 9.07 -14.97
N PRO D 410 -30.69 10.33 -15.27
CA PRO D 410 -30.87 11.31 -14.20
C PRO D 410 -32.24 11.26 -13.54
N ASP D 411 -33.21 10.56 -14.13
CA ASP D 411 -34.57 10.52 -13.63
C ASP D 411 -34.92 9.19 -12.95
N LYS D 412 -33.94 8.56 -12.29
CA LYS D 412 -34.15 7.32 -11.56
C LYS D 412 -33.53 7.46 -10.17
N LEU D 413 -34.27 7.04 -9.15
CA LEU D 413 -33.79 7.15 -7.78
C LEU D 413 -33.36 5.79 -7.28
N PRO D 414 -32.09 5.55 -7.03
CA PRO D 414 -31.64 4.20 -6.67
C PRO D 414 -31.67 3.92 -5.18
N PHE D 415 -32.30 2.82 -4.79
CA PHE D 415 -32.30 2.35 -3.42
C PHE D 415 -31.40 1.11 -3.33
N LYS D 416 -31.26 0.55 -2.13
CA LYS D 416 -30.41 -0.61 -1.98
C LYS D 416 -31.16 -1.92 -2.20
N ASN D 417 -32.45 -1.87 -2.53
CA ASN D 417 -33.20 -3.05 -2.93
C ASN D 417 -33.77 -2.88 -4.32
N GLY D 418 -33.32 -1.87 -5.04
CA GLY D 418 -33.83 -1.62 -6.39
C GLY D 418 -33.80 -0.14 -6.69
N VAL D 419 -34.49 0.22 -7.77
CA VAL D 419 -34.53 1.60 -8.25
C VAL D 419 -35.99 1.97 -8.45
N LEU D 420 -36.30 3.25 -8.23
CA LEU D 420 -37.63 3.79 -8.42
C LEU D 420 -37.64 4.76 -9.60
N ASP D 421 -38.64 4.64 -10.45
CA ASP D 421 -38.82 5.57 -11.56
C ASP D 421 -39.47 6.85 -11.04
N LEU D 422 -39.02 7.99 -11.56
CA LEU D 422 -39.61 9.27 -11.17
C LEU D 422 -40.88 9.59 -11.93
N VAL D 423 -40.91 9.35 -13.23
CA VAL D 423 -42.11 9.63 -14.02
C VAL D 423 -43.25 8.73 -13.57
N ASP D 424 -42.92 7.49 -13.20
CA ASP D 424 -43.91 6.54 -12.70
C ASP D 424 -43.84 6.51 -11.18
N GLY D 425 -44.68 5.69 -10.56
CA GLY D 425 -44.55 5.41 -9.15
C GLY D 425 -44.13 3.97 -8.94
N MET D 426 -43.71 3.33 -10.03
CA MET D 426 -43.36 1.92 -10.00
C MET D 426 -41.95 1.74 -9.45
N PHE D 427 -41.75 0.68 -8.67
CA PHE D 427 -40.46 0.33 -8.11
C PHE D 427 -40.01 -1.02 -8.68
N TYR D 428 -38.76 -1.08 -9.13
CA TYR D 428 -38.17 -2.28 -9.70
C TYR D 428 -37.20 -2.88 -8.70
N SER D 429 -37.31 -4.19 -8.47
CA SER D 429 -36.42 -4.91 -7.56
C SER D 429 -36.01 -6.21 -8.25
N GLY D 430 -34.83 -6.20 -8.85
CA GLY D 430 -34.33 -7.38 -9.53
C GLY D 430 -33.67 -7.05 -10.86
N ASP D 431 -33.85 -7.92 -11.85
CA ASP D 431 -33.26 -7.71 -13.17
C ASP D 431 -33.81 -6.48 -13.88
N ASP D 432 -34.95 -5.93 -13.43
CA ASP D 432 -35.43 -4.68 -13.99
C ASP D 432 -34.57 -3.51 -13.53
N ALA D 433 -33.95 -3.63 -12.36
CA ALA D 433 -33.09 -2.58 -11.84
C ALA D 433 -31.66 -2.68 -12.33
N LYS D 434 -31.20 -3.86 -12.76
CA LYS D 434 -29.83 -3.98 -13.24
C LYS D 434 -29.66 -3.34 -14.61
N LYS D 435 -30.76 -3.15 -15.34
CA LYS D 435 -30.68 -2.47 -16.63
C LYS D 435 -30.20 -1.05 -16.46
N TYR D 436 -30.61 -0.39 -15.38
CA TYR D 436 -30.17 0.96 -15.06
C TYR D 436 -28.92 0.85 -14.22
N THR D 437 -27.78 1.30 -14.75
CA THR D 437 -26.50 1.14 -14.09
C THR D 437 -26.41 2.11 -12.91
N CYS D 438 -26.99 1.67 -11.79
CA CYS D 438 -27.00 2.46 -10.55
C CYS D 438 -25.80 2.05 -9.71
N THR D 439 -24.97 3.02 -9.35
CA THR D 439 -23.77 2.77 -8.57
C THR D 439 -23.94 3.13 -7.09
N VAL D 440 -24.68 4.19 -6.78
CA VAL D 440 -24.89 4.61 -5.41
C VAL D 440 -26.37 4.44 -5.09
N SER D 441 -26.68 4.47 -3.80
CA SER D 441 -28.06 4.29 -3.36
C SER D 441 -28.25 5.05 -2.05
N THR D 442 -29.52 5.26 -1.72
CA THR D 442 -29.84 5.97 -0.49
C THR D 442 -29.38 5.20 0.73
N GLY D 443 -29.21 3.89 0.62
CA GLY D 443 -28.68 3.08 1.70
C GLY D 443 -29.71 2.36 2.53
N PHE D 444 -30.99 2.47 2.19
CA PHE D 444 -32.03 1.78 2.94
C PHE D 444 -33.02 1.11 1.98
N LYS D 445 -33.66 0.06 2.47
CA LYS D 445 -34.63 -0.68 1.67
C LYS D 445 -35.85 0.17 1.39
N PHE D 446 -36.29 0.15 0.13
CA PHE D 446 -37.56 0.79 -0.22
C PHE D 446 -38.72 -0.07 0.25
N ASP D 447 -39.65 0.55 0.98
CA ASP D 447 -40.77 -0.16 1.58
C ASP D 447 -42.06 0.25 0.87
N ASP D 448 -42.66 -0.69 0.15
CA ASP D 448 -43.93 -0.44 -0.51
C ASP D 448 -45.10 -0.35 0.46
N THR D 449 -44.97 -0.93 1.67
CA THR D 449 -46.02 -0.85 2.67
C THR D 449 -46.16 0.55 3.26
N LYS D 450 -45.06 1.31 3.33
CA LYS D 450 -45.11 2.70 3.78
C LYS D 450 -45.23 3.68 2.64
N PHE D 451 -44.87 3.29 1.43
CA PHE D 451 -45.00 4.15 0.25
C PHE D 451 -46.36 3.90 -0.40
N VAL D 452 -47.41 4.21 0.36
CA VAL D 452 -48.79 4.01 -0.07
C VAL D 452 -49.42 5.32 -0.53
N GLU D 453 -49.53 6.32 0.36
CA GLU D 453 -50.05 7.67 0.15
C GLU D 453 -50.71 8.17 1.44
N ASP D 454 -51.52 7.31 2.07
CA ASP D 454 -52.32 7.74 3.22
C ASP D 454 -51.44 7.94 4.45
N SER D 455 -50.83 6.85 4.94
CA SER D 455 -49.87 6.81 6.04
C SER D 455 -50.41 7.38 7.35
N PRO D 456 -50.23 6.66 8.46
CA PRO D 456 -50.59 7.24 9.77
C PRO D 456 -49.81 8.51 10.11
N GLU D 457 -48.66 8.74 9.47
CA GLU D 457 -47.85 9.90 9.78
C GLU D 457 -47.90 10.98 8.72
N MET D 458 -48.53 10.71 7.57
CA MET D 458 -48.49 11.67 6.47
C MET D 458 -49.31 12.91 6.80
N GLU D 459 -50.36 12.76 7.60
CA GLU D 459 -51.14 13.93 8.01
C GLU D 459 -50.32 14.86 8.88
N GLU D 460 -49.58 14.31 9.85
CA GLU D 460 -48.71 15.15 10.66
C GLU D 460 -47.57 15.72 9.84
N LEU D 461 -47.13 14.98 8.81
CA LEU D 461 -46.15 15.56 7.88
C LEU D 461 -46.73 16.76 7.14
N MET D 462 -47.98 16.68 6.70
CA MET D 462 -48.62 17.84 6.10
C MET D 462 -48.74 18.99 7.09
N ASN D 463 -49.03 18.70 8.36
CA ASN D 463 -49.03 19.74 9.37
C ASN D 463 -47.66 20.38 9.54
N ILE D 464 -46.59 19.57 9.57
CA ILE D 464 -45.25 20.11 9.77
C ILE D 464 -44.83 20.98 8.59
N ILE D 465 -45.11 20.51 7.37
CA ILE D 465 -44.72 21.31 6.20
C ILE D 465 -45.56 22.57 6.10
N ASN D 466 -46.83 22.51 6.49
CA ASN D 466 -47.68 23.69 6.52
C ASN D 466 -47.31 24.64 7.64
N ASP D 467 -46.63 24.16 8.68
CA ASP D 467 -46.09 25.04 9.71
C ASP D 467 -44.79 25.70 9.28
N ILE D 468 -43.83 24.92 8.78
CA ILE D 468 -42.55 25.49 8.36
C ILE D 468 -42.75 26.43 7.18
N GLN D 469 -43.56 26.02 6.21
CA GLN D 469 -43.95 26.86 5.08
C GLN D 469 -45.47 26.88 5.00
N PRO D 470 -46.11 27.92 5.51
CA PRO D 470 -47.57 28.02 5.38
C PRO D 470 -47.99 28.09 3.92
N LEU D 471 -49.10 27.43 3.61
CA LEU D 471 -49.68 27.46 2.27
C LEU D 471 -50.67 28.62 2.21
N THR D 472 -50.13 29.83 2.13
CA THR D 472 -50.92 31.05 2.12
C THR D 472 -50.70 31.80 0.81
N ASP D 473 -51.51 32.84 0.60
CA ASP D 473 -51.42 33.66 -0.60
C ASP D 473 -50.15 34.51 -0.64
N GLU D 474 -49.57 34.83 0.50
CA GLU D 474 -48.28 35.50 0.55
C GLU D 474 -47.13 34.51 0.38
N ASN D 475 -47.23 33.35 1.02
CA ASN D 475 -46.27 32.27 0.84
C ASN D 475 -46.72 31.39 -0.33
N LYS D 476 -46.72 32.00 -1.51
CA LYS D 476 -47.15 31.34 -2.74
C LYS D 476 -45.99 31.07 -3.69
N LYS D 477 -45.27 32.12 -4.10
CA LYS D 477 -44.08 31.93 -4.92
C LYS D 477 -42.92 31.35 -4.12
N ASN D 478 -42.74 31.77 -2.86
CA ASN D 478 -41.75 31.17 -2.00
C ASN D 478 -42.02 29.69 -1.80
N ARG D 479 -43.29 29.31 -1.60
CA ARG D 479 -43.62 27.92 -1.37
C ARG D 479 -43.33 27.06 -2.59
N GLU D 480 -43.68 27.55 -3.79
CA GLU D 480 -43.44 26.77 -5.00
C GLU D 480 -41.95 26.70 -5.32
N LEU D 481 -41.21 27.78 -5.06
CA LEU D 481 -39.76 27.73 -5.23
C LEU D 481 -39.15 26.71 -4.27
N TYR D 482 -39.63 26.68 -3.03
CA TYR D 482 -39.20 25.68 -2.06
C TYR D 482 -39.49 24.27 -2.56
N GLU D 483 -40.70 24.05 -3.09
CA GLU D 483 -41.06 22.74 -3.61
C GLU D 483 -40.15 22.33 -4.76
N LYS D 484 -39.90 23.22 -5.70
CA LYS D 484 -39.04 22.89 -6.83
C LYS D 484 -37.61 22.63 -6.39
N THR D 485 -37.10 23.44 -5.46
CA THR D 485 -35.73 23.25 -4.98
C THR D 485 -35.57 21.91 -4.27
N LEU D 486 -36.57 21.51 -3.47
CA LEU D 486 -36.48 20.20 -2.83
C LEU D 486 -36.71 19.07 -3.81
N SER D 487 -37.53 19.29 -4.85
CA SER D 487 -37.74 18.24 -5.85
C SER D 487 -36.50 18.01 -6.69
N SER D 488 -35.70 19.04 -6.93
CA SER D 488 -34.51 18.90 -7.75
C SER D 488 -33.49 17.93 -7.16
N CYS D 489 -33.58 17.61 -5.88
CA CYS D 489 -32.63 16.70 -5.25
C CYS D 489 -32.82 15.25 -5.66
N LEU D 490 -33.96 14.89 -6.26
CA LEU D 490 -34.21 13.53 -6.69
C LEU D 490 -33.68 13.21 -8.08
N CYS D 491 -33.28 14.22 -8.85
CA CYS D 491 -32.82 14.01 -10.21
C CYS D 491 -31.30 14.00 -10.25
N GLY D 492 -30.74 12.98 -10.89
CA GLY D 492 -29.30 12.81 -10.94
C GLY D 492 -28.65 13.49 -12.15
N ALA D 493 -28.90 14.78 -12.31
CA ALA D 493 -28.32 15.56 -13.38
C ALA D 493 -27.57 16.74 -12.79
N THR D 494 -26.95 17.53 -13.67
CA THR D 494 -26.21 18.70 -13.23
C THR D 494 -27.17 19.86 -12.95
N LYS D 495 -27.00 20.51 -11.82
CA LYS D 495 -27.84 21.64 -11.42
C LYS D 495 -27.08 22.94 -11.66
N GLY D 496 -27.76 23.91 -12.26
CA GLY D 496 -27.15 25.16 -12.67
C GLY D 496 -27.40 26.36 -11.79
N CYS D 497 -28.02 26.19 -10.62
CA CYS D 497 -28.30 27.31 -9.73
C CYS D 497 -28.10 26.88 -8.29
N LEU D 498 -27.82 27.86 -7.43
CA LEU D 498 -27.64 27.64 -6.01
C LEU D 498 -28.71 28.39 -5.24
N THR D 499 -29.41 27.70 -4.35
CA THR D 499 -30.48 28.28 -3.57
C THR D 499 -29.98 28.59 -2.16
N PHE D 500 -30.28 29.81 -1.69
CA PHE D 500 -29.93 30.24 -0.34
C PHE D 500 -31.15 30.10 0.55
N PHE D 501 -31.04 29.27 1.58
CA PHE D 501 -32.11 29.09 2.55
C PHE D 501 -31.95 30.16 3.62
N PHE D 502 -32.69 31.26 3.47
CA PHE D 502 -32.60 32.39 4.38
C PHE D 502 -33.80 32.39 5.32
N GLY D 503 -33.52 32.44 6.62
CA GLY D 503 -34.57 32.50 7.61
C GLY D 503 -33.95 32.78 8.97
N GLU D 504 -34.79 33.23 9.89
CA GLU D 504 -34.31 33.59 11.21
C GLU D 504 -34.15 32.34 12.07
N THR D 505 -33.79 32.54 13.33
CA THR D 505 -33.59 31.44 14.25
C THR D 505 -34.92 30.74 14.53
N ALA D 506 -34.83 29.41 14.71
CA ALA D 506 -35.98 28.58 15.02
C ALA D 506 -37.09 28.74 13.98
N THR D 507 -36.69 28.76 12.72
CA THR D 507 -37.62 28.80 11.60
C THR D 507 -37.78 27.45 10.90
N GLY D 508 -37.22 26.38 11.46
CA GLY D 508 -37.41 25.06 10.93
C GLY D 508 -36.48 24.64 9.81
N LYS D 509 -35.47 25.44 9.50
CA LYS D 509 -34.55 25.08 8.41
C LYS D 509 -33.79 23.80 8.72
N SER D 510 -33.24 23.68 9.93
CA SER D 510 -32.50 22.47 10.29
C SER D 510 -33.40 21.24 10.26
N THR D 511 -34.64 21.37 10.71
CA THR D 511 -35.59 20.27 10.57
C THR D 511 -35.80 19.95 9.09
N THR D 512 -35.81 20.96 8.22
CA THR D 512 -35.97 20.70 6.80
C THR D 512 -34.81 19.87 6.26
N LYS D 513 -33.58 20.23 6.64
CA LYS D 513 -32.43 19.43 6.21
C LYS D 513 -32.54 18.01 6.75
N ARG D 514 -33.02 17.87 7.98
CA ARG D 514 -33.09 16.54 8.58
C ARG D 514 -34.17 15.69 7.89
N LEU D 515 -35.30 16.28 7.52
CA LEU D 515 -36.29 15.56 6.72
C LEU D 515 -35.68 15.13 5.39
N LEU D 516 -34.95 16.04 4.72
CA LEU D 516 -34.39 15.70 3.43
C LEU D 516 -33.38 14.56 3.54
N LYS D 517 -32.53 14.58 4.56
CA LYS D 517 -31.55 13.53 4.69
C LYS D 517 -32.21 12.21 5.09
N SER D 518 -33.19 12.24 5.99
CA SER D 518 -33.89 11.00 6.33
C SER D 518 -34.70 10.47 5.16
N ALA D 519 -35.06 11.33 4.20
CA ALA D 519 -35.81 10.89 3.04
C ALA D 519 -34.95 10.32 1.93
N ILE D 520 -33.77 10.90 1.68
CA ILE D 520 -32.93 10.44 0.58
C ILE D 520 -31.65 9.76 1.04
N GLY D 521 -31.56 9.36 2.31
CA GLY D 521 -30.46 8.53 2.72
C GLY D 521 -29.11 9.21 2.55
N ASP D 522 -28.15 8.46 2.02
CA ASP D 522 -26.79 8.95 1.85
C ASP D 522 -26.65 9.96 0.72
N LEU D 523 -27.68 10.14 -0.09
CA LEU D 523 -27.63 11.06 -1.22
C LEU D 523 -27.60 12.53 -0.78
N PHE D 524 -27.89 12.82 0.47
CA PHE D 524 -27.76 14.16 1.03
C PHE D 524 -26.49 14.21 1.87
N VAL D 525 -25.66 15.22 1.62
CA VAL D 525 -24.39 15.35 2.34
C VAL D 525 -24.24 16.80 2.80
N GLU D 526 -23.71 16.97 4.00
CA GLU D 526 -23.39 18.27 4.56
C GLU D 526 -21.92 18.59 4.30
N THR D 527 -21.66 19.77 3.75
CA THR D 527 -20.31 20.21 3.45
C THR D 527 -20.04 21.49 4.24
N GLY D 528 -18.76 21.70 4.56
CA GLY D 528 -18.34 22.87 5.31
C GLY D 528 -18.21 24.10 4.43
N GLN D 529 -17.80 25.20 5.07
CA GLN D 529 -17.69 26.48 4.39
C GLN D 529 -16.42 26.64 3.58
N THR D 530 -15.50 25.68 3.68
CA THR D 530 -14.21 25.80 3.01
C THR D 530 -14.34 25.79 1.49
N ILE D 531 -15.33 25.08 0.94
CA ILE D 531 -15.54 25.11 -0.52
C ILE D 531 -16.06 26.46 -0.99
N LEU D 532 -16.48 27.34 -0.08
CA LEU D 532 -16.90 28.70 -0.42
C LEU D 532 -15.82 29.73 -0.15
N THR D 533 -15.21 29.70 1.04
CA THR D 533 -14.25 30.70 1.45
C THR D 533 -12.81 30.30 1.21
N ASP D 534 -12.55 29.07 0.77
CA ASP D 534 -11.19 28.60 0.53
C ASP D 534 -11.10 28.02 -0.87
N ASN D 541 -8.38 17.97 -1.59
CA ASN D 541 -9.61 18.67 -1.20
C ASN D 541 -10.71 17.63 -1.00
N PRO D 542 -10.69 16.89 0.12
CA PRO D 542 -11.74 15.89 0.35
C PRO D 542 -13.13 16.48 0.44
N PHE D 543 -13.26 17.77 0.77
CA PHE D 543 -14.56 18.41 0.80
C PHE D 543 -15.23 18.48 -0.57
N ILE D 544 -14.47 18.30 -1.65
CA ILE D 544 -15.02 18.34 -3.00
C ILE D 544 -14.88 17.01 -3.72
N ALA D 545 -13.99 16.12 -3.28
CA ALA D 545 -13.79 14.84 -3.94
C ALA D 545 -14.82 13.79 -3.56
N ASN D 546 -15.33 13.82 -2.33
CA ASN D 546 -16.38 12.91 -1.91
C ASN D 546 -17.78 13.45 -2.20
N MET D 547 -17.87 14.61 -2.85
CA MET D 547 -19.14 15.14 -3.35
C MET D 547 -19.58 14.44 -4.62
N HIS D 548 -18.78 13.52 -5.15
CA HIS D 548 -19.04 12.88 -6.43
C HIS D 548 -20.29 12.02 -6.34
N LEU D 549 -21.15 12.12 -7.35
CA LEU D 549 -22.40 11.38 -7.50
C LEU D 549 -23.42 11.68 -6.41
N LYS D 550 -23.20 12.69 -5.58
CA LYS D 550 -24.18 13.11 -4.60
C LYS D 550 -25.27 13.92 -5.27
N ARG D 551 -26.50 13.81 -4.78
CA ARG D 551 -27.63 14.51 -5.34
C ARG D 551 -28.04 15.75 -4.55
N SER D 552 -27.42 16.01 -3.41
CA SER D 552 -27.74 17.20 -2.63
C SER D 552 -26.61 17.49 -1.66
N VAL D 553 -26.10 18.72 -1.70
CA VAL D 553 -25.01 19.16 -0.85
C VAL D 553 -25.47 20.41 -0.12
N PHE D 554 -25.24 20.45 1.20
CA PHE D 554 -25.70 21.56 2.01
C PHE D 554 -24.53 22.17 2.78
N CYS D 555 -24.52 23.51 2.87
CA CYS D 555 -23.57 24.24 3.70
C CYS D 555 -24.34 25.03 4.75
N SER D 556 -23.77 25.15 5.95
CA SER D 556 -24.53 25.57 7.12
C SER D 556 -23.79 26.63 7.95
N GLU D 557 -24.59 27.43 8.66
CA GLU D 557 -24.13 28.51 9.55
C GLU D 557 -23.01 29.35 8.94
N LEU D 558 -23.35 30.07 7.89
CA LEU D 558 -22.44 31.10 7.41
C LEU D 558 -22.32 32.20 8.48
N PRO D 559 -21.11 32.56 8.89
CA PRO D 559 -20.93 33.44 10.06
C PRO D 559 -21.07 34.93 9.72
N ASP D 560 -22.20 35.30 9.12
CA ASP D 560 -22.59 36.70 8.94
C ASP D 560 -21.47 37.51 8.28
N PHE D 561 -21.23 37.19 7.01
CA PHE D 561 -20.10 37.78 6.28
C PHE D 561 -20.23 39.28 6.08
N ALA D 562 -21.40 39.87 6.32
CA ALA D 562 -21.57 41.30 6.10
C ALA D 562 -20.72 42.13 7.05
N CYS D 563 -20.49 41.66 8.27
CA CYS D 563 -19.68 42.40 9.23
C CYS D 563 -18.21 42.09 9.00
N SER D 564 -17.36 42.60 9.90
CA SER D 564 -15.92 42.48 9.75
C SER D 564 -15.44 41.07 10.12
N GLY D 565 -14.19 40.80 9.76
CA GLY D 565 -13.59 39.50 10.09
C GLY D 565 -14.23 38.34 9.37
N SER D 566 -14.51 38.50 8.08
CA SER D 566 -15.15 37.44 7.30
C SER D 566 -14.55 37.41 5.90
N LYS D 567 -14.51 36.22 5.32
CA LYS D 567 -14.03 36.02 3.95
C LYS D 567 -15.23 35.84 3.04
N LYS D 568 -15.43 36.79 2.13
CA LYS D 568 -16.67 36.87 1.37
C LYS D 568 -16.80 35.69 0.41
N ILE D 569 -17.96 35.62 -0.24
CA ILE D 569 -18.39 34.41 -0.96
C ILE D 569 -17.48 34.16 -2.15
N ARG D 570 -17.01 35.24 -2.79
CA ARG D 570 -16.17 35.21 -3.99
C ARG D 570 -16.80 34.32 -5.07
N SER D 571 -17.84 34.83 -5.72
CA SER D 571 -18.74 34.05 -6.56
C SER D 571 -18.03 33.21 -7.63
N ASP D 572 -16.72 33.35 -7.77
CA ASP D 572 -15.96 32.43 -8.61
C ASP D 572 -16.26 30.98 -8.22
N ASN D 573 -16.42 30.71 -6.92
CA ASN D 573 -16.84 29.38 -6.50
C ASN D 573 -18.21 29.01 -7.05
N ILE D 574 -19.15 29.97 -7.02
CA ILE D 574 -20.50 29.70 -7.53
C ILE D 574 -20.45 29.34 -8.99
N LYS D 575 -19.63 30.07 -9.77
CA LYS D 575 -19.46 29.73 -11.18
C LYS D 575 -18.80 28.37 -11.34
N LYS D 576 -17.84 28.05 -10.47
CA LYS D 576 -17.17 26.75 -10.57
C LYS D 576 -18.06 25.62 -10.08
N LEU D 577 -19.00 25.90 -9.18
CA LEU D 577 -19.89 24.85 -8.70
C LEU D 577 -21.09 24.65 -9.60
N THR D 578 -21.20 25.40 -10.70
CA THR D 578 -22.28 25.22 -11.66
C THR D 578 -21.88 24.34 -12.83
N GLU D 579 -20.59 24.27 -13.16
CA GLU D 579 -20.14 23.47 -14.29
C GLU D 579 -20.43 21.99 -14.02
N PRO D 580 -20.76 21.21 -15.05
CA PRO D 580 -21.18 19.82 -14.82
C PRO D 580 -20.10 18.92 -14.26
N CYS D 581 -18.83 19.21 -14.51
CA CYS D 581 -17.73 18.40 -14.00
C CYS D 581 -16.86 19.29 -13.11
N VAL D 582 -16.60 18.81 -11.90
CA VAL D 582 -15.88 19.59 -10.89
C VAL D 582 -14.46 19.05 -10.78
N ILE D 583 -13.48 19.95 -10.83
CA ILE D 583 -12.08 19.59 -10.67
C ILE D 583 -11.74 19.60 -9.20
N ILE D 592 -8.96 13.64 -10.83
CA ILE D 592 -8.97 15.09 -10.70
C ILE D 592 -10.31 15.66 -11.12
N ASN D 593 -11.16 14.81 -11.70
CA ASN D 593 -12.48 15.21 -12.19
C ASN D 593 -13.55 14.37 -11.50
N ASN D 594 -14.67 15.01 -11.18
CA ASN D 594 -15.82 14.34 -10.58
C ASN D 594 -17.10 14.83 -11.24
N ARG D 595 -18.13 13.98 -11.23
CA ARG D 595 -19.42 14.32 -11.79
C ARG D 595 -20.26 15.04 -10.76
N ASN D 596 -20.77 16.22 -11.11
CA ASN D 596 -21.55 17.05 -10.22
C ASN D 596 -23.03 16.84 -10.50
N HIS D 597 -23.71 16.09 -9.63
CA HIS D 597 -25.14 15.86 -9.74
C HIS D 597 -25.90 16.44 -8.56
N ALA D 598 -25.28 17.34 -7.81
CA ALA D 598 -25.78 17.74 -6.51
C ALA D 598 -26.38 19.14 -6.55
N THR D 599 -27.60 19.25 -6.02
CA THR D 599 -28.23 20.54 -5.77
C THR D 599 -27.57 21.14 -4.53
N ILE D 600 -27.05 22.35 -4.66
CA ILE D 600 -26.28 22.97 -3.58
C ILE D 600 -27.16 23.97 -2.87
N ILE D 601 -27.33 23.79 -1.56
CA ILE D 601 -28.19 24.65 -0.75
C ILE D 601 -27.37 25.23 0.38
N ILE D 602 -27.66 26.50 0.71
CA ILE D 602 -26.88 27.28 1.66
C ILE D 602 -27.80 27.76 2.75
N ASP D 603 -27.39 27.60 4.01
CA ASP D 603 -28.14 28.10 5.15
C ASP D 603 -27.61 29.48 5.53
N THR D 604 -28.53 30.46 5.57
CA THR D 604 -28.18 31.81 5.98
C THR D 604 -29.19 32.31 6.99
N ASN D 605 -28.69 32.89 8.07
CA ASN D 605 -29.51 33.71 8.95
C ASN D 605 -29.38 35.18 8.62
N TYR D 606 -28.36 35.56 7.85
CA TYR D 606 -28.18 36.92 7.38
C TYR D 606 -27.90 36.89 5.89
N LYS D 607 -28.35 37.93 5.20
CA LYS D 607 -28.22 37.94 3.75
C LYS D 607 -26.75 37.98 3.34
N PRO D 608 -26.36 37.16 2.36
CA PRO D 608 -24.93 37.03 2.04
C PRO D 608 -24.39 38.25 1.32
N VAL D 609 -23.06 38.38 1.33
CA VAL D 609 -22.36 39.45 0.63
C VAL D 609 -21.29 38.82 -0.26
N PHE D 610 -21.14 39.36 -1.46
CA PHE D 610 -20.18 38.88 -2.45
C PHE D 610 -19.22 39.99 -2.83
N ASP D 611 -17.97 39.59 -3.11
CA ASP D 611 -16.95 40.58 -3.45
C ASP D 611 -17.19 41.17 -4.84
N ARG D 612 -17.45 40.34 -5.83
CA ARG D 612 -17.65 40.80 -7.19
C ARG D 612 -19.00 40.34 -7.71
N ILE D 613 -19.72 41.25 -8.36
CA ILE D 613 -21.05 41.00 -8.88
C ILE D 613 -20.96 41.05 -10.40
N ASP D 614 -21.39 39.99 -11.06
CA ASP D 614 -21.32 39.87 -12.51
C ASP D 614 -22.69 39.46 -13.06
N ASN D 615 -22.84 39.63 -14.38
CA ASN D 615 -24.07 39.21 -15.05
C ASN D 615 -24.27 37.70 -15.02
N ALA D 616 -23.19 36.94 -14.82
CA ALA D 616 -23.31 35.50 -14.68
C ALA D 616 -23.69 35.07 -13.27
N LEU D 617 -23.74 36.00 -12.32
CA LEU D 617 -24.08 35.64 -10.95
C LEU D 617 -25.57 35.69 -10.69
N MET D 618 -26.29 36.61 -11.32
CA MET D 618 -27.74 36.66 -11.15
C MET D 618 -28.43 35.41 -11.70
N ARG D 619 -27.75 34.63 -12.52
CA ARG D 619 -28.32 33.41 -13.09
C ARG D 619 -27.97 32.15 -12.31
N ARG D 620 -27.32 32.29 -11.15
CA ARG D 620 -26.91 31.14 -10.36
C ARG D 620 -27.25 31.31 -8.87
N ILE D 621 -28.17 32.22 -8.55
CA ILE D 621 -28.51 32.50 -7.16
C ILE D 621 -30.02 32.41 -6.98
N ALA D 622 -30.45 31.66 -5.98
CA ALA D 622 -31.85 31.57 -5.60
C ALA D 622 -31.97 31.67 -4.09
N VAL D 623 -33.11 32.17 -3.62
CA VAL D 623 -33.35 32.41 -2.20
C VAL D 623 -34.75 31.95 -1.84
N VAL D 624 -34.87 31.18 -0.76
CA VAL D 624 -36.14 30.79 -0.19
C VAL D 624 -36.21 31.35 1.23
N ARG D 625 -37.29 32.08 1.52
CA ARG D 625 -37.41 32.81 2.78
C ARG D 625 -38.19 31.98 3.79
N PHE D 626 -37.71 31.99 5.03
CA PHE D 626 -38.37 31.28 6.13
C PHE D 626 -38.75 32.29 7.20
N ARG D 627 -40.04 32.32 7.56
CA ARG D 627 -40.53 33.35 8.47
C ARG D 627 -41.52 32.84 9.51
N THR D 628 -41.52 31.54 9.81
CA THR D 628 -42.41 30.99 10.83
C THR D 628 -41.57 30.55 12.02
N HIS D 629 -41.91 31.04 13.21
CA HIS D 629 -41.13 30.82 14.41
C HIS D 629 -41.78 29.77 15.31
N PHE D 630 -40.98 28.83 15.80
CA PHE D 630 -41.42 27.83 16.77
C PHE D 630 -40.76 28.19 18.10
N SER D 631 -41.49 28.92 18.94
CA SER D 631 -40.93 29.54 20.12
C SER D 631 -41.32 28.78 21.38
N GLN D 632 -40.59 29.06 22.45
CA GLN D 632 -40.88 28.52 23.77
C GLN D 632 -42.11 29.22 24.36
N PRO D 633 -42.86 28.53 25.22
CA PRO D 633 -44.00 29.17 25.87
C PRO D 633 -43.63 30.40 26.68
N SER D 634 -42.46 30.38 27.34
CA SER D 634 -42.05 31.52 28.14
C SER D 634 -41.68 32.72 27.27
N GLY D 635 -40.95 32.47 26.19
CA GLY D 635 -40.53 33.55 25.32
C GLY D 635 -41.43 33.73 24.10
N ARG D 636 -42.64 33.17 24.18
CA ARG D 636 -43.56 33.26 23.06
C ARG D 636 -44.00 34.70 22.79
N GLU D 637 -44.30 35.45 23.85
CA GLU D 637 -44.75 36.83 23.70
C GLU D 637 -43.73 37.67 22.93
N ALA D 638 -42.47 37.67 23.37
CA ALA D 638 -41.42 38.40 22.69
C ALA D 638 -41.18 37.91 21.27
N ALA D 639 -41.94 36.92 20.81
CA ALA D 639 -41.86 36.46 19.44
C ALA D 639 -42.78 37.22 18.49
N GLU D 640 -43.88 37.81 18.98
CA GLU D 640 -44.78 38.47 18.05
C GLU D 640 -44.62 39.99 18.03
N ASN D 641 -43.56 40.54 18.63
CA ASN D 641 -43.24 41.95 18.50
C ASN D 641 -42.17 42.20 17.44
N ASN D 642 -41.81 41.18 16.67
CA ASN D 642 -40.75 41.27 15.67
C ASN D 642 -41.35 41.19 14.28
N ASP D 643 -40.79 41.97 13.34
CA ASP D 643 -41.28 42.01 11.98
C ASP D 643 -40.72 40.88 11.10
N ALA D 644 -39.81 40.07 11.63
CA ALA D 644 -39.16 39.02 10.85
C ALA D 644 -39.93 37.71 10.87
N TYR D 645 -41.06 37.65 11.56
CA TYR D 645 -41.85 36.44 11.66
C TYR D 645 -43.29 36.73 11.25
N ASP D 646 -43.90 35.79 10.56
CA ASP D 646 -45.32 35.90 10.17
C ASP D 646 -46.23 35.03 11.03
N LYS D 647 -45.73 33.92 11.56
CA LYS D 647 -46.50 33.07 12.44
C LYS D 647 -45.59 32.53 13.54
N VAL D 648 -46.14 32.44 14.75
CA VAL D 648 -45.44 31.92 15.91
C VAL D 648 -46.19 30.69 16.40
N LYS D 649 -45.48 29.57 16.56
CA LYS D 649 -46.06 28.33 17.03
C LYS D 649 -45.24 27.81 18.21
N LEU D 650 -45.89 26.99 19.03
CA LEU D 650 -45.21 26.44 20.20
C LEU D 650 -44.12 25.46 19.76
N LEU D 651 -42.97 25.55 20.41
CA LEU D 651 -41.87 24.64 20.10
C LEU D 651 -42.21 23.22 20.55
N ASP D 652 -41.92 22.24 19.69
CA ASP D 652 -42.18 20.85 19.98
C ASP D 652 -40.85 20.14 20.23
N GLU D 653 -40.61 19.75 21.48
CA GLU D 653 -39.38 19.07 21.85
C GLU D 653 -39.37 17.60 21.44
N GLY D 654 -40.52 16.99 21.23
CA GLY D 654 -40.62 15.61 20.81
C GLY D 654 -40.52 15.39 19.31
N LEU D 655 -40.54 16.47 18.52
CA LEU D 655 -40.39 16.36 17.08
C LEU D 655 -39.03 15.78 16.68
N ASP D 656 -37.95 16.29 17.27
CA ASP D 656 -36.61 15.86 16.92
C ASP D 656 -36.44 14.35 17.09
N GLY D 657 -36.78 13.83 18.28
CA GLY D 657 -36.62 12.42 18.59
C GLY D 657 -37.36 11.54 17.60
N LYS D 658 -38.48 12.03 17.10
CA LYS D 658 -39.13 11.37 15.97
C LYS D 658 -38.28 11.49 14.71
N ILE D 659 -37.59 12.61 14.54
CA ILE D 659 -36.88 12.84 13.29
C ILE D 659 -35.70 11.89 13.12
N GLN D 660 -34.84 11.75 14.16
CA GLN D 660 -33.64 10.94 13.89
C GLN D 660 -33.97 9.45 13.77
N ASN D 661 -35.19 9.05 14.08
CA ASN D 661 -35.57 7.65 14.07
C ASN D 661 -36.12 7.19 12.72
N ASN D 662 -35.96 8.01 11.68
CA ASN D 662 -36.46 7.69 10.34
C ASN D 662 -37.97 7.44 10.36
N ARG D 663 -38.68 8.15 11.24
CA ARG D 663 -40.12 7.98 11.35
C ARG D 663 -40.84 8.48 10.10
N TYR D 664 -40.36 9.58 9.52
CA TYR D 664 -41.03 10.23 8.40
C TYR D 664 -40.26 10.03 7.10
N ARG D 665 -39.60 8.88 6.97
CA ARG D 665 -38.66 8.65 5.89
C ARG D 665 -39.36 8.53 4.54
N PHE D 666 -40.45 7.77 4.48
CA PHE D 666 -41.09 7.45 3.20
C PHE D 666 -42.20 8.42 2.83
N ALA D 667 -42.90 9.01 3.81
CA ALA D 667 -43.93 9.98 3.48
C ALA D 667 -43.35 11.23 2.82
N PHE D 668 -42.23 11.73 3.34
CA PHE D 668 -41.58 12.88 2.71
C PHE D 668 -41.06 12.52 1.33
N LEU D 669 -40.58 11.29 1.16
CA LEU D 669 -40.16 10.84 -0.16
C LEU D 669 -41.33 10.84 -1.14
N TYR D 670 -42.50 10.37 -0.68
CA TYR D 670 -43.68 10.40 -1.52
C TYR D 670 -44.05 11.84 -1.89
N LEU D 671 -43.95 12.75 -0.92
CA LEU D 671 -44.23 14.15 -1.20
C LEU D 671 -43.28 14.70 -2.25
N LEU D 672 -41.98 14.40 -2.11
CA LEU D 672 -40.99 14.90 -3.05
C LEU D 672 -41.23 14.37 -4.45
N VAL D 673 -41.51 13.07 -4.57
CA VAL D 673 -41.73 12.50 -5.90
C VAL D 673 -43.01 13.04 -6.52
N LYS D 674 -44.04 13.28 -5.69
CA LYS D 674 -45.28 13.85 -6.21
C LYS D 674 -45.07 15.27 -6.70
N TRP D 675 -44.30 16.08 -5.97
CA TRP D 675 -43.96 17.40 -6.46
C TRP D 675 -43.15 17.33 -7.75
N TYR D 676 -42.18 16.42 -7.83
CA TYR D 676 -41.37 16.31 -9.03
C TYR D 676 -42.22 15.92 -10.23
N LYS D 677 -43.21 15.04 -10.01
CA LYS D 677 -44.14 14.70 -11.08
C LYS D 677 -44.96 15.89 -11.54
N LYS D 678 -44.99 16.96 -10.74
CA LYS D 678 -45.69 18.18 -11.14
C LYS D 678 -44.79 19.21 -11.79
N TYR D 679 -43.54 19.34 -11.34
CA TYR D 679 -42.74 20.50 -11.72
C TYR D 679 -41.69 20.21 -12.78
N HIS D 680 -40.79 19.25 -12.56
CA HIS D 680 -39.61 19.10 -13.41
C HIS D 680 -39.80 18.06 -14.52
N ILE D 681 -41.04 17.77 -14.89
CA ILE D 681 -41.35 16.90 -16.01
C ILE D 681 -41.97 17.76 -17.11
N PRO D 682 -41.49 17.70 -18.36
CA PRO D 682 -40.42 16.79 -18.81
C PRO D 682 -39.00 17.37 -18.70
N ILE D 683 -38.88 18.59 -18.20
CA ILE D 683 -37.61 19.31 -18.21
C ILE D 683 -37.28 19.74 -16.79
N MET D 684 -36.04 19.52 -16.37
CA MET D 684 -35.55 19.96 -15.06
C MET D 684 -34.68 21.19 -15.25
N LYS D 685 -35.05 22.29 -14.61
CA LYS D 685 -34.26 23.51 -14.63
C LYS D 685 -34.61 24.34 -13.40
N LEU D 686 -33.59 24.96 -12.81
CA LEU D 686 -33.76 25.81 -11.64
C LEU D 686 -33.63 27.27 -12.07
N TYR D 687 -34.61 28.08 -11.68
CA TYR D 687 -34.52 29.47 -12.13
C TYR D 687 -34.09 30.37 -10.99
N PRO D 688 -33.21 31.32 -11.27
CA PRO D 688 -32.75 32.25 -10.23
C PRO D 688 -33.78 33.32 -9.92
N THR D 689 -33.66 33.89 -8.72
CA THR D 689 -34.54 34.96 -8.24
C THR D 689 -33.69 36.10 -7.70
N PRO D 690 -33.01 36.85 -8.57
CA PRO D 690 -32.12 37.91 -8.09
C PRO D 690 -32.84 39.05 -7.39
N GLU D 691 -34.13 39.22 -7.60
CA GLU D 691 -34.87 40.37 -7.12
C GLU D 691 -35.07 40.37 -5.59
N GLU D 692 -34.50 39.41 -4.87
CA GLU D 692 -34.70 39.31 -3.43
C GLU D 692 -33.50 39.71 -2.61
N ILE D 693 -32.29 39.48 -3.11
CA ILE D 693 -31.10 39.96 -2.41
C ILE D 693 -30.93 41.45 -2.69
N PRO D 694 -30.87 42.30 -1.66
CA PRO D 694 -30.64 43.73 -1.90
C PRO D 694 -29.32 44.04 -2.59
N ASP D 695 -28.31 43.19 -2.41
CA ASP D 695 -26.99 43.48 -2.95
C ASP D 695 -27.01 43.58 -4.47
N PHE D 696 -27.90 42.83 -5.12
CA PHE D 696 -28.03 42.85 -6.57
C PHE D 696 -28.82 44.03 -7.07
N ALA D 697 -29.53 44.74 -6.19
CA ALA D 697 -30.34 45.88 -6.63
C ALA D 697 -29.47 47.01 -7.14
N PHE D 698 -28.27 47.16 -6.56
CA PHE D 698 -27.38 48.26 -6.93
C PHE D 698 -27.19 48.33 -8.44
N TYR D 699 -26.63 47.27 -9.04
CA TYR D 699 -26.50 47.25 -10.49
C TYR D 699 -27.85 47.31 -11.17
N LEU D 700 -28.87 46.65 -10.58
CA LEU D 700 -30.22 46.75 -11.11
C LEU D 700 -30.68 48.21 -11.14
N LYS E 234 -27.14 -50.48 -16.78
CA LYS E 234 -26.21 -49.51 -16.22
C LYS E 234 -26.45 -49.31 -14.72
N LEU E 235 -25.62 -49.94 -13.89
CA LEU E 235 -25.71 -49.74 -12.44
C LEU E 235 -24.98 -48.49 -11.97
N TRP E 236 -24.19 -47.87 -12.83
CA TRP E 236 -23.44 -46.66 -12.50
C TRP E 236 -24.04 -45.46 -13.22
N GLU E 237 -24.22 -44.36 -12.48
CA GLU E 237 -24.58 -43.10 -13.09
C GLU E 237 -23.33 -42.27 -13.26
N PRO E 238 -22.83 -42.05 -14.48
CA PRO E 238 -21.59 -41.29 -14.65
C PRO E 238 -21.84 -39.79 -14.65
N GLY E 239 -22.65 -39.34 -13.69
CA GLY E 239 -22.90 -37.92 -13.49
C GLY E 239 -22.08 -37.32 -12.38
N PHE E 240 -21.30 -38.14 -11.66
CA PHE E 240 -20.50 -37.66 -10.55
C PHE E 240 -19.01 -37.68 -10.87
N ILE E 241 -18.46 -38.86 -11.18
CA ILE E 241 -17.04 -39.05 -11.38
C ILE E 241 -16.88 -40.20 -12.36
N SER E 242 -15.83 -40.14 -13.18
CA SER E 242 -15.51 -41.25 -14.06
C SER E 242 -15.37 -42.53 -13.25
N PHE E 243 -16.01 -43.59 -13.74
CA PHE E 243 -16.04 -44.86 -13.00
C PHE E 243 -14.64 -45.35 -12.69
N GLU E 244 -13.69 -45.11 -13.60
CA GLU E 244 -12.31 -45.51 -13.35
C GLU E 244 -11.73 -44.78 -12.15
N ASP E 245 -12.02 -43.48 -12.03
CA ASP E 245 -11.48 -42.72 -10.90
C ASP E 245 -12.09 -43.18 -9.58
N ALA E 246 -13.39 -43.47 -9.58
CA ALA E 246 -14.03 -43.97 -8.36
C ALA E 246 -13.45 -45.32 -7.96
N ILE E 247 -13.22 -46.19 -8.94
CA ILE E 247 -12.60 -47.47 -8.64
C ILE E 247 -11.18 -47.28 -8.13
N LYS E 248 -10.46 -46.30 -8.68
CA LYS E 248 -9.12 -46.01 -8.18
C LYS E 248 -9.16 -45.55 -6.73
N ARG E 249 -10.13 -44.69 -6.39
CA ARG E 249 -10.27 -44.25 -5.01
C ARG E 249 -10.56 -45.42 -4.07
N VAL E 250 -11.54 -46.25 -4.44
CA VAL E 250 -11.92 -47.35 -3.55
C VAL E 250 -10.78 -48.36 -3.43
N SER E 251 -10.03 -48.58 -4.50
CA SER E 251 -8.85 -49.44 -4.42
C SER E 251 -7.79 -48.82 -3.51
N LYS E 252 -7.61 -47.50 -3.59
CA LYS E 252 -6.65 -46.84 -2.70
C LYS E 252 -7.05 -47.01 -1.25
N ILE E 253 -8.35 -47.01 -0.96
CA ILE E 253 -8.79 -47.26 0.42
C ILE E 253 -8.39 -48.67 0.85
N PHE E 254 -8.56 -49.65 -0.02
CA PHE E 254 -8.18 -51.03 0.27
C PHE E 254 -6.67 -51.18 0.10
N ILE E 255 -5.93 -51.15 1.22
CA ILE E 255 -4.49 -51.32 1.12
C ILE E 255 -4.14 -52.70 0.59
N ASN E 256 -4.91 -53.72 0.94
CA ASN E 256 -4.67 -55.05 0.41
C ASN E 256 -5.02 -55.10 -1.07
N SER E 257 -4.33 -55.99 -1.79
CA SER E 257 -4.53 -56.12 -3.22
C SER E 257 -5.92 -56.67 -3.52
N ILE E 258 -6.54 -56.11 -4.55
CA ILE E 258 -7.87 -56.54 -4.99
C ILE E 258 -7.70 -57.62 -6.05
N ILE E 259 -8.44 -58.71 -5.89
CA ILE E 259 -8.23 -59.88 -6.72
C ILE E 259 -8.90 -59.71 -8.09
N ASN E 260 -10.18 -59.35 -8.10
CA ASN E 260 -10.97 -59.24 -9.33
C ASN E 260 -11.18 -57.81 -9.76
N PHE E 261 -10.14 -56.96 -9.62
CA PHE E 261 -10.27 -55.55 -9.96
C PHE E 261 -10.71 -55.34 -11.39
N ASN E 262 -10.35 -56.25 -12.30
CA ASN E 262 -10.59 -56.03 -13.71
C ASN E 262 -12.07 -56.07 -14.07
N ASP E 263 -12.86 -56.92 -13.41
CA ASP E 263 -14.23 -57.17 -13.83
C ASP E 263 -15.24 -56.18 -13.26
N LEU E 264 -14.80 -55.20 -12.46
CA LEU E 264 -15.70 -54.18 -11.96
C LEU E 264 -16.01 -53.19 -13.07
N ASP E 265 -17.26 -53.16 -13.51
CA ASP E 265 -17.69 -52.24 -14.55
C ASP E 265 -18.92 -51.48 -14.08
N GLU E 266 -19.49 -50.68 -14.96
CA GLU E 266 -20.62 -49.84 -14.63
C GLU E 266 -21.92 -50.61 -14.44
N ASN E 267 -21.93 -51.91 -14.77
CA ASN E 267 -23.16 -52.70 -14.72
C ASN E 267 -23.02 -53.88 -13.77
N ASN E 268 -21.95 -53.93 -12.97
CA ASN E 268 -21.82 -55.02 -12.01
C ASN E 268 -21.28 -54.61 -10.65
N PHE E 269 -20.94 -53.34 -10.44
CA PHE E 269 -20.18 -52.99 -9.24
C PHE E 269 -21.02 -53.07 -7.97
N THR E 270 -22.34 -53.14 -8.09
CA THR E 270 -23.20 -53.36 -6.93
C THR E 270 -23.54 -54.82 -6.71
N THR E 271 -23.04 -55.72 -7.56
CA THR E 271 -23.43 -57.12 -7.54
C THR E 271 -22.30 -58.05 -7.13
N VAL E 272 -21.18 -58.01 -7.84
CA VAL E 272 -20.10 -58.96 -7.59
C VAL E 272 -19.43 -58.63 -6.25
N PRO E 273 -19.22 -59.60 -5.37
CA PRO E 273 -18.44 -59.34 -4.16
C PRO E 273 -16.99 -59.04 -4.50
N LEU E 274 -16.36 -58.25 -3.64
CA LEU E 274 -14.99 -57.81 -3.85
C LEU E 274 -14.06 -58.74 -3.07
N VAL E 275 -13.58 -59.78 -3.73
CA VAL E 275 -12.66 -60.72 -3.12
C VAL E 275 -11.29 -60.06 -3.02
N ILE E 276 -10.66 -60.15 -1.84
CA ILE E 276 -9.44 -59.42 -1.54
C ILE E 276 -8.39 -60.40 -1.04
N ASP E 277 -7.17 -60.26 -1.53
CA ASP E 277 -6.03 -61.05 -1.04
C ASP E 277 -5.47 -60.37 0.19
N TYR E 278 -5.72 -60.94 1.36
CA TYR E 278 -5.38 -60.30 2.63
C TYR E 278 -3.94 -60.64 3.03
N VAL E 279 -3.00 -60.11 2.25
CA VAL E 279 -1.59 -60.21 2.61
C VAL E 279 -1.31 -59.35 3.83
N THR E 280 -1.81 -58.12 3.83
CA THR E 280 -1.71 -57.20 4.95
C THR E 280 -3.02 -57.17 5.72
N PRO E 281 -3.02 -56.61 6.92
CA PRO E 281 -4.30 -56.48 7.65
C PRO E 281 -5.28 -55.64 6.87
N CYS E 282 -6.57 -55.96 7.03
CA CYS E 282 -7.62 -55.26 6.32
C CYS E 282 -7.63 -53.78 6.69
N ALA E 283 -7.79 -52.93 5.68
CA ALA E 283 -7.74 -51.48 5.88
C ALA E 283 -8.95 -50.93 6.61
N LEU E 284 -9.99 -51.74 6.82
CA LEU E 284 -11.20 -51.28 7.47
C LEU E 284 -11.41 -51.88 8.86
N CYS E 285 -11.18 -53.18 9.02
CA CYS E 285 -11.42 -53.85 10.29
C CYS E 285 -10.16 -54.10 11.09
N LYS E 286 -8.97 -53.84 10.53
CA LYS E 286 -7.68 -53.99 11.19
C LYS E 286 -7.40 -55.42 11.63
N LYS E 287 -8.18 -56.40 11.16
CA LYS E 287 -7.92 -57.78 11.50
C LYS E 287 -6.92 -58.42 10.55
N ARG E 288 -6.56 -59.66 10.83
CA ARG E 288 -5.64 -60.39 9.97
C ARG E 288 -6.23 -60.59 8.58
N SER E 289 -7.51 -60.95 8.51
CA SER E 289 -8.19 -61.17 7.23
C SER E 289 -9.69 -61.13 7.48
N HIS E 290 -10.46 -61.30 6.41
CA HIS E 290 -11.91 -61.34 6.47
C HIS E 290 -12.40 -62.68 5.94
N LYS E 291 -13.36 -63.28 6.65
CA LYS E 291 -13.90 -64.56 6.21
C LYS E 291 -14.65 -64.42 4.89
N HIS E 292 -15.40 -63.33 4.73
CA HIS E 292 -16.22 -63.14 3.55
C HIS E 292 -15.81 -61.86 2.82
N PRO E 293 -16.01 -61.80 1.50
CA PRO E 293 -15.64 -60.61 0.76
C PRO E 293 -16.56 -59.44 1.05
N HIS E 294 -16.05 -58.24 0.79
CA HIS E 294 -16.82 -57.02 0.99
C HIS E 294 -17.74 -56.79 -0.20
N GLN E 295 -18.50 -55.69 -0.13
CA GLN E 295 -19.43 -55.35 -1.20
C GLN E 295 -19.64 -53.84 -1.22
N LEU E 296 -20.04 -53.35 -2.38
CA LEU E 296 -20.23 -51.93 -2.64
C LEU E 296 -21.71 -51.65 -2.87
N SER E 297 -22.15 -50.48 -2.43
CA SER E 297 -23.49 -49.99 -2.72
C SER E 297 -23.42 -48.53 -3.10
N LEU E 298 -24.37 -48.08 -3.90
CA LEU E 298 -24.46 -46.69 -4.32
C LEU E 298 -25.66 -46.05 -3.64
N GLU E 299 -25.42 -44.94 -2.95
CA GLU E 299 -26.48 -44.28 -2.20
C GLU E 299 -26.11 -42.83 -1.93
N ASN E 300 -27.06 -41.93 -2.16
CA ASN E 300 -26.92 -40.51 -1.83
C ASN E 300 -25.65 -39.91 -2.43
N GLY E 301 -25.35 -40.31 -3.66
CA GLY E 301 -24.14 -39.81 -4.30
C GLY E 301 -22.87 -40.24 -3.59
N ALA E 302 -22.82 -41.48 -3.12
CA ALA E 302 -21.65 -41.98 -2.42
C ALA E 302 -21.62 -43.49 -2.54
N ILE E 303 -20.46 -44.06 -2.22
CA ILE E 303 -20.26 -45.49 -2.23
C ILE E 303 -20.16 -45.97 -0.79
N ARG E 304 -21.02 -46.91 -0.41
CA ARG E 304 -20.99 -47.52 0.91
C ARG E 304 -20.30 -48.88 0.79
N ILE E 305 -19.24 -49.06 1.57
CA ILE E 305 -18.45 -50.29 1.58
C ILE E 305 -18.84 -51.05 2.83
N TYR E 306 -19.35 -52.27 2.66
CA TYR E 306 -19.83 -53.04 3.79
C TYR E 306 -19.46 -54.51 3.63
N LYS E 307 -19.22 -55.17 4.75
CA LYS E 307 -18.79 -56.57 4.76
C LYS E 307 -19.99 -57.50 4.81
N THR E 308 -19.92 -58.59 4.05
CA THR E 308 -20.95 -59.61 4.08
C THR E 308 -20.73 -60.56 5.25
N GLY E 309 -21.75 -61.33 5.56
CA GLY E 309 -21.69 -62.27 6.68
C GLY E 309 -22.02 -61.59 8.02
N ASN E 310 -20.98 -61.33 8.81
CA ASN E 310 -21.15 -60.64 10.08
C ASN E 310 -20.97 -59.14 9.84
N PRO E 311 -22.02 -58.33 9.99
CA PRO E 311 -21.87 -56.89 9.73
C PRO E 311 -21.02 -56.18 10.77
N HIS E 312 -21.26 -56.46 12.05
CA HIS E 312 -20.55 -55.78 13.12
C HIS E 312 -19.07 -56.13 13.17
N SER E 313 -18.64 -57.17 12.46
CA SER E 313 -17.24 -57.57 12.45
C SER E 313 -16.35 -56.64 11.63
N CYS E 314 -16.93 -55.70 10.88
CA CYS E 314 -16.16 -54.76 10.09
C CYS E 314 -16.81 -53.38 10.16
N LYS E 315 -16.03 -52.36 9.85
CA LYS E 315 -16.50 -50.99 9.88
C LYS E 315 -17.05 -50.57 8.52
N VAL E 316 -18.22 -49.94 8.53
CA VAL E 316 -18.79 -49.40 7.31
C VAL E 316 -17.94 -48.23 6.83
N LYS E 317 -17.73 -48.15 5.52
CA LYS E 317 -16.90 -47.10 4.96
C LYS E 317 -17.68 -46.33 3.90
N ILE E 318 -17.35 -45.06 3.71
CA ILE E 318 -18.06 -44.20 2.78
C ILE E 318 -17.05 -43.50 1.86
N VAL E 319 -17.33 -43.50 0.57
CA VAL E 319 -16.55 -42.77 -0.42
C VAL E 319 -17.44 -41.70 -1.02
N PRO E 320 -17.15 -40.41 -0.81
CA PRO E 320 -17.91 -39.35 -1.46
C PRO E 320 -17.46 -39.14 -2.90
N LEU E 321 -18.31 -38.43 -3.65
CA LEU E 321 -18.03 -38.13 -5.05
C LEU E 321 -18.22 -36.67 -5.42
N ASP E 322 -18.91 -35.91 -4.61
CA ASP E 322 -19.01 -34.50 -5.03
C ASP E 322 -18.43 -33.58 -3.96
N GLY E 323 -17.77 -32.51 -4.37
CA GLY E 323 -17.20 -31.48 -3.54
C GLY E 323 -15.73 -31.61 -3.25
N ASN E 324 -14.98 -30.55 -3.52
CA ASN E 324 -13.62 -30.46 -3.01
C ASN E 324 -13.67 -30.47 -1.50
N LYS E 325 -12.89 -31.35 -0.88
CA LYS E 325 -12.95 -31.50 0.57
C LYS E 325 -12.65 -30.18 1.28
N LEU E 326 -11.76 -29.37 0.74
CA LEU E 326 -11.51 -28.05 1.29
C LEU E 326 -12.74 -27.15 1.20
N PHE E 327 -13.56 -27.28 0.16
CA PHE E 327 -14.80 -26.52 0.13
C PHE E 327 -15.76 -26.98 1.22
N ASN E 328 -15.84 -28.27 1.49
CA ASN E 328 -16.66 -28.74 2.60
C ASN E 328 -16.16 -28.17 3.92
N ILE E 329 -14.85 -28.15 4.12
CA ILE E 329 -14.29 -27.59 5.35
C ILE E 329 -14.64 -26.12 5.47
N ALA E 330 -14.51 -25.37 4.37
CA ALA E 330 -14.82 -23.95 4.40
C ALA E 330 -16.30 -23.71 4.69
N GLN E 331 -17.17 -24.54 4.11
CA GLN E 331 -18.58 -24.44 4.40
C GLN E 331 -18.86 -24.69 5.87
N ARG E 332 -18.19 -25.68 6.46
CA ARG E 332 -18.36 -25.94 7.89
C ARG E 332 -17.88 -24.76 8.73
N ILE E 333 -16.77 -24.15 8.35
CA ILE E 333 -16.21 -23.07 9.16
C ILE E 333 -17.11 -21.84 9.10
N LEU E 334 -17.57 -21.46 7.90
CA LEU E 334 -18.57 -20.39 7.84
C LEU E 334 -19.83 -20.77 8.59
N ASP E 335 -20.18 -22.05 8.57
CA ASP E 335 -21.42 -22.52 9.15
C ASP E 335 -21.44 -22.21 10.65
N THR E 336 -20.26 -22.17 11.27
CA THR E 336 -20.16 -21.93 12.71
C THR E 336 -20.45 -20.47 13.07
N ASN E 337 -20.39 -19.57 12.09
CA ASN E 337 -20.45 -18.12 12.35
C ASN E 337 -19.33 -17.68 13.27
N SER E 338 -18.11 -18.09 12.93
CA SER E 338 -16.93 -17.60 13.62
C SER E 338 -16.24 -16.47 12.89
N VAL E 339 -16.48 -16.33 11.59
CA VAL E 339 -15.88 -15.27 10.78
C VAL E 339 -16.99 -14.49 10.11
N LEU E 340 -16.91 -13.17 10.16
CA LEU E 340 -17.92 -12.31 9.55
C LEU E 340 -17.20 -11.15 8.89
N LEU E 341 -17.95 -10.38 8.09
CA LEU E 341 -17.44 -9.14 7.54
C LEU E 341 -18.39 -8.01 7.89
N THR E 342 -17.83 -6.86 8.20
CA THR E 342 -18.60 -5.68 8.55
C THR E 342 -18.81 -4.82 7.31
N GLU E 343 -19.42 -3.64 7.51
CA GLU E 343 -19.66 -2.75 6.38
C GLU E 343 -18.39 -2.10 5.87
N ARG E 344 -17.30 -2.16 6.64
CA ARG E 344 -16.05 -1.55 6.24
C ARG E 344 -15.23 -2.39 5.29
N GLY E 345 -15.78 -3.49 4.78
CA GLY E 345 -15.01 -4.36 3.93
C GLY E 345 -13.92 -5.12 4.65
N ASP E 346 -14.05 -5.27 5.96
CA ASP E 346 -13.09 -5.93 6.81
C ASP E 346 -13.67 -7.23 7.35
N HIS E 347 -12.79 -8.11 7.86
CA HIS E 347 -13.24 -9.45 8.31
C HIS E 347 -12.86 -9.67 9.76
N ILE E 348 -13.84 -9.83 10.63
CA ILE E 348 -13.66 -10.04 12.07
C ILE E 348 -13.80 -11.54 12.34
N VAL E 349 -13.01 -12.03 13.30
CA VAL E 349 -12.96 -13.45 13.62
C VAL E 349 -13.19 -13.62 15.11
N TRP E 350 -13.46 -14.86 15.50
CA TRP E 350 -13.80 -15.17 16.89
C TRP E 350 -12.72 -16.10 17.44
N ILE E 351 -11.66 -15.50 17.99
CA ILE E 351 -10.55 -16.24 18.56
C ILE E 351 -10.48 -15.93 20.04
N ASN E 352 -10.43 -16.97 20.86
CA ASN E 352 -10.23 -16.84 22.31
C ASN E 352 -11.29 -15.95 22.94
N ASN E 353 -12.55 -16.21 22.61
CA ASN E 353 -13.70 -15.58 23.25
C ASN E 353 -13.70 -14.06 23.09
N SER E 354 -13.24 -13.58 21.94
CA SER E 354 -13.27 -12.15 21.67
C SER E 354 -13.15 -11.91 20.17
N TRP E 355 -13.92 -10.96 19.67
CA TRP E 355 -13.97 -10.70 18.23
C TRP E 355 -12.71 -9.97 17.81
N LYS E 356 -11.69 -10.73 17.44
CA LYS E 356 -10.45 -10.15 16.94
C LYS E 356 -10.68 -9.58 15.55
N PHE E 357 -9.80 -8.65 15.18
CA PHE E 357 -9.88 -7.98 13.88
C PHE E 357 -8.52 -7.39 13.56
N ASN E 358 -8.11 -7.50 12.29
CA ASN E 358 -6.86 -6.92 11.84
C ASN E 358 -6.99 -6.58 10.36
N SER E 359 -6.22 -5.59 9.92
CA SER E 359 -6.21 -5.16 8.53
C SER E 359 -4.85 -5.36 7.86
N GLU E 360 -3.76 -5.06 8.55
CA GLU E 360 -2.44 -5.23 7.96
C GLU E 360 -2.10 -6.70 7.77
N GLU E 361 -2.41 -7.54 8.77
CA GLU E 361 -2.14 -8.97 8.71
C GLU E 361 -3.45 -9.72 8.86
N PRO E 362 -4.05 -10.17 7.76
CA PRO E 362 -5.30 -10.93 7.87
C PRO E 362 -5.12 -12.19 8.70
N LEU E 363 -6.17 -12.54 9.44
CA LEU E 363 -6.06 -13.59 10.45
C LEU E 363 -7.19 -14.61 10.35
N ILE E 364 -7.69 -14.86 9.13
CA ILE E 364 -8.63 -15.95 8.94
C ILE E 364 -7.94 -17.28 9.24
N THR E 365 -6.67 -17.39 8.87
CA THR E 365 -5.97 -18.66 9.03
C THR E 365 -5.75 -18.99 10.50
N LYS E 366 -5.51 -17.98 11.33
CA LYS E 366 -5.45 -18.20 12.76
C LYS E 366 -6.78 -18.75 13.27
N LEU E 367 -7.89 -18.23 12.74
CA LEU E 367 -9.19 -18.80 13.08
C LEU E 367 -9.27 -20.25 12.67
N ILE E 368 -8.72 -20.61 11.51
CA ILE E 368 -8.80 -21.99 11.05
C ILE E 368 -8.04 -22.92 12.00
N LEU E 369 -6.83 -22.52 12.42
CA LEU E 369 -6.12 -23.30 13.43
C LEU E 369 -6.94 -23.41 14.70
N SER E 370 -7.50 -22.29 15.16
CA SER E 370 -8.24 -22.30 16.42
C SER E 370 -9.47 -23.21 16.34
N ILE E 371 -10.10 -23.29 15.17
CA ILE E 371 -11.36 -24.00 15.06
C ILE E 371 -11.20 -25.45 14.61
N ARG E 372 -10.00 -25.86 14.20
CA ARG E 372 -9.83 -27.25 13.77
C ARG E 372 -10.20 -28.25 14.85
N HIS E 373 -10.21 -27.84 16.13
CA HIS E 373 -10.61 -28.76 17.18
C HIS E 373 -12.11 -29.04 17.20
N GLN E 374 -12.91 -28.19 16.55
CA GLN E 374 -14.36 -28.33 16.55
C GLN E 374 -14.88 -29.02 15.30
N LEU E 375 -14.04 -29.80 14.64
CA LEU E 375 -14.39 -30.50 13.42
C LEU E 375 -14.00 -31.97 13.55
N PRO E 376 -14.60 -32.84 12.76
CA PRO E 376 -14.21 -34.26 12.79
C PRO E 376 -12.74 -34.45 12.43
N LYS E 377 -12.27 -35.68 12.61
CA LYS E 377 -10.84 -35.97 12.44
C LYS E 377 -10.41 -35.81 10.99
N GLU E 378 -11.31 -36.13 10.05
CA GLU E 378 -10.96 -36.15 8.64
C GLU E 378 -10.83 -34.74 8.09
N TYR E 379 -11.10 -33.74 8.93
CA TYR E 379 -10.83 -32.34 8.61
C TYR E 379 -9.63 -31.80 9.39
N SER E 380 -9.51 -32.18 10.66
CA SER E 380 -8.39 -31.72 11.46
C SER E 380 -7.07 -32.25 10.90
N SER E 381 -7.09 -33.46 10.34
CA SER E 381 -5.85 -34.02 9.82
C SER E 381 -5.31 -33.23 8.65
N GLU E 382 -6.18 -32.58 7.87
CA GLU E 382 -5.75 -31.86 6.69
C GLU E 382 -5.86 -30.35 6.83
N LEU E 383 -6.25 -29.83 8.00
CA LEU E 383 -6.14 -28.39 8.22
C LEU E 383 -4.74 -27.97 8.65
N LEU E 384 -3.79 -28.89 8.72
CA LEU E 384 -2.47 -28.55 9.23
C LEU E 384 -1.57 -27.94 8.16
N CYS E 385 -1.66 -28.42 6.92
CA CYS E 385 -0.77 -27.94 5.88
C CYS E 385 -1.13 -26.50 5.49
N PRO E 386 -0.14 -25.59 5.47
CA PRO E 386 -0.45 -24.17 5.29
C PRO E 386 -1.15 -23.83 3.98
N ARG E 387 -0.80 -24.51 2.89
CA ARG E 387 -1.40 -24.17 1.61
C ARG E 387 -2.88 -24.58 1.58
N LYS E 388 -3.23 -25.68 2.24
CA LYS E 388 -4.63 -26.04 2.35
C LYS E 388 -5.40 -24.99 3.14
N ARG E 389 -4.77 -24.42 4.16
CA ARG E 389 -5.42 -23.35 4.91
C ARG E 389 -5.58 -22.10 4.06
N LYS E 390 -4.61 -21.81 3.20
CA LYS E 390 -4.78 -20.69 2.28
C LYS E 390 -5.94 -20.93 1.33
N THR E 391 -6.08 -22.17 0.85
CA THR E 391 -7.21 -22.50 -0.02
C THR E 391 -8.54 -22.33 0.72
N VAL E 392 -8.62 -22.81 1.95
CA VAL E 392 -9.86 -22.69 2.71
C VAL E 392 -10.15 -21.23 3.00
N GLU E 393 -9.12 -20.43 3.29
CA GLU E 393 -9.31 -19.00 3.50
C GLU E 393 -9.84 -18.34 2.24
N ALA E 394 -9.32 -18.71 1.07
CA ALA E 394 -9.83 -18.15 -0.17
C ALA E 394 -11.30 -18.51 -0.37
N ASN E 395 -11.66 -19.76 -0.09
CA ASN E 395 -13.06 -20.16 -0.21
C ASN E 395 -13.95 -19.35 0.73
N ILE E 396 -13.50 -19.16 1.97
CA ILE E 396 -14.29 -18.40 2.94
C ILE E 396 -14.43 -16.95 2.50
N ARG E 397 -13.34 -16.34 2.04
CA ARG E 397 -13.40 -14.99 1.48
C ARG E 397 -14.46 -14.92 0.39
N ASP E 398 -14.47 -15.89 -0.52
CA ASP E 398 -15.31 -15.79 -1.70
C ASP E 398 -16.75 -16.20 -1.43
N MET E 399 -17.02 -16.83 -0.28
CA MET E 399 -18.40 -17.12 0.08
C MET E 399 -19.02 -16.09 1.02
N LEU E 400 -18.25 -15.27 1.72
CA LEU E 400 -18.88 -14.34 2.69
C LEU E 400 -19.28 -13.10 1.89
N VAL E 401 -20.50 -13.07 1.39
CA VAL E 401 -20.93 -11.94 0.52
C VAL E 401 -21.50 -10.82 1.40
N ASP E 402 -22.53 -11.13 2.18
CA ASP E 402 -23.39 -10.06 2.77
C ASP E 402 -22.80 -9.53 4.07
N SER E 403 -22.91 -8.23 4.32
CA SER E 403 -22.28 -7.60 5.50
C SER E 403 -23.19 -7.62 6.72
N VAL E 404 -22.61 -7.74 7.90
CA VAL E 404 -23.38 -7.69 9.14
C VAL E 404 -23.07 -6.40 9.87
N GLU E 405 -24.03 -5.96 10.69
CA GLU E 405 -23.88 -4.78 11.53
C GLU E 405 -23.31 -5.16 12.88
N THR E 406 -22.39 -4.33 13.39
CA THR E 406 -21.69 -4.61 14.63
C THR E 406 -21.96 -3.51 15.64
N ASP E 407 -21.84 -3.86 16.91
CA ASP E 407 -21.95 -2.90 18.01
C ASP E 407 -23.33 -2.23 18.02
N THR E 408 -24.36 -3.06 18.15
CA THR E 408 -25.73 -2.58 18.21
C THR E 408 -26.27 -2.47 19.62
N TYR E 409 -25.53 -2.94 20.63
CA TYR E 409 -25.98 -2.90 22.01
C TYR E 409 -25.23 -1.83 22.76
N PRO E 410 -25.87 -0.73 23.16
CA PRO E 410 -25.14 0.35 23.84
C PRO E 410 -24.92 0.09 25.32
N ASP E 411 -25.72 -0.78 25.95
CA ASP E 411 -25.66 -1.02 27.38
C ASP E 411 -24.85 -2.27 27.72
N LYS E 412 -23.81 -2.57 26.95
CA LYS E 412 -22.95 -3.71 27.18
C LYS E 412 -21.49 -3.24 27.21
N LEU E 413 -20.76 -3.64 28.25
CA LEU E 413 -19.37 -3.25 28.40
C LEU E 413 -18.49 -4.43 28.03
N PRO E 414 -17.74 -4.37 26.93
CA PRO E 414 -16.97 -5.53 26.50
C PRO E 414 -15.56 -5.59 27.08
N PHE E 415 -15.20 -6.74 27.64
CA PHE E 415 -13.85 -6.99 28.13
C PHE E 415 -13.16 -7.96 27.16
N LYS E 416 -11.96 -8.41 27.51
CA LYS E 416 -11.33 -9.40 26.64
C LYS E 416 -11.81 -10.81 26.91
N ASN E 417 -12.51 -11.05 28.02
CA ASN E 417 -12.97 -12.39 28.37
C ASN E 417 -14.48 -12.44 28.52
N GLY E 418 -15.18 -11.49 27.92
CA GLY E 418 -16.63 -11.51 27.98
C GLY E 418 -17.20 -10.11 27.93
N VAL E 419 -18.50 -10.04 28.20
CA VAL E 419 -19.27 -8.81 28.16
C VAL E 419 -20.05 -8.68 29.45
N LEU E 420 -20.01 -7.51 30.07
CA LEU E 420 -20.80 -7.23 31.25
C LEU E 420 -22.05 -6.48 30.85
N ASP E 421 -23.20 -6.96 31.29
CA ASP E 421 -24.46 -6.26 31.06
C ASP E 421 -24.65 -5.18 32.11
N LEU E 422 -25.13 -4.01 31.68
CA LEU E 422 -25.32 -2.91 32.62
C LEU E 422 -26.73 -2.88 33.21
N VAL E 423 -27.75 -3.24 32.43
CA VAL E 423 -29.11 -3.27 32.95
C VAL E 423 -29.21 -4.26 34.10
N ASP E 424 -28.61 -5.43 33.93
CA ASP E 424 -28.44 -6.37 35.02
C ASP E 424 -27.03 -6.23 35.58
N GLY E 425 -26.66 -7.09 36.52
CA GLY E 425 -25.28 -7.17 36.96
C GLY E 425 -24.62 -8.40 36.37
N MET E 426 -25.26 -8.97 35.36
CA MET E 426 -24.84 -10.25 34.81
C MET E 426 -23.61 -10.09 33.93
N PHE E 427 -22.71 -11.07 34.01
CA PHE E 427 -21.53 -11.13 33.17
C PHE E 427 -21.60 -12.36 32.28
N TYR E 428 -21.39 -12.19 30.99
CA TYR E 428 -21.44 -13.27 30.02
C TYR E 428 -20.05 -13.54 29.50
N SER E 429 -19.58 -14.78 29.65
CA SER E 429 -18.21 -15.15 29.28
C SER E 429 -18.26 -16.46 28.50
N GLY E 430 -17.90 -16.39 27.23
CA GLY E 430 -17.89 -17.57 26.38
C GLY E 430 -18.67 -17.35 25.10
N ASP E 431 -19.55 -18.28 24.75
CA ASP E 431 -20.40 -18.10 23.60
C ASP E 431 -21.57 -17.15 23.88
N ASP E 432 -21.83 -16.83 25.15
CA ASP E 432 -22.86 -15.86 25.47
C ASP E 432 -22.47 -14.46 25.06
N ALA E 433 -21.19 -14.11 25.17
CA ALA E 433 -20.69 -12.84 24.70
C ALA E 433 -20.59 -12.77 23.19
N LYS E 434 -20.79 -13.89 22.50
CA LYS E 434 -20.65 -13.90 21.05
C LYS E 434 -21.77 -13.16 20.36
N LYS E 435 -22.99 -13.21 20.90
CA LYS E 435 -24.14 -12.66 20.19
C LYS E 435 -24.01 -11.15 20.03
N TYR E 436 -23.38 -10.47 20.99
CA TYR E 436 -23.13 -9.03 20.88
C TYR E 436 -21.83 -8.87 20.11
N THR E 437 -21.92 -8.42 18.86
CA THR E 437 -20.73 -8.28 18.01
C THR E 437 -19.94 -7.05 18.47
N CYS E 438 -19.20 -7.24 19.55
CA CYS E 438 -18.41 -6.17 20.15
C CYS E 438 -16.97 -6.29 19.68
N THR E 439 -16.54 -5.35 18.84
CA THR E 439 -15.21 -5.40 18.25
C THR E 439 -14.16 -4.63 19.04
N VAL E 440 -14.54 -4.00 20.15
CA VAL E 440 -13.59 -3.31 21.00
C VAL E 440 -13.71 -3.87 22.41
N SER E 441 -12.69 -3.61 23.22
CA SER E 441 -12.67 -4.11 24.59
C SER E 441 -11.91 -3.12 25.45
N THR E 442 -12.20 -3.16 26.75
CA THR E 442 -11.47 -2.30 27.70
C THR E 442 -10.01 -2.68 27.75
N GLY E 443 -9.68 -3.97 27.73
CA GLY E 443 -8.32 -4.42 27.71
C GLY E 443 -7.87 -5.20 28.94
N PHE E 444 -8.74 -5.41 29.91
CA PHE E 444 -8.40 -6.20 31.09
C PHE E 444 -9.54 -7.16 31.40
N LYS E 445 -9.18 -8.29 32.00
CA LYS E 445 -10.15 -9.33 32.30
C LYS E 445 -11.04 -8.93 33.46
N PHE E 446 -12.32 -9.28 33.36
CA PHE E 446 -13.25 -9.02 34.45
C PHE E 446 -13.05 -10.06 35.55
N ASP E 447 -13.11 -9.62 36.80
CA ASP E 447 -12.90 -10.49 37.95
C ASP E 447 -14.11 -10.40 38.87
N ASP E 448 -14.71 -11.55 39.17
CA ASP E 448 -15.87 -11.59 40.05
C ASP E 448 -15.51 -11.45 41.52
N THR E 449 -14.25 -11.69 41.89
CA THR E 449 -13.85 -11.59 43.29
C THR E 449 -13.71 -10.15 43.76
N LYS E 450 -13.52 -9.19 42.85
CA LYS E 450 -13.44 -7.79 43.21
C LYS E 450 -14.75 -7.05 43.05
N PHE E 451 -15.54 -7.39 42.02
CA PHE E 451 -16.80 -6.72 41.73
C PHE E 451 -17.91 -7.32 42.59
N VAL E 452 -17.84 -7.00 43.88
CA VAL E 452 -18.85 -7.46 44.85
C VAL E 452 -19.70 -6.30 45.38
N GLU E 453 -19.06 -5.32 46.06
CA GLU E 453 -19.67 -4.16 46.71
C GLU E 453 -18.84 -3.72 47.91
N ASP E 454 -18.44 -4.67 48.76
CA ASP E 454 -17.81 -4.32 50.02
C ASP E 454 -16.38 -3.81 49.82
N SER E 455 -15.51 -4.67 49.28
CA SER E 455 -14.17 -4.37 48.80
C SER E 455 -13.23 -3.74 49.84
N PRO E 456 -11.97 -4.16 49.87
CA PRO E 456 -10.98 -3.42 50.67
C PRO E 456 -10.83 -1.96 50.25
N GLU E 457 -11.11 -1.63 48.98
CA GLU E 457 -10.85 -0.31 48.46
C GLU E 457 -12.11 0.56 48.38
N MET E 458 -13.28 -0.03 48.58
CA MET E 458 -14.53 0.67 48.29
C MET E 458 -14.73 1.82 49.26
N GLU E 459 -14.37 1.62 50.54
CA GLU E 459 -14.64 2.63 51.56
C GLU E 459 -13.79 3.87 51.35
N GLU E 460 -12.49 3.72 51.10
CA GLU E 460 -11.71 4.91 50.83
C GLU E 460 -12.04 5.47 49.45
N LEU E 461 -12.59 4.65 48.55
CA LEU E 461 -13.10 5.21 47.31
C LEU E 461 -14.27 6.15 47.57
N MET E 462 -15.22 5.77 48.44
CA MET E 462 -16.21 6.77 48.85
C MET E 462 -15.57 7.98 49.51
N ASN E 463 -14.56 7.76 50.35
CA ASN E 463 -13.90 8.90 50.98
C ASN E 463 -13.33 9.87 49.95
N ILE E 464 -12.67 9.34 48.92
CA ILE E 464 -12.10 10.18 47.87
C ILE E 464 -13.20 10.88 47.08
N ILE E 465 -14.25 10.15 46.71
CA ILE E 465 -15.30 10.79 45.91
C ILE E 465 -16.08 11.79 46.75
N ASN E 466 -16.21 11.53 48.05
CA ASN E 466 -16.83 12.50 48.95
C ASN E 466 -15.99 13.75 49.11
N ASP E 467 -14.67 13.62 49.16
CA ASP E 467 -13.77 14.77 49.26
C ASP E 467 -13.71 15.58 47.97
N ILE E 468 -13.58 14.93 46.82
CA ILE E 468 -13.53 15.65 45.56
C ILE E 468 -14.86 16.34 45.30
N GLN E 469 -15.97 15.64 45.55
CA GLN E 469 -17.30 16.21 45.40
C GLN E 469 -18.02 16.08 46.73
N PRO E 470 -18.08 17.16 47.52
CA PRO E 470 -18.76 17.10 48.81
C PRO E 470 -20.24 16.77 48.66
N LEU E 471 -20.75 16.00 49.61
CA LEU E 471 -22.16 15.62 49.64
C LEU E 471 -22.91 16.66 50.49
N THR E 472 -22.99 17.86 49.95
CA THR E 472 -23.57 18.99 50.65
C THR E 472 -24.79 19.51 49.89
N ASP E 473 -25.57 20.35 50.56
CA ASP E 473 -26.77 20.93 49.99
C ASP E 473 -26.48 22.02 48.96
N GLU E 474 -25.37 22.74 49.10
CA GLU E 474 -24.98 23.71 48.09
C GLU E 474 -24.39 23.02 46.86
N ASN E 475 -23.37 22.19 47.07
CA ASN E 475 -22.79 21.40 45.99
C ASN E 475 -23.59 20.10 45.84
N LYS E 476 -24.90 20.28 45.64
CA LYS E 476 -25.82 19.17 45.54
C LYS E 476 -26.13 18.81 44.10
N LYS E 477 -26.65 19.75 43.30
CA LYS E 477 -26.98 19.47 41.91
C LYS E 477 -25.75 19.09 41.09
N ASN E 478 -24.64 19.78 41.32
CA ASN E 478 -23.37 19.45 40.68
C ASN E 478 -22.98 18.00 40.95
N ARG E 479 -23.40 17.43 42.09
CA ARG E 479 -23.01 16.06 42.40
C ARG E 479 -23.68 15.07 41.45
N GLU E 480 -25.00 15.15 41.26
CA GLU E 480 -25.60 14.20 40.34
C GLU E 480 -25.26 14.54 38.90
N LEU E 481 -25.00 15.82 38.59
CA LEU E 481 -24.50 16.13 37.25
C LEU E 481 -23.17 15.42 37.00
N TYR E 482 -22.28 15.46 38.00
CA TYR E 482 -20.99 14.78 37.91
C TYR E 482 -21.18 13.29 37.75
N GLU E 483 -22.09 12.70 38.53
CA GLU E 483 -22.31 11.26 38.44
C GLU E 483 -22.89 10.87 37.09
N LYS E 484 -23.81 11.68 36.54
CA LYS E 484 -24.36 11.41 35.23
C LYS E 484 -23.29 11.49 34.15
N THR E 485 -22.43 12.50 34.23
CA THR E 485 -21.33 12.60 33.26
C THR E 485 -20.39 11.42 33.38
N LEU E 486 -20.12 10.98 34.61
CA LEU E 486 -19.26 9.83 34.82
C LEU E 486 -19.88 8.55 34.24
N SER E 487 -21.19 8.35 34.43
CA SER E 487 -21.82 7.13 33.94
C SER E 487 -22.02 7.14 32.44
N SER E 488 -22.21 8.30 31.83
CA SER E 488 -22.43 8.37 30.39
C SER E 488 -21.22 7.91 29.58
N CYS E 489 -20.14 7.48 30.24
CA CYS E 489 -18.97 6.96 29.55
C CYS E 489 -19.01 5.45 29.39
N LEU E 490 -20.03 4.78 29.91
CA LEU E 490 -20.17 3.34 29.76
C LEU E 490 -21.12 2.94 28.63
N CYS E 491 -22.06 3.80 28.27
CA CYS E 491 -23.05 3.49 27.26
C CYS E 491 -22.44 3.66 25.87
N GLY E 492 -22.65 2.65 25.02
CA GLY E 492 -22.11 2.68 23.67
C GLY E 492 -23.05 3.25 22.64
N ALA E 493 -23.48 4.48 22.85
CA ALA E 493 -24.37 5.17 21.93
C ALA E 493 -23.83 6.57 21.65
N THR E 494 -24.57 7.33 20.86
CA THR E 494 -24.19 8.71 20.59
C THR E 494 -24.68 9.61 21.72
N LYS E 495 -23.76 10.42 22.26
CA LYS E 495 -24.06 11.29 23.38
C LYS E 495 -24.42 12.69 22.89
N GLY E 496 -25.43 13.28 23.51
CA GLY E 496 -26.00 14.54 23.06
C GLY E 496 -25.50 15.79 23.74
N CYS E 497 -24.42 15.72 24.51
CA CYS E 497 -23.88 16.89 25.18
C CYS E 497 -22.37 16.77 25.31
N LEU E 498 -21.72 17.91 25.53
CA LEU E 498 -20.29 17.96 25.83
C LEU E 498 -20.11 18.60 27.20
N THR E 499 -19.36 17.93 28.06
CA THR E 499 -19.20 18.34 29.44
C THR E 499 -17.85 19.01 29.66
N PHE E 500 -17.86 20.10 30.44
CA PHE E 500 -16.65 20.82 30.81
C PHE E 500 -16.39 20.61 32.30
N PHE E 501 -15.21 20.09 32.62
CA PHE E 501 -14.75 20.08 34.01
C PHE E 501 -14.07 21.41 34.29
N PHE E 502 -14.75 22.28 35.03
CA PHE E 502 -14.23 23.57 35.41
C PHE E 502 -13.84 23.55 36.88
N GLY E 503 -12.59 23.86 37.17
CA GLY E 503 -12.10 23.97 38.52
C GLY E 503 -10.73 24.61 38.51
N GLU E 504 -10.31 25.06 39.69
CA GLU E 504 -9.00 25.68 39.83
C GLU E 504 -7.92 24.61 39.92
N THR E 505 -6.70 25.03 40.24
CA THR E 505 -5.61 24.09 40.38
C THR E 505 -5.82 23.21 41.61
N ALA E 506 -5.39 21.95 41.50
CA ALA E 506 -5.49 20.97 42.59
C ALA E 506 -6.94 20.81 43.06
N THR E 507 -7.82 20.48 42.12
CA THR E 507 -9.22 20.23 42.44
C THR E 507 -9.64 18.79 42.21
N GLY E 508 -8.80 17.98 41.58
CA GLY E 508 -9.10 16.57 41.38
C GLY E 508 -9.68 16.20 40.03
N LYS E 509 -9.68 17.11 39.06
CA LYS E 509 -10.17 16.76 37.74
C LYS E 509 -9.29 15.71 37.06
N SER E 510 -7.97 15.89 37.10
CA SER E 510 -7.09 14.88 36.56
C SER E 510 -7.16 13.58 37.37
N THR E 511 -7.51 13.69 38.64
CA THR E 511 -7.76 12.48 39.43
C THR E 511 -8.91 11.67 38.84
N THR E 512 -10.01 12.34 38.49
CA THR E 512 -11.12 11.66 37.84
C THR E 512 -10.70 11.13 36.47
N LYS E 513 -9.90 11.90 35.73
CA LYS E 513 -9.38 11.40 34.45
C LYS E 513 -8.67 10.06 34.63
N ARG E 514 -7.74 10.01 35.58
CA ARG E 514 -6.98 8.80 35.80
C ARG E 514 -7.86 7.66 36.31
N LEU E 515 -8.85 7.99 37.16
CA LEU E 515 -9.75 6.96 37.65
C LEU E 515 -10.56 6.35 36.51
N LEU E 516 -11.10 7.18 35.62
CA LEU E 516 -11.82 6.66 34.45
C LEU E 516 -10.91 5.84 33.56
N LYS E 517 -9.69 6.32 33.31
CA LYS E 517 -8.79 5.55 32.47
C LYS E 517 -8.52 4.18 33.06
N SER E 518 -8.20 4.12 34.34
CA SER E 518 -7.96 2.84 35.00
C SER E 518 -9.22 1.97 35.04
N ALA E 519 -10.40 2.58 35.13
CA ALA E 519 -11.63 1.83 35.26
C ALA E 519 -12.11 1.23 33.95
N ILE E 520 -11.93 1.92 32.82
CA ILE E 520 -12.45 1.43 31.55
C ILE E 520 -11.37 1.14 30.52
N GLY E 521 -10.11 1.08 30.91
CA GLY E 521 -9.11 0.52 30.02
C GLY E 521 -8.96 1.30 28.73
N ASP E 522 -9.03 0.59 27.61
CA ASP E 522 -8.79 1.19 26.30
C ASP E 522 -9.97 1.98 25.76
N LEU E 523 -11.13 1.90 26.40
CA LEU E 523 -12.28 2.68 25.96
C LEU E 523 -12.14 4.17 26.27
N PHE E 524 -11.14 4.55 27.06
CA PHE E 524 -10.86 5.93 27.39
C PHE E 524 -9.65 6.38 26.59
N VAL E 525 -9.74 7.53 25.93
CA VAL E 525 -8.66 8.06 25.12
C VAL E 525 -8.47 9.55 25.39
N GLU E 526 -7.22 9.95 25.55
CA GLU E 526 -6.84 11.35 25.67
C GLU E 526 -6.41 11.86 24.30
N THR E 527 -7.01 12.97 23.88
CA THR E 527 -6.71 13.57 22.59
C THR E 527 -6.02 14.91 22.81
N GLY E 528 -5.52 15.49 21.73
CA GLY E 528 -4.93 16.80 21.75
C GLY E 528 -5.96 17.89 21.59
N GLN E 529 -5.48 19.12 21.48
CA GLN E 529 -6.33 20.27 21.25
C GLN E 529 -6.58 20.51 19.77
N THR E 530 -5.99 19.69 18.90
CA THR E 530 -6.18 19.87 17.46
C THR E 530 -7.62 19.69 17.04
N ILE E 531 -8.32 18.67 17.56
CA ILE E 531 -9.71 18.44 17.17
C ILE E 531 -10.64 19.54 17.66
N LEU E 532 -10.12 20.52 18.39
CA LEU E 532 -10.88 21.70 18.77
C LEU E 532 -10.52 22.93 17.94
N THR E 533 -9.23 23.13 17.66
CA THR E 533 -8.75 24.34 17.01
C THR E 533 -8.08 24.08 15.66
N ASP E 534 -7.92 22.84 15.24
CA ASP E 534 -7.25 22.52 13.99
C ASP E 534 -8.18 21.70 13.11
N VAL E 535 -8.13 21.98 11.80
CA VAL E 535 -9.15 21.47 10.88
C VAL E 535 -9.23 19.95 10.95
N LEU E 536 -10.45 19.44 11.00
CA LEU E 536 -10.68 18.01 11.24
C LEU E 536 -10.34 17.16 10.02
N ASP E 537 -10.75 17.58 8.83
CA ASP E 537 -10.61 16.77 7.62
C ASP E 537 -9.79 17.55 6.59
N ASN E 541 -5.64 12.65 9.81
CA ASN E 541 -5.96 13.21 11.12
C ASN E 541 -6.14 12.06 12.10
N PRO E 542 -5.04 11.54 12.66
CA PRO E 542 -5.17 10.43 13.61
C PRO E 542 -5.99 10.75 14.84
N PHE E 543 -5.95 11.99 15.33
CA PHE E 543 -6.68 12.34 16.54
C PHE E 543 -8.19 12.33 16.35
N ILE E 544 -8.67 12.28 15.12
CA ILE E 544 -10.11 12.15 14.85
C ILE E 544 -10.47 10.76 14.34
N ALA E 545 -9.49 9.96 13.90
CA ALA E 545 -9.76 8.61 13.45
C ALA E 545 -9.59 7.57 14.54
N ASN E 546 -8.85 7.89 15.60
CA ASN E 546 -8.66 6.96 16.71
C ASN E 546 -9.83 6.94 17.67
N MET E 547 -10.75 7.89 17.58
CA MET E 547 -11.96 7.90 18.41
C MET E 547 -13.03 6.98 17.87
N HIS E 548 -12.71 6.14 16.88
CA HIS E 548 -13.66 5.20 16.33
C HIS E 548 -14.00 4.15 17.38
N LEU E 549 -15.27 4.13 17.81
CA LEU E 549 -15.82 3.20 18.79
C LEU E 549 -15.29 3.39 20.19
N LYS E 550 -14.54 4.46 20.46
CA LYS E 550 -14.15 4.79 21.82
C LYS E 550 -15.35 5.36 22.56
N ARG E 551 -15.48 5.01 23.83
CA ARG E 551 -16.61 5.46 24.63
C ARG E 551 -16.31 6.65 25.52
N SER E 552 -15.09 7.19 25.45
CA SER E 552 -14.75 8.36 26.25
C SER E 552 -13.53 9.04 25.64
N VAL E 553 -13.69 10.30 25.30
CA VAL E 553 -12.58 11.14 24.82
C VAL E 553 -12.45 12.31 25.79
N PHE E 554 -11.24 12.52 26.29
CA PHE E 554 -11.01 13.53 27.30
C PHE E 554 -9.98 14.52 26.77
N CYS E 555 -10.26 15.80 26.93
CA CYS E 555 -9.40 16.87 26.43
C CYS E 555 -8.81 17.63 27.60
N SER E 556 -7.52 17.94 27.49
CA SER E 556 -6.73 18.43 28.61
C SER E 556 -6.20 19.82 28.36
N GLU E 557 -6.42 20.70 29.35
CA GLU E 557 -5.67 21.94 29.52
C GLU E 557 -5.80 22.86 28.30
N LEU E 558 -7.01 23.37 28.11
CA LEU E 558 -7.21 24.45 27.16
C LEU E 558 -6.39 25.66 27.57
N PRO E 559 -5.50 26.16 26.71
CA PRO E 559 -4.49 27.16 27.14
C PRO E 559 -5.03 28.58 27.13
N ASP E 560 -6.00 28.85 28.00
CA ASP E 560 -6.49 30.20 28.25
C ASP E 560 -6.91 30.90 26.95
N PHE E 561 -7.95 30.35 26.33
CA PHE E 561 -8.45 30.93 25.09
C PHE E 561 -9.06 32.32 25.30
N ALA E 562 -9.32 32.72 26.55
CA ALA E 562 -9.84 34.06 26.80
C ALA E 562 -8.79 35.13 26.53
N CYS E 563 -7.53 34.85 26.81
CA CYS E 563 -6.47 35.83 26.63
C CYS E 563 -6.01 35.86 25.17
N SER E 564 -5.04 36.71 24.87
CA SER E 564 -4.56 36.89 23.51
C SER E 564 -3.62 35.74 23.11
N GLY E 565 -3.34 35.66 21.81
CA GLY E 565 -2.47 34.61 21.30
C GLY E 565 -3.06 33.22 21.45
N SER E 566 -4.35 33.07 21.19
CA SER E 566 -5.02 31.78 21.31
C SER E 566 -6.07 31.65 20.21
N LYS E 567 -6.39 30.42 19.86
CA LYS E 567 -7.42 30.11 18.89
C LYS E 567 -8.67 29.64 19.64
N LYS E 568 -9.82 30.18 19.26
CA LYS E 568 -11.04 29.91 20.00
C LYS E 568 -11.55 28.49 19.72
N ILE E 569 -12.66 28.16 20.38
CA ILE E 569 -13.20 26.80 20.32
C ILE E 569 -13.74 26.49 18.94
N ARG E 570 -14.16 27.54 18.21
CA ARG E 570 -14.72 27.43 16.86
C ARG E 570 -15.87 26.42 16.83
N SER E 571 -17.02 26.82 17.37
CA SER E 571 -18.13 25.92 17.70
C SER E 571 -18.55 25.01 16.55
N ASP E 572 -18.04 25.22 15.33
CA ASP E 572 -18.34 24.29 14.24
C ASP E 572 -18.01 22.85 14.64
N ASN E 573 -16.96 22.67 15.44
CA ASN E 573 -16.70 21.33 15.98
C ASN E 573 -17.83 20.85 16.87
N ILE E 574 -18.37 21.73 17.72
CA ILE E 574 -19.50 21.36 18.57
C ILE E 574 -20.67 20.92 17.71
N LYS E 575 -20.88 21.61 16.58
CA LYS E 575 -21.83 21.11 15.58
C LYS E 575 -21.43 19.74 15.09
N LYS E 576 -20.12 19.49 14.94
CA LYS E 576 -19.67 18.28 14.27
C LYS E 576 -19.47 17.10 15.22
N LEU E 577 -18.92 17.35 16.41
CA LEU E 577 -18.54 16.24 17.28
C LEU E 577 -19.72 15.56 17.96
N THR E 578 -20.92 16.10 17.86
CA THR E 578 -22.08 15.46 18.49
C THR E 578 -22.90 14.64 17.49
N GLU E 579 -22.95 15.06 16.23
CA GLU E 579 -23.71 14.32 15.23
C GLU E 579 -23.12 12.92 15.02
N PRO E 580 -23.96 11.92 14.74
CA PRO E 580 -23.60 10.52 15.05
C PRO E 580 -22.35 10.00 14.37
N CYS E 581 -22.07 10.40 13.12
CA CYS E 581 -20.96 9.81 12.37
C CYS E 581 -19.91 10.87 12.13
N VAL E 582 -18.67 10.59 12.55
CA VAL E 582 -17.59 11.56 12.50
C VAL E 582 -16.85 11.36 11.18
N ILE E 583 -16.66 12.46 10.45
CA ILE E 583 -15.97 12.44 9.17
C ILE E 583 -14.49 12.75 9.42
N GLY E 584 -13.61 11.82 9.04
CA GLY E 584 -12.20 12.01 9.24
C GLY E 584 -11.39 10.74 9.01
N LYS E 591 -11.26 5.19 4.44
CA LYS E 591 -12.31 5.16 5.46
C LYS E 591 -12.33 6.47 6.24
N ILE E 592 -13.14 7.41 5.77
CA ILE E 592 -13.26 8.72 6.42
C ILE E 592 -14.40 8.79 7.43
N ASN E 593 -15.23 7.76 7.50
CA ASN E 593 -16.40 7.75 8.38
C ASN E 593 -16.15 6.83 9.57
N ASN E 594 -16.41 7.33 10.77
CA ASN E 594 -16.25 6.56 12.00
C ASN E 594 -17.48 6.74 12.88
N ARG E 595 -17.74 5.74 13.72
CA ARG E 595 -18.89 5.77 14.63
C ARG E 595 -18.50 6.49 15.91
N ASN E 596 -19.40 7.32 16.42
CA ASN E 596 -19.16 8.10 17.62
C ASN E 596 -19.93 7.49 18.78
N HIS E 597 -19.22 6.90 19.73
CA HIS E 597 -19.80 6.42 20.98
C HIS E 597 -19.16 7.08 22.19
N ALA E 598 -18.45 8.19 21.98
CA ALA E 598 -17.60 8.77 23.00
C ALA E 598 -18.29 9.91 23.72
N THR E 599 -18.16 9.93 25.04
CA THR E 599 -18.48 11.11 25.84
C THR E 599 -17.27 12.02 25.80
N ILE E 600 -17.46 13.26 25.37
CA ILE E 600 -16.38 14.21 25.27
C ILE E 600 -16.36 15.04 26.55
N ILE E 601 -15.29 14.94 27.31
CA ILE E 601 -15.13 15.71 28.55
C ILE E 601 -13.88 16.54 28.44
N ILE E 602 -14.02 17.85 28.63
CA ILE E 602 -12.91 18.79 28.51
C ILE E 602 -12.68 19.41 29.87
N ASP E 603 -11.43 19.38 30.34
CA ASP E 603 -11.12 20.02 31.61
C ASP E 603 -10.45 21.37 31.38
N THR E 604 -10.74 22.33 32.25
CA THR E 604 -10.17 23.67 32.10
C THR E 604 -10.10 24.35 33.46
N ASN E 605 -9.22 25.33 33.57
CA ASN E 605 -9.13 26.19 34.73
C ASN E 605 -9.78 27.55 34.51
N TYR E 606 -9.94 27.96 33.25
CA TYR E 606 -10.54 29.24 32.89
C TYR E 606 -11.79 28.99 32.09
N LYS E 607 -12.77 29.88 32.25
CA LYS E 607 -13.99 29.76 31.47
C LYS E 607 -13.69 30.04 30.00
N PRO E 608 -13.97 29.10 29.11
CA PRO E 608 -13.55 29.26 27.71
C PRO E 608 -14.55 30.09 26.91
N VAL E 609 -14.11 30.51 25.74
CA VAL E 609 -14.89 31.39 24.87
C VAL E 609 -14.94 30.77 23.47
N PHE E 610 -16.04 31.01 22.77
CA PHE E 610 -16.20 30.60 21.38
C PHE E 610 -16.11 31.83 20.48
N ASP E 611 -15.66 31.61 19.24
CA ASP E 611 -15.65 32.70 18.28
C ASP E 611 -17.07 33.17 17.96
N ARG E 612 -18.00 32.24 17.84
CA ARG E 612 -19.39 32.55 17.57
C ARG E 612 -20.27 31.84 18.59
N ILE E 613 -21.33 32.50 19.02
CA ILE E 613 -22.27 31.96 19.99
C ILE E 613 -23.61 31.79 19.28
N ASP E 614 -24.11 30.56 19.24
CA ASP E 614 -25.37 30.25 18.58
C ASP E 614 -26.29 29.49 19.55
N ASN E 615 -27.57 29.43 19.18
CA ASN E 615 -28.57 28.76 20.02
C ASN E 615 -28.41 27.25 20.01
N ALA E 616 -27.69 26.69 19.05
CA ALA E 616 -27.38 25.27 19.09
C ALA E 616 -26.32 24.93 20.12
N LEU E 617 -25.52 25.90 20.55
CA LEU E 617 -24.59 25.74 21.67
C LEU E 617 -25.31 25.78 23.00
N MET E 618 -26.51 26.37 23.03
CA MET E 618 -27.32 26.35 24.23
C MET E 618 -27.70 24.94 24.63
N ARG E 619 -27.74 24.01 23.68
CA ARG E 619 -28.41 22.73 23.86
C ARG E 619 -27.46 21.56 24.13
N ARG E 620 -26.14 21.77 24.05
CA ARG E 620 -25.22 20.63 24.11
C ARG E 620 -23.99 20.89 24.99
N ILE E 621 -24.05 21.82 25.94
CA ILE E 621 -22.91 22.11 26.80
C ILE E 621 -23.34 22.06 28.26
N ALA E 622 -22.62 21.29 29.06
CA ALA E 622 -22.79 21.25 30.51
C ALA E 622 -21.41 21.39 31.14
N VAL E 623 -21.38 21.95 32.35
CA VAL E 623 -20.12 22.23 33.05
C VAL E 623 -20.22 21.69 34.46
N VAL E 624 -19.10 21.16 34.95
CA VAL E 624 -19.00 20.63 36.31
C VAL E 624 -18.09 21.54 37.12
N ARG E 625 -18.55 21.94 38.29
CA ARG E 625 -17.77 22.80 39.18
C ARG E 625 -17.06 21.95 40.23
N PHE E 626 -15.77 22.18 40.40
CA PHE E 626 -14.96 21.52 41.41
C PHE E 626 -14.50 22.55 42.43
N ARG E 627 -14.82 22.32 43.70
CA ARG E 627 -14.55 23.32 44.72
C ARG E 627 -13.97 22.72 46.00
N THR E 628 -13.06 21.76 45.90
CA THR E 628 -12.32 21.25 47.05
C THR E 628 -10.83 21.25 46.70
N HIS E 629 -10.02 21.82 47.59
CA HIS E 629 -8.60 21.98 47.35
C HIS E 629 -7.81 20.93 48.11
N PHE E 630 -6.85 20.31 47.42
CA PHE E 630 -5.93 19.35 48.02
C PHE E 630 -4.54 19.93 47.90
N SER E 631 -4.15 20.75 48.88
CA SER E 631 -2.91 21.50 48.84
C SER E 631 -1.96 21.04 49.94
N GLN E 632 -0.70 21.41 49.79
CA GLN E 632 0.35 21.06 50.74
C GLN E 632 0.11 21.77 52.07
N PRO E 633 0.64 21.21 53.17
CA PRO E 633 0.45 21.84 54.47
C PRO E 633 0.99 23.26 54.55
N SER E 634 2.01 23.59 53.76
CA SER E 634 2.64 24.90 53.85
C SER E 634 1.68 26.01 53.43
N GLY E 635 1.03 25.85 52.28
CA GLY E 635 0.21 26.91 51.73
C GLY E 635 -1.28 26.72 51.92
N ARG E 636 -1.68 26.13 53.05
CA ARG E 636 -3.10 25.93 53.30
C ARG E 636 -3.83 27.24 53.49
N GLU E 637 -3.31 28.13 54.35
CA GLU E 637 -3.98 29.39 54.62
C GLU E 637 -4.13 30.24 53.37
N ALA E 638 -3.07 30.33 52.56
CA ALA E 638 -3.14 31.06 51.31
C ALA E 638 -4.20 30.51 50.36
N ALA E 639 -4.62 29.25 50.56
CA ALA E 639 -5.73 28.70 49.81
C ALA E 639 -7.05 28.81 50.56
N GLU E 640 -7.03 28.88 51.89
CA GLU E 640 -8.25 29.02 52.67
C GLU E 640 -8.81 30.44 52.64
N ASN E 641 -8.04 31.40 52.14
CA ASN E 641 -8.49 32.78 51.99
C ASN E 641 -8.85 33.11 50.55
N ASN E 642 -8.98 32.10 49.69
CA ASN E 642 -9.38 32.29 48.30
C ASN E 642 -10.86 31.96 48.16
N ASP E 643 -11.57 32.80 47.41
CA ASP E 643 -13.00 32.61 47.20
C ASP E 643 -13.32 31.56 46.16
N ALA E 644 -12.31 31.02 45.47
CA ALA E 644 -12.52 29.99 44.46
C ALA E 644 -12.57 28.59 45.05
N TYR E 645 -12.41 28.47 46.36
CA TYR E 645 -12.46 27.18 47.04
C TYR E 645 -13.43 27.25 48.21
N ASP E 646 -14.21 26.19 48.39
CA ASP E 646 -15.07 26.07 49.55
C ASP E 646 -14.48 25.19 50.63
N LYS E 647 -13.47 24.39 50.31
CA LYS E 647 -12.78 23.56 51.29
C LYS E 647 -11.38 23.25 50.80
N VAL E 648 -10.44 23.18 51.74
CA VAL E 648 -9.06 22.81 51.47
C VAL E 648 -8.73 21.56 52.28
N LYS E 649 -8.16 20.55 51.62
CA LYS E 649 -7.84 19.29 52.25
C LYS E 649 -6.35 19.01 52.12
N LEU E 650 -5.84 18.17 53.01
CA LEU E 650 -4.43 17.82 52.97
C LEU E 650 -4.15 16.88 51.80
N LEU E 651 -3.12 17.21 51.03
CA LEU E 651 -2.76 16.39 49.88
C LEU E 651 -2.13 15.07 50.33
N ASP E 652 -2.51 13.99 49.65
CA ASP E 652 -1.91 12.68 49.85
C ASP E 652 -1.10 12.32 48.62
N GLU E 653 0.20 12.06 48.81
CA GLU E 653 1.10 11.82 47.70
C GLU E 653 1.02 10.41 47.14
N GLY E 654 0.36 9.49 47.84
CA GLY E 654 0.32 8.10 47.44
C GLY E 654 -0.85 7.70 46.57
N LEU E 655 -1.83 8.57 46.37
CA LEU E 655 -2.99 8.20 45.57
C LEU E 655 -2.65 7.99 44.10
N ASP E 656 -1.75 8.80 43.54
CA ASP E 656 -1.44 8.66 42.12
C ASP E 656 -0.84 7.30 41.79
N GLY E 657 0.10 6.82 42.61
CA GLY E 657 0.68 5.52 42.38
C GLY E 657 -0.33 4.39 42.53
N LYS E 658 -1.21 4.53 43.53
CA LYS E 658 -2.21 3.49 43.77
C LYS E 658 -3.24 3.41 42.64
N ILE E 659 -3.74 4.56 42.18
CA ILE E 659 -4.69 4.55 41.08
C ILE E 659 -4.00 4.12 39.79
N GLN E 660 -2.73 4.49 39.60
CA GLN E 660 -1.98 4.01 38.46
C GLN E 660 -1.82 2.50 38.50
N ASN E 661 -1.84 1.90 39.68
CA ASN E 661 -1.77 0.45 39.84
C ASN E 661 -3.13 -0.21 39.71
N ASN E 662 -4.15 0.55 39.28
CA ASN E 662 -5.51 0.04 39.10
C ASN E 662 -6.07 -0.52 40.41
N ARG E 663 -5.74 0.14 41.52
CA ARG E 663 -6.24 -0.29 42.82
C ARG E 663 -7.75 -0.07 42.93
N TYR E 664 -8.23 1.08 42.46
CA TYR E 664 -9.65 1.42 42.48
C TYR E 664 -10.31 1.07 41.15
N ARG E 665 -9.77 0.09 40.43
CA ARG E 665 -10.24 -0.20 39.09
C ARG E 665 -11.67 -0.74 39.10
N PHE E 666 -11.98 -1.66 40.01
CA PHE E 666 -13.27 -2.33 40.00
C PHE E 666 -14.30 -1.68 40.92
N ALA E 667 -13.88 -1.12 42.05
CA ALA E 667 -14.82 -0.42 42.91
C ALA E 667 -15.42 0.79 42.20
N PHE E 668 -14.59 1.54 41.47
CA PHE E 668 -15.09 2.70 40.75
C PHE E 668 -16.01 2.28 39.62
N LEU E 669 -15.70 1.16 38.96
CA LEU E 669 -16.59 0.64 37.93
C LEU E 669 -17.93 0.23 38.53
N TYR E 670 -17.89 -0.34 39.74
CA TYR E 670 -19.12 -0.68 40.44
C TYR E 670 -19.94 0.58 40.71
N LEU E 671 -19.28 1.65 41.15
CA LEU E 671 -19.98 2.92 41.34
C LEU E 671 -20.60 3.41 40.04
N LEU E 672 -19.86 3.29 38.94
CA LEU E 672 -20.36 3.72 37.65
C LEU E 672 -21.62 2.94 37.27
N VAL E 673 -21.61 1.63 37.49
CA VAL E 673 -22.77 0.81 37.18
C VAL E 673 -23.95 1.20 38.06
N LYS E 674 -23.71 1.45 39.35
CA LYS E 674 -24.78 1.84 40.25
C LYS E 674 -25.42 3.15 39.79
N TRP E 675 -24.60 4.13 39.40
CA TRP E 675 -25.15 5.39 38.93
C TRP E 675 -25.86 5.23 37.59
N TYR E 676 -25.33 4.35 36.72
CA TYR E 676 -25.97 4.11 35.43
C TYR E 676 -27.36 3.53 35.61
N LYS E 677 -27.51 2.55 36.50
CA LYS E 677 -28.84 2.04 36.80
C LYS E 677 -29.72 3.10 37.43
N LYS E 678 -29.13 4.05 38.14
CA LYS E 678 -29.91 5.11 38.79
C LYS E 678 -30.42 6.15 37.81
N TYR E 679 -29.68 6.44 36.75
CA TYR E 679 -30.03 7.53 35.85
C TYR E 679 -30.38 7.09 34.43
N HIS E 680 -29.60 6.20 33.83
CA HIS E 680 -29.65 5.96 32.39
C HIS E 680 -30.61 4.85 32.00
N ILE E 681 -31.35 4.28 32.94
CA ILE E 681 -32.37 3.27 32.66
C ILE E 681 -33.74 3.93 32.80
N PRO E 682 -34.62 3.81 31.80
CA PRO E 682 -34.34 3.06 30.58
C PRO E 682 -33.76 3.89 29.44
N ILE E 683 -33.55 5.19 29.68
CA ILE E 683 -33.19 6.13 28.63
C ILE E 683 -31.89 6.83 29.01
N MET E 684 -30.99 6.99 28.04
CA MET E 684 -29.77 7.75 28.20
C MET E 684 -29.89 9.04 27.38
N LYS E 685 -29.81 10.18 28.05
CA LYS E 685 -29.73 11.47 27.38
C LYS E 685 -29.20 12.49 28.37
N LEU E 686 -28.43 13.45 27.86
CA LEU E 686 -27.71 14.41 28.70
C LEU E 686 -28.35 15.78 28.54
N TYR E 687 -28.48 16.49 29.66
CA TYR E 687 -29.08 17.81 29.60
C TYR E 687 -28.03 18.89 29.77
N PRO E 688 -28.10 19.95 28.98
CA PRO E 688 -27.14 21.04 29.11
C PRO E 688 -27.47 21.95 30.29
N THR E 689 -26.50 22.80 30.63
CA THR E 689 -26.65 23.80 31.69
C THR E 689 -26.21 25.15 31.15
N PRO E 690 -27.04 25.78 30.31
CA PRO E 690 -26.63 27.08 29.72
C PRO E 690 -26.46 28.18 30.73
N GLU E 691 -27.07 28.07 31.92
CA GLU E 691 -27.06 29.12 32.93
C GLU E 691 -25.78 29.15 33.75
N GLU E 692 -24.69 28.57 33.27
CA GLU E 692 -23.45 28.52 34.03
C GLU E 692 -22.28 29.21 33.34
N ILE E 693 -22.17 29.09 32.03
CA ILE E 693 -21.05 29.70 31.30
C ILE E 693 -21.25 31.21 31.26
N PRO E 694 -20.27 32.01 31.69
CA PRO E 694 -20.45 33.47 31.67
C PRO E 694 -20.72 34.04 30.30
N ASP E 695 -20.15 33.46 29.24
CA ASP E 695 -20.41 33.98 27.90
C ASP E 695 -21.88 33.89 27.53
N PHE E 696 -22.59 32.89 28.04
CA PHE E 696 -24.01 32.73 27.79
C PHE E 696 -24.86 33.69 28.62
N ALA E 697 -24.25 34.34 29.62
CA ALA E 697 -24.98 35.34 30.39
C ALA E 697 -25.36 36.54 29.52
N PHE E 698 -24.44 37.00 28.67
CA PHE E 698 -24.72 38.17 27.84
C PHE E 698 -25.94 37.94 26.96
N TYR E 699 -26.02 36.76 26.34
CA TYR E 699 -27.22 36.40 25.59
C TYR E 699 -28.44 36.38 26.50
N LEU E 700 -28.30 35.82 27.70
CA LEU E 700 -29.38 35.91 28.68
C LEU E 700 -29.64 37.37 29.06
N LYS E 701 -28.59 38.19 29.04
CA LYS E 701 -28.79 39.63 29.21
C LYS E 701 -29.56 40.22 28.03
N ILE E 702 -29.34 39.67 26.84
CA ILE E 702 -30.13 40.08 25.68
C ILE E 702 -31.59 39.68 25.87
N GLY E 703 -31.83 38.47 26.36
CA GLY E 703 -33.18 38.00 26.60
C GLY E 703 -33.91 38.76 27.70
N ILE F 5 16.52 -65.71 -15.73
CA ILE F 5 16.05 -64.68 -14.82
C ILE F 5 17.02 -63.51 -14.81
N ARG F 6 18.29 -63.80 -15.11
CA ARG F 6 19.28 -62.74 -15.20
C ARG F 6 18.98 -61.78 -16.34
N GLY F 7 18.43 -62.30 -17.43
CA GLY F 7 18.04 -61.46 -18.55
C GLY F 7 16.91 -62.09 -19.32
N ASN F 8 16.07 -61.24 -19.91
CA ASN F 8 14.94 -61.72 -20.71
C ASN F 8 14.68 -60.69 -21.80
N ASP F 9 14.95 -61.08 -23.05
CA ASP F 9 14.81 -60.19 -24.19
C ASP F 9 13.42 -60.21 -24.81
N VAL F 10 12.53 -61.08 -24.33
CA VAL F 10 11.17 -61.20 -24.85
C VAL F 10 10.20 -60.73 -23.77
N ILE F 11 9.13 -60.06 -24.21
CA ILE F 11 8.20 -59.37 -23.31
C ILE F 11 6.80 -59.92 -23.53
N PHE F 12 6.09 -60.20 -22.44
CA PHE F 12 4.70 -60.64 -22.50
C PHE F 12 3.79 -59.42 -22.53
N VAL F 13 2.76 -59.47 -23.39
CA VAL F 13 1.86 -58.34 -23.56
C VAL F 13 0.42 -58.82 -23.71
N LEU F 14 -0.50 -57.94 -23.33
CA LEU F 14 -1.93 -58.07 -23.55
C LEU F 14 -2.34 -57.16 -24.69
N LYS F 15 -3.40 -57.54 -25.39
CA LYS F 15 -3.91 -56.72 -26.48
C LYS F 15 -5.03 -55.78 -26.07
N THR F 16 -5.72 -56.06 -24.96
CA THR F 16 -6.82 -55.22 -24.51
C THR F 16 -7.08 -55.50 -23.03
N ILE F 17 -8.01 -54.73 -22.47
CA ILE F 17 -8.38 -54.87 -21.07
C ILE F 17 -9.49 -55.92 -20.93
N GLY F 18 -9.45 -56.68 -19.84
CA GLY F 18 -10.47 -57.67 -19.56
C GLY F 18 -10.12 -59.09 -19.93
N VAL F 19 -8.85 -59.39 -20.16
CA VAL F 19 -8.42 -60.72 -20.58
C VAL F 19 -8.61 -61.70 -19.43
N PRO F 20 -9.35 -62.79 -19.62
CA PRO F 20 -9.43 -63.81 -18.57
C PRO F 20 -8.12 -64.55 -18.42
N SER F 21 -7.89 -65.09 -17.21
CA SER F 21 -6.67 -65.84 -16.94
C SER F 21 -6.58 -67.08 -17.82
N ALA F 22 -7.69 -67.80 -17.99
CA ALA F 22 -7.67 -69.03 -18.76
C ALA F 22 -7.10 -68.82 -20.16
N CYS F 23 -7.28 -67.63 -20.72
CA CYS F 23 -6.56 -67.27 -21.94
C CYS F 23 -5.12 -66.87 -21.66
N ARG F 24 -4.84 -66.36 -20.45
CA ARG F 24 -3.51 -65.84 -20.16
C ARG F 24 -2.48 -66.95 -20.04
N GLN F 25 -2.77 -68.00 -19.27
CA GLN F 25 -1.81 -69.10 -19.16
C GLN F 25 -1.82 -69.97 -20.41
N ASN F 26 -2.94 -70.03 -21.13
CA ASN F 26 -2.99 -70.81 -22.37
C ASN F 26 -2.36 -70.09 -23.55
N GLU F 27 -1.96 -68.82 -23.38
CA GLU F 27 -1.32 -68.02 -24.42
C GLU F 27 -2.23 -67.92 -25.65
N ASP F 28 -3.38 -67.30 -25.45
CA ASP F 28 -4.32 -67.09 -26.54
C ASP F 28 -3.82 -65.95 -27.43
N PRO F 29 -3.56 -66.20 -28.72
CA PRO F 29 -3.06 -65.13 -29.59
C PRO F 29 -4.04 -63.97 -29.75
N ARG F 30 -5.33 -64.20 -29.53
CA ARG F 30 -6.33 -63.16 -29.66
C ARG F 30 -6.32 -62.18 -28.48
N PHE F 31 -5.65 -62.52 -27.40
CA PHE F 31 -5.60 -61.64 -26.23
C PHE F 31 -4.18 -61.34 -25.76
N VAL F 32 -3.27 -62.31 -25.83
CA VAL F 32 -1.92 -62.15 -25.32
C VAL F 32 -0.94 -62.39 -26.46
N GLU F 33 0.30 -61.97 -26.24
CA GLU F 33 1.36 -62.19 -27.22
C GLU F 33 2.71 -62.09 -26.53
N ALA F 34 3.72 -62.62 -27.19
CA ALA F 34 5.11 -62.51 -26.77
C ALA F 34 5.89 -61.81 -27.87
N PHE F 35 6.62 -60.76 -27.51
CA PHE F 35 7.30 -59.91 -28.48
C PHE F 35 8.78 -59.84 -28.15
N LYS F 36 9.62 -60.14 -29.14
CA LYS F 36 11.04 -59.87 -29.00
C LYS F 36 11.28 -58.37 -29.07
N CYS F 37 12.32 -57.90 -28.37
CA CYS F 37 12.51 -56.47 -28.18
C CYS F 37 12.55 -55.73 -29.51
N ASP F 38 13.40 -56.17 -30.44
CA ASP F 38 13.42 -55.58 -31.77
C ASP F 38 12.10 -55.81 -32.49
N GLU F 39 11.54 -57.01 -32.36
CA GLU F 39 10.26 -57.29 -33.00
C GLU F 39 9.12 -56.53 -32.33
N LEU F 40 9.19 -56.34 -31.01
CA LEU F 40 8.21 -55.50 -30.32
C LEU F 40 8.26 -54.07 -30.84
N GLU F 41 9.47 -53.51 -30.99
CA GLU F 41 9.61 -52.17 -31.53
C GLU F 41 9.05 -52.10 -32.96
N ARG F 42 9.40 -53.10 -33.78
CA ARG F 42 8.93 -53.13 -35.17
C ARG F 42 7.40 -53.17 -35.22
N TYR F 43 6.79 -53.98 -34.36
CA TYR F 43 5.33 -54.04 -34.31
C TYR F 43 4.75 -52.70 -33.88
N ILE F 44 5.43 -52.01 -32.95
CA ILE F 44 4.91 -50.72 -32.49
C ILE F 44 4.95 -49.67 -33.61
N ASP F 45 6.09 -49.57 -34.27
CA ASP F 45 6.17 -48.61 -35.40
C ASP F 45 5.13 -48.98 -36.45
N ASN F 46 5.06 -50.27 -36.83
CA ASN F 46 4.16 -50.71 -37.89
C ASN F 46 2.69 -50.70 -37.47
N ASN F 47 2.40 -50.54 -36.18
CA ASN F 47 1.03 -50.47 -35.67
C ASN F 47 0.90 -49.26 -34.75
N PRO F 48 0.73 -48.06 -35.32
CA PRO F 48 0.55 -46.87 -34.46
C PRO F 48 -0.73 -46.91 -33.65
N GLU F 49 -1.71 -47.73 -34.02
CA GLU F 49 -2.96 -47.86 -33.29
C GLU F 49 -2.99 -49.09 -32.40
N CYS F 50 -1.84 -49.74 -32.20
CA CYS F 50 -1.81 -50.97 -31.40
C CYS F 50 -2.10 -50.67 -29.93
N THR F 51 -2.83 -51.58 -29.30
CA THR F 51 -3.12 -51.50 -27.87
C THR F 51 -2.32 -52.60 -27.18
N LEU F 52 -1.27 -52.21 -26.46
CA LEU F 52 -0.33 -53.15 -25.88
C LEU F 52 -0.21 -52.90 -24.38
N PHE F 53 -0.25 -53.97 -23.59
CA PHE F 53 -0.21 -53.89 -22.13
C PHE F 53 0.85 -54.85 -21.62
N GLU F 54 2.03 -54.33 -21.28
CA GLU F 54 3.13 -55.17 -20.82
C GLU F 54 2.79 -55.84 -19.49
N SER F 55 3.22 -57.09 -19.36
CA SER F 55 2.95 -57.90 -18.18
C SER F 55 4.06 -58.94 -18.05
N LEU F 56 3.81 -59.97 -17.23
CA LEU F 56 4.78 -61.03 -16.99
C LEU F 56 4.17 -62.38 -17.33
N ARG F 57 5.03 -63.38 -17.48
CA ARG F 57 4.57 -64.74 -17.77
C ARG F 57 4.13 -65.46 -16.49
N ASP F 58 5.07 -65.66 -15.57
CA ASP F 58 4.81 -66.43 -14.36
C ASP F 58 5.52 -65.75 -13.21
N GLU F 59 4.76 -65.28 -12.22
CA GLU F 59 5.33 -64.58 -11.08
C GLU F 59 6.18 -65.50 -10.21
N GLU F 60 5.97 -66.82 -10.30
CA GLU F 60 6.71 -67.75 -9.45
C GLU F 60 8.18 -67.78 -9.82
N ALA F 61 8.50 -67.68 -11.11
CA ALA F 61 9.87 -67.78 -11.58
C ALA F 61 10.45 -66.48 -12.09
N TYR F 62 9.63 -65.50 -12.46
CA TYR F 62 10.09 -64.26 -13.08
C TYR F 62 9.40 -63.06 -12.43
N SER F 63 9.42 -63.02 -11.10
CA SER F 63 8.83 -61.88 -10.39
C SER F 63 9.74 -60.66 -10.40
N ILE F 64 10.99 -60.80 -10.82
CA ILE F 64 11.96 -59.71 -10.77
C ILE F 64 11.72 -58.79 -11.97
N VAL F 65 11.45 -57.51 -11.69
CA VAL F 65 11.28 -56.50 -12.73
C VAL F 65 11.93 -55.20 -12.25
N ARG F 66 12.07 -54.27 -13.19
CA ARG F 66 12.60 -52.96 -12.84
C ARG F 66 11.59 -52.17 -12.03
N ILE F 67 12.08 -51.17 -11.31
CA ILE F 67 11.22 -50.31 -10.49
C ILE F 67 10.65 -49.21 -11.36
N PHE F 68 9.33 -49.03 -11.30
CA PHE F 68 8.65 -48.05 -12.13
C PHE F 68 7.54 -47.39 -11.32
N MET F 69 7.42 -46.07 -11.47
CA MET F 69 6.41 -45.26 -10.81
C MET F 69 5.51 -44.62 -11.85
N ASP F 70 4.22 -44.57 -11.54
CA ASP F 70 3.22 -43.93 -12.39
C ASP F 70 2.57 -42.79 -11.62
N VAL F 71 2.53 -41.61 -12.23
CA VAL F 71 1.87 -40.45 -11.63
C VAL F 71 0.97 -39.83 -12.67
N ASP F 72 -0.34 -39.82 -12.40
CA ASP F 72 -1.33 -39.26 -13.31
C ASP F 72 -2.19 -38.28 -12.51
N LEU F 73 -1.86 -37.00 -12.62
CA LEU F 73 -2.53 -35.93 -11.90
C LEU F 73 -3.31 -35.06 -12.88
N ASP F 74 -4.60 -34.85 -12.61
CA ASP F 74 -5.45 -34.04 -13.45
C ASP F 74 -5.25 -32.56 -13.12
N ALA F 75 -4.05 -32.07 -13.47
CA ALA F 75 -3.69 -30.68 -13.26
C ALA F 75 -2.50 -30.36 -14.14
N CYS F 76 -2.66 -29.36 -15.01
CA CYS F 76 -1.62 -28.97 -15.96
C CYS F 76 -0.73 -27.92 -15.32
N LEU F 77 0.55 -28.24 -15.16
CA LEU F 77 1.52 -27.37 -14.52
C LEU F 77 2.64 -27.02 -15.49
N ASP F 78 3.32 -25.92 -15.20
CA ASP F 78 4.39 -25.42 -16.08
C ASP F 78 5.61 -26.33 -15.99
N GLU F 79 6.65 -25.96 -16.76
CA GLU F 79 7.85 -26.78 -16.84
C GLU F 79 8.68 -26.68 -15.56
N ILE F 80 8.70 -25.51 -14.92
CA ILE F 80 9.51 -25.33 -13.72
C ILE F 80 8.98 -26.18 -12.58
N ASP F 81 7.67 -26.11 -12.33
CA ASP F 81 7.06 -26.98 -11.33
C ASP F 81 7.23 -28.45 -11.71
N TYR F 82 7.09 -28.77 -12.99
CA TYR F 82 7.30 -30.14 -13.46
C TYR F 82 8.67 -30.65 -13.06
N LEU F 83 9.72 -29.88 -13.37
CA LEU F 83 11.08 -30.34 -13.12
C LEU F 83 11.39 -30.39 -11.63
N THR F 84 10.99 -29.36 -10.87
CA THR F 84 11.29 -29.38 -9.45
C THR F 84 10.55 -30.53 -8.77
N ALA F 85 9.31 -30.78 -9.18
CA ALA F 85 8.53 -31.87 -8.61
C ALA F 85 9.11 -33.22 -8.98
N ILE F 86 9.59 -33.39 -10.21
CA ILE F 86 10.13 -34.69 -10.59
C ILE F 86 11.44 -34.97 -9.85
N GLN F 87 12.32 -33.97 -9.74
CA GLN F 87 13.54 -34.17 -8.96
C GLN F 87 13.23 -34.45 -7.50
N ASP F 88 12.35 -33.67 -6.89
CA ASP F 88 12.02 -33.91 -5.49
C ASP F 88 11.41 -35.30 -5.32
N PHE F 89 10.48 -35.68 -6.20
CA PHE F 89 9.81 -36.96 -6.09
C PHE F 89 10.78 -38.12 -6.21
N ILE F 90 11.71 -38.04 -7.16
CA ILE F 90 12.70 -39.12 -7.24
C ILE F 90 13.55 -39.12 -5.99
N ILE F 91 13.80 -37.96 -5.38
CA ILE F 91 14.55 -37.92 -4.13
C ILE F 91 13.82 -38.69 -3.02
N GLU F 92 12.54 -38.38 -2.81
CA GLU F 92 11.85 -39.09 -1.72
C GLU F 92 11.59 -40.55 -2.04
N VAL F 93 11.34 -40.91 -3.29
CA VAL F 93 11.13 -42.33 -3.60
C VAL F 93 12.43 -43.10 -3.41
N SER F 94 13.57 -42.48 -3.73
CA SER F 94 14.86 -43.09 -3.45
C SER F 94 15.05 -43.27 -1.95
N ASN F 95 14.72 -42.23 -1.17
CA ASN F 95 14.85 -42.34 0.28
C ASN F 95 13.99 -43.47 0.82
N CYS F 96 12.75 -43.55 0.36
CA CYS F 96 11.83 -44.57 0.86
C CYS F 96 12.29 -45.98 0.48
N VAL F 97 12.68 -46.18 -0.78
CA VAL F 97 13.10 -47.52 -1.21
C VAL F 97 14.38 -47.93 -0.50
N ALA F 98 15.31 -46.99 -0.32
CA ALA F 98 16.53 -47.31 0.41
C ALA F 98 16.23 -47.64 1.86
N ARG F 99 15.34 -46.89 2.50
CA ARG F 99 14.98 -47.16 3.89
C ARG F 99 14.34 -48.53 4.03
N PHE F 100 13.43 -48.88 3.12
CA PHE F 100 12.79 -50.19 3.20
C PHE F 100 13.79 -51.31 2.94
N ALA F 101 14.66 -51.15 1.94
CA ALA F 101 15.64 -52.19 1.65
C ALA F 101 16.59 -52.39 2.81
N PHE F 102 17.02 -51.29 3.45
CA PHE F 102 17.87 -51.39 4.62
C PHE F 102 17.14 -52.03 5.79
N THR F 103 15.84 -51.73 5.94
CA THR F 103 15.07 -52.27 7.05
C THR F 103 14.85 -53.77 6.89
N GLU F 104 14.40 -54.20 5.71
CA GLU F 104 14.00 -55.59 5.49
C GLU F 104 14.87 -56.31 4.48
N CYS F 105 15.04 -55.76 3.28
CA CYS F 105 15.81 -56.44 2.25
C CYS F 105 17.30 -56.54 2.58
N GLY F 106 17.79 -55.75 3.54
CA GLY F 106 19.18 -55.80 3.91
C GLY F 106 20.13 -55.20 2.91
N ALA F 107 19.62 -54.49 1.90
CA ALA F 107 20.47 -53.89 0.89
C ALA F 107 21.06 -52.58 1.39
N ILE F 108 22.15 -52.16 0.75
CA ILE F 108 22.80 -50.91 1.09
C ILE F 108 21.99 -49.76 0.51
N HIS F 109 21.67 -48.77 1.35
CA HIS F 109 20.85 -47.65 0.90
C HIS F 109 21.54 -46.86 -0.20
N GLU F 110 22.84 -46.61 -0.05
CA GLU F 110 23.57 -45.84 -1.06
C GLU F 110 23.57 -46.55 -2.41
N ASN F 111 23.72 -47.87 -2.41
CA ASN F 111 23.79 -48.62 -3.66
C ASN F 111 22.50 -48.47 -4.45
N VAL F 112 21.35 -48.74 -3.81
CA VAL F 112 20.08 -48.64 -4.51
C VAL F 112 19.80 -47.18 -4.90
N ILE F 113 20.14 -46.23 -4.02
CA ILE F 113 19.89 -44.83 -4.31
C ILE F 113 20.64 -44.40 -5.56
N LYS F 114 21.94 -44.69 -5.62
CA LYS F 114 22.73 -44.29 -6.78
C LYS F 114 22.30 -45.05 -8.03
N SER F 115 21.95 -46.33 -7.88
CA SER F 115 21.55 -47.12 -9.05
C SER F 115 20.28 -46.57 -9.67
N MET F 116 19.30 -46.17 -8.86
CA MET F 116 18.06 -45.68 -9.43
C MET F 116 18.14 -44.21 -9.83
N ARG F 117 18.95 -43.40 -9.15
CA ARG F 117 19.08 -42.00 -9.52
C ARG F 117 19.92 -41.81 -10.78
N SER F 118 21.02 -42.56 -10.90
CA SER F 118 21.96 -42.32 -11.99
C SER F 118 21.47 -42.84 -13.33
N ASN F 119 20.48 -43.73 -13.34
CA ASN F 119 19.99 -44.30 -14.59
C ASN F 119 18.49 -44.47 -14.51
N PHE F 120 17.76 -43.72 -15.33
CA PHE F 120 16.31 -43.82 -15.38
C PHE F 120 15.82 -43.25 -16.70
N SER F 121 14.56 -43.53 -17.00
CA SER F 121 13.89 -43.06 -18.20
C SER F 121 12.50 -42.56 -17.86
N LEU F 122 11.96 -41.71 -18.72
CA LEU F 122 10.66 -41.06 -18.51
C LEU F 122 9.81 -41.19 -19.76
N THR F 123 8.52 -41.38 -19.56
CA THR F 123 7.54 -41.38 -20.64
C THR F 123 6.57 -40.21 -20.48
N LYS F 124 6.08 -39.71 -21.61
CA LYS F 124 5.15 -38.59 -21.64
C LYS F 124 3.87 -39.01 -22.34
N SER F 125 2.73 -38.66 -21.76
CA SER F 125 1.44 -38.96 -22.36
C SER F 125 0.99 -37.81 -23.25
N THR F 126 0.11 -38.12 -24.20
CA THR F 126 -0.43 -37.11 -25.09
C THR F 126 -1.60 -36.35 -24.50
N ASN F 127 -2.05 -36.71 -23.29
CA ASN F 127 -3.12 -35.99 -22.63
C ASN F 127 -2.53 -34.83 -21.83
N ARG F 128 -2.92 -33.60 -22.18
CA ARG F 128 -2.37 -32.42 -21.52
C ARG F 128 -3.20 -31.99 -20.31
N ASP F 129 -4.53 -32.13 -20.38
CA ASP F 129 -5.35 -31.79 -19.22
C ASP F 129 -5.06 -32.71 -18.04
N LYS F 130 -4.72 -33.97 -18.30
CA LYS F 130 -4.36 -34.93 -17.27
C LYS F 130 -2.90 -35.32 -17.48
N THR F 131 -2.03 -34.78 -16.65
CA THR F 131 -0.59 -35.06 -16.75
C THR F 131 -0.34 -36.49 -16.31
N SER F 132 -0.06 -37.37 -17.26
CA SER F 132 0.21 -38.78 -17.01
C SER F 132 1.66 -39.04 -17.38
N PHE F 133 2.43 -39.57 -16.43
CA PHE F 133 3.85 -39.82 -16.63
C PHE F 133 4.28 -41.10 -15.93
N HIS F 134 5.29 -41.74 -16.48
CA HIS F 134 5.87 -42.94 -15.91
C HIS F 134 7.38 -42.80 -15.88
N ILE F 135 7.99 -43.14 -14.75
CA ILE F 135 9.43 -43.06 -14.56
C ILE F 135 9.94 -44.44 -14.19
N ILE F 136 10.91 -44.93 -14.95
CA ILE F 136 11.42 -46.29 -14.79
C ILE F 136 12.92 -46.22 -14.51
N PHE F 137 13.33 -46.76 -13.37
CA PHE F 137 14.75 -46.75 -12.98
C PHE F 137 15.39 -48.05 -13.44
N LEU F 138 16.36 -47.94 -14.34
CA LEU F 138 16.87 -49.10 -15.05
C LEU F 138 17.80 -49.95 -14.19
N ASP F 139 18.72 -49.33 -13.44
CA ASP F 139 19.76 -50.06 -12.74
C ASP F 139 19.29 -50.61 -11.40
N THR F 140 17.99 -50.71 -11.15
CA THR F 140 17.47 -51.26 -9.91
C THR F 140 16.55 -52.43 -10.23
N TYR F 141 16.77 -53.55 -9.54
CA TYR F 141 15.99 -54.76 -9.77
C TYR F 141 15.62 -55.37 -8.43
N THR F 142 14.40 -55.91 -8.35
CA THR F 142 13.93 -56.58 -7.14
C THR F 142 12.71 -57.42 -7.51
N THR F 143 12.33 -58.28 -6.58
CA THR F 143 11.19 -59.16 -6.80
C THR F 143 9.88 -58.39 -6.60
N MET F 144 8.80 -58.98 -7.12
CA MET F 144 7.51 -58.28 -7.13
C MET F 144 6.88 -58.24 -5.74
N ASP F 145 7.09 -59.28 -4.93
CA ASP F 145 6.59 -59.26 -3.56
C ASP F 145 7.22 -58.10 -2.79
N THR F 146 8.46 -57.74 -3.14
CA THR F 146 9.05 -56.54 -2.56
C THR F 146 8.27 -55.29 -2.95
N LEU F 147 7.79 -55.22 -4.19
CA LEU F 147 6.94 -54.10 -4.60
C LEU F 147 5.66 -54.08 -3.77
N ILE F 148 5.04 -55.25 -3.59
CA ILE F 148 3.80 -55.31 -2.84
C ILE F 148 4.01 -54.87 -1.39
N ALA F 149 5.11 -55.32 -0.78
CA ALA F 149 5.44 -54.86 0.58
C ALA F 149 5.75 -53.37 0.59
N MET F 150 6.39 -52.87 -0.47
CA MET F 150 6.69 -51.45 -0.57
C MET F 150 5.42 -50.61 -0.60
N LYS F 151 4.37 -51.12 -1.23
CA LYS F 151 3.13 -50.37 -1.40
C LYS F 151 2.69 -49.67 -0.12
N ARG F 152 2.85 -50.34 1.03
CA ARG F 152 2.54 -49.71 2.31
C ARG F 152 3.33 -48.41 2.49
N THR F 153 4.65 -48.51 2.54
CA THR F 153 5.50 -47.34 2.74
C THR F 153 5.30 -46.30 1.65
N LEU F 154 4.98 -46.73 0.44
CA LEU F 154 4.65 -45.80 -0.62
C LEU F 154 3.40 -45.00 -0.28
N LEU F 155 2.39 -45.66 0.30
CA LEU F 155 1.19 -44.93 0.70
C LEU F 155 1.50 -43.94 1.80
N GLU F 156 2.30 -44.35 2.80
CA GLU F 156 2.64 -43.39 3.86
C GLU F 156 3.44 -42.21 3.30
N LEU F 157 4.37 -42.47 2.39
CA LEU F 157 5.14 -41.37 1.79
C LEU F 157 4.24 -40.46 0.98
N SER F 158 3.25 -41.03 0.28
CA SER F 158 2.29 -40.21 -0.44
C SER F 158 1.51 -39.33 0.50
N ARG F 159 1.11 -39.87 1.66
CA ARG F 159 0.29 -39.09 2.59
C ARG F 159 1.12 -38.05 3.32
N SER F 160 2.41 -38.27 3.50
CA SER F 160 3.22 -37.38 4.35
C SER F 160 3.90 -36.27 3.56
N SER F 161 4.44 -36.58 2.39
CA SER F 161 5.22 -35.61 1.64
C SER F 161 4.35 -34.44 1.18
N GLU F 162 4.98 -33.27 1.09
CA GLU F 162 4.31 -32.05 0.65
C GLU F 162 4.33 -31.89 -0.86
N ASN F 163 5.10 -32.70 -1.57
CA ASN F 163 5.19 -32.57 -3.02
C ASN F 163 3.84 -32.93 -3.64
N PRO F 164 3.28 -32.09 -4.51
CA PRO F 164 1.98 -32.42 -5.12
C PRO F 164 2.00 -33.71 -5.92
N LEU F 165 3.11 -34.01 -6.61
CA LEU F 165 3.18 -35.25 -7.39
C LEU F 165 3.11 -36.47 -6.48
N THR F 166 3.56 -36.33 -5.24
CA THR F 166 3.57 -37.49 -4.33
C THR F 166 2.14 -37.95 -4.02
N ARG F 167 1.16 -37.06 -4.10
CA ARG F 167 -0.23 -37.48 -3.95
C ARG F 167 -0.66 -38.42 -5.07
N SER F 168 -0.25 -38.13 -6.30
CA SER F 168 -0.85 -38.72 -7.48
C SER F 168 -0.14 -39.99 -7.94
N ILE F 169 0.42 -40.75 -7.00
CA ILE F 169 1.01 -42.04 -7.34
C ILE F 169 -0.09 -43.11 -7.33
N ASP F 170 -0.11 -43.94 -8.36
CA ASP F 170 -1.13 -44.98 -8.50
C ASP F 170 -0.63 -46.24 -7.83
N THR F 171 -0.94 -46.37 -6.54
CA THR F 171 -0.55 -47.57 -5.80
C THR F 171 -1.43 -48.77 -6.12
N ALA F 172 -2.61 -48.56 -6.70
CA ALA F 172 -3.48 -49.68 -7.03
C ALA F 172 -2.92 -50.54 -8.16
N VAL F 173 -1.90 -50.06 -8.88
CA VAL F 173 -1.28 -50.86 -9.92
C VAL F 173 -0.56 -52.06 -9.34
N TYR F 174 -0.28 -52.04 -8.04
CA TYR F 174 0.49 -53.10 -7.37
C TYR F 174 -0.47 -54.26 -7.13
N ARG F 175 -0.60 -55.13 -8.13
CA ARG F 175 -1.61 -56.17 -8.09
C ARG F 175 -1.13 -57.36 -8.91
N ARG F 176 -1.76 -58.51 -8.67
CA ARG F 176 -1.41 -59.72 -9.39
C ARG F 176 -1.56 -59.51 -10.88
N LYS F 177 -0.55 -59.93 -11.64
CA LYS F 177 -0.48 -59.73 -13.09
C LYS F 177 -0.61 -58.25 -13.43
N THR F 178 0.37 -57.48 -12.94
CA THR F 178 0.37 -56.04 -13.14
C THR F 178 0.47 -55.70 -14.62
N THR F 179 -0.39 -54.79 -15.07
CA THR F 179 -0.49 -54.40 -16.47
C THR F 179 -0.28 -52.90 -16.59
N LEU F 180 0.49 -52.48 -17.58
CA LEU F 180 0.73 -51.06 -17.84
C LEU F 180 0.79 -50.83 -19.33
N ARG F 181 0.38 -49.62 -19.74
CA ARG F 181 0.41 -49.25 -21.15
C ARG F 181 1.85 -49.17 -21.64
N VAL F 182 2.10 -49.77 -22.79
CA VAL F 182 3.44 -49.77 -23.37
C VAL F 182 3.67 -48.46 -24.11
N VAL F 183 4.92 -47.99 -24.11
CA VAL F 183 5.25 -46.75 -24.79
C VAL F 183 4.95 -46.86 -26.28
N GLY F 184 4.34 -45.82 -26.84
CA GLY F 184 3.96 -45.83 -28.24
C GLY F 184 2.65 -46.50 -28.53
N THR F 185 1.90 -46.91 -27.51
CA THR F 185 0.66 -47.66 -27.68
C THR F 185 -0.49 -46.89 -27.05
N ARG F 186 -1.65 -46.91 -27.72
CA ARG F 186 -2.83 -46.26 -27.21
C ARG F 186 -3.37 -46.98 -25.98
N LYS F 187 -3.95 -46.20 -25.06
CA LYS F 187 -4.54 -46.78 -23.85
C LYS F 187 -5.73 -47.65 -24.19
N ASN F 188 -6.65 -47.13 -25.00
CA ASN F 188 -7.87 -47.83 -25.39
C ASN F 188 -8.05 -47.72 -26.88
N PRO F 189 -8.72 -48.69 -27.51
CA PRO F 189 -8.95 -48.60 -28.96
C PRO F 189 -9.68 -47.34 -29.39
N ASN F 190 -10.57 -46.83 -28.56
CA ASN F 190 -11.32 -45.61 -28.86
C ASN F 190 -10.67 -44.36 -28.27
N CYS F 191 -9.52 -44.49 -27.63
CA CYS F 191 -8.87 -43.38 -26.95
C CYS F 191 -7.52 -43.11 -27.61
N ASP F 192 -7.12 -41.84 -27.64
CA ASP F 192 -5.89 -41.42 -28.32
C ASP F 192 -4.79 -40.99 -27.35
N THR F 193 -4.95 -41.23 -26.05
CA THR F 193 -3.89 -40.93 -25.09
C THR F 193 -2.79 -41.98 -25.22
N ILE F 194 -1.63 -41.58 -25.72
CA ILE F 194 -0.53 -42.49 -26.03
C ILE F 194 0.73 -41.99 -25.34
N HIS F 195 1.51 -42.93 -24.81
CA HIS F 195 2.79 -42.61 -24.17
C HIS F 195 3.89 -42.72 -25.22
N VAL F 196 4.63 -41.63 -25.44
CA VAL F 196 5.56 -41.55 -26.55
C VAL F 196 6.99 -41.54 -26.03
N MET F 197 7.93 -41.60 -26.96
CA MET F 197 9.35 -41.61 -26.65
C MET F 197 9.78 -40.26 -26.09
N GLN F 198 10.78 -40.30 -25.21
CA GLN F 198 11.33 -39.10 -24.62
C GLN F 198 12.85 -39.14 -24.62
N PRO F 199 13.49 -38.00 -24.82
CA PRO F 199 14.96 -37.94 -24.75
C PRO F 199 15.42 -38.00 -23.31
N PRO F 200 16.70 -38.36 -23.06
CA PRO F 200 17.69 -38.74 -24.06
C PRO F 200 17.69 -40.23 -24.37
N HIS F 201 16.82 -40.98 -23.70
CA HIS F 201 16.78 -42.43 -23.86
C HIS F 201 15.98 -42.77 -25.13
N ASP F 202 16.70 -43.21 -26.17
CA ASP F 202 16.06 -43.57 -27.43
C ASP F 202 15.81 -45.07 -27.55
N ASN F 203 16.13 -45.86 -26.53
CA ASN F 203 15.92 -47.30 -26.56
C ASN F 203 14.60 -47.64 -25.87
N ILE F 204 13.78 -48.45 -26.54
CA ILE F 204 12.52 -48.87 -25.95
C ILE F 204 12.76 -49.79 -24.76
N GLU F 205 13.90 -50.49 -24.74
CA GLU F 205 14.23 -51.35 -23.61
C GLU F 205 14.39 -50.57 -22.32
N ASP F 206 14.65 -49.26 -22.41
CA ASP F 206 14.74 -48.41 -21.23
C ASP F 206 13.37 -48.04 -20.67
N TYR F 207 12.29 -48.41 -21.37
CA TYR F 207 10.95 -48.10 -20.92
C TYR F 207 10.14 -49.34 -20.60
N LEU F 208 10.80 -50.48 -20.45
CA LEU F 208 10.15 -51.75 -20.12
C LEU F 208 10.71 -52.23 -18.79
N PHE F 209 9.87 -52.23 -17.75
CA PHE F 209 10.33 -52.70 -16.45
C PHE F 209 10.61 -54.20 -16.45
N THR F 210 9.92 -54.95 -17.32
CA THR F 210 10.14 -56.39 -17.40
C THR F 210 11.53 -56.73 -17.92
N TYR F 211 12.16 -55.83 -18.67
CA TYR F 211 13.51 -56.07 -19.15
C TYR F 211 14.49 -56.03 -17.97
N VAL F 212 15.32 -57.06 -17.86
CA VAL F 212 16.27 -57.19 -16.77
C VAL F 212 17.67 -57.20 -17.37
N ASP F 213 18.51 -56.28 -16.92
CA ASP F 213 19.90 -56.17 -17.37
C ASP F 213 20.75 -55.79 -16.15
N MET F 214 21.29 -56.81 -15.48
CA MET F 214 22.12 -56.60 -14.30
C MET F 214 23.58 -56.49 -14.73
N ASN F 215 24.09 -55.26 -14.75
CA ASN F 215 25.48 -54.98 -15.04
C ASN F 215 26.20 -54.62 -13.73
N ASN F 216 27.45 -54.19 -13.85
CA ASN F 216 28.22 -53.81 -12.66
C ASN F 216 27.55 -52.65 -11.93
N ASN F 217 27.06 -51.66 -12.68
CA ASN F 217 26.36 -50.53 -12.05
C ASN F 217 24.98 -50.93 -11.53
N SER F 218 24.35 -51.93 -12.12
CA SER F 218 23.03 -52.36 -11.67
C SER F 218 23.11 -53.00 -10.29
N TYR F 219 22.08 -52.79 -9.49
CA TYR F 219 21.97 -53.39 -8.17
C TYR F 219 20.66 -54.17 -8.06
N TYR F 220 20.72 -55.32 -7.40
CA TYR F 220 19.55 -56.14 -7.15
C TYR F 220 19.42 -56.39 -5.66
N PHE F 221 18.18 -56.47 -5.20
CA PHE F 221 17.90 -56.76 -3.80
C PHE F 221 16.57 -57.50 -3.71
N SER F 222 16.35 -58.15 -2.58
CA SER F 222 15.12 -58.88 -2.34
C SER F 222 14.89 -59.01 -0.85
N LEU F 223 13.64 -59.30 -0.49
CA LEU F 223 13.29 -59.50 0.90
C LEU F 223 14.00 -60.74 1.45
N GLN F 224 14.38 -60.68 2.72
CA GLN F 224 15.02 -61.84 3.34
C GLN F 224 14.07 -63.03 3.39
N ARG F 225 12.78 -62.70 3.53
CA ARG F 225 11.72 -63.73 3.58
C ARG F 225 10.65 -63.34 2.58
N ARG F 226 10.00 -64.32 1.95
CA ARG F 226 8.93 -64.03 1.02
C ARG F 226 7.67 -63.61 1.75
N TRP F 236 0.65 -49.78 18.93
CA TRP F 236 0.91 -48.38 18.61
C TRP F 236 1.97 -48.30 17.53
N GLU F 237 1.70 -47.53 16.49
CA GLU F 237 2.69 -47.27 15.45
C GLU F 237 3.18 -45.84 15.60
N PRO F 238 4.44 -45.61 15.96
CA PRO F 238 4.96 -44.25 16.16
C PRO F 238 5.39 -43.56 14.87
N GLY F 239 4.57 -43.68 13.83
CA GLY F 239 4.85 -43.05 12.57
C GLY F 239 4.42 -41.60 12.46
N PHE F 240 3.63 -41.12 13.43
CA PHE F 240 3.11 -39.76 13.41
C PHE F 240 3.64 -38.91 14.56
N ILE F 241 3.42 -39.31 15.81
CA ILE F 241 3.91 -38.61 16.98
C ILE F 241 4.31 -39.64 18.04
N SER F 242 4.96 -39.16 19.09
CA SER F 242 5.44 -40.03 20.15
C SER F 242 4.30 -40.47 21.06
N PHE F 243 4.47 -41.63 21.67
CA PHE F 243 3.44 -42.18 22.56
C PHE F 243 3.25 -41.33 23.81
N GLU F 244 4.36 -40.81 24.37
CA GLU F 244 4.25 -39.96 25.55
C GLU F 244 3.46 -38.70 25.26
N ASP F 245 3.56 -38.17 24.03
CA ASP F 245 2.75 -37.02 23.67
C ASP F 245 1.27 -37.35 23.71
N ALA F 246 0.89 -38.52 23.19
CA ALA F 246 -0.50 -38.94 23.26
C ALA F 246 -0.94 -39.11 24.71
N ILE F 247 -0.09 -39.69 25.54
CA ILE F 247 -0.43 -39.92 26.94
C ILE F 247 -0.65 -38.59 27.66
N LYS F 248 0.25 -37.63 27.42
CA LYS F 248 0.09 -36.33 28.09
C LYS F 248 -1.11 -35.56 27.55
N ARG F 249 -1.43 -35.73 26.26
CA ARG F 249 -2.66 -35.11 25.75
C ARG F 249 -3.88 -35.70 26.42
N VAL F 250 -3.90 -37.03 26.60
CA VAL F 250 -5.02 -37.67 27.29
C VAL F 250 -5.11 -37.16 28.73
N SER F 251 -3.96 -37.03 29.40
CA SER F 251 -3.95 -36.52 30.77
C SER F 251 -4.47 -35.09 30.83
N LYS F 252 -4.09 -34.26 29.87
CA LYS F 252 -4.56 -32.88 29.84
C LYS F 252 -6.06 -32.82 29.62
N ILE F 253 -6.58 -33.69 28.75
CA ILE F 253 -8.01 -33.67 28.45
C ILE F 253 -8.83 -33.99 29.70
N PHE F 254 -8.37 -34.97 30.48
CA PHE F 254 -9.02 -35.29 31.74
C PHE F 254 -8.71 -34.21 32.77
N ILE F 255 -9.75 -33.54 33.27
CA ILE F 255 -9.56 -32.57 34.33
C ILE F 255 -9.05 -33.25 35.60
N ASN F 256 -9.67 -34.37 35.96
CA ASN F 256 -9.22 -35.12 37.11
C ASN F 256 -7.89 -35.81 36.83
N SER F 257 -7.15 -36.10 37.89
CA SER F 257 -5.85 -36.73 37.76
C SER F 257 -6.00 -38.16 37.23
N ILE F 258 -4.91 -38.67 36.68
CA ILE F 258 -4.85 -40.02 36.14
C ILE F 258 -3.98 -40.87 37.05
N ILE F 259 -4.54 -41.97 37.55
CA ILE F 259 -3.84 -42.77 38.55
C ILE F 259 -2.87 -43.73 37.89
N ASN F 260 -3.32 -44.46 36.88
CA ASN F 260 -2.53 -45.52 36.24
C ASN F 260 -1.85 -45.04 34.96
N PHE F 261 -1.44 -43.77 34.93
CA PHE F 261 -0.75 -43.25 33.74
C PHE F 261 0.58 -43.93 33.53
N ASN F 262 1.32 -44.21 34.61
CA ASN F 262 2.59 -44.90 34.48
C ASN F 262 2.43 -46.33 33.99
N ASP F 263 1.32 -46.99 34.37
CA ASP F 263 1.10 -48.37 33.98
C ASP F 263 0.94 -48.52 32.47
N LEU F 264 0.59 -47.46 31.76
CA LEU F 264 0.37 -47.53 30.33
C LEU F 264 1.70 -47.55 29.59
N ASP F 265 1.85 -48.48 28.66
CA ASP F 265 3.05 -48.56 27.83
C ASP F 265 2.65 -48.62 26.35
N GLU F 266 3.62 -48.89 25.48
CA GLU F 266 3.35 -48.90 24.05
C GLU F 266 2.34 -49.98 23.67
N ASN F 267 2.28 -51.08 24.43
CA ASN F 267 1.51 -52.25 24.02
C ASN F 267 0.48 -52.66 25.06
N ASN F 268 -0.08 -51.70 25.80
CA ASN F 268 -1.16 -52.02 26.73
C ASN F 268 -2.28 -50.98 26.75
N PHE F 269 -2.16 -49.89 25.99
CA PHE F 269 -3.12 -48.79 26.12
C PHE F 269 -4.51 -49.19 25.64
N THR F 270 -4.61 -50.13 24.70
CA THR F 270 -5.92 -50.61 24.28
C THR F 270 -6.52 -51.62 25.26
N THR F 271 -5.75 -52.08 26.23
CA THR F 271 -6.19 -53.11 27.17
C THR F 271 -6.31 -52.63 28.59
N VAL F 272 -5.38 -51.83 29.07
CA VAL F 272 -5.39 -51.39 30.47
C VAL F 272 -6.49 -50.36 30.69
N PRO F 273 -7.45 -50.63 31.57
CA PRO F 273 -8.46 -49.62 31.87
C PRO F 273 -7.86 -48.44 32.61
N LEU F 274 -8.50 -47.29 32.46
CA LEU F 274 -8.02 -46.04 33.04
C LEU F 274 -8.73 -45.78 34.35
N VAL F 275 -7.93 -45.36 35.33
CA VAL F 275 -8.50 -44.97 36.65
C VAL F 275 -8.29 -43.47 36.84
N ILE F 276 -9.37 -42.71 37.02
CA ILE F 276 -9.28 -41.23 37.14
C ILE F 276 -9.18 -40.84 38.61
N ASP F 277 -9.11 -39.53 38.89
CA ASP F 277 -9.14 -39.08 40.31
C ASP F 277 -10.48 -38.40 40.55
N TYR F 278 -11.45 -38.59 39.65
CA TYR F 278 -12.82 -38.01 39.77
C TYR F 278 -12.77 -36.48 39.80
N VAL F 279 -12.14 -35.88 40.81
CA VAL F 279 -12.11 -34.39 40.96
C VAL F 279 -13.53 -33.86 40.66
N CYS F 282 -16.08 -36.46 36.17
CA CYS F 282 -15.48 -36.66 34.84
C CYS F 282 -15.84 -35.46 33.97
N ALA F 283 -14.84 -34.85 33.34
CA ALA F 283 -15.14 -33.63 32.55
C ALA F 283 -16.08 -34.01 31.42
N LEU F 284 -15.70 -34.99 30.60
CA LEU F 284 -16.50 -35.37 29.41
C LEU F 284 -18.01 -35.36 29.70
N CYS F 285 -18.43 -35.59 30.95
CA CYS F 285 -19.84 -35.68 31.28
C CYS F 285 -20.29 -34.77 32.42
N LYS F 286 -19.35 -34.08 33.09
CA LYS F 286 -19.63 -33.19 34.20
C LYS F 286 -20.27 -33.89 35.40
N LYS F 287 -20.29 -35.22 35.40
CA LYS F 287 -20.86 -35.96 36.51
C LYS F 287 -19.86 -36.09 37.65
N ARG F 288 -20.38 -36.23 38.87
CA ARG F 288 -19.52 -36.28 40.05
C ARG F 288 -18.59 -37.48 40.01
N SER F 289 -19.12 -38.65 39.65
CA SER F 289 -18.33 -39.86 39.61
C SER F 289 -18.97 -40.84 38.64
N HIS F 290 -18.16 -41.81 38.20
CA HIS F 290 -18.66 -42.83 37.24
C HIS F 290 -18.42 -44.22 37.84
N LYS F 291 -19.41 -45.10 37.71
CA LYS F 291 -19.34 -46.46 38.26
C LYS F 291 -18.34 -47.33 37.53
N HIS F 292 -18.00 -47.01 36.29
CA HIS F 292 -17.14 -47.85 35.47
C HIS F 292 -15.99 -47.02 34.92
N PRO F 293 -14.83 -47.64 34.71
CA PRO F 293 -13.66 -46.90 34.22
C PRO F 293 -13.73 -46.63 32.72
N HIS F 294 -12.91 -45.67 32.30
CA HIS F 294 -12.76 -45.33 30.89
C HIS F 294 -11.75 -46.25 30.22
N GLN F 295 -11.72 -46.20 28.89
CA GLN F 295 -10.77 -47.01 28.13
C GLN F 295 -10.44 -46.30 26.83
N LEU F 296 -9.28 -46.65 26.28
CA LEU F 296 -8.72 -46.05 25.07
C LEU F 296 -8.76 -47.07 23.94
N SER F 297 -9.06 -46.60 22.73
CA SER F 297 -9.00 -47.43 21.55
C SER F 297 -8.32 -46.68 20.42
N LEU F 298 -7.48 -47.38 19.66
CA LEU F 298 -6.80 -46.77 18.53
C LEU F 298 -7.56 -47.13 17.26
N GLU F 299 -8.03 -46.11 16.54
CA GLU F 299 -8.82 -46.31 15.33
C GLU F 299 -8.40 -45.28 14.29
N ASN F 300 -7.95 -45.79 13.14
CA ASN F 300 -7.52 -45.00 11.98
C ASN F 300 -6.80 -43.70 12.40
N GLY F 301 -5.73 -43.89 13.16
CA GLY F 301 -4.93 -42.76 13.60
C GLY F 301 -5.62 -41.82 14.56
N ALA F 302 -6.38 -42.37 15.51
CA ALA F 302 -7.06 -41.54 16.51
C ALA F 302 -7.20 -42.36 17.78
N ILE F 303 -7.15 -41.67 18.92
CA ILE F 303 -7.36 -42.29 20.22
C ILE F 303 -8.75 -41.90 20.69
N ARG F 304 -9.63 -42.89 20.84
CA ARG F 304 -11.00 -42.65 21.24
C ARG F 304 -11.18 -43.16 22.66
N ILE F 305 -11.71 -42.29 23.52
CA ILE F 305 -11.86 -42.54 24.95
C ILE F 305 -13.34 -42.75 25.21
N TYR F 306 -13.67 -43.93 25.75
CA TYR F 306 -15.07 -44.25 26.05
C TYR F 306 -15.16 -44.96 27.38
N LYS F 307 -16.21 -44.65 28.14
CA LYS F 307 -16.42 -45.27 29.43
C LYS F 307 -17.08 -46.63 29.27
N THR F 308 -16.59 -47.60 30.04
CA THR F 308 -17.09 -48.97 29.94
C THR F 308 -18.49 -49.07 30.57
N GLY F 309 -19.00 -50.29 30.62
CA GLY F 309 -20.34 -50.52 31.14
C GLY F 309 -21.39 -50.05 30.17
N ASN F 310 -22.07 -48.94 30.50
CA ASN F 310 -23.03 -48.33 29.60
C ASN F 310 -22.41 -47.09 28.99
N PRO F 311 -22.01 -47.12 27.71
CA PRO F 311 -21.29 -45.97 27.14
C PRO F 311 -22.10 -44.69 27.09
N HIS F 312 -23.44 -44.78 27.10
CA HIS F 312 -24.26 -43.59 27.00
C HIS F 312 -24.11 -42.66 28.20
N SER F 313 -23.62 -43.19 29.33
CA SER F 313 -23.52 -42.37 30.54
C SER F 313 -22.48 -41.25 30.37
N CYS F 314 -21.35 -41.55 29.76
CA CYS F 314 -20.26 -40.61 29.61
C CYS F 314 -19.94 -40.42 28.13
N LYS F 315 -19.72 -39.18 27.73
CA LYS F 315 -19.50 -38.86 26.33
C LYS F 315 -18.19 -39.47 25.83
N VAL F 316 -18.18 -39.80 24.54
CA VAL F 316 -17.01 -40.37 23.89
C VAL F 316 -16.13 -39.23 23.36
N LYS F 317 -14.85 -39.29 23.66
CA LYS F 317 -13.90 -38.27 23.23
C LYS F 317 -13.01 -38.82 22.11
N ILE F 318 -12.64 -37.95 21.19
CA ILE F 318 -11.78 -38.29 20.06
C ILE F 318 -10.54 -37.43 20.11
N VAL F 319 -9.37 -38.04 19.93
CA VAL F 319 -8.09 -37.35 19.92
C VAL F 319 -7.41 -37.66 18.60
N PRO F 320 -7.00 -36.66 17.82
CA PRO F 320 -6.27 -36.92 16.58
C PRO F 320 -4.80 -37.18 16.86
N LEU F 321 -4.27 -38.22 16.23
CA LEU F 321 -2.88 -38.64 16.46
C LEU F 321 -1.97 -38.37 15.27
N ASP F 322 -2.46 -38.58 14.06
CA ASP F 322 -1.67 -38.29 12.88
C ASP F 322 -1.33 -36.81 12.82
N GLY F 323 -0.06 -36.51 12.57
CA GLY F 323 0.38 -35.13 12.55
C GLY F 323 1.43 -34.83 11.50
N ASN F 324 1.24 -33.75 10.75
CA ASN F 324 2.25 -33.30 9.82
C ASN F 324 3.52 -32.97 10.59
N LYS F 325 4.65 -33.50 10.12
CA LYS F 325 5.91 -33.34 10.86
C LYS F 325 6.29 -31.86 10.92
N LEU F 326 6.05 -31.13 9.83
CA LEU F 326 6.32 -29.70 9.80
C LEU F 326 5.47 -28.92 10.78
N PHE F 327 4.40 -29.53 11.32
CA PHE F 327 3.59 -28.93 12.36
C PHE F 327 4.09 -29.30 13.76
N ASN F 328 4.54 -30.54 13.96
CA ASN F 328 5.15 -30.88 15.23
C ASN F 328 6.40 -30.06 15.47
N ILE F 329 7.17 -29.77 14.43
CA ILE F 329 8.35 -28.93 14.60
C ILE F 329 7.94 -27.54 15.08
N ALA F 330 6.89 -26.97 14.47
CA ALA F 330 6.44 -25.65 14.89
C ALA F 330 5.93 -25.68 16.32
N GLN F 331 5.23 -26.74 16.70
CA GLN F 331 4.76 -26.86 18.08
C GLN F 331 5.92 -26.90 19.05
N ARG F 332 6.96 -27.67 18.72
CA ARG F 332 8.13 -27.74 19.59
C ARG F 332 8.81 -26.38 19.70
N ILE F 333 8.89 -25.64 18.59
CA ILE F 333 9.54 -24.34 18.63
C ILE F 333 8.74 -23.36 19.50
N LEU F 334 7.42 -23.36 19.37
CA LEU F 334 6.62 -22.48 20.22
C LEU F 334 6.62 -22.92 21.67
N ASP F 335 6.91 -24.19 21.95
CA ASP F 335 6.98 -24.62 23.34
C ASP F 335 8.09 -23.89 24.10
N THR F 336 9.20 -23.57 23.42
CA THR F 336 10.31 -22.89 24.06
C THR F 336 10.05 -21.41 24.29
N ASN F 337 8.97 -20.86 23.74
CA ASN F 337 8.67 -19.42 23.84
C ASN F 337 9.81 -18.58 23.29
N SER F 338 10.41 -19.04 22.20
CA SER F 338 11.51 -18.32 21.59
C SER F 338 11.06 -17.19 20.69
N VAL F 339 9.79 -17.16 20.28
CA VAL F 339 9.25 -16.13 19.41
C VAL F 339 7.98 -15.60 20.02
N LEU F 340 7.78 -14.29 19.94
CA LEU F 340 6.64 -13.64 20.57
C LEU F 340 6.06 -12.59 19.63
N LEU F 341 4.81 -12.27 19.85
CA LEU F 341 4.08 -11.26 19.09
C LEU F 341 3.85 -10.04 19.97
N THR F 342 4.15 -8.85 19.45
CA THR F 342 3.98 -7.61 20.17
C THR F 342 2.68 -6.94 19.77
N GLU F 343 2.24 -5.99 20.60
CA GLU F 343 1.02 -5.25 20.33
C GLU F 343 1.12 -4.36 19.10
N ARG F 344 2.33 -4.16 18.57
CA ARG F 344 2.53 -3.38 17.37
C ARG F 344 2.41 -4.20 16.10
N GLY F 345 2.08 -5.49 16.22
CA GLY F 345 1.97 -6.34 15.06
C GLY F 345 3.27 -6.90 14.53
N ASP F 346 4.34 -6.84 15.32
CA ASP F 346 5.64 -7.32 14.92
C ASP F 346 6.06 -8.49 15.81
N HIS F 347 6.97 -9.29 15.28
CA HIS F 347 7.38 -10.50 16.02
C HIS F 347 8.82 -10.35 16.49
N ILE F 348 9.09 -10.70 17.72
CA ILE F 348 10.41 -10.60 18.35
C ILE F 348 10.91 -12.00 18.63
N VAL F 349 12.13 -12.30 18.19
CA VAL F 349 12.70 -13.63 18.31
C VAL F 349 13.86 -13.59 19.28
N TRP F 350 14.26 -14.77 19.75
CA TRP F 350 15.30 -14.92 20.76
C TRP F 350 16.50 -15.59 20.10
N ILE F 351 17.38 -14.77 19.52
CA ILE F 351 18.56 -15.26 18.83
C ILE F 351 19.79 -14.68 19.51
N ASN F 352 20.77 -15.54 19.79
CA ASN F 352 22.04 -15.12 20.38
C ASN F 352 21.83 -14.36 21.68
N ASN F 353 20.90 -14.85 22.49
CA ASN F 353 20.62 -14.28 23.81
C ASN F 353 20.30 -12.79 23.73
N SER F 354 19.34 -12.46 22.85
CA SER F 354 18.91 -11.07 22.67
C SER F 354 17.59 -11.07 21.93
N TRP F 355 16.61 -10.35 22.46
CA TRP F 355 15.29 -10.26 21.84
C TRP F 355 15.38 -9.33 20.65
N LYS F 356 15.76 -9.88 19.50
CA LYS F 356 15.88 -9.09 18.29
C LYS F 356 14.49 -8.69 17.79
N PHE F 357 14.45 -7.97 16.68
CA PHE F 357 13.20 -7.42 16.17
C PHE F 357 13.08 -7.72 14.69
N ASN F 358 11.94 -8.28 14.29
CA ASN F 358 11.73 -8.64 12.89
C ASN F 358 11.74 -7.39 12.00
N SER F 359 10.99 -6.37 12.40
CA SER F 359 10.88 -5.12 11.65
C SER F 359 10.47 -5.37 10.20
N GLU F 360 11.44 -5.38 9.30
CA GLU F 360 11.19 -5.66 7.89
C GLU F 360 12.02 -6.81 7.34
N GLU F 361 13.08 -7.22 8.03
CA GLU F 361 13.88 -8.36 7.60
C GLU F 361 13.44 -9.58 8.39
N PRO F 362 12.82 -10.58 7.75
CA PRO F 362 12.32 -11.73 8.51
C PRO F 362 13.42 -12.44 9.28
N LEU F 363 13.09 -12.85 10.50
CA LEU F 363 14.05 -13.47 11.40
C LEU F 363 13.65 -14.87 11.86
N ILE F 364 12.37 -15.25 11.71
CA ILE F 364 11.93 -16.53 12.22
C ILE F 364 12.70 -17.68 11.59
N THR F 365 13.07 -17.56 10.32
CA THR F 365 13.86 -18.58 9.66
C THR F 365 15.25 -18.72 10.29
N LYS F 366 15.89 -17.60 10.64
CA LYS F 366 17.17 -17.68 11.32
C LYS F 366 17.03 -18.33 12.69
N LEU F 367 15.93 -18.05 13.39
CA LEU F 367 15.66 -18.75 14.64
C LEU F 367 15.51 -20.24 14.39
N ILE F 368 14.87 -20.63 13.29
CA ILE F 368 14.70 -22.04 12.99
C ILE F 368 16.05 -22.72 12.76
N LEU F 369 16.93 -22.08 11.98
CA LEU F 369 18.28 -22.61 11.84
C LEU F 369 18.96 -22.75 13.20
N SER F 370 18.94 -21.69 14.00
CA SER F 370 19.68 -21.72 15.26
C SER F 370 19.14 -22.76 16.22
N ILE F 371 17.84 -23.05 16.14
CA ILE F 371 17.23 -23.98 17.09
C ILE F 371 17.15 -25.41 16.57
N ARG F 372 17.50 -25.65 15.30
CA ARG F 372 17.46 -27.02 14.80
C ARG F 372 18.37 -27.97 15.57
N HIS F 373 19.37 -27.46 16.28
CA HIS F 373 20.28 -28.34 17.01
C HIS F 373 19.67 -28.88 18.30
N GLN F 374 18.86 -28.07 18.98
CA GLN F 374 18.28 -28.44 20.26
C GLN F 374 17.04 -29.29 20.11
N LEU F 375 16.91 -29.98 18.99
CA LEU F 375 15.69 -30.63 18.56
C LEU F 375 16.06 -31.99 17.98
N PRO F 376 15.15 -32.97 18.03
CA PRO F 376 15.49 -34.31 17.57
C PRO F 376 15.94 -34.33 16.11
N LYS F 377 16.85 -35.27 15.81
CA LYS F 377 17.53 -35.28 14.52
C LYS F 377 16.58 -35.57 13.36
N GLU F 378 15.55 -36.39 13.60
CA GLU F 378 14.63 -36.76 12.52
C GLU F 378 13.98 -35.55 11.90
N TYR F 379 13.80 -34.47 12.64
CA TYR F 379 13.34 -33.22 12.07
C TYR F 379 14.51 -32.34 11.63
N SER F 380 15.61 -32.37 12.37
CA SER F 380 16.77 -31.56 12.02
C SER F 380 17.23 -31.83 10.60
N SER F 381 17.02 -33.04 10.10
CA SER F 381 17.30 -33.29 8.69
C SER F 381 16.40 -32.45 7.80
N GLU F 382 15.13 -32.28 8.19
CA GLU F 382 14.18 -31.58 7.34
C GLU F 382 14.35 -30.07 7.40
N LEU F 383 14.72 -29.51 8.55
CA LEU F 383 14.83 -28.06 8.67
C LEU F 383 15.93 -27.47 7.80
N LEU F 384 16.63 -28.28 7.00
CA LEU F 384 17.68 -27.73 6.15
C LEU F 384 17.11 -27.08 4.90
N CYS F 385 16.06 -27.67 4.32
CA CYS F 385 15.53 -27.15 3.07
C CYS F 385 14.76 -25.86 3.29
N PRO F 386 15.05 -24.81 2.52
CA PRO F 386 14.38 -23.52 2.77
C PRO F 386 12.87 -23.56 2.65
N ARG F 387 12.32 -24.37 1.73
CA ARG F 387 10.87 -24.44 1.59
C ARG F 387 10.22 -24.94 2.86
N LYS F 388 10.80 -25.96 3.48
CA LYS F 388 10.24 -26.48 4.72
C LYS F 388 10.37 -25.47 5.84
N ARG F 389 11.41 -24.64 5.83
CA ARG F 389 11.49 -23.62 6.85
C ARG F 389 10.45 -22.52 6.63
N LYS F 390 10.13 -22.21 5.38
CA LYS F 390 9.03 -21.28 5.14
C LYS F 390 7.71 -21.87 5.62
N THR F 391 7.52 -23.18 5.43
CA THR F 391 6.32 -23.83 5.94
C THR F 391 6.24 -23.74 7.45
N VAL F 392 7.35 -24.03 8.14
CA VAL F 392 7.36 -23.95 9.60
C VAL F 392 7.11 -22.53 10.06
N GLU F 393 7.68 -21.54 9.36
CA GLU F 393 7.44 -20.14 9.71
C GLU F 393 5.97 -19.79 9.55
N ALA F 394 5.34 -20.28 8.48
CA ALA F 394 3.92 -20.02 8.30
C ALA F 394 3.11 -20.63 9.44
N ASN F 395 3.45 -21.85 9.85
CA ASN F 395 2.74 -22.45 10.97
C ASN F 395 2.94 -21.65 12.26
N ILE F 396 4.16 -21.18 12.51
CA ILE F 396 4.43 -20.42 13.72
C ILE F 396 3.65 -19.11 13.72
N ARG F 397 3.66 -18.41 12.59
CA ARG F 397 2.88 -17.18 12.50
C ARG F 397 1.40 -17.45 12.64
N ASP F 398 0.95 -18.63 12.23
CA ASP F 398 -0.46 -18.97 12.31
C ASP F 398 -0.88 -19.31 13.74
N MET F 399 0.04 -19.83 14.53
CA MET F 399 -0.31 -20.34 15.86
C MET F 399 -0.12 -19.30 16.97
N LEU F 400 0.32 -18.09 16.63
CA LEU F 400 0.52 -17.03 17.61
C LEU F 400 -0.67 -16.06 17.52
N VAL F 401 -1.51 -16.07 18.55
CA VAL F 401 -2.72 -15.25 18.59
C VAL F 401 -2.56 -14.09 19.57
N ASP F 402 -2.25 -14.39 20.82
CA ASP F 402 -2.10 -13.35 21.83
C ASP F 402 -0.84 -12.53 21.59
N SER F 403 -0.85 -11.30 22.09
CA SER F 403 0.27 -10.39 21.98
C SER F 403 0.80 -10.08 23.37
N VAL F 404 2.09 -10.31 23.58
CA VAL F 404 2.70 -10.00 24.87
C VAL F 404 3.20 -8.56 24.88
N GLU F 405 3.26 -7.99 26.07
CA GLU F 405 3.73 -6.62 26.26
C GLU F 405 5.23 -6.62 26.50
N THR F 406 5.91 -5.66 25.87
CA THR F 406 7.36 -5.57 25.92
C THR F 406 7.77 -4.42 26.82
N ASP F 407 8.91 -4.60 27.51
CA ASP F 407 9.47 -3.58 28.38
C ASP F 407 8.50 -3.19 29.50
N THR F 408 8.21 -4.17 30.35
CA THR F 408 7.36 -3.95 31.51
C THR F 408 8.15 -3.72 32.79
N TYR F 409 9.43 -4.06 32.81
CA TYR F 409 10.26 -3.89 34.00
C TYR F 409 11.06 -2.62 33.88
N PRO F 410 10.87 -1.64 34.77
CA PRO F 410 11.65 -0.39 34.68
C PRO F 410 13.00 -0.44 35.35
N ASP F 411 13.21 -1.39 36.28
CA ASP F 411 14.44 -1.45 37.05
C ASP F 411 15.45 -2.44 36.48
N LYS F 412 15.45 -2.62 35.16
CA LYS F 412 16.37 -3.55 34.50
C LYS F 412 17.12 -2.82 33.39
N LEU F 413 18.43 -2.95 33.39
CA LEU F 413 19.26 -2.35 32.36
C LEU F 413 19.61 -3.43 31.34
N PRO F 414 19.14 -3.34 30.11
CA PRO F 414 19.43 -4.41 29.15
C PRO F 414 20.75 -4.22 28.44
N PHE F 415 21.63 -5.22 28.53
CA PHE F 415 22.90 -5.20 27.83
C PHE F 415 22.86 -6.15 26.65
N LYS F 416 23.96 -6.22 25.90
CA LYS F 416 24.01 -7.08 24.73
C LYS F 416 24.26 -8.54 25.07
N ASN F 417 24.69 -8.84 26.31
CA ASN F 417 24.94 -10.21 26.72
C ASN F 417 24.11 -10.60 27.92
N GLY F 418 23.09 -9.81 28.23
CA GLY F 418 22.24 -10.11 29.36
C GLY F 418 21.57 -8.84 29.86
N VAL F 419 20.99 -8.96 31.05
CA VAL F 419 20.26 -7.88 31.70
C VAL F 419 20.78 -7.72 33.11
N LEU F 420 21.12 -6.48 33.49
CA LEU F 420 21.57 -6.16 34.84
C LEU F 420 20.38 -5.72 35.67
N ASP F 421 20.23 -6.33 36.84
CA ASP F 421 19.21 -5.90 37.79
C ASP F 421 19.68 -4.64 38.51
N LEU F 422 18.79 -3.67 38.65
CA LEU F 422 19.15 -2.42 39.30
C LEU F 422 18.84 -2.41 40.79
N VAL F 423 17.76 -3.08 41.21
CA VAL F 423 17.41 -3.09 42.64
C VAL F 423 18.49 -3.81 43.44
N ASP F 424 18.91 -4.98 42.98
CA ASP F 424 20.05 -5.67 43.54
C ASP F 424 21.23 -5.53 42.59
N GLY F 425 22.32 -6.26 42.87
CA GLY F 425 23.52 -6.10 42.07
C GLY F 425 23.95 -7.31 41.25
N MET F 426 23.08 -8.31 41.09
CA MET F 426 23.45 -9.45 40.27
C MET F 426 23.20 -9.15 38.80
N PHE F 427 23.87 -9.90 37.93
CA PHE F 427 23.73 -9.79 36.49
C PHE F 427 23.12 -11.07 35.94
N TYR F 428 22.08 -10.93 35.12
CA TYR F 428 21.41 -12.06 34.50
C TYR F 428 21.92 -12.21 33.08
N SER F 429 22.41 -13.40 32.74
CA SER F 429 23.01 -13.66 31.43
C SER F 429 22.54 -15.04 30.97
N GLY F 430 21.57 -15.05 30.08
CA GLY F 430 21.06 -16.30 29.53
C GLY F 430 19.55 -16.37 29.57
N ASP F 431 19.03 -17.52 29.99
CA ASP F 431 17.59 -17.70 30.11
C ASP F 431 16.96 -16.77 31.14
N ASP F 432 17.74 -16.30 32.12
CA ASP F 432 17.23 -15.33 33.07
C ASP F 432 16.93 -13.99 32.40
N ALA F 433 17.72 -13.62 31.39
CA ALA F 433 17.46 -12.42 30.63
C ALA F 433 16.28 -12.57 29.68
N LYS F 434 15.77 -13.79 29.51
CA LYS F 434 14.66 -14.00 28.59
C LYS F 434 13.34 -13.46 29.14
N LYS F 435 13.13 -13.59 30.45
CA LYS F 435 11.85 -13.21 31.03
C LYS F 435 11.58 -11.71 30.87
N TYR F 436 12.60 -10.88 31.06
CA TYR F 436 12.46 -9.44 30.92
C TYR F 436 12.51 -9.12 29.44
N THR F 437 11.33 -8.86 28.85
CA THR F 437 11.23 -8.65 27.41
C THR F 437 11.81 -7.28 27.06
N CYS F 438 13.12 -7.25 26.91
CA CYS F 438 13.85 -6.02 26.61
C CYS F 438 14.23 -6.02 25.13
N THR F 439 13.60 -5.14 24.36
CA THR F 439 13.87 -5.02 22.93
C THR F 439 15.01 -4.06 22.63
N VAL F 440 15.50 -3.34 23.63
CA VAL F 440 16.61 -2.41 23.45
C VAL F 440 17.78 -2.88 24.29
N SER F 441 18.95 -2.30 24.04
CA SER F 441 20.13 -2.66 24.78
C SER F 441 21.11 -1.49 24.74
N THR F 442 22.03 -1.47 25.71
CA THR F 442 23.06 -0.44 25.69
C THR F 442 23.99 -0.60 24.50
N GLY F 443 24.09 -1.82 23.96
CA GLY F 443 24.89 -2.07 22.78
C GLY F 443 26.26 -2.67 23.02
N PHE F 444 26.63 -2.91 24.27
CA PHE F 444 27.93 -3.48 24.59
C PHE F 444 27.79 -4.54 25.67
N LYS F 445 28.74 -5.46 25.68
CA LYS F 445 28.73 -6.55 26.64
C LYS F 445 28.98 -6.03 28.05
N PHE F 446 28.28 -6.60 29.02
CA PHE F 446 28.51 -6.25 30.41
C PHE F 446 29.79 -6.89 30.91
N ASP F 447 30.66 -6.09 31.51
CA ASP F 447 31.96 -6.55 31.99
C ASP F 447 31.94 -6.56 33.51
N ASP F 448 31.86 -7.75 34.11
CA ASP F 448 31.90 -7.88 35.55
C ASP F 448 33.31 -7.70 36.12
N THR F 449 34.34 -7.83 35.29
CA THR F 449 35.71 -7.62 35.74
C THR F 449 36.03 -6.15 36.02
N LYS F 450 35.40 -5.23 35.29
CA LYS F 450 35.58 -3.81 35.54
C LYS F 450 34.51 -3.21 36.42
N PHE F 451 33.33 -3.82 36.47
CA PHE F 451 32.25 -3.38 37.37
C PHE F 451 32.44 -4.04 38.72
N VAL F 452 33.49 -3.60 39.42
CA VAL F 452 33.87 -4.14 40.72
C VAL F 452 33.56 -3.17 41.86
N GLU F 453 34.27 -2.03 41.90
CA GLU F 453 34.13 -0.93 42.86
C GLU F 453 35.45 -0.17 43.03
N ASP F 454 36.54 -0.91 43.25
CA ASP F 454 37.80 -0.26 43.65
C ASP F 454 38.44 0.48 42.48
N SER F 455 38.83 -0.26 41.43
CA SER F 455 39.22 0.23 40.11
C SER F 455 40.37 1.24 40.08
N PRO F 456 41.34 1.08 39.18
CA PRO F 456 42.31 2.16 38.96
C PRO F 456 41.67 3.47 38.55
N GLU F 457 40.60 3.42 37.75
CA GLU F 457 39.99 4.64 37.23
C GLU F 457 38.92 5.21 38.14
N MET F 458 38.50 4.46 39.16
CA MET F 458 37.45 4.93 40.05
C MET F 458 37.85 6.20 40.78
N GLU F 459 39.08 6.24 41.28
CA GLU F 459 39.54 7.39 42.06
C GLU F 459 39.57 8.65 41.20
N GLU F 460 40.14 8.54 39.99
CA GLU F 460 40.24 9.70 39.11
C GLU F 460 38.88 10.14 38.58
N LEU F 461 37.97 9.18 38.33
CA LEU F 461 36.62 9.56 37.96
C LEU F 461 35.91 10.28 39.08
N MET F 462 36.07 9.81 40.32
CA MET F 462 35.51 10.53 41.45
C MET F 462 36.10 11.92 41.59
N ASN F 463 37.40 12.08 41.38
CA ASN F 463 38.01 13.40 41.37
C ASN F 463 37.39 14.31 40.31
N ILE F 464 37.15 13.77 39.10
CA ILE F 464 36.46 14.55 38.08
C ILE F 464 35.09 14.98 38.57
N ILE F 465 34.33 14.03 39.13
CA ILE F 465 32.99 14.35 39.61
C ILE F 465 33.06 15.30 40.80
N ASN F 466 34.00 15.08 41.72
CA ASN F 466 34.16 15.96 42.87
C ASN F 466 34.53 17.38 42.46
N ASP F 467 35.27 17.56 41.37
CA ASP F 467 35.56 18.87 40.83
C ASP F 467 34.37 19.50 40.13
N ILE F 468 33.64 18.73 39.33
CA ILE F 468 32.46 19.28 38.65
C ILE F 468 31.40 19.67 39.67
N GLN F 469 31.15 18.80 40.65
CA GLN F 469 30.20 19.07 41.73
C GLN F 469 30.92 18.93 43.06
N PRO F 470 31.37 20.04 43.64
CA PRO F 470 32.03 19.96 44.96
C PRO F 470 31.10 19.38 46.02
N LEU F 471 31.69 18.55 46.89
CA LEU F 471 30.98 17.94 48.00
C LEU F 471 31.07 18.86 49.21
N THR F 472 30.45 20.02 49.09
CA THR F 472 30.48 21.05 50.12
C THR F 472 29.07 21.35 50.61
N ASP F 473 28.99 22.20 51.63
CA ASP F 473 27.71 22.63 52.18
C ASP F 473 26.90 23.49 51.23
N GLU F 474 27.55 24.38 50.47
CA GLU F 474 26.85 25.22 49.51
C GLU F 474 26.33 24.41 48.33
N ASN F 475 27.16 23.51 47.80
CA ASN F 475 26.74 22.61 46.73
C ASN F 475 26.35 21.26 47.36
N LYS F 476 25.28 21.31 48.14
CA LYS F 476 24.75 20.12 48.81
C LYS F 476 23.41 19.71 48.23
N LYS F 477 22.41 20.59 48.24
CA LYS F 477 21.14 20.30 47.58
C LYS F 477 21.29 20.23 46.07
N ASN F 478 22.10 21.09 45.47
CA ASN F 478 22.41 20.98 44.05
C ASN F 478 23.11 19.66 43.75
N ARG F 479 24.04 19.25 44.61
CA ARG F 479 24.72 17.96 44.41
C ARG F 479 23.72 16.80 44.46
N GLU F 480 22.81 16.83 45.43
CA GLU F 480 21.82 15.76 45.53
C GLU F 480 20.88 15.75 44.33
N LEU F 481 20.47 16.94 43.86
CA LEU F 481 19.61 16.98 42.69
C LEU F 481 20.35 16.49 41.45
N TYR F 482 21.64 16.81 41.34
CA TYR F 482 22.46 16.28 40.25
C TYR F 482 22.52 14.76 40.30
N GLU F 483 22.76 14.20 41.48
CA GLU F 483 22.80 12.75 41.62
C GLU F 483 21.47 12.12 41.24
N LYS F 484 20.37 12.68 41.74
CA LYS F 484 19.05 12.11 41.43
C LYS F 484 18.78 12.18 39.93
N THR F 485 19.10 13.31 39.29
CA THR F 485 18.84 13.45 37.88
C THR F 485 19.65 12.46 37.05
N LEU F 486 20.93 12.29 37.39
CA LEU F 486 21.72 11.31 36.63
C LEU F 486 21.26 9.89 36.90
N SER F 487 20.76 9.61 38.11
CA SER F 487 20.25 8.28 38.40
C SER F 487 18.96 7.99 37.65
N SER F 488 18.15 9.02 37.42
CA SER F 488 16.88 8.82 36.73
C SER F 488 17.04 8.41 35.28
N CYS F 489 18.27 8.33 34.77
CA CYS F 489 18.51 7.90 33.40
C CYS F 489 18.54 6.38 33.25
N LEU F 490 18.55 5.63 34.35
CA LEU F 490 18.54 4.19 34.29
C LEU F 490 17.16 3.58 34.46
N CYS F 491 16.24 4.29 35.12
CA CYS F 491 14.94 3.75 35.47
C CYS F 491 14.02 3.82 34.24
N GLY F 492 13.54 2.67 33.80
CA GLY F 492 12.74 2.58 32.61
C GLY F 492 11.29 2.94 32.81
N ALA F 493 11.04 4.13 33.34
CA ALA F 493 9.69 4.66 33.52
C ALA F 493 9.65 6.09 33.01
N THR F 494 8.45 6.65 32.94
CA THR F 494 8.28 8.01 32.44
C THR F 494 8.56 9.01 33.57
N LYS F 495 9.45 9.95 33.30
CA LYS F 495 9.84 10.95 34.27
C LYS F 495 9.07 12.24 34.02
N GLY F 496 8.52 12.82 35.09
CA GLY F 496 7.64 13.96 35.00
C GLY F 496 8.26 15.31 35.24
N CYS F 497 9.57 15.45 35.12
CA CYS F 497 10.24 16.73 35.34
C CYS F 497 11.23 17.01 34.22
N LEU F 498 11.40 18.29 33.92
CA LEU F 498 12.36 18.76 32.93
C LEU F 498 13.41 19.61 33.64
N THR F 499 14.64 19.15 33.65
CA THR F 499 15.72 19.82 34.36
C THR F 499 16.69 20.47 33.38
N PHE F 500 17.30 21.57 33.82
CA PHE F 500 18.22 22.34 33.00
C PHE F 500 19.61 22.30 33.61
N PHE F 501 20.61 21.99 32.80
CA PHE F 501 22.01 22.11 33.20
C PHE F 501 22.43 23.55 32.96
N PHE F 502 22.20 24.41 33.94
CA PHE F 502 22.41 25.85 33.81
C PHE F 502 23.76 26.24 34.39
N GLY F 503 24.57 26.91 33.58
CA GLY F 503 25.87 27.37 34.02
C GLY F 503 26.62 27.98 32.85
N GLU F 504 27.74 28.62 33.18
CA GLU F 504 28.55 29.27 32.16
C GLU F 504 29.34 28.22 31.38
N THR F 505 29.98 28.66 30.29
CA THR F 505 30.77 27.76 29.47
C THR F 505 32.01 27.29 30.23
N ALA F 506 32.55 26.15 29.78
CA ALA F 506 33.75 25.55 30.39
C ALA F 506 33.53 25.26 31.87
N THR F 507 32.43 24.57 32.17
CA THR F 507 32.12 24.13 33.52
C THR F 507 31.97 22.63 33.64
N GLY F 508 32.14 21.89 32.55
CA GLY F 508 32.09 20.44 32.59
C GLY F 508 30.77 19.82 32.21
N LYS F 509 29.83 20.58 31.66
CA LYS F 509 28.55 20.01 31.27
C LYS F 509 28.72 18.96 30.17
N SER F 510 29.52 19.25 29.15
CA SER F 510 29.77 18.26 28.11
C SER F 510 30.51 17.05 28.65
N THR F 511 31.36 17.24 29.67
CA THR F 511 32.01 16.10 30.30
C THR F 511 30.99 15.17 30.94
N THR F 512 30.01 15.74 31.66
CA THR F 512 28.96 14.91 32.24
C THR F 512 28.13 14.24 31.16
N LYS F 513 27.81 14.98 30.09
CA LYS F 513 27.04 14.39 28.99
C LYS F 513 27.77 13.20 28.39
N ARG F 514 29.07 13.35 28.13
CA ARG F 514 29.81 12.29 27.46
C ARG F 514 30.14 11.15 28.41
N LEU F 515 30.29 11.43 29.71
CA LEU F 515 30.40 10.36 30.70
C LEU F 515 29.15 9.51 30.73
N LEU F 516 27.97 10.16 30.76
CA LEU F 516 26.73 9.41 30.74
C LEU F 516 26.57 8.63 29.44
N LYS F 517 26.96 9.24 28.32
CA LYS F 517 26.91 8.53 27.05
C LYS F 517 27.77 7.28 27.08
N SER F 518 29.01 7.39 27.55
CA SER F 518 29.88 6.24 27.68
C SER F 518 29.34 5.21 28.67
N ALA F 519 28.58 5.65 29.67
CA ALA F 519 28.07 4.73 30.68
C ALA F 519 26.83 3.98 30.25
N ILE F 520 25.97 4.57 29.42
CA ILE F 520 24.71 3.93 29.05
C ILE F 520 24.62 3.58 27.58
N GLY F 521 25.64 3.85 26.78
CA GLY F 521 25.66 3.35 25.42
C GLY F 521 24.50 3.85 24.59
N ASP F 522 23.78 2.91 23.97
CA ASP F 522 22.72 3.19 23.01
C ASP F 522 21.55 3.95 23.62
N LEU F 523 21.28 3.77 24.91
CA LEU F 523 20.11 4.36 25.54
C LEU F 523 20.22 5.88 25.67
N PHE F 524 21.26 6.47 25.12
CA PHE F 524 21.49 7.91 25.10
C PHE F 524 21.10 8.47 23.75
N VAL F 525 20.57 9.69 23.74
CA VAL F 525 20.35 10.40 22.48
C VAL F 525 20.51 11.90 22.70
N GLU F 526 21.17 12.55 21.74
CA GLU F 526 21.22 14.00 21.65
C GLU F 526 20.33 14.44 20.50
N THR F 527 19.45 15.40 20.76
CA THR F 527 18.44 15.82 19.81
C THR F 527 18.65 17.30 19.46
N GLY F 528 17.82 17.79 18.55
CA GLY F 528 17.77 19.20 18.22
C GLY F 528 16.75 19.92 19.07
N GLN F 529 16.60 21.21 18.77
CA GLN F 529 15.71 22.06 19.56
C GLN F 529 14.28 22.07 19.04
N THR F 530 14.02 21.37 17.93
CA THR F 530 12.67 21.36 17.37
C THR F 530 11.66 20.68 18.29
N ILE F 531 12.11 19.76 19.15
CA ILE F 531 11.20 19.16 20.12
C ILE F 531 10.93 20.09 21.29
N LEU F 532 11.56 21.27 21.32
CA LEU F 532 11.28 22.29 22.31
C LEU F 532 10.37 23.39 21.79
N THR F 533 10.73 24.01 20.66
CA THR F 533 10.05 25.18 20.16
C THR F 533 9.05 24.89 19.05
N ASP F 534 8.85 23.63 18.67
CA ASP F 534 7.96 23.27 17.57
C ASP F 534 7.09 22.09 17.96
N VAL F 535 5.96 21.95 17.26
CA VAL F 535 5.05 20.85 17.49
C VAL F 535 5.72 19.54 17.09
N ASN F 541 8.67 13.54 11.58
CA ASN F 541 9.45 14.23 12.60
C ASN F 541 10.40 13.22 13.24
N PRO F 542 11.55 12.96 12.62
CA PRO F 542 12.50 11.99 13.18
C PRO F 542 13.01 12.36 14.56
N PHE F 543 13.03 13.64 14.92
CA PHE F 543 13.52 14.05 16.23
C PHE F 543 12.63 13.56 17.37
N ILE F 544 11.39 13.17 17.10
CA ILE F 544 10.51 12.61 18.11
C ILE F 544 10.18 11.15 17.85
N ALA F 545 10.22 10.68 16.61
CA ALA F 545 10.01 9.28 16.30
C ALA F 545 11.14 8.39 16.78
N ASN F 546 12.34 8.94 16.92
CA ASN F 546 13.48 8.20 17.46
C ASN F 546 13.53 8.25 18.98
N MET F 547 12.64 8.99 19.62
CA MET F 547 12.61 9.11 21.06
C MET F 547 11.98 7.90 21.73
N HIS F 548 11.60 6.89 20.94
CA HIS F 548 10.89 5.73 21.46
C HIS F 548 11.87 4.83 22.20
N LEU F 549 11.53 4.50 23.45
CA LEU F 549 12.25 3.55 24.30
C LEU F 549 13.66 4.01 24.67
N LYS F 550 13.97 5.30 24.49
CA LYS F 550 15.25 5.84 24.93
C LYS F 550 15.14 6.26 26.38
N ARG F 551 16.26 6.15 27.11
CA ARG F 551 16.27 6.44 28.53
C ARG F 551 16.98 7.74 28.88
N SER F 552 17.45 8.51 27.90
CA SER F 552 18.05 9.81 28.18
C SER F 552 18.12 10.63 26.91
N VAL F 553 17.58 11.85 26.97
CA VAL F 553 17.55 12.76 25.84
C VAL F 553 18.15 14.08 26.29
N PHE F 554 19.13 14.59 25.56
CA PHE F 554 19.70 15.89 25.90
C PHE F 554 19.52 16.87 24.76
N CYS F 555 19.24 18.12 25.12
CA CYS F 555 19.23 19.25 24.18
C CYS F 555 20.35 20.20 24.55
N SER F 556 20.97 20.81 23.54
CA SER F 556 22.18 21.59 23.73
C SER F 556 22.05 22.96 23.09
N GLU F 557 22.89 23.88 23.56
CA GLU F 557 23.10 25.22 22.99
C GLU F 557 21.77 25.94 22.73
N LEU F 558 21.09 26.25 23.83
CA LEU F 558 19.90 27.09 23.74
C LEU F 558 20.30 28.51 23.35
N PRO F 559 19.76 29.05 22.25
CA PRO F 559 20.28 30.32 21.70
C PRO F 559 19.79 31.55 22.45
N ASP F 560 19.85 31.51 23.78
CA ASP F 560 19.55 32.66 24.63
C ASP F 560 18.21 33.28 24.25
N PHE F 561 17.14 32.51 24.49
CA PHE F 561 15.81 32.84 23.97
C PHE F 561 15.27 34.16 24.51
N ALA F 562 15.83 34.71 25.58
CA ALA F 562 15.34 35.98 26.09
C ALA F 562 15.57 37.12 25.11
N CYS F 563 16.62 37.03 24.29
CA CYS F 563 16.92 38.08 23.33
C CYS F 563 15.99 37.95 22.12
N SER F 564 16.07 38.91 21.20
CA SER F 564 15.18 38.94 20.04
C SER F 564 15.69 37.99 18.96
N GLY F 565 14.81 37.71 18.00
CA GLY F 565 15.17 36.83 16.89
C GLY F 565 15.40 35.40 17.31
N SER F 566 14.61 34.90 18.24
CA SER F 566 14.72 33.51 18.71
C SER F 566 13.33 32.93 18.83
N LYS F 567 13.26 31.60 18.73
CA LYS F 567 12.00 30.87 18.91
C LYS F 567 11.86 30.53 20.39
N LYS F 568 10.81 31.05 21.01
CA LYS F 568 10.67 30.98 22.45
C LYS F 568 10.31 29.55 22.88
N ILE F 569 10.43 29.28 24.18
CA ILE F 569 10.47 27.91 24.69
C ILE F 569 9.23 27.13 24.29
N ARG F 570 8.07 27.78 24.31
CA ARG F 570 6.80 27.12 23.98
C ARG F 570 6.55 25.95 24.94
N SER F 571 6.27 26.27 26.21
CA SER F 571 6.09 25.26 27.25
C SER F 571 5.04 24.20 26.91
N ASP F 572 4.27 24.38 25.83
CA ASP F 572 3.35 23.34 25.41
C ASP F 572 4.10 22.05 25.12
N ASN F 573 5.31 22.15 24.56
CA ASN F 573 6.13 20.97 24.36
C ASN F 573 6.55 20.35 25.68
N ILE F 574 6.84 21.16 26.69
CA ILE F 574 7.14 20.62 28.01
C ILE F 574 5.93 19.85 28.55
N LYS F 575 4.73 20.39 28.34
CA LYS F 575 3.53 19.67 28.77
C LYS F 575 3.36 18.36 28.03
N LYS F 576 3.58 18.35 26.71
CA LYS F 576 3.32 17.14 25.93
C LYS F 576 4.45 16.14 26.06
N LEU F 577 5.65 16.57 26.43
CA LEU F 577 6.77 15.65 26.61
C LEU F 577 6.75 14.95 27.96
N THR F 578 5.95 15.42 28.91
CA THR F 578 5.86 14.79 30.21
C THR F 578 4.92 13.59 30.22
N GLU F 579 3.96 13.54 29.28
CA GLU F 579 2.96 12.49 29.29
C GLU F 579 3.61 11.13 29.03
N PRO F 580 3.06 10.06 29.59
CA PRO F 580 3.70 8.74 29.45
C PRO F 580 3.84 8.29 28.01
N CYS F 581 2.90 8.62 27.14
CA CYS F 581 2.96 8.25 25.73
C CYS F 581 3.08 9.52 24.90
N VAL F 582 4.01 9.52 23.95
CA VAL F 582 4.25 10.69 23.12
C VAL F 582 3.73 10.41 21.71
N ILE F 583 3.06 11.40 21.13
CA ILE F 583 2.54 11.29 19.77
C ILE F 583 3.57 11.88 18.81
N ILE F 592 2.24 2.71 16.11
CA ILE F 592 3.33 3.72 16.08
C ILE F 592 3.59 4.26 17.48
N ASN F 593 2.60 4.17 18.39
CA ASN F 593 2.73 4.71 19.77
C ASN F 593 4.19 4.63 20.24
N ASN F 594 4.77 5.78 20.58
CA ASN F 594 6.14 5.72 21.15
C ASN F 594 6.05 5.62 22.68
N ARG F 595 7.17 5.33 23.34
CA ARG F 595 7.11 5.11 24.81
C ARG F 595 8.09 6.04 25.49
N ASN F 596 7.63 6.83 26.47
CA ASN F 596 8.48 7.81 27.12
C ASN F 596 9.10 7.16 28.36
N HIS F 597 10.39 6.85 28.27
CA HIS F 597 11.14 6.34 29.42
C HIS F 597 12.38 7.17 29.68
N ALA F 598 12.47 8.36 29.09
CA ALA F 598 13.72 9.10 29.05
C ALA F 598 13.70 10.25 30.04
N THR F 599 14.84 10.46 30.71
CA THR F 599 15.11 11.70 31.41
C THR F 599 15.62 12.70 30.40
N ILE F 600 15.01 13.89 30.36
CA ILE F 600 15.41 14.91 29.40
C ILE F 600 16.16 15.99 30.16
N ILE F 601 17.37 16.31 29.69
CA ILE F 601 18.17 17.38 30.25
C ILE F 601 18.60 18.32 29.13
N ILE F 602 18.54 19.61 29.40
CA ILE F 602 18.93 20.64 28.45
C ILE F 602 20.06 21.45 29.08
N ASP F 603 21.17 21.55 28.36
CA ASP F 603 22.31 22.33 28.84
C ASP F 603 22.36 23.68 28.13
N THR F 604 22.50 24.74 28.91
CA THR F 604 22.50 26.09 28.39
C THR F 604 23.26 27.01 29.33
N ASN F 605 23.51 28.24 28.88
CA ASN F 605 24.27 29.21 29.64
C ASN F 605 23.41 30.21 30.40
N TYR F 606 22.14 30.37 30.02
CA TYR F 606 21.28 31.40 30.59
C TYR F 606 19.88 30.82 30.80
N LYS F 607 19.16 31.41 31.76
CA LYS F 607 17.87 30.85 32.15
C LYS F 607 16.86 31.01 31.01
N PRO F 608 16.24 29.92 30.56
CA PRO F 608 15.28 30.02 29.46
C PRO F 608 14.03 30.77 29.88
N VAL F 609 13.36 31.35 28.89
CA VAL F 609 12.15 32.15 29.10
C VAL F 609 10.97 31.39 28.50
N PHE F 610 9.90 31.26 29.29
CA PHE F 610 8.79 30.38 28.97
C PHE F 610 7.62 31.16 28.40
N ASP F 611 6.87 30.52 27.49
CA ASP F 611 5.80 31.20 26.79
C ASP F 611 4.73 31.72 27.76
N ARG F 612 4.29 30.88 28.67
CA ARG F 612 3.28 31.25 29.65
C ARG F 612 3.54 30.47 30.94
N ILE F 613 3.49 31.17 32.06
CA ILE F 613 3.83 30.59 33.36
C ILE F 613 2.53 30.07 33.96
N ASP F 614 2.49 28.77 34.24
CA ASP F 614 1.33 28.11 34.80
C ASP F 614 1.74 27.34 36.07
N ASN F 615 0.75 27.03 36.89
CA ASN F 615 0.99 26.15 38.03
C ASN F 615 1.40 24.75 37.60
N ALA F 616 0.86 24.26 36.48
CA ALA F 616 1.31 23.00 35.92
C ALA F 616 2.70 23.08 35.31
N LEU F 617 3.18 24.29 35.01
CA LEU F 617 4.54 24.48 34.51
C LEU F 617 5.56 24.54 35.64
N MET F 618 5.17 25.11 36.78
CA MET F 618 6.06 25.11 37.93
C MET F 618 6.25 23.71 38.50
N ARG F 619 5.47 22.78 37.96
CA ARG F 619 5.51 21.38 38.45
C ARG F 619 6.33 20.51 37.50
N ARG F 620 7.06 21.12 36.57
CA ARG F 620 7.83 20.35 35.59
C ARG F 620 9.19 20.98 35.29
N ILE F 621 9.75 21.76 36.20
CA ILE F 621 11.01 22.46 35.96
C ILE F 621 11.96 22.21 37.12
N ALA F 622 13.19 21.83 36.80
CA ALA F 622 14.28 21.70 37.76
C ALA F 622 15.53 22.33 37.15
N VAL F 623 16.49 22.67 38.00
CA VAL F 623 17.70 23.35 37.57
C VAL F 623 18.92 22.68 38.20
N VAL F 624 20.01 22.60 37.45
CA VAL F 624 21.30 22.15 37.94
C VAL F 624 22.30 23.28 37.71
N ARG F 625 23.01 23.67 38.77
CA ARG F 625 23.94 24.78 38.71
C ARG F 625 25.36 24.27 38.53
N PHE F 626 26.08 24.84 37.57
CA PHE F 626 27.51 24.60 37.39
C PHE F 626 28.24 25.87 37.80
N ARG F 627 29.18 25.73 38.73
CA ARG F 627 29.89 26.90 39.24
C ARG F 627 31.40 26.69 39.33
N THR F 628 31.93 25.63 38.74
CA THR F 628 33.36 25.37 38.74
C THR F 628 33.88 25.53 37.31
N HIS F 629 34.91 26.33 37.14
CA HIS F 629 35.40 26.70 35.82
C HIS F 629 36.71 25.97 35.53
N PHE F 630 36.80 25.41 34.32
CA PHE F 630 38.01 24.74 33.83
C PHE F 630 38.56 25.58 32.70
N SER F 631 39.58 26.39 32.99
CA SER F 631 40.16 27.31 32.03
C SER F 631 41.64 27.02 31.84
N GLN F 632 42.20 27.60 30.78
CA GLN F 632 43.61 27.44 30.46
C GLN F 632 44.47 28.19 31.48
N PRO F 633 45.76 27.81 31.58
CA PRO F 633 46.64 28.55 32.50
C PRO F 633 46.76 30.02 32.18
N SER F 634 46.52 30.42 30.93
CA SER F 634 46.63 31.82 30.55
C SER F 634 45.60 32.68 31.29
N GLY F 635 44.32 32.44 31.04
CA GLY F 635 43.28 33.29 31.58
C GLY F 635 42.71 32.82 32.91
N ARG F 636 43.58 32.34 33.81
CA ARG F 636 43.12 31.91 35.11
C ARG F 636 42.57 33.07 35.94
N GLU F 637 43.31 34.17 36.00
CA GLU F 637 42.88 35.32 36.79
C GLU F 637 41.55 35.87 36.29
N ALA F 638 41.35 35.93 34.97
CA ALA F 638 40.10 36.40 34.41
C ALA F 638 38.91 35.55 34.84
N ALA F 639 39.15 34.31 35.28
CA ALA F 639 38.07 33.48 35.80
C ALA F 639 37.88 33.61 37.30
N GLU F 640 38.88 34.14 38.01
CA GLU F 640 38.79 34.27 39.46
C GLU F 640 37.90 35.42 39.92
N ASN F 641 37.84 36.51 39.16
CA ASN F 641 37.12 37.70 39.57
C ASN F 641 35.65 37.68 39.16
N ASN F 642 35.19 36.58 38.57
CA ASN F 642 33.81 36.45 38.11
C ASN F 642 32.96 35.87 39.24
N ASP F 643 31.74 36.39 39.39
CA ASP F 643 30.81 35.89 40.39
C ASP F 643 30.17 34.57 40.00
N ALA F 644 30.18 34.22 38.71
CA ALA F 644 29.54 33.00 38.22
C ALA F 644 30.36 31.75 38.49
N TYR F 645 31.60 31.90 38.97
CA TYR F 645 32.47 30.77 39.26
C TYR F 645 32.82 30.75 40.73
N ASP F 646 32.83 29.56 41.33
CA ASP F 646 33.30 29.39 42.69
C ASP F 646 34.72 28.84 42.76
N LYS F 647 35.09 27.94 41.87
CA LYS F 647 36.42 27.39 41.81
C LYS F 647 36.91 27.37 40.36
N VAL F 648 38.21 27.56 40.19
CA VAL F 648 38.86 27.45 38.88
C VAL F 648 39.88 26.35 38.96
N LYS F 649 39.83 25.41 38.01
CA LYS F 649 40.75 24.29 37.97
C LYS F 649 41.37 24.18 36.59
N LEU F 650 42.61 23.71 36.55
CA LEU F 650 43.35 23.62 35.31
C LEU F 650 42.68 22.65 34.35
N LEU F 651 42.53 23.06 33.09
CA LEU F 651 41.93 22.19 32.09
C LEU F 651 42.91 21.08 31.73
N ASP F 652 42.40 19.85 31.69
CA ASP F 652 43.21 18.69 31.35
C ASP F 652 42.90 18.29 29.90
N GLU F 653 43.92 18.36 29.05
CA GLU F 653 43.74 18.19 27.61
C GLU F 653 43.36 16.77 27.22
N GLY F 654 44.08 15.76 27.72
CA GLY F 654 43.93 14.40 27.28
C GLY F 654 42.80 13.62 27.90
N LEU F 655 42.10 14.20 28.88
CA LEU F 655 40.97 13.51 29.49
C LEU F 655 39.78 13.40 28.54
N ASP F 656 39.70 14.28 27.55
CA ASP F 656 38.62 14.22 26.58
C ASP F 656 38.64 12.91 25.79
N GLY F 657 39.80 12.52 25.28
CA GLY F 657 39.91 11.25 24.58
C GLY F 657 39.77 10.08 25.51
N LYS F 658 40.12 10.28 26.78
CA LYS F 658 39.94 9.24 27.78
C LYS F 658 38.46 8.99 28.06
N ILE F 659 37.63 10.03 27.98
CA ILE F 659 36.19 9.83 28.00
C ILE F 659 35.73 9.20 26.69
N GLN F 660 36.31 9.64 25.57
CA GLN F 660 35.86 9.17 24.26
C GLN F 660 36.13 7.69 24.03
N ASN F 661 37.19 7.14 24.61
CA ASN F 661 37.56 5.75 24.35
C ASN F 661 37.00 4.79 25.40
N ASN F 662 35.94 5.18 26.12
CA ASN F 662 35.25 4.31 27.07
C ASN F 662 36.19 3.81 28.16
N ARG F 663 37.18 4.62 28.52
CA ARG F 663 38.04 4.28 29.64
C ARG F 663 37.27 4.31 30.95
N TYR F 664 36.33 5.25 31.07
CA TYR F 664 35.54 5.46 32.28
C TYR F 664 34.12 4.92 32.14
N ARG F 665 33.96 3.83 31.39
CA ARG F 665 32.61 3.37 31.05
C ARG F 665 31.91 2.76 32.26
N PHE F 666 32.61 1.96 33.06
CA PHE F 666 31.96 1.17 34.08
C PHE F 666 32.01 1.79 35.47
N ALA F 667 33.00 2.63 35.75
CA ALA F 667 33.00 3.32 37.04
C ALA F 667 31.81 4.26 37.18
N PHE F 668 31.50 5.01 36.13
CA PHE F 668 30.32 5.87 36.17
C PHE F 668 29.05 5.05 36.27
N LEU F 669 29.01 3.88 35.62
CA LEU F 669 27.87 3.00 35.74
C LEU F 669 27.69 2.52 37.19
N TYR F 670 28.79 2.18 37.84
CA TYR F 670 28.72 1.78 39.25
C TYR F 670 28.24 2.94 40.11
N LEU F 671 28.70 4.16 39.82
CA LEU F 671 28.19 5.32 40.53
C LEU F 671 26.69 5.48 40.33
N LEU F 672 26.23 5.31 39.09
CA LEU F 672 24.80 5.45 38.81
C LEU F 672 23.99 4.42 39.58
N VAL F 673 24.47 3.17 39.61
CA VAL F 673 23.77 2.14 40.36
C VAL F 673 23.76 2.47 41.85
N LYS F 674 24.89 2.95 42.36
CA LYS F 674 24.98 3.27 43.79
C LYS F 674 24.00 4.38 44.16
N TRP F 675 23.92 5.43 43.34
CA TRP F 675 22.99 6.51 43.63
C TRP F 675 21.54 6.07 43.46
N TYR F 676 21.27 5.20 42.49
CA TYR F 676 19.92 4.69 42.30
C TYR F 676 19.49 3.84 43.49
N LYS F 677 20.43 3.10 44.08
CA LYS F 677 20.14 2.38 45.31
C LYS F 677 19.73 3.30 46.45
N LYS F 678 20.13 4.57 46.39
CA LYS F 678 19.86 5.50 47.46
C LYS F 678 18.61 6.33 47.24
N TYR F 679 18.35 6.76 46.01
CA TYR F 679 17.33 7.78 45.79
C TYR F 679 16.02 7.26 45.24
N HIS F 680 16.04 6.38 44.25
CA HIS F 680 14.84 5.99 43.52
C HIS F 680 14.29 4.64 43.97
N ILE F 681 14.77 4.11 45.08
CA ILE F 681 14.28 2.84 45.63
C ILE F 681 13.62 3.13 46.97
N PRO F 682 12.39 2.64 47.21
CA PRO F 682 11.63 1.82 46.27
C PRO F 682 10.74 2.62 45.33
N ILE F 683 10.79 3.94 45.43
CA ILE F 683 9.94 4.82 44.63
C ILE F 683 10.83 5.79 43.86
N MET F 684 10.61 5.89 42.55
CA MET F 684 11.36 6.80 41.69
C MET F 684 10.45 7.98 41.34
N LYS F 685 10.91 9.19 41.62
CA LYS F 685 10.19 10.39 41.26
C LYS F 685 11.14 11.57 41.24
N LEU F 686 10.89 12.51 40.33
CA LEU F 686 11.63 13.74 40.23
C LEU F 686 10.77 14.89 40.75
N TYR F 687 11.36 15.76 41.57
CA TYR F 687 10.55 16.88 42.03
C TYR F 687 11.02 18.19 41.41
N PRO F 688 10.11 19.10 41.14
CA PRO F 688 10.51 20.40 40.57
C PRO F 688 11.07 21.33 41.63
N THR F 689 11.83 22.32 41.16
CA THR F 689 12.42 23.35 42.00
C THR F 689 12.09 24.72 41.41
N PRO F 690 10.86 25.20 41.60
CA PRO F 690 10.50 26.51 41.04
C PRO F 690 11.19 27.67 41.75
N GLU F 691 11.82 27.45 42.89
CA GLU F 691 12.40 28.50 43.70
C GLU F 691 13.71 29.05 43.16
N GLU F 692 14.24 28.45 42.09
CA GLU F 692 15.49 28.92 41.50
C GLU F 692 15.28 29.59 40.15
N ILE F 693 14.22 29.25 39.43
CA ILE F 693 13.91 29.92 38.17
C ILE F 693 13.47 31.35 38.48
N PRO F 694 14.17 32.37 37.98
CA PRO F 694 13.70 33.75 38.18
C PRO F 694 12.37 34.03 37.52
N ASP F 695 12.09 33.43 36.36
CA ASP F 695 10.84 33.71 35.66
C ASP F 695 9.63 33.26 36.46
N PHE F 696 9.77 32.23 37.29
CA PHE F 696 8.70 31.77 38.15
C PHE F 696 8.48 32.68 39.35
N ALA F 697 9.41 33.59 39.64
CA ALA F 697 9.30 34.40 40.84
C ALA F 697 8.08 35.29 40.81
N PHE F 698 7.77 35.89 39.65
CA PHE F 698 6.75 36.93 39.59
C PHE F 698 5.40 36.42 40.07
N TYR F 699 4.93 35.30 39.50
CA TYR F 699 3.68 34.71 40.00
C TYR F 699 3.84 34.21 41.43
N LEU F 700 5.03 33.71 41.78
CA LEU F 700 5.30 33.38 43.17
C LEU F 700 5.10 34.59 44.07
N LYS F 701 5.39 35.79 43.55
CA LYS F 701 5.07 37.00 44.28
C LYS F 701 3.57 37.29 44.21
N ILE F 702 2.96 37.09 43.05
CA ILE F 702 1.55 37.44 42.87
C ILE F 702 0.67 36.65 43.84
N GLY F 703 0.90 35.34 43.94
CA GLY F 703 0.14 34.53 44.88
C GLY F 703 0.30 34.93 46.33
N THR F 704 1.33 35.72 46.63
CA THR F 704 1.51 36.28 47.96
C THR F 704 0.96 37.69 48.07
#